data_2LKD
#
_entry.id   2LKD
#
loop_
_entity.id
_entity.type
_entity.pdbx_description
1 polymer 'Translation initiation factor IF-2'
2 non-polymer "GUANOSINE-5'-DIPHOSPHATE"
#
_entity_poly.entity_id   1
_entity_poly.type   'polypeptide(L)'
_entity_poly.pdbx_seq_one_letter_code
;GSHMVERPPVVTIMGHVDHGKTTLLDAIRHSKVTEQEAGGITQHIGAYQVTVNDKKITFLDTPGHEAFTTMRARGAQVTD
IVILVVAADDGVMPQTVEAINHAKAANVPIIVAINKMDKPEANPDRVMQELMEYNLVPEEWGGDTIFCKLSAKTKEGLDH
LLEMILLVSEMEELKANP
;
_entity_poly.pdbx_strand_id   A
#
loop_
_chem_comp.id
_chem_comp.type
_chem_comp.name
_chem_comp.formula
GDP RNA linking GUANOSINE-5'-DIPHOSPHATE 'C10 H15 N5 O11 P2'
#
# COMPACT_ATOMS: atom_id res chain seq x y z
N GLY A 1 23.03 -9.67 11.01
CA GLY A 1 23.97 -9.15 12.04
C GLY A 1 23.59 -7.76 12.50
N SER A 2 24.24 -7.29 13.56
CA SER A 2 23.93 -5.98 14.12
C SER A 2 24.64 -4.86 13.35
N HIS A 3 24.25 -4.72 12.09
CA HIS A 3 24.80 -3.67 11.24
C HIS A 3 23.65 -2.87 10.64
N MET A 4 22.55 -2.85 11.37
CA MET A 4 21.35 -2.13 10.96
C MET A 4 20.54 -1.75 12.20
N VAL A 5 20.04 -0.53 12.23
CA VAL A 5 19.23 -0.07 13.36
C VAL A 5 18.04 0.76 12.87
N GLU A 6 18.17 1.34 11.68
CA GLU A 6 17.08 2.09 11.07
C GLU A 6 16.26 1.15 10.18
N ARG A 7 14.98 1.00 10.50
CA ARG A 7 14.12 0.08 9.76
C ARG A 7 12.96 0.81 9.08
N PRO A 8 13.16 1.22 7.82
CA PRO A 8 12.09 1.78 7.01
C PRO A 8 11.31 0.66 6.33
N PRO A 9 10.05 0.41 6.75
CA PRO A 9 9.23 -0.66 6.19
C PRO A 9 8.97 -0.45 4.70
N VAL A 10 9.24 -1.49 3.91
CA VAL A 10 9.07 -1.40 2.48
C VAL A 10 7.65 -1.75 2.09
N VAL A 11 6.76 -0.78 2.24
CA VAL A 11 5.37 -0.96 1.89
C VAL A 11 5.22 -0.96 0.38
N THR A 12 5.42 -2.13 -0.22
CA THR A 12 5.32 -2.29 -1.65
C THR A 12 3.92 -1.98 -2.12
N ILE A 13 3.81 -1.09 -3.10
CA ILE A 13 2.54 -0.79 -3.69
C ILE A 13 2.34 -1.68 -4.91
N MET A 14 1.20 -2.33 -4.97
CA MET A 14 0.88 -3.23 -6.03
C MET A 14 -0.60 -3.13 -6.36
N GLY A 15 -1.07 -4.02 -7.21
CA GLY A 15 -2.43 -3.98 -7.63
C GLY A 15 -2.53 -4.06 -9.12
N HIS A 16 -3.63 -3.62 -9.67
CA HIS A 16 -3.79 -3.64 -11.11
C HIS A 16 -3.30 -2.34 -11.74
N VAL A 17 -2.96 -2.44 -13.01
CA VAL A 17 -2.58 -1.29 -13.82
C VAL A 17 -3.81 -0.46 -14.15
N ASP A 18 -3.61 0.84 -14.41
CA ASP A 18 -4.71 1.77 -14.69
C ASP A 18 -5.46 2.12 -13.41
N HIS A 19 -5.29 1.29 -12.39
CA HIS A 19 -5.81 1.61 -11.07
C HIS A 19 -4.80 2.51 -10.37
N GLY A 20 -3.67 2.73 -11.02
CA GLY A 20 -2.72 3.70 -10.53
C GLY A 20 -1.43 3.10 -10.02
N LYS A 21 -0.84 2.18 -10.77
CA LYS A 21 0.45 1.62 -10.40
C LYS A 21 1.47 2.71 -10.08
N THR A 22 1.85 3.49 -11.10
CA THR A 22 2.85 4.53 -10.94
C THR A 22 2.19 5.89 -10.66
N THR A 23 0.98 6.09 -11.18
CA THR A 23 0.25 7.34 -11.00
C THR A 23 0.02 7.67 -9.53
N LEU A 24 -0.05 6.65 -8.67
CA LEU A 24 -0.26 6.89 -7.25
C LEU A 24 1.01 7.33 -6.56
N LEU A 25 2.14 6.95 -7.13
CA LEU A 25 3.42 7.38 -6.62
C LEU A 25 3.65 8.84 -7.01
N ASP A 26 2.87 9.30 -7.98
CA ASP A 26 2.86 10.71 -8.35
C ASP A 26 1.81 11.42 -7.56
N ALA A 27 0.65 10.79 -7.49
CA ALA A 27 -0.49 11.30 -6.79
C ALA A 27 -0.15 11.52 -5.32
N ILE A 28 0.69 10.65 -4.81
CA ILE A 28 1.10 10.68 -3.41
C ILE A 28 2.03 11.86 -3.14
N ARG A 29 2.81 12.25 -4.14
CA ARG A 29 3.69 13.41 -4.04
C ARG A 29 2.87 14.68 -4.20
N HIS A 30 1.90 14.63 -5.10
CA HIS A 30 1.05 15.78 -5.36
C HIS A 30 -0.14 15.78 -4.42
N SER A 31 0.09 15.19 -3.29
CA SER A 31 -0.82 15.24 -2.17
C SER A 31 -0.17 16.00 -1.02
N LYS A 32 1.15 15.83 -0.88
CA LYS A 32 1.92 16.47 0.17
C LYS A 32 3.37 16.01 0.12
N VAL A 33 4.05 16.17 1.26
CA VAL A 33 5.47 15.80 1.47
C VAL A 33 6.41 16.35 0.38
N THR A 34 6.50 15.70 -0.77
CA THR A 34 7.48 16.04 -1.77
C THR A 34 6.89 16.79 -2.95
N GLU A 35 7.50 17.91 -3.30
CA GLU A 35 7.08 18.70 -4.45
C GLU A 35 8.25 18.89 -5.41
N GLN A 36 9.39 19.31 -4.87
CA GLN A 36 10.58 19.59 -5.67
C GLN A 36 11.64 18.53 -5.40
N GLU A 37 11.38 17.70 -4.41
CA GLU A 37 12.29 16.63 -4.04
C GLU A 37 12.40 15.61 -5.16
N ALA A 38 13.62 15.27 -5.51
CA ALA A 38 13.90 14.34 -6.60
C ALA A 38 13.77 12.90 -6.10
N GLY A 39 12.53 12.49 -5.89
CA GLY A 39 12.26 11.15 -5.44
C GLY A 39 10.84 10.75 -5.75
N GLY A 40 10.58 9.46 -5.79
CA GLY A 40 9.26 8.98 -6.11
C GLY A 40 9.04 8.87 -7.61
N ILE A 41 8.90 10.02 -8.27
CA ILE A 41 8.66 10.05 -9.70
C ILE A 41 9.69 10.92 -10.40
N THR A 42 10.68 10.26 -11.00
CA THR A 42 11.70 10.95 -11.78
C THR A 42 12.33 9.99 -12.79
N GLN A 43 13.31 9.23 -12.33
CA GLN A 43 14.03 8.28 -13.19
C GLN A 43 15.11 7.59 -12.37
N HIS A 44 16.03 8.38 -11.82
CA HIS A 44 17.04 7.85 -10.91
C HIS A 44 16.37 7.41 -9.62
N ILE A 45 16.32 6.10 -9.41
CA ILE A 45 15.64 5.49 -8.28
C ILE A 45 14.12 5.65 -8.42
N GLY A 46 13.39 4.75 -7.80
CA GLY A 46 11.94 4.77 -7.87
C GLY A 46 11.33 4.78 -6.49
N ALA A 47 10.15 5.39 -6.36
CA ALA A 47 9.46 5.49 -5.08
C ALA A 47 10.25 6.33 -4.08
N TYR A 48 9.80 6.36 -2.83
CA TYR A 48 10.42 7.23 -1.84
C TYR A 48 9.82 6.99 -0.46
N GLN A 49 10.40 7.65 0.54
CA GLN A 49 9.93 7.57 1.90
C GLN A 49 8.99 8.72 2.20
N VAL A 50 7.71 8.41 2.40
CA VAL A 50 6.70 9.45 2.59
C VAL A 50 6.68 9.93 4.04
N THR A 51 6.49 11.22 4.20
CA THR A 51 6.49 11.83 5.52
C THR A 51 5.07 11.93 6.06
N VAL A 52 4.61 10.84 6.66
CA VAL A 52 3.36 10.86 7.40
C VAL A 52 3.67 10.98 8.87
N ASN A 53 4.84 10.48 9.19
CA ASN A 53 5.37 10.45 10.53
C ASN A 53 6.73 11.11 10.55
N ASP A 54 7.62 10.52 9.77
CA ASP A 54 8.98 11.02 9.59
C ASP A 54 9.68 10.25 8.47
N LYS A 55 8.94 10.03 7.39
CA LYS A 55 9.44 9.28 6.22
C LYS A 55 9.51 7.79 6.51
N LYS A 56 8.82 7.33 7.55
CA LYS A 56 8.82 5.91 7.86
C LYS A 56 7.71 5.23 7.06
N ILE A 57 8.00 5.04 5.77
CA ILE A 57 7.19 4.26 4.82
C ILE A 57 7.81 4.39 3.45
N THR A 58 8.66 3.45 3.10
CA THR A 58 9.26 3.45 1.77
C THR A 58 8.38 2.62 0.85
N PHE A 59 7.51 3.31 0.13
CA PHE A 59 6.62 2.65 -0.82
C PHE A 59 7.40 1.89 -1.88
N LEU A 60 6.79 0.82 -2.38
CA LEU A 60 7.37 -0.03 -3.42
C LEU A 60 8.52 -0.88 -2.87
N ASP A 61 9.75 -0.36 -2.95
CA ASP A 61 10.90 -1.10 -2.46
C ASP A 61 12.14 -0.22 -2.45
N THR A 62 13.17 -0.70 -1.76
CA THR A 62 14.45 -0.05 -1.74
C THR A 62 15.52 -1.08 -2.06
N PRO A 63 16.49 -0.72 -2.92
CA PRO A 63 17.57 -1.63 -3.34
C PRO A 63 18.26 -2.30 -2.16
N GLY A 64 17.98 -3.58 -1.96
CA GLY A 64 18.56 -4.29 -0.85
C GLY A 64 17.50 -4.90 0.05
N HIS A 65 16.29 -4.34 -0.01
CA HIS A 65 15.18 -4.83 0.80
C HIS A 65 13.90 -4.84 -0.02
N GLU A 66 13.89 -5.65 -1.06
CA GLU A 66 12.72 -5.81 -1.90
C GLU A 66 11.84 -6.91 -1.34
N ALA A 67 10.58 -6.61 -1.10
CA ALA A 67 9.67 -7.58 -0.50
C ALA A 67 8.69 -8.13 -1.54
N PHE A 68 7.84 -7.28 -2.06
CA PHE A 68 6.80 -7.71 -2.98
C PHE A 68 7.17 -7.46 -4.44
N THR A 69 8.22 -6.67 -4.65
CA THR A 69 8.73 -6.47 -5.99
C THR A 69 9.51 -7.71 -6.46
N THR A 70 10.44 -8.16 -5.63
CA THR A 70 11.22 -9.36 -5.91
C THR A 70 11.75 -9.92 -4.60
N MET A 71 11.74 -11.24 -4.45
CA MET A 71 12.24 -11.85 -3.23
C MET A 71 13.59 -12.50 -3.46
N ARG A 72 14.65 -11.77 -3.10
CA ARG A 72 16.01 -12.25 -3.24
C ARG A 72 16.23 -13.49 -2.38
N ALA A 73 15.99 -13.37 -1.09
CA ALA A 73 16.16 -14.49 -0.17
C ALA A 73 14.84 -14.78 0.55
N ARG A 74 13.75 -14.19 0.04
CA ARG A 74 12.41 -14.34 0.62
C ARG A 74 12.27 -13.62 1.96
N GLY A 75 13.15 -13.97 2.91
CA GLY A 75 13.05 -13.46 4.25
C GLY A 75 13.59 -12.04 4.40
N ALA A 76 13.06 -11.13 3.60
CA ALA A 76 13.39 -9.71 3.73
C ALA A 76 12.31 -9.00 4.53
N GLN A 77 11.31 -9.78 4.91
CA GLN A 77 10.17 -9.29 5.65
C GLN A 77 10.45 -9.32 7.15
N VAL A 78 10.22 -8.19 7.81
CA VAL A 78 10.34 -8.13 9.26
C VAL A 78 8.96 -7.84 9.88
N THR A 79 8.29 -6.84 9.34
CA THR A 79 6.93 -6.48 9.72
C THR A 79 6.36 -5.55 8.67
N ASP A 80 6.68 -5.86 7.43
CA ASP A 80 6.37 -4.99 6.30
C ASP A 80 4.92 -5.18 5.85
N ILE A 81 4.46 -4.24 5.04
CA ILE A 81 3.06 -4.20 4.63
C ILE A 81 2.98 -4.08 3.11
N VAL A 82 1.93 -4.62 2.50
CA VAL A 82 1.74 -4.45 1.07
C VAL A 82 0.46 -3.68 0.79
N ILE A 83 0.55 -2.74 -0.11
CA ILE A 83 -0.61 -2.03 -0.58
C ILE A 83 -1.12 -2.65 -1.85
N LEU A 84 -2.39 -2.93 -1.85
CA LEU A 84 -3.01 -3.51 -2.99
C LEU A 84 -4.02 -2.50 -3.54
N VAL A 85 -3.72 -1.94 -4.69
CA VAL A 85 -4.57 -0.93 -5.29
C VAL A 85 -5.56 -1.57 -6.26
N VAL A 86 -6.84 -1.40 -5.95
CA VAL A 86 -7.90 -1.86 -6.81
C VAL A 86 -8.88 -0.74 -7.09
N ALA A 87 -9.03 -0.40 -8.36
CA ALA A 87 -9.99 0.60 -8.77
C ALA A 87 -11.40 0.14 -8.48
N ALA A 88 -12.21 1.00 -7.87
CA ALA A 88 -13.57 0.63 -7.51
C ALA A 88 -14.41 0.44 -8.75
N ASP A 89 -13.93 0.97 -9.84
CA ASP A 89 -14.67 0.88 -11.09
C ASP A 89 -14.28 -0.37 -11.88
N ASP A 90 -13.17 -1.00 -11.48
CA ASP A 90 -12.57 -2.08 -12.26
C ASP A 90 -12.44 -3.34 -11.42
N GLY A 91 -11.90 -3.18 -10.21
CA GLY A 91 -11.81 -4.29 -9.27
C GLY A 91 -10.60 -5.18 -9.49
N VAL A 92 -10.73 -6.44 -9.14
CA VAL A 92 -9.64 -7.39 -9.29
C VAL A 92 -9.52 -7.85 -10.74
N MET A 93 -8.31 -7.76 -11.24
CA MET A 93 -7.99 -8.06 -12.62
C MET A 93 -6.77 -9.00 -12.64
N PRO A 94 -6.28 -9.43 -13.83
CA PRO A 94 -5.16 -10.37 -13.95
C PRO A 94 -3.97 -10.06 -13.05
N GLN A 95 -3.30 -8.93 -13.27
CA GLN A 95 -2.07 -8.63 -12.52
C GLN A 95 -2.39 -8.24 -11.09
N THR A 96 -3.65 -7.93 -10.85
CA THR A 96 -4.12 -7.61 -9.51
C THR A 96 -4.01 -8.83 -8.64
N VAL A 97 -4.43 -9.97 -9.20
CA VAL A 97 -4.34 -11.23 -8.51
C VAL A 97 -2.90 -11.63 -8.28
N GLU A 98 -2.08 -11.44 -9.31
CA GLU A 98 -0.67 -11.80 -9.22
C GLU A 98 0.00 -11.03 -8.08
N ALA A 99 -0.51 -9.84 -7.83
CA ALA A 99 -0.08 -9.05 -6.68
C ALA A 99 -0.58 -9.65 -5.38
N ILE A 100 -1.75 -10.28 -5.43
CA ILE A 100 -2.34 -10.92 -4.27
C ILE A 100 -1.61 -12.22 -4.00
N ASN A 101 -1.40 -12.93 -5.07
CA ASN A 101 -0.71 -14.20 -5.05
C ASN A 101 0.69 -14.06 -4.46
N HIS A 102 1.34 -12.95 -4.76
CA HIS A 102 2.64 -12.65 -4.19
C HIS A 102 2.50 -12.31 -2.69
N ALA A 103 1.43 -11.60 -2.37
CA ALA A 103 1.18 -11.15 -1.01
C ALA A 103 0.81 -12.32 -0.09
N LYS A 104 -0.07 -13.21 -0.56
CA LYS A 104 -0.51 -14.35 0.24
C LYS A 104 0.55 -15.41 0.28
N ALA A 105 1.34 -15.46 -0.77
CA ALA A 105 2.50 -16.34 -0.82
C ALA A 105 3.37 -16.16 0.43
N ALA A 106 3.59 -14.90 0.78
CA ALA A 106 4.28 -14.58 2.03
C ALA A 106 3.29 -14.57 3.20
N ASN A 107 2.07 -14.11 2.89
CA ASN A 107 0.92 -14.11 3.79
C ASN A 107 0.98 -12.90 4.69
N VAL A 108 1.35 -11.80 4.06
CA VAL A 108 1.53 -10.53 4.71
C VAL A 108 0.20 -9.79 4.82
N PRO A 109 0.01 -9.03 5.92
CA PRO A 109 -1.14 -8.16 6.07
C PRO A 109 -1.17 -7.08 5.00
N ILE A 110 -2.35 -6.81 4.48
CA ILE A 110 -2.46 -5.93 3.34
C ILE A 110 -3.05 -4.58 3.70
N ILE A 111 -2.78 -3.63 2.84
CA ILE A 111 -3.36 -2.30 2.87
C ILE A 111 -3.96 -2.05 1.50
N VAL A 112 -5.19 -2.46 1.35
CA VAL A 112 -5.87 -2.28 0.10
C VAL A 112 -6.35 -0.86 -0.02
N ALA A 113 -6.39 -0.41 -1.23
CA ALA A 113 -6.88 0.92 -1.52
C ALA A 113 -7.71 0.91 -2.79
N ILE A 114 -8.99 1.10 -2.60
CA ILE A 114 -9.95 1.16 -3.68
C ILE A 114 -10.00 2.56 -4.23
N ASN A 115 -9.47 2.76 -5.43
CA ASN A 115 -9.28 4.10 -5.99
C ASN A 115 -10.42 4.35 -6.93
N LYS A 116 -10.43 5.54 -7.51
CA LYS A 116 -11.46 5.87 -8.44
C LYS A 116 -12.79 6.03 -7.74
N MET A 117 -12.72 6.42 -6.48
CA MET A 117 -13.92 6.71 -5.71
C MET A 117 -14.39 8.10 -6.06
N ASP A 118 -13.55 8.77 -6.82
CA ASP A 118 -13.89 10.02 -7.47
C ASP A 118 -14.91 9.77 -8.56
N LYS A 119 -14.86 8.58 -9.15
CA LYS A 119 -15.84 8.15 -10.11
C LYS A 119 -17.16 7.86 -9.43
N PRO A 120 -18.28 8.38 -9.97
CA PRO A 120 -19.61 8.05 -9.49
C PRO A 120 -19.93 6.57 -9.71
N GLU A 121 -19.13 5.94 -10.55
CA GLU A 121 -19.28 4.52 -10.86
C GLU A 121 -18.45 3.67 -9.89
N ALA A 122 -17.86 4.33 -8.90
CA ALA A 122 -17.10 3.66 -7.86
C ALA A 122 -17.93 2.59 -7.18
N ASN A 123 -17.42 1.38 -7.16
CA ASN A 123 -18.05 0.29 -6.43
C ASN A 123 -17.02 -0.30 -5.48
N PRO A 124 -16.75 0.40 -4.39
CA PRO A 124 -15.65 0.07 -3.49
C PRO A 124 -15.83 -1.26 -2.81
N ASP A 125 -16.89 -1.36 -2.03
CA ASP A 125 -17.19 -2.57 -1.28
C ASP A 125 -17.41 -3.76 -2.21
N ARG A 126 -17.62 -3.46 -3.49
CA ARG A 126 -17.79 -4.52 -4.47
C ARG A 126 -16.43 -5.13 -4.79
N VAL A 127 -15.54 -4.27 -5.25
CA VAL A 127 -14.19 -4.68 -5.59
C VAL A 127 -13.44 -5.14 -4.35
N MET A 128 -13.81 -4.54 -3.22
CA MET A 128 -13.30 -4.91 -1.91
C MET A 128 -13.63 -6.38 -1.59
N GLN A 129 -14.82 -6.80 -1.98
CA GLN A 129 -15.24 -8.18 -1.77
C GLN A 129 -14.46 -9.15 -2.66
N GLU A 130 -14.03 -8.70 -3.82
CA GLU A 130 -13.27 -9.56 -4.71
C GLU A 130 -11.92 -9.89 -4.09
N LEU A 131 -11.44 -8.97 -3.26
CA LEU A 131 -10.22 -9.22 -2.51
C LEU A 131 -10.44 -10.33 -1.52
N MET A 132 -11.57 -10.32 -0.83
CA MET A 132 -11.83 -11.35 0.15
C MET A 132 -12.11 -12.68 -0.54
N GLU A 133 -12.29 -12.65 -1.85
CA GLU A 133 -12.47 -13.87 -2.61
C GLU A 133 -11.13 -14.53 -2.82
N TYR A 134 -10.07 -13.71 -2.85
CA TYR A 134 -8.73 -14.22 -2.77
C TYR A 134 -8.26 -14.25 -1.31
N ASN A 135 -9.27 -14.27 -0.43
CA ASN A 135 -9.10 -14.36 1.03
C ASN A 135 -8.32 -13.17 1.58
N LEU A 136 -8.71 -11.99 1.13
CA LEU A 136 -8.21 -10.76 1.69
C LEU A 136 -9.31 -10.02 2.39
N VAL A 137 -9.41 -10.25 3.68
CA VAL A 137 -10.53 -9.75 4.45
C VAL A 137 -10.11 -8.54 5.24
N PRO A 138 -10.80 -7.43 5.04
CA PRO A 138 -10.58 -6.20 5.78
C PRO A 138 -10.79 -6.37 7.26
N GLU A 139 -10.19 -5.47 8.00
CA GLU A 139 -10.24 -5.48 9.45
C GLU A 139 -11.55 -4.88 9.94
N GLU A 140 -12.27 -4.24 9.03
CA GLU A 140 -13.65 -3.85 9.26
C GLU A 140 -14.54 -5.09 9.32
N TRP A 141 -14.05 -6.19 8.74
CA TRP A 141 -14.79 -7.43 8.69
C TRP A 141 -14.17 -8.50 9.60
N GLY A 142 -12.89 -8.31 9.92
CA GLY A 142 -12.23 -9.20 10.87
C GLY A 142 -11.30 -10.20 10.20
N GLY A 143 -10.74 -9.82 9.05
CA GLY A 143 -9.80 -10.70 8.35
C GLY A 143 -8.35 -10.42 8.71
N ASP A 144 -7.63 -9.81 7.78
CA ASP A 144 -6.26 -9.36 8.03
C ASP A 144 -5.79 -8.41 6.93
N THR A 145 -6.50 -7.30 6.80
CA THR A 145 -6.18 -6.30 5.78
C THR A 145 -6.87 -4.98 6.10
N ILE A 146 -6.15 -3.89 6.00
CA ILE A 146 -6.75 -2.58 6.14
C ILE A 146 -7.06 -2.00 4.77
N PHE A 147 -8.34 -1.91 4.44
CA PHE A 147 -8.75 -1.34 3.18
C PHE A 147 -8.97 0.16 3.34
N CYS A 148 -8.76 0.86 2.26
CA CYS A 148 -9.09 2.26 2.15
C CYS A 148 -9.85 2.51 0.85
N LYS A 149 -11.01 3.15 0.95
CA LYS A 149 -11.79 3.49 -0.23
C LYS A 149 -11.46 4.92 -0.65
N LEU A 150 -10.43 5.08 -1.48
CA LEU A 150 -9.92 6.38 -1.76
C LEU A 150 -10.08 6.76 -3.24
N SER A 151 -9.81 8.01 -3.50
CA SER A 151 -9.74 8.51 -4.83
C SER A 151 -8.45 9.26 -4.99
N ALA A 152 -7.49 8.67 -5.66
CA ALA A 152 -6.25 9.34 -5.91
C ALA A 152 -6.43 10.41 -6.96
N LYS A 153 -7.60 10.39 -7.60
CA LYS A 153 -7.91 11.44 -8.58
C LYS A 153 -8.46 12.69 -7.90
N THR A 154 -9.40 12.55 -6.96
CA THR A 154 -9.88 13.75 -6.26
C THR A 154 -9.01 14.08 -5.05
N LYS A 155 -8.02 13.21 -4.81
CA LYS A 155 -6.99 13.44 -3.80
C LYS A 155 -7.60 13.47 -2.42
N GLU A 156 -8.45 12.51 -2.17
CA GLU A 156 -9.19 12.45 -0.93
C GLU A 156 -8.66 11.33 -0.04
N GLY A 157 -8.69 10.13 -0.57
CA GLY A 157 -8.34 8.98 0.20
C GLY A 157 -6.85 8.77 0.34
N LEU A 158 -6.04 9.51 -0.42
CA LEU A 158 -4.59 9.40 -0.29
C LEU A 158 -4.18 9.93 1.07
N ASP A 159 -4.87 10.97 1.49
CA ASP A 159 -4.68 11.54 2.80
C ASP A 159 -5.19 10.59 3.87
N HIS A 160 -6.35 9.98 3.62
CA HIS A 160 -6.92 9.03 4.55
C HIS A 160 -6.08 7.74 4.61
N LEU A 161 -5.29 7.50 3.57
CA LEU A 161 -4.51 6.26 3.48
C LEU A 161 -3.33 6.34 4.44
N LEU A 162 -2.58 7.44 4.35
CA LEU A 162 -1.43 7.65 5.20
C LEU A 162 -1.85 7.69 6.67
N GLU A 163 -3.10 8.09 6.92
CA GLU A 163 -3.65 8.06 8.28
C GLU A 163 -3.75 6.62 8.79
N MET A 164 -4.30 5.74 7.96
CA MET A 164 -4.39 4.33 8.31
C MET A 164 -3.00 3.73 8.44
N ILE A 165 -2.09 4.21 7.60
CA ILE A 165 -0.71 3.75 7.66
C ILE A 165 -0.08 4.13 9.00
N LEU A 166 -0.24 5.38 9.43
CA LEU A 166 0.37 5.83 10.68
C LEU A 166 -0.27 5.15 11.87
N LEU A 167 -1.55 4.87 11.76
CA LEU A 167 -2.24 4.07 12.74
C LEU A 167 -1.51 2.74 12.92
N VAL A 168 -1.24 2.08 11.80
CA VAL A 168 -0.48 0.86 11.80
C VAL A 168 0.95 1.10 12.26
N SER A 169 1.56 2.21 11.82
CA SER A 169 2.91 2.54 12.23
C SER A 169 3.02 2.72 13.74
N GLU A 170 1.96 3.19 14.37
CA GLU A 170 1.96 3.41 15.80
C GLU A 170 1.73 2.11 16.55
N MET A 171 0.86 1.26 16.01
CA MET A 171 0.51 0.00 16.65
C MET A 171 1.53 -1.10 16.29
N GLU A 172 2.42 -0.75 15.35
CA GLU A 172 3.45 -1.65 14.80
C GLU A 172 4.04 -2.64 15.83
N GLU A 173 4.27 -2.18 17.05
CA GLU A 173 4.95 -3.00 18.05
C GLU A 173 4.12 -4.21 18.47
N LEU A 174 3.05 -4.00 19.24
CA LEU A 174 2.28 -5.12 19.77
C LEU A 174 0.78 -4.95 19.52
N LYS A 175 0.36 -3.72 19.26
CA LYS A 175 -1.06 -3.41 19.18
C LYS A 175 -1.72 -4.02 17.95
N ALA A 176 -2.77 -4.77 18.19
CA ALA A 176 -3.62 -5.34 17.16
C ALA A 176 -4.95 -5.70 17.79
N ASN A 177 -4.86 -6.41 18.91
CA ASN A 177 -6.03 -6.68 19.74
C ASN A 177 -6.18 -5.60 20.82
N PRO A 178 -5.15 -5.37 21.66
CA PRO A 178 -5.17 -4.28 22.65
C PRO A 178 -5.13 -2.91 21.98
PB GDP B . 0.20 2.42 -14.55
O1B GDP B . 0.70 1.43 -15.54
O2B GDP B . 1.29 3.01 -13.67
O3B GDP B . -1.06 2.00 -13.77
O3A GDP B . -0.30 3.72 -15.48
PA GDP B . -0.28 5.25 -15.18
O1A GDP B . -0.01 6.05 -16.40
O2A GDP B . 0.52 5.59 -13.95
O5' GDP B . -1.81 5.49 -14.77
C5' GDP B . -2.86 4.91 -15.54
C4' GDP B . -4.14 5.70 -15.37
O4' GDP B . -4.65 5.50 -14.03
C3' GDP B . -4.02 7.22 -15.48
O3' GDP B . -4.27 7.63 -16.82
C2' GDP B . -5.08 7.77 -14.52
O2' GDP B . -6.14 8.39 -15.22
C1' GDP B . -5.60 6.52 -13.80
N9 GDP B . -5.78 6.69 -12.37
C8 GDP B . -4.83 6.55 -11.39
N7 GDP B . -5.28 6.75 -10.19
C5 GDP B . -6.63 7.03 -10.37
C6 GDP B . -7.64 7.33 -9.43
O6 GDP B . -7.56 7.39 -8.20
N1 GDP B . -8.87 7.56 -10.04
C2 GDP B . -9.08 7.51 -11.40
N2 GDP B . -10.33 7.76 -11.82
N3 GDP B . -8.15 7.23 -12.30
C4 GDP B . -6.94 7.00 -11.71
H5' GDP B . -3.03 3.88 -15.22
H5'' GDP B . -2.58 4.91 -16.59
H4' GDP B . -4.83 5.38 -16.15
H3' GDP B . -3.02 7.55 -15.25
HO3' GDP B . -5.18 7.92 -16.87
H2' GDP B . -4.59 8.45 -13.81
HO2' GDP B . -6.58 7.71 -15.73
H1' GDP B . -6.54 6.18 -14.23
H8 GDP B . -3.80 6.29 -11.60
HN1 GDP B . -9.66 7.76 -9.45
HN21 GDP B . -10.55 7.74 -12.80
HN22 GDP B . -11.05 7.98 -11.14
N GLY A 1 10.49 10.98 18.66
CA GLY A 1 10.97 10.72 20.03
C GLY A 1 11.80 9.46 20.11
N SER A 2 12.40 9.21 21.26
CA SER A 2 13.29 8.08 21.43
C SER A 2 12.54 6.75 21.43
N HIS A 3 12.88 5.88 20.50
CA HIS A 3 12.29 4.56 20.43
C HIS A 3 13.37 3.49 20.26
N MET A 4 13.14 2.34 20.85
CA MET A 4 14.04 1.21 20.67
C MET A 4 13.60 0.41 19.45
N VAL A 5 14.47 0.34 18.45
CA VAL A 5 14.18 -0.34 17.19
C VAL A 5 13.15 0.42 16.37
N GLU A 6 13.63 1.31 15.50
CA GLU A 6 12.76 1.95 14.53
C GLU A 6 12.34 0.93 13.49
N ARG A 7 11.06 0.67 13.41
CA ARG A 7 10.55 -0.29 12.43
C ARG A 7 10.21 0.42 11.13
N PRO A 8 10.98 0.15 10.07
CA PRO A 8 10.75 0.71 8.75
C PRO A 8 10.03 -0.27 7.82
N PRO A 9 8.69 -0.25 7.79
CA PRO A 9 7.92 -1.15 6.95
C PRO A 9 8.07 -0.81 5.47
N VAL A 10 8.50 -1.79 4.68
CA VAL A 10 8.64 -1.61 3.24
C VAL A 10 7.28 -1.70 2.56
N VAL A 11 6.46 -0.68 2.78
CA VAL A 11 5.11 -0.62 2.24
C VAL A 11 5.14 -0.61 0.72
N THR A 12 4.99 -1.77 0.13
CA THR A 12 5.06 -1.93 -1.32
C THR A 12 3.76 -1.42 -1.96
N ILE A 13 3.87 -0.84 -3.15
CA ILE A 13 2.70 -0.38 -3.88
C ILE A 13 2.39 -1.34 -5.03
N MET A 14 1.27 -2.01 -4.93
CA MET A 14 0.86 -2.97 -5.93
C MET A 14 -0.55 -2.65 -6.40
N GLY A 15 -1.01 -3.36 -7.42
CA GLY A 15 -2.36 -3.18 -7.88
C GLY A 15 -2.48 -3.42 -9.36
N HIS A 16 -3.65 -3.14 -9.90
CA HIS A 16 -3.88 -3.31 -11.33
C HIS A 16 -3.52 -2.04 -12.09
N VAL A 17 -3.31 -2.23 -13.38
CA VAL A 17 -3.06 -1.13 -14.29
C VAL A 17 -4.33 -0.32 -14.49
N ASP A 18 -4.17 1.00 -14.63
CA ASP A 18 -5.30 1.93 -14.80
C ASP A 18 -6.01 2.15 -13.47
N HIS A 19 -5.77 1.25 -12.53
CA HIS A 19 -6.21 1.43 -11.16
C HIS A 19 -5.16 2.25 -10.43
N GLY A 20 -4.01 2.41 -11.09
CA GLY A 20 -2.99 3.27 -10.57
C GLY A 20 -1.83 2.51 -9.97
N LYS A 21 -1.32 1.53 -10.69
CA LYS A 21 -0.21 0.73 -10.18
C LYS A 21 1.03 1.61 -9.92
N THR A 22 1.44 2.37 -10.92
CA THR A 22 2.56 3.30 -10.76
C THR A 22 2.04 4.72 -10.52
N THR A 23 0.93 5.04 -11.16
CA THR A 23 0.31 6.35 -11.03
C THR A 23 -0.03 6.71 -9.58
N LEU A 24 -0.14 5.72 -8.71
CA LEU A 24 -0.45 5.97 -7.31
C LEU A 24 0.79 6.52 -6.64
N LEU A 25 1.93 6.03 -7.08
CA LEU A 25 3.22 6.47 -6.57
C LEU A 25 3.46 7.92 -6.98
N ASP A 26 2.80 8.34 -8.06
CA ASP A 26 2.93 9.71 -8.53
C ASP A 26 1.83 10.55 -7.91
N ALA A 27 0.66 9.95 -7.84
CA ALA A 27 -0.49 10.59 -7.24
C ALA A 27 -0.21 10.89 -5.78
N ILE A 28 0.51 9.98 -5.17
CA ILE A 28 0.87 10.08 -3.76
C ILE A 28 1.91 11.19 -3.56
N ARG A 29 2.63 11.52 -4.63
CA ARG A 29 3.59 12.63 -4.60
C ARG A 29 2.84 13.95 -4.59
N HIS A 30 1.58 13.91 -5.00
CA HIS A 30 0.77 15.10 -5.14
C HIS A 30 -0.26 15.20 -4.05
N SER A 31 0.04 14.54 -2.97
CA SER A 31 -0.80 14.59 -1.79
C SER A 31 -0.15 15.48 -0.73
N LYS A 32 1.18 15.43 -0.67
CA LYS A 32 1.95 16.26 0.23
C LYS A 32 3.44 16.05 -0.02
N VAL A 33 4.27 16.56 0.90
CA VAL A 33 5.75 16.52 0.85
C VAL A 33 6.34 17.12 -0.43
N THR A 34 6.10 16.49 -1.57
CA THR A 34 6.68 16.93 -2.83
C THR A 34 5.62 17.59 -3.71
N GLU A 35 6.08 18.24 -4.78
CA GLU A 35 5.20 18.97 -5.67
C GLU A 35 5.99 19.45 -6.89
N GLN A 36 7.17 19.98 -6.64
CA GLN A 36 8.05 20.45 -7.69
C GLN A 36 9.39 19.75 -7.62
N GLU A 37 9.94 19.69 -6.42
CA GLU A 37 11.23 19.07 -6.18
C GLU A 37 11.09 17.55 -6.08
N ALA A 38 11.97 16.82 -6.73
CA ALA A 38 11.91 15.37 -6.73
C ALA A 38 12.83 14.80 -5.65
N GLY A 39 12.28 14.63 -4.46
CA GLY A 39 13.05 14.10 -3.35
C GLY A 39 13.11 12.59 -3.36
N GLY A 40 13.55 12.04 -4.48
CA GLY A 40 13.62 10.59 -4.60
C GLY A 40 13.96 10.18 -6.03
N ILE A 41 14.96 10.82 -6.61
CA ILE A 41 15.34 10.54 -7.98
C ILE A 41 16.83 10.23 -8.07
N THR A 42 17.14 8.97 -8.31
CA THR A 42 18.52 8.53 -8.46
C THR A 42 18.52 7.26 -9.33
N GLN A 43 19.52 6.42 -9.19
CA GLN A 43 19.57 5.16 -9.92
C GLN A 43 18.60 4.14 -9.29
N HIS A 44 17.32 4.45 -9.39
CA HIS A 44 16.27 3.60 -8.85
C HIS A 44 14.91 4.09 -9.31
N ILE A 45 13.89 3.24 -9.20
CA ILE A 45 12.53 3.62 -9.56
C ILE A 45 12.05 4.76 -8.66
N GLY A 46 11.03 5.46 -9.13
CA GLY A 46 10.58 6.68 -8.49
C GLY A 46 9.83 6.46 -7.17
N ALA A 47 10.09 5.34 -6.51
CA ALA A 47 9.53 5.10 -5.19
C ALA A 47 10.39 5.78 -4.15
N TYR A 48 9.80 6.14 -3.01
CA TYR A 48 10.46 7.08 -2.14
C TYR A 48 9.88 7.07 -0.73
N GLN A 49 10.45 7.90 0.13
CA GLN A 49 10.05 7.99 1.53
C GLN A 49 9.29 9.28 1.76
N VAL A 50 8.01 9.17 2.08
CA VAL A 50 7.17 10.33 2.28
C VAL A 50 7.42 10.97 3.64
N THR A 51 7.21 12.28 3.71
CA THR A 51 7.35 12.97 4.97
C THR A 51 5.99 13.15 5.61
N VAL A 52 5.54 12.09 6.27
CA VAL A 52 4.30 12.12 7.03
C VAL A 52 4.60 12.65 8.42
N ASN A 53 5.79 12.32 8.86
CA ASN A 53 6.28 12.71 10.15
C ASN A 53 7.75 13.08 10.04
N ASP A 54 8.49 12.22 9.33
CA ASP A 54 9.90 12.44 9.06
C ASP A 54 10.46 11.32 8.20
N LYS A 55 10.18 11.37 6.91
CA LYS A 55 10.73 10.42 5.93
C LYS A 55 10.38 8.98 6.29
N LYS A 56 9.18 8.79 6.83
CA LYS A 56 8.74 7.47 7.24
C LYS A 56 7.75 6.93 6.21
N ILE A 57 7.67 5.61 6.13
CA ILE A 57 6.81 4.94 5.15
C ILE A 57 7.40 5.07 3.75
N THR A 58 8.23 4.10 3.39
CA THR A 58 8.81 4.04 2.08
C THR A 58 7.92 3.21 1.16
N PHE A 59 7.15 3.89 0.33
CA PHE A 59 6.27 3.22 -0.62
C PHE A 59 7.09 2.58 -1.73
N LEU A 60 7.18 1.25 -1.68
CA LEU A 60 7.95 0.45 -2.64
C LEU A 60 9.46 0.66 -2.43
N ASP A 61 10.18 -0.42 -2.22
CA ASP A 61 11.60 -0.35 -1.97
C ASP A 61 12.39 -0.54 -3.25
N THR A 62 13.64 -0.08 -3.23
CA THR A 62 14.51 -0.15 -4.40
C THR A 62 15.07 -1.56 -4.66
N PRO A 63 15.57 -2.27 -3.61
CA PRO A 63 16.05 -3.65 -3.75
C PRO A 63 14.98 -4.59 -4.32
N GLY A 64 13.72 -4.18 -4.23
CA GLY A 64 12.63 -4.94 -4.79
C GLY A 64 12.59 -4.90 -6.30
N HIS A 65 13.47 -5.64 -6.95
CA HIS A 65 13.45 -5.78 -8.40
C HIS A 65 12.44 -6.87 -8.78
N GLU A 66 11.22 -6.69 -8.29
CA GLU A 66 10.15 -7.66 -8.43
C GLU A 66 8.89 -7.02 -7.87
N ALA A 67 7.80 -7.78 -7.72
CA ALA A 67 6.60 -7.27 -7.08
C ALA A 67 6.92 -6.79 -5.67
N PHE A 68 7.46 -7.67 -4.85
CA PHE A 68 7.96 -7.32 -3.53
C PHE A 68 9.46 -7.10 -3.60
N THR A 69 10.08 -6.90 -2.45
CA THR A 69 11.54 -6.89 -2.35
C THR A 69 12.11 -8.19 -2.92
N THR A 70 13.30 -8.15 -3.49
CA THR A 70 13.90 -9.33 -4.13
C THR A 70 13.78 -10.56 -3.24
N MET A 71 14.18 -10.42 -1.97
CA MET A 71 13.98 -11.47 -0.97
C MET A 71 14.60 -12.78 -1.42
N ARG A 72 15.92 -12.79 -1.49
CA ARG A 72 16.64 -13.97 -1.97
C ARG A 72 16.52 -15.11 -0.96
N ALA A 73 16.73 -14.80 0.31
CA ALA A 73 16.63 -15.81 1.36
C ALA A 73 15.85 -15.29 2.56
N ARG A 74 16.18 -14.09 3.00
CA ARG A 74 15.57 -13.49 4.18
C ARG A 74 15.48 -11.98 4.02
N GLY A 75 14.30 -11.43 4.28
CA GLY A 75 14.14 -9.99 4.10
C GLY A 75 12.99 -9.40 4.91
N ALA A 76 11.76 -9.69 4.49
CA ALA A 76 10.60 -9.02 5.06
C ALA A 76 9.40 -9.96 5.17
N GLN A 77 8.50 -9.68 6.11
CA GLN A 77 7.29 -10.49 6.30
C GLN A 77 6.41 -9.95 7.43
N VAL A 78 7.01 -9.77 8.61
CA VAL A 78 6.25 -9.55 9.85
C VAL A 78 5.31 -8.33 9.77
N THR A 79 5.85 -7.12 9.78
CA THR A 79 5.02 -5.93 9.70
C THR A 79 5.30 -5.19 8.41
N ASP A 80 5.89 -5.92 7.47
CA ASP A 80 6.21 -5.36 6.17
C ASP A 80 4.98 -5.44 5.29
N ILE A 81 4.26 -4.33 5.25
CA ILE A 81 2.93 -4.30 4.65
C ILE A 81 2.99 -3.93 3.17
N VAL A 82 2.05 -4.46 2.40
CA VAL A 82 1.91 -4.08 1.01
C VAL A 82 0.56 -3.42 0.77
N ILE A 83 0.58 -2.40 -0.04
CA ILE A 83 -0.63 -1.74 -0.48
C ILE A 83 -1.06 -2.30 -1.80
N LEU A 84 -2.31 -2.65 -1.89
CA LEU A 84 -2.85 -3.20 -3.10
C LEU A 84 -3.94 -2.25 -3.60
N VAL A 85 -3.64 -1.56 -4.68
CA VAL A 85 -4.54 -0.56 -5.23
C VAL A 85 -5.49 -1.19 -6.26
N VAL A 86 -6.76 -1.16 -5.94
CA VAL A 86 -7.79 -1.62 -6.85
C VAL A 86 -8.79 -0.51 -7.14
N ALA A 87 -9.17 -0.40 -8.39
CA ALA A 87 -10.18 0.56 -8.79
C ALA A 87 -11.56 0.07 -8.38
N ALA A 88 -12.37 0.93 -7.80
CA ALA A 88 -13.70 0.51 -7.37
C ALA A 88 -14.63 0.42 -8.56
N ASP A 89 -14.19 1.01 -9.66
CA ASP A 89 -14.97 0.95 -10.88
C ASP A 89 -14.65 -0.32 -11.68
N ASP A 90 -13.60 -1.03 -11.27
CA ASP A 90 -13.16 -2.21 -12.00
C ASP A 90 -13.02 -3.39 -11.04
N GLY A 91 -12.03 -3.34 -10.14
CA GLY A 91 -11.91 -4.35 -9.10
C GLY A 91 -10.58 -5.09 -9.13
N VAL A 92 -10.60 -6.39 -8.90
CA VAL A 92 -9.38 -7.19 -8.96
C VAL A 92 -9.26 -7.84 -10.33
N MET A 93 -8.05 -7.86 -10.84
CA MET A 93 -7.76 -8.24 -12.21
C MET A 93 -6.48 -9.09 -12.23
N PRO A 94 -6.05 -9.60 -13.41
CA PRO A 94 -4.84 -10.44 -13.52
C PRO A 94 -3.62 -9.90 -12.77
N GLN A 95 -3.08 -8.74 -13.17
CA GLN A 95 -1.86 -8.24 -12.54
C GLN A 95 -2.14 -7.78 -11.11
N THR A 96 -3.41 -7.59 -10.80
CA THR A 96 -3.84 -7.19 -9.47
C THR A 96 -3.62 -8.33 -8.50
N VAL A 97 -4.11 -9.51 -8.88
CA VAL A 97 -3.97 -10.67 -8.05
C VAL A 97 -2.56 -11.23 -8.05
N GLU A 98 -1.81 -11.06 -9.14
CA GLU A 98 -0.40 -11.47 -9.15
C GLU A 98 0.35 -10.77 -8.04
N ALA A 99 -0.10 -9.57 -7.71
CA ALA A 99 0.44 -8.82 -6.58
C ALA A 99 0.01 -9.46 -5.27
N ILE A 100 -1.24 -9.90 -5.20
CA ILE A 100 -1.78 -10.55 -4.03
C ILE A 100 -1.09 -11.89 -3.82
N ASN A 101 -0.95 -12.60 -4.92
CA ASN A 101 -0.31 -13.89 -4.95
C ASN A 101 1.10 -13.82 -4.40
N HIS A 102 1.82 -12.77 -4.77
CA HIS A 102 3.17 -12.57 -4.29
C HIS A 102 3.12 -12.17 -2.81
N ALA A 103 2.10 -11.42 -2.45
CA ALA A 103 1.95 -10.93 -1.07
C ALA A 103 1.68 -12.07 -0.10
N LYS A 104 0.67 -12.89 -0.39
CA LYS A 104 0.31 -13.97 0.51
C LYS A 104 1.30 -15.11 0.43
N ALA A 105 1.99 -15.18 -0.69
CA ALA A 105 3.10 -16.12 -0.84
C ALA A 105 4.16 -15.86 0.23
N ALA A 106 4.36 -14.59 0.56
CA ALA A 106 5.31 -14.20 1.59
C ALA A 106 4.67 -14.21 2.96
N ASN A 107 3.33 -14.12 2.98
CA ASN A 107 2.51 -14.19 4.20
C ASN A 107 2.50 -12.82 4.86
N VAL A 108 1.96 -11.86 4.12
CA VAL A 108 2.05 -10.47 4.49
C VAL A 108 0.66 -9.86 4.72
N PRO A 109 0.51 -9.02 5.76
CA PRO A 109 -0.68 -8.21 5.96
C PRO A 109 -0.81 -7.12 4.89
N ILE A 110 -2.02 -6.83 4.46
CA ILE A 110 -2.20 -5.94 3.34
C ILE A 110 -2.88 -4.63 3.72
N ILE A 111 -2.69 -3.66 2.86
CA ILE A 111 -3.36 -2.38 2.93
C ILE A 111 -3.95 -2.11 1.55
N VAL A 112 -5.14 -2.61 1.34
CA VAL A 112 -5.79 -2.40 0.08
C VAL A 112 -6.25 -0.98 -0.01
N ALA A 113 -6.24 -0.49 -1.20
CA ALA A 113 -6.60 0.87 -1.45
C ALA A 113 -7.40 0.99 -2.72
N ILE A 114 -8.69 1.18 -2.53
CA ILE A 114 -9.61 1.38 -3.61
C ILE A 114 -9.40 2.77 -4.19
N ASN A 115 -9.34 2.88 -5.50
CA ASN A 115 -9.20 4.19 -6.13
C ASN A 115 -10.46 4.46 -6.89
N LYS A 116 -10.55 5.62 -7.49
CA LYS A 116 -11.68 5.94 -8.32
C LYS A 116 -12.94 6.16 -7.48
N MET A 117 -12.77 6.67 -6.27
CA MET A 117 -13.89 7.19 -5.49
C MET A 117 -14.22 8.57 -6.01
N ASP A 118 -13.30 9.05 -6.83
CA ASP A 118 -13.49 10.26 -7.62
C ASP A 118 -14.51 10.00 -8.71
N LYS A 119 -14.71 8.72 -9.03
CA LYS A 119 -15.69 8.33 -10.01
C LYS A 119 -16.96 7.84 -9.33
N PRO A 120 -18.13 8.29 -9.82
CA PRO A 120 -19.44 7.84 -9.32
C PRO A 120 -19.67 6.36 -9.58
N GLU A 121 -18.83 5.79 -10.44
CA GLU A 121 -18.89 4.38 -10.79
C GLU A 121 -18.18 3.54 -9.74
N ALA A 122 -17.78 4.20 -8.66
CA ALA A 122 -17.15 3.56 -7.51
C ALA A 122 -18.06 2.50 -6.91
N ASN A 123 -17.63 1.25 -6.97
CA ASN A 123 -18.33 0.15 -6.31
C ASN A 123 -17.37 -0.52 -5.36
N PRO A 124 -17.14 0.12 -4.21
CA PRO A 124 -16.09 -0.28 -3.28
C PRO A 124 -16.35 -1.62 -2.64
N ASP A 125 -17.46 -1.71 -1.94
CA ASP A 125 -17.87 -2.93 -1.28
C ASP A 125 -17.95 -4.09 -2.27
N ARG A 126 -18.09 -3.76 -3.55
CA ARG A 126 -18.13 -4.79 -4.59
C ARG A 126 -16.73 -5.29 -4.86
N VAL A 127 -15.87 -4.36 -5.23
CA VAL A 127 -14.51 -4.68 -5.60
C VAL A 127 -13.70 -5.22 -4.41
N MET A 128 -14.11 -4.85 -3.21
CA MET A 128 -13.45 -5.36 -2.01
C MET A 128 -14.08 -6.68 -1.56
N GLN A 129 -15.26 -7.00 -2.11
CA GLN A 129 -15.87 -8.31 -1.89
C GLN A 129 -15.17 -9.37 -2.71
N GLU A 130 -14.96 -9.10 -3.99
CA GLU A 130 -14.20 -10.01 -4.84
C GLU A 130 -12.74 -10.01 -4.39
N LEU A 131 -12.37 -8.98 -3.64
CA LEU A 131 -11.08 -8.92 -3.01
C LEU A 131 -10.99 -10.01 -1.95
N MET A 132 -12.07 -10.17 -1.19
CA MET A 132 -12.10 -11.17 -0.14
C MET A 132 -12.39 -12.55 -0.72
N GLU A 133 -12.72 -12.58 -2.01
CA GLU A 133 -12.89 -13.85 -2.71
C GLU A 133 -11.52 -14.40 -3.05
N TYR A 134 -10.56 -13.48 -3.13
CA TYR A 134 -9.16 -13.84 -3.22
C TYR A 134 -8.58 -13.90 -1.80
N ASN A 135 -9.51 -14.02 -0.86
CA ASN A 135 -9.23 -14.09 0.58
C ASN A 135 -8.42 -12.88 1.05
N LEU A 136 -8.99 -11.72 0.81
CA LEU A 136 -8.50 -10.48 1.37
C LEU A 136 -9.59 -9.81 2.15
N VAL A 137 -9.50 -9.85 3.46
CA VAL A 137 -10.59 -9.39 4.27
C VAL A 137 -10.25 -8.08 4.95
N PRO A 138 -10.97 -7.04 4.56
CA PRO A 138 -10.81 -5.71 5.12
C PRO A 138 -10.94 -5.69 6.62
N GLU A 139 -10.42 -4.63 7.18
CA GLU A 139 -10.44 -4.43 8.62
C GLU A 139 -11.82 -3.96 9.05
N GLU A 140 -12.57 -3.49 8.08
CA GLU A 140 -13.99 -3.20 8.28
C GLU A 140 -14.77 -4.50 8.46
N TRP A 141 -14.22 -5.59 7.94
CA TRP A 141 -14.89 -6.87 7.99
C TRP A 141 -14.21 -7.78 9.02
N GLY A 142 -13.05 -7.34 9.49
CA GLY A 142 -12.36 -8.05 10.55
C GLY A 142 -11.44 -9.14 10.03
N GLY A 143 -10.82 -8.91 8.88
CA GLY A 143 -9.82 -9.86 8.38
C GLY A 143 -8.44 -9.49 8.85
N ASP A 144 -7.62 -9.03 7.92
CA ASP A 144 -6.32 -8.45 8.28
C ASP A 144 -5.76 -7.65 7.12
N THR A 145 -6.51 -6.64 6.76
CA THR A 145 -6.13 -5.73 5.71
C THR A 145 -6.95 -4.46 5.80
N ILE A 146 -6.29 -3.34 6.06
CA ILE A 146 -6.96 -2.07 6.01
C ILE A 146 -7.33 -1.76 4.56
N PHE A 147 -8.60 -1.88 4.26
CA PHE A 147 -9.10 -1.54 2.95
C PHE A 147 -9.47 -0.06 2.91
N CYS A 148 -8.67 0.71 2.22
CA CYS A 148 -8.91 2.14 2.12
C CYS A 148 -9.64 2.47 0.84
N LYS A 149 -10.87 2.91 0.97
CA LYS A 149 -11.64 3.34 -0.18
C LYS A 149 -11.30 4.78 -0.50
N LEU A 150 -10.38 4.97 -1.43
CA LEU A 150 -9.87 6.29 -1.72
C LEU A 150 -10.08 6.67 -3.17
N SER A 151 -9.51 7.80 -3.50
CA SER A 151 -9.63 8.42 -4.79
C SER A 151 -8.40 9.27 -4.99
N ALA A 152 -7.39 8.71 -5.63
CA ALA A 152 -6.15 9.44 -5.82
C ALA A 152 -6.33 10.55 -6.83
N LYS A 153 -7.47 10.53 -7.52
CA LYS A 153 -7.81 11.64 -8.40
C LYS A 153 -8.36 12.83 -7.60
N THR A 154 -9.30 12.61 -6.69
CA THR A 154 -9.82 13.72 -5.90
C THR A 154 -8.94 14.00 -4.68
N LYS A 155 -7.97 13.12 -4.46
CA LYS A 155 -6.92 13.31 -3.45
C LYS A 155 -7.50 13.27 -2.05
N GLU A 156 -8.39 12.33 -1.84
CA GLU A 156 -9.07 12.23 -0.56
C GLU A 156 -8.47 11.12 0.27
N GLY A 157 -8.68 9.92 -0.22
CA GLY A 157 -8.28 8.74 0.49
C GLY A 157 -6.77 8.56 0.55
N LEU A 158 -6.01 9.36 -0.18
CA LEU A 158 -4.56 9.26 -0.12
C LEU A 158 -4.07 9.72 1.23
N ASP A 159 -4.72 10.75 1.75
CA ASP A 159 -4.38 11.23 3.07
C ASP A 159 -4.90 10.25 4.12
N HIS A 160 -6.09 9.71 3.87
CA HIS A 160 -6.67 8.73 4.78
C HIS A 160 -5.90 7.41 4.74
N LEU A 161 -5.15 7.21 3.66
CA LEU A 161 -4.37 6.01 3.49
C LEU A 161 -3.26 5.99 4.51
N LEU A 162 -2.49 7.06 4.53
CA LEU A 162 -1.40 7.20 5.46
C LEU A 162 -1.92 7.27 6.90
N GLU A 163 -3.15 7.75 7.06
CA GLU A 163 -3.80 7.75 8.38
C GLU A 163 -3.90 6.34 8.92
N MET A 164 -4.35 5.43 8.07
CA MET A 164 -4.51 4.04 8.48
C MET A 164 -3.16 3.38 8.62
N ILE A 165 -2.22 3.78 7.77
CA ILE A 165 -0.86 3.25 7.83
C ILE A 165 -0.17 3.65 9.13
N LEU A 166 -0.28 4.93 9.51
CA LEU A 166 0.36 5.41 10.73
C LEU A 166 -0.28 4.80 11.97
N LEU A 167 -1.57 4.55 11.87
CA LEU A 167 -2.28 3.78 12.89
C LEU A 167 -1.56 2.46 13.10
N VAL A 168 -1.25 1.79 12.00
CA VAL A 168 -0.52 0.55 12.03
C VAL A 168 0.90 0.75 12.56
N SER A 169 1.60 1.77 12.06
CA SER A 169 2.97 2.03 12.51
C SER A 169 3.00 2.38 14.01
N GLU A 170 1.91 2.91 14.53
CA GLU A 170 1.81 3.19 15.96
C GLU A 170 1.38 1.93 16.70
N MET A 171 0.70 1.06 15.98
CA MET A 171 0.27 -0.22 16.52
C MET A 171 1.47 -1.13 16.74
N GLU A 172 2.46 -1.02 15.84
CA GLU A 172 3.68 -1.83 15.92
C GLU A 172 4.37 -1.70 17.28
N GLU A 173 4.16 -0.56 17.93
CA GLU A 173 4.79 -0.27 19.22
C GLU A 173 4.41 -1.30 20.27
N LEU A 174 3.20 -1.19 20.83
CA LEU A 174 2.75 -2.09 21.88
C LEU A 174 1.37 -2.66 21.58
N LYS A 175 0.72 -2.12 20.57
CA LYS A 175 -0.68 -2.44 20.31
C LYS A 175 -0.83 -3.71 19.48
N ALA A 176 0.19 -4.02 18.70
CA ALA A 176 0.14 -5.13 17.76
C ALA A 176 0.29 -6.48 18.45
N ASN A 177 -0.46 -7.46 17.98
CA ASN A 177 -0.36 -8.83 18.46
C ASN A 177 0.10 -9.72 17.32
N PRO A 178 1.38 -10.14 17.32
CA PRO A 178 1.95 -10.95 16.26
C PRO A 178 1.51 -12.41 16.34
PB GDP B . -0.15 1.53 -14.38
O1B GDP B . 0.87 2.00 -13.40
O2B GDP B . -1.54 1.36 -13.77
O3B GDP B . 0.29 0.35 -15.27
O3A GDP B . -0.33 2.81 -15.44
PA GDP B . -0.09 4.34 -15.22
O1A GDP B . 0.29 5.01 -16.49
O2A GDP B . 0.74 4.64 -13.99
O5' GDP B . -1.57 4.83 -14.84
C5' GDP B . -2.72 4.11 -15.29
C4' GDP B . -3.97 4.95 -15.14
O4' GDP B . -4.41 4.93 -13.77
C3' GDP B . -3.84 6.44 -15.44
O3' GDP B . -4.10 6.70 -16.81
C2' GDP B . -4.87 7.11 -14.53
O2' GDP B . -5.97 7.60 -15.27
C1' GDP B . -5.36 5.96 -13.65
N9 GDP B . -5.53 6.31 -12.24
C8 GDP B . -4.57 6.29 -11.26
N7 GDP B . -5.02 6.66 -10.09
C5 GDP B . -6.37 6.95 -10.32
C6 GDP B . -7.38 7.39 -9.43
O6 GDP B . -7.29 7.61 -8.21
N1 GDP B . -8.60 7.55 -10.07
C2 GDP B . -8.82 7.31 -11.41
N2 GDP B . -10.06 7.55 -11.85
N3 GDP B . -7.88 6.90 -12.25
C4 GDP B . -6.70 6.73 -11.65
H5' GDP B . -2.83 3.20 -14.71
H5'' GDP B . -2.60 3.84 -16.33
H4' GDP B . -4.72 4.55 -15.84
H3' GDP B . -2.82 6.79 -15.25
HO3' GDP B . -5.00 7.03 -16.87
H2' GDP B . -4.40 7.88 -13.94
HO2' GDP B . -6.64 6.92 -15.29
H1' GDP B . -6.31 5.54 -14.00
H8 GDP B . -3.55 5.99 -11.43
HN1 GDP B . -9.39 7.86 -9.51
HN21 GDP B . -10.28 7.39 -12.83
HN22 GDP B . -10.78 7.87 -11.22
N GLY A 1 13.09 -9.96 15.86
CA GLY A 1 14.45 -9.42 16.12
C GLY A 1 14.80 -8.29 15.17
N SER A 2 15.60 -8.61 14.16
CA SER A 2 16.07 -7.63 13.18
C SER A 2 16.84 -6.51 13.85
N HIS A 3 17.97 -6.86 14.47
CA HIS A 3 18.79 -5.88 15.20
C HIS A 3 19.62 -5.03 14.24
N MET A 4 18.94 -4.45 13.26
CA MET A 4 19.57 -3.56 12.30
C MET A 4 18.74 -2.28 12.20
N VAL A 5 17.46 -2.45 11.88
CA VAL A 5 16.52 -1.33 11.86
C VAL A 5 15.15 -1.80 12.35
N GLU A 6 14.88 -1.54 13.62
CA GLU A 6 13.59 -1.92 14.20
C GLU A 6 12.46 -1.15 13.56
N ARG A 7 11.39 -1.88 13.21
CA ARG A 7 10.19 -1.30 12.61
C ARG A 7 10.52 -0.57 11.31
N PRO A 8 10.67 -1.30 10.20
CA PRO A 8 10.98 -0.72 8.90
C PRO A 8 9.81 0.09 8.35
N PRO A 9 10.00 1.40 8.15
CA PRO A 9 8.96 2.28 7.61
C PRO A 9 8.80 2.10 6.10
N VAL A 10 8.47 0.90 5.69
CA VAL A 10 8.37 0.55 4.28
C VAL A 10 7.03 -0.10 3.97
N VAL A 11 6.43 0.32 2.87
CA VAL A 11 5.14 -0.22 2.45
C VAL A 11 5.15 -0.48 0.94
N THR A 12 5.26 -1.73 0.55
CA THR A 12 5.26 -2.11 -0.86
C THR A 12 3.95 -1.73 -1.52
N ILE A 13 4.00 -1.25 -2.75
CA ILE A 13 2.78 -0.89 -3.46
C ILE A 13 2.55 -1.83 -4.65
N MET A 14 1.31 -2.23 -4.83
CA MET A 14 0.91 -3.14 -5.87
C MET A 14 -0.49 -2.79 -6.34
N GLY A 15 -0.95 -3.44 -7.40
CA GLY A 15 -2.29 -3.23 -7.87
C GLY A 15 -2.41 -3.44 -9.36
N HIS A 16 -3.58 -3.19 -9.90
CA HIS A 16 -3.81 -3.37 -11.32
C HIS A 16 -3.44 -2.12 -12.10
N VAL A 17 -3.26 -2.33 -13.40
CA VAL A 17 -2.96 -1.27 -14.34
C VAL A 17 -4.24 -0.51 -14.68
N ASP A 18 -4.09 0.77 -15.01
CA ASP A 18 -5.21 1.67 -15.28
C ASP A 18 -5.90 2.04 -13.99
N HIS A 19 -5.60 1.29 -12.92
CA HIS A 19 -5.99 1.67 -11.59
C HIS A 19 -4.89 2.56 -11.02
N GLY A 20 -3.96 2.94 -11.89
CA GLY A 20 -2.95 3.89 -11.55
C GLY A 20 -1.85 3.34 -10.68
N LYS A 21 -1.21 2.26 -11.10
CA LYS A 21 -0.16 1.66 -10.28
C LYS A 21 1.16 2.43 -10.42
N THR A 22 1.11 3.57 -11.11
CA THR A 22 2.25 4.46 -11.24
C THR A 22 1.85 5.89 -10.88
N THR A 23 0.77 6.36 -11.49
CA THR A 23 0.26 7.70 -11.23
C THR A 23 -0.05 7.89 -9.74
N LEU A 24 -0.32 6.81 -9.03
CA LEU A 24 -0.63 6.92 -7.60
C LEU A 24 0.60 7.29 -6.78
N LEU A 25 1.78 6.80 -7.17
CA LEU A 25 2.97 7.16 -6.42
C LEU A 25 3.37 8.59 -6.74
N ASP A 26 2.84 9.09 -7.84
CA ASP A 26 3.04 10.48 -8.23
C ASP A 26 2.00 11.33 -7.53
N ALA A 27 0.79 10.81 -7.54
CA ALA A 27 -0.34 11.47 -6.92
C ALA A 27 -0.14 11.57 -5.41
N ILE A 28 0.43 10.52 -4.85
CA ILE A 28 0.63 10.41 -3.42
C ILE A 28 1.75 11.33 -2.94
N ARG A 29 2.74 11.56 -3.80
CA ARG A 29 3.90 12.36 -3.46
C ARG A 29 3.56 13.84 -3.60
N HIS A 30 2.69 14.12 -4.54
CA HIS A 30 2.23 15.47 -4.81
C HIS A 30 0.93 15.77 -4.09
N SER A 31 0.67 14.99 -3.08
CA SER A 31 -0.54 15.13 -2.29
C SER A 31 -0.23 15.77 -0.93
N LYS A 32 1.04 15.74 -0.54
CA LYS A 32 1.44 16.28 0.76
C LYS A 32 2.96 16.42 0.85
N VAL A 33 3.44 16.63 2.07
CA VAL A 33 4.84 16.89 2.30
C VAL A 33 5.69 15.63 2.18
N THR A 34 6.77 15.74 1.41
CA THR A 34 7.78 14.71 1.36
C THR A 34 9.10 15.30 0.90
N GLU A 35 10.16 14.81 1.49
CA GLU A 35 11.49 15.32 1.23
C GLU A 35 12.26 14.33 0.37
N GLN A 36 12.02 13.05 0.60
CA GLN A 36 12.63 12.00 -0.20
C GLN A 36 11.68 11.60 -1.33
N GLU A 37 11.42 12.55 -2.20
CA GLU A 37 10.52 12.33 -3.33
C GLU A 37 11.29 11.80 -4.53
N ALA A 38 10.77 10.73 -5.11
CA ALA A 38 11.35 10.16 -6.32
C ALA A 38 10.24 9.79 -7.29
N GLY A 39 10.60 9.26 -8.45
CA GLY A 39 9.63 8.91 -9.44
C GLY A 39 10.26 8.44 -10.73
N GLY A 40 9.83 9.01 -11.84
CA GLY A 40 10.33 8.59 -13.14
C GLY A 40 11.44 9.48 -13.65
N ILE A 41 12.60 9.38 -13.03
CA ILE A 41 13.74 10.19 -13.42
C ILE A 41 14.63 9.45 -14.40
N THR A 42 14.93 10.11 -15.51
CA THR A 42 15.77 9.57 -16.57
C THR A 42 15.09 8.42 -17.32
N GLN A 43 14.81 7.33 -16.60
CA GLN A 43 14.13 6.17 -17.16
C GLN A 43 13.70 5.26 -16.02
N HIS A 44 14.68 4.84 -15.23
CA HIS A 44 14.43 3.96 -14.10
C HIS A 44 13.67 4.69 -13.01
N ILE A 45 12.57 4.11 -12.58
CA ILE A 45 11.75 4.70 -11.54
C ILE A 45 12.31 4.37 -10.16
N GLY A 46 11.96 5.19 -9.19
CA GLY A 46 12.42 4.98 -7.83
C GLY A 46 11.33 5.27 -6.83
N ALA A 47 11.43 4.68 -5.65
CA ALA A 47 10.41 4.86 -4.63
C ALA A 47 10.75 6.04 -3.73
N TYR A 48 9.83 6.35 -2.81
CA TYR A 48 9.90 7.60 -2.07
C TYR A 48 9.55 7.39 -0.61
N GLN A 49 9.78 8.42 0.20
CA GLN A 49 9.41 8.40 1.61
C GLN A 49 8.42 9.53 1.89
N VAL A 50 7.20 9.17 2.27
CA VAL A 50 6.16 10.17 2.52
C VAL A 50 6.21 10.67 3.97
N THR A 51 5.79 11.92 4.16
CA THR A 51 5.90 12.60 5.43
C THR A 51 4.62 13.38 5.74
N VAL A 52 3.68 12.73 6.43
CA VAL A 52 2.45 13.40 6.86
C VAL A 52 2.79 14.51 7.86
N ASN A 53 3.17 14.10 9.05
CA ASN A 53 3.73 14.97 10.03
C ASN A 53 5.25 14.83 9.98
N ASP A 54 5.67 13.60 10.18
CA ASP A 54 7.03 13.15 9.94
C ASP A 54 7.09 11.66 10.18
N LYS A 55 6.63 10.92 9.20
CA LYS A 55 6.59 9.49 9.27
C LYS A 55 6.94 8.95 7.91
N LYS A 56 8.23 8.93 7.62
CA LYS A 56 8.73 8.64 6.27
C LYS A 56 8.40 7.23 5.82
N ILE A 57 7.18 7.07 5.34
CA ILE A 57 6.73 5.80 4.79
C ILE A 57 7.32 5.61 3.41
N THR A 58 8.29 4.72 3.34
CA THR A 58 8.92 4.41 2.08
C THR A 58 8.10 3.37 1.33
N PHE A 59 7.24 3.84 0.44
CA PHE A 59 6.45 2.94 -0.37
C PHE A 59 7.34 2.23 -1.37
N LEU A 60 7.58 0.93 -1.11
CA LEU A 60 8.52 0.11 -1.87
C LEU A 60 9.97 0.42 -1.48
N ASP A 61 10.69 -0.60 -1.05
CA ASP A 61 12.08 -0.44 -0.67
C ASP A 61 13.00 -0.64 -1.87
N THR A 62 13.54 0.47 -2.37
CA THR A 62 14.44 0.45 -3.52
C THR A 62 15.66 -0.46 -3.29
N PRO A 63 16.38 -0.34 -2.14
CA PRO A 63 17.48 -1.24 -1.79
C PRO A 63 17.14 -2.71 -2.06
N GLY A 64 16.09 -3.20 -1.41
CA GLY A 64 15.61 -4.54 -1.72
C GLY A 64 15.75 -5.52 -0.57
N HIS A 65 15.14 -5.20 0.56
CA HIS A 65 15.11 -6.13 1.69
C HIS A 65 13.91 -7.06 1.57
N GLU A 66 13.02 -6.72 0.64
CA GLU A 66 11.75 -7.43 0.48
C GLU A 66 11.94 -8.68 -0.39
N ALA A 67 10.82 -9.25 -0.79
CA ALA A 67 10.81 -10.39 -1.70
C ALA A 67 9.49 -10.43 -2.46
N PHE A 68 9.01 -9.27 -2.86
CA PHE A 68 7.69 -9.16 -3.47
C PHE A 68 7.73 -8.90 -4.97
N THR A 69 8.85 -8.40 -5.48
CA THR A 69 8.98 -8.19 -6.92
C THR A 69 10.45 -8.10 -7.32
N THR A 70 10.82 -8.89 -8.34
CA THR A 70 12.20 -8.97 -8.82
C THR A 70 13.08 -9.70 -7.80
N MET A 71 13.21 -9.10 -6.63
CA MET A 71 13.89 -9.72 -5.50
C MET A 71 13.09 -10.91 -4.99
N ARG A 72 13.37 -12.09 -5.50
CA ARG A 72 12.63 -13.30 -5.13
C ARG A 72 13.57 -14.39 -4.65
N ALA A 73 14.84 -14.06 -4.47
CA ALA A 73 15.82 -15.02 -4.00
C ALA A 73 15.90 -15.00 -2.48
N ARG A 74 15.36 -13.95 -1.89
CA ARG A 74 15.33 -13.81 -0.44
C ARG A 74 14.00 -14.34 0.11
N GLY A 75 14.06 -15.00 1.25
CA GLY A 75 12.85 -15.47 1.90
C GLY A 75 12.21 -14.39 2.73
N ALA A 76 11.01 -13.97 2.36
CA ALA A 76 10.33 -12.90 3.05
C ALA A 76 9.74 -13.37 4.36
N GLN A 77 10.57 -13.43 5.39
CA GLN A 77 10.14 -13.80 6.72
C GLN A 77 10.20 -12.57 7.63
N VAL A 78 9.89 -11.43 7.05
CA VAL A 78 9.88 -10.17 7.77
C VAL A 78 8.51 -9.51 7.63
N THR A 79 8.06 -8.86 8.70
CA THR A 79 6.72 -8.31 8.74
C THR A 79 6.63 -6.96 8.03
N ASP A 80 6.75 -6.98 6.71
CA ASP A 80 6.51 -5.80 5.90
C ASP A 80 5.01 -5.71 5.60
N ILE A 81 4.60 -4.69 4.85
CA ILE A 81 3.18 -4.50 4.53
C ILE A 81 3.01 -4.16 3.05
N VAL A 82 1.99 -4.72 2.40
CA VAL A 82 1.79 -4.47 0.98
C VAL A 82 0.46 -3.79 0.69
N ILE A 83 0.55 -2.69 -0.02
CA ILE A 83 -0.62 -2.00 -0.52
C ILE A 83 -1.08 -2.60 -1.83
N LEU A 84 -2.37 -2.84 -1.93
CA LEU A 84 -2.93 -3.38 -3.13
C LEU A 84 -3.98 -2.40 -3.66
N VAL A 85 -3.67 -1.76 -4.78
CA VAL A 85 -4.55 -0.78 -5.38
C VAL A 85 -5.53 -1.42 -6.35
N VAL A 86 -6.82 -1.31 -6.02
CA VAL A 86 -7.86 -1.76 -6.91
C VAL A 86 -8.87 -0.65 -7.18
N ALA A 87 -9.06 -0.34 -8.45
CA ALA A 87 -10.08 0.61 -8.86
C ALA A 87 -11.45 0.08 -8.49
N ALA A 88 -12.28 0.92 -7.87
CA ALA A 88 -13.58 0.47 -7.41
C ALA A 88 -14.53 0.23 -8.56
N ASP A 89 -14.21 0.83 -9.68
CA ASP A 89 -15.05 0.72 -10.86
C ASP A 89 -14.63 -0.48 -11.72
N ASP A 90 -13.45 -1.02 -11.45
CA ASP A 90 -12.89 -2.10 -12.26
C ASP A 90 -12.69 -3.36 -11.43
N GLY A 91 -12.04 -3.20 -10.28
CA GLY A 91 -11.91 -4.29 -9.32
C GLY A 91 -10.67 -5.13 -9.53
N VAL A 92 -10.65 -6.32 -8.94
CA VAL A 92 -9.50 -7.21 -9.06
C VAL A 92 -9.43 -7.78 -10.47
N MET A 93 -8.23 -7.79 -11.00
CA MET A 93 -7.98 -8.13 -12.40
C MET A 93 -6.73 -8.99 -12.49
N PRO A 94 -6.36 -9.47 -13.70
CA PRO A 94 -5.20 -10.37 -13.90
C PRO A 94 -3.98 -10.00 -13.06
N GLN A 95 -3.36 -8.85 -13.32
CA GLN A 95 -2.12 -8.49 -12.66
C GLN A 95 -2.37 -8.05 -11.21
N THR A 96 -3.61 -7.73 -10.90
CA THR A 96 -3.98 -7.37 -9.54
C THR A 96 -3.87 -8.58 -8.64
N VAL A 97 -4.34 -9.71 -9.16
CA VAL A 97 -4.27 -10.95 -8.44
C VAL A 97 -2.84 -11.40 -8.26
N GLU A 98 -2.04 -11.25 -9.31
CA GLU A 98 -0.63 -11.64 -9.26
C GLU A 98 0.07 -10.94 -8.09
N ALA A 99 -0.41 -9.76 -7.75
CA ALA A 99 0.10 -9.03 -6.61
C ALA A 99 -0.36 -9.68 -5.30
N ILE A 100 -1.59 -10.16 -5.29
CA ILE A 100 -2.16 -10.78 -4.11
C ILE A 100 -1.54 -12.15 -3.93
N ASN A 101 -1.45 -12.86 -5.04
CA ASN A 101 -0.88 -14.18 -5.09
C ASN A 101 0.57 -14.18 -4.61
N HIS A 102 1.26 -13.07 -4.84
CA HIS A 102 2.61 -12.92 -4.37
C HIS A 102 2.63 -12.54 -2.90
N ALA A 103 1.65 -11.75 -2.49
CA ALA A 103 1.54 -11.30 -1.12
C ALA A 103 1.14 -12.43 -0.18
N LYS A 104 0.13 -13.21 -0.56
CA LYS A 104 -0.35 -14.29 0.29
C LYS A 104 0.67 -15.41 0.32
N ALA A 105 1.39 -15.53 -0.78
CA ALA A 105 2.51 -16.47 -0.87
C ALA A 105 3.53 -16.24 0.25
N ALA A 106 3.82 -14.97 0.54
CA ALA A 106 4.72 -14.63 1.63
C ALA A 106 3.98 -14.61 2.96
N ASN A 107 2.69 -14.28 2.87
CA ASN A 107 1.73 -14.36 3.99
C ASN A 107 1.81 -13.09 4.81
N VAL A 108 1.66 -11.98 4.09
CA VAL A 108 1.77 -10.67 4.66
C VAL A 108 0.41 -9.97 4.69
N PRO A 109 0.12 -9.21 5.74
CA PRO A 109 -1.09 -8.38 5.82
C PRO A 109 -1.09 -7.28 4.76
N ILE A 110 -2.25 -7.00 4.22
CA ILE A 110 -2.35 -6.09 3.10
C ILE A 110 -2.92 -4.74 3.52
N ILE A 111 -2.65 -3.74 2.72
CA ILE A 111 -3.24 -2.42 2.83
C ILE A 111 -3.86 -2.09 1.50
N VAL A 112 -5.08 -2.56 1.30
CA VAL A 112 -5.76 -2.30 0.06
C VAL A 112 -6.13 -0.85 -0.01
N ALA A 113 -6.13 -0.36 -1.21
CA ALA A 113 -6.43 1.01 -1.47
C ALA A 113 -7.18 1.14 -2.77
N ILE A 114 -8.48 1.27 -2.65
CA ILE A 114 -9.36 1.42 -3.77
C ILE A 114 -9.14 2.78 -4.40
N ASN A 115 -9.14 2.86 -5.71
CA ASN A 115 -8.96 4.14 -6.40
C ASN A 115 -10.19 4.35 -7.23
N LYS A 116 -10.30 5.53 -7.80
CA LYS A 116 -11.42 5.83 -8.65
C LYS A 116 -12.73 5.87 -7.88
N MET A 117 -12.63 6.26 -6.61
CA MET A 117 -13.82 6.49 -5.80
C MET A 117 -14.34 7.90 -6.06
N ASP A 118 -13.55 8.64 -6.83
CA ASP A 118 -13.99 9.93 -7.36
C ASP A 118 -15.10 9.69 -8.36
N LYS A 119 -15.05 8.52 -8.96
CA LYS A 119 -16.05 8.09 -9.92
C LYS A 119 -17.34 7.71 -9.21
N PRO A 120 -18.49 8.19 -9.71
CA PRO A 120 -19.80 7.77 -9.20
C PRO A 120 -20.05 6.29 -9.47
N GLU A 121 -19.24 5.75 -10.38
CA GLU A 121 -19.28 4.34 -10.76
C GLU A 121 -18.55 3.49 -9.74
N ALA A 122 -17.98 4.16 -8.74
CA ALA A 122 -17.23 3.50 -7.68
C ALA A 122 -18.04 2.42 -6.99
N ASN A 123 -17.51 1.22 -6.98
CA ASN A 123 -18.11 0.13 -6.23
C ASN A 123 -17.04 -0.51 -5.36
N PRO A 124 -16.71 0.18 -4.28
CA PRO A 124 -15.59 -0.22 -3.41
C PRO A 124 -15.82 -1.55 -2.75
N ASP A 125 -16.89 -1.63 -1.98
CA ASP A 125 -17.24 -2.85 -1.26
C ASP A 125 -17.38 -4.03 -2.21
N ARG A 126 -17.54 -3.76 -3.49
CA ARG A 126 -17.65 -4.84 -4.47
C ARG A 126 -16.28 -5.38 -4.77
N VAL A 127 -15.40 -4.49 -5.20
CA VAL A 127 -14.02 -4.85 -5.52
C VAL A 127 -13.27 -5.28 -4.26
N MET A 128 -13.80 -4.80 -3.15
CA MET A 128 -13.34 -5.15 -1.82
C MET A 128 -13.66 -6.61 -1.49
N GLN A 129 -14.86 -7.03 -1.85
CA GLN A 129 -15.29 -8.41 -1.61
C GLN A 129 -14.54 -9.39 -2.51
N GLU A 130 -14.17 -8.95 -3.71
CA GLU A 130 -13.39 -9.78 -4.62
C GLU A 130 -12.06 -10.12 -3.98
N LEU A 131 -11.51 -9.15 -3.26
CA LEU A 131 -10.27 -9.37 -2.56
C LEU A 131 -10.46 -10.46 -1.52
N MET A 132 -11.63 -10.51 -0.90
CA MET A 132 -11.89 -11.53 0.11
C MET A 132 -12.01 -12.92 -0.50
N GLU A 133 -12.25 -13.00 -1.80
CA GLU A 133 -12.29 -14.29 -2.45
C GLU A 133 -10.86 -14.76 -2.67
N TYR A 134 -9.95 -13.80 -2.60
CA TYR A 134 -8.52 -14.10 -2.53
C TYR A 134 -8.08 -14.05 -1.07
N ASN A 135 -9.07 -14.23 -0.19
CA ASN A 135 -8.91 -14.21 1.26
C ASN A 135 -8.24 -12.92 1.75
N LEU A 136 -8.80 -11.80 1.33
CA LEU A 136 -8.38 -10.51 1.82
C LEU A 136 -9.54 -9.78 2.45
N VAL A 137 -9.61 -9.88 3.76
CA VAL A 137 -10.75 -9.34 4.48
C VAL A 137 -10.39 -8.03 5.17
N PRO A 138 -11.12 -6.99 4.81
CA PRO A 138 -11.03 -5.68 5.41
C PRO A 138 -10.89 -5.70 6.92
N GLU A 139 -10.11 -4.76 7.39
CA GLU A 139 -9.91 -4.57 8.82
C GLU A 139 -11.14 -3.95 9.43
N GLU A 140 -11.91 -3.30 8.57
CA GLU A 140 -13.21 -2.76 8.93
C GLU A 140 -14.21 -3.89 9.14
N TRP A 141 -13.94 -5.06 8.57
CA TRP A 141 -14.85 -6.17 8.68
C TRP A 141 -14.36 -7.17 9.71
N GLY A 142 -13.04 -7.30 9.81
CA GLY A 142 -12.45 -8.19 10.79
C GLY A 142 -11.57 -9.25 10.18
N GLY A 143 -10.96 -8.94 9.04
CA GLY A 143 -10.05 -9.87 8.42
C GLY A 143 -8.61 -9.59 8.79
N ASP A 144 -7.82 -9.17 7.79
CA ASP A 144 -6.43 -8.78 8.03
C ASP A 144 -5.88 -7.95 6.87
N THR A 145 -6.53 -6.82 6.64
CA THR A 145 -6.14 -5.90 5.60
C THR A 145 -6.80 -4.55 5.80
N ILE A 146 -6.02 -3.51 6.04
CA ILE A 146 -6.57 -2.18 6.11
C ILE A 146 -7.00 -1.74 4.72
N PHE A 147 -8.29 -1.74 4.50
CA PHE A 147 -8.85 -1.34 3.22
C PHE A 147 -9.11 0.16 3.21
N CYS A 148 -8.40 0.86 2.36
CA CYS A 148 -8.66 2.27 2.17
C CYS A 148 -9.42 2.50 0.87
N LYS A 149 -10.63 3.02 0.98
CA LYS A 149 -11.43 3.36 -0.19
C LYS A 149 -11.14 4.80 -0.59
N LEU A 150 -10.36 4.98 -1.66
CA LEU A 150 -9.89 6.30 -2.01
C LEU A 150 -10.01 6.60 -3.49
N SER A 151 -9.49 7.73 -3.83
CA SER A 151 -9.35 8.19 -5.19
C SER A 151 -8.16 9.12 -5.23
N ALA A 152 -7.16 8.77 -5.99
CA ALA A 152 -6.03 9.65 -6.14
C ALA A 152 -6.36 10.73 -7.13
N LYS A 153 -7.52 10.59 -7.77
CA LYS A 153 -8.03 11.62 -8.62
C LYS A 153 -8.59 12.77 -7.76
N THR A 154 -9.51 12.46 -6.86
CA THR A 154 -10.07 13.51 -5.99
C THR A 154 -9.17 13.80 -4.80
N LYS A 155 -8.15 12.95 -4.64
CA LYS A 155 -7.11 13.16 -3.62
C LYS A 155 -7.68 13.06 -2.22
N GLU A 156 -8.56 12.12 -2.03
CA GLU A 156 -9.26 12.01 -0.76
C GLU A 156 -8.62 10.97 0.12
N GLY A 157 -8.75 9.75 -0.34
CA GLY A 157 -8.30 8.62 0.42
C GLY A 157 -6.79 8.53 0.55
N LEU A 158 -6.04 9.31 -0.22
CA LEU A 158 -4.59 9.26 -0.13
C LEU A 158 -4.15 9.81 1.22
N ASP A 159 -4.85 10.83 1.66
CA ASP A 159 -4.57 11.44 2.95
C ASP A 159 -5.02 10.49 4.05
N HIS A 160 -6.21 9.90 3.86
CA HIS A 160 -6.75 8.92 4.80
C HIS A 160 -5.92 7.64 4.80
N LEU A 161 -5.16 7.43 3.73
CA LEU A 161 -4.32 6.25 3.59
C LEU A 161 -3.22 6.25 4.64
N LEU A 162 -2.43 7.31 4.60
CA LEU A 162 -1.32 7.47 5.55
C LEU A 162 -1.83 7.39 6.97
N GLU A 163 -2.98 8.02 7.21
CA GLU A 163 -3.63 7.99 8.50
C GLU A 163 -3.87 6.56 8.98
N MET A 164 -4.38 5.72 8.09
CA MET A 164 -4.64 4.33 8.42
C MET A 164 -3.32 3.57 8.58
N ILE A 165 -2.40 3.81 7.66
CA ILE A 165 -1.09 3.17 7.68
C ILE A 165 -0.34 3.49 8.98
N LEU A 166 -0.28 4.78 9.33
CA LEU A 166 0.46 5.22 10.50
C LEU A 166 -0.28 4.84 11.78
N LEU A 167 -1.58 4.63 11.67
CA LEU A 167 -2.35 4.06 12.77
C LEU A 167 -1.85 2.66 13.05
N VAL A 168 -1.76 1.87 11.99
CA VAL A 168 -1.22 0.52 12.08
C VAL A 168 0.25 0.56 12.46
N SER A 169 1.00 1.54 11.95
CA SER A 169 2.37 1.74 12.38
C SER A 169 2.42 2.07 13.88
N GLU A 170 1.29 2.51 14.43
CA GLU A 170 1.20 2.90 15.83
C GLU A 170 0.47 1.83 16.65
N MET A 171 0.10 0.71 16.00
CA MET A 171 -0.57 -0.43 16.69
C MET A 171 0.01 -0.72 18.07
N GLU A 172 1.31 -0.49 18.25
CA GLU A 172 1.96 -0.69 19.54
C GLU A 172 1.26 0.12 20.64
N GLU A 173 0.82 1.31 20.29
CA GLU A 173 0.17 2.22 21.23
C GLU A 173 -1.35 2.16 21.09
N LEU A 174 -1.83 1.25 20.24
CA LEU A 174 -3.28 1.04 20.08
C LEU A 174 -3.91 0.71 21.42
N LYS A 175 -3.24 -0.13 22.20
CA LYS A 175 -3.74 -0.56 23.49
C LYS A 175 -3.17 0.29 24.63
N ALA A 176 -2.98 1.58 24.35
CA ALA A 176 -2.62 2.52 25.39
C ALA A 176 -3.89 3.15 25.95
N ASN A 177 -4.92 3.17 25.13
CA ASN A 177 -6.24 3.63 25.54
C ASN A 177 -7.22 2.46 25.50
N PRO A 178 -7.40 1.78 26.65
CA PRO A 178 -8.27 0.61 26.75
C PRO A 178 -9.74 0.99 26.82
PB GDP B . -0.36 2.29 -14.84
O1B GDP B . 0.06 2.66 -13.46
O2B GDP B . -1.62 1.43 -14.88
O3B GDP B . 0.78 1.75 -15.74
O3A GDP B . -0.83 3.72 -15.55
PA GDP B . -1.30 5.06 -14.89
O1A GDP B . -1.00 6.22 -15.77
O2A GDP B . -0.90 5.15 -13.44
O5' GDP B . -2.89 4.84 -14.86
C5' GDP B . -3.65 4.82 -16.07
C4' GDP B . -4.88 5.69 -15.95
O4' GDP B . -5.42 5.55 -14.61
C3' GDP B . -4.64 7.18 -16.16
O3' GDP B . -5.37 7.65 -17.29
C2' GDP B . -5.14 7.86 -14.88
O2' GDP B . -5.93 9.00 -15.16
C1' GDP B . -6.01 6.78 -14.25
N9 GDP B . -6.07 6.86 -12.79
C8 GDP B . -5.08 6.51 -11.91
N7 GDP B . -5.42 6.67 -10.66
C5 GDP B . -6.72 7.15 -10.73
C6 GDP B . -7.62 7.51 -9.68
O6 GDP B . -7.44 7.48 -8.45
N1 GDP B . -8.84 7.95 -10.17
C2 GDP B . -9.16 8.04 -11.51
N2 GDP B . -10.38 8.50 -11.80
N3 GDP B . -8.33 7.71 -12.50
C4 GDP B . -7.15 7.28 -12.03
H5' GDP B . -3.95 3.80 -16.30
H5'' GDP B . -3.04 5.19 -16.90
H4' GDP B . -5.57 5.37 -16.73
H3' GDP B . -3.60 7.41 -16.37
HO3' GDP B . -6.01 8.28 -16.97
H2' GDP B . -4.28 8.10 -14.24
HO2' GDP B . -6.76 8.89 -14.69
H1' GDP B . -7.02 6.78 -14.65
H8 GDP B . -4.11 6.14 -12.22
HN1 GDP B . -9.55 8.21 -9.51
HN21 GDP B . -10.68 8.60 -12.77
HN22 GDP B . -11.02 8.76 -11.05
N GLY A 1 24.29 -0.02 10.18
CA GLY A 1 24.38 -0.65 8.84
C GLY A 1 23.72 -2.01 8.78
N SER A 2 23.38 -2.55 9.94
CA SER A 2 22.82 -3.90 10.03
C SER A 2 21.37 -3.93 9.54
N HIS A 3 20.57 -2.94 9.95
CA HIS A 3 19.12 -2.97 9.71
C HIS A 3 18.54 -4.25 10.29
N MET A 4 18.57 -4.33 11.62
CA MET A 4 18.23 -5.55 12.32
C MET A 4 17.29 -5.28 13.49
N VAL A 5 17.59 -4.25 14.26
CA VAL A 5 16.81 -3.94 15.46
C VAL A 5 15.84 -2.80 15.20
N GLU A 6 16.13 -1.98 14.20
CA GLU A 6 15.25 -0.88 13.86
C GLU A 6 14.17 -1.32 12.88
N ARG A 7 12.97 -0.81 13.07
CA ARG A 7 11.86 -1.15 12.20
C ARG A 7 11.51 0.01 11.27
N PRO A 8 11.85 -0.13 9.98
CA PRO A 8 11.56 0.87 8.97
C PRO A 8 10.24 0.63 8.26
N PRO A 9 9.29 1.57 8.38
CA PRO A 9 7.99 1.48 7.70
C PRO A 9 8.15 1.62 6.19
N VAL A 10 8.31 0.51 5.50
CA VAL A 10 8.46 0.53 4.06
C VAL A 10 7.10 0.66 3.36
N VAL A 11 6.27 -0.36 3.47
CA VAL A 11 4.95 -0.37 2.82
C VAL A 11 5.09 -0.40 1.30
N THR A 12 5.07 -1.60 0.74
CA THR A 12 5.22 -1.78 -0.69
C THR A 12 3.91 -1.50 -1.41
N ILE A 13 3.97 -0.96 -2.62
CA ILE A 13 2.77 -0.66 -3.37
C ILE A 13 2.60 -1.65 -4.53
N MET A 14 1.37 -2.11 -4.71
CA MET A 14 1.01 -3.05 -5.74
C MET A 14 -0.40 -2.72 -6.25
N GLY A 15 -0.87 -3.44 -7.25
CA GLY A 15 -2.19 -3.20 -7.75
C GLY A 15 -2.26 -3.29 -9.26
N HIS A 16 -3.45 -3.14 -9.80
CA HIS A 16 -3.64 -3.30 -11.23
C HIS A 16 -3.25 -2.02 -11.99
N VAL A 17 -2.99 -2.20 -13.26
CA VAL A 17 -2.70 -1.10 -14.17
C VAL A 17 -3.98 -0.32 -14.46
N ASP A 18 -3.83 0.97 -14.75
CA ASP A 18 -4.98 1.86 -15.02
C ASP A 18 -5.69 2.21 -13.72
N HIS A 19 -5.57 1.35 -12.72
CA HIS A 19 -6.04 1.66 -11.39
C HIS A 19 -5.04 2.60 -10.74
N GLY A 20 -3.84 2.65 -11.31
CA GLY A 20 -2.83 3.57 -10.86
C GLY A 20 -1.57 2.91 -10.37
N LYS A 21 -0.85 2.26 -11.26
CA LYS A 21 0.46 1.74 -10.90
C LYS A 21 1.43 2.89 -10.59
N THR A 22 1.84 3.60 -11.62
CA THR A 22 2.77 4.72 -11.45
C THR A 22 2.03 6.01 -11.12
N THR A 23 0.82 6.15 -11.65
CA THR A 23 0.01 7.34 -11.43
C THR A 23 -0.25 7.58 -9.94
N LEU A 24 -0.26 6.53 -9.14
CA LEU A 24 -0.49 6.66 -7.71
C LEU A 24 0.75 7.19 -7.04
N LEU A 25 1.90 6.74 -7.53
CA LEU A 25 3.17 7.20 -7.01
C LEU A 25 3.44 8.62 -7.47
N ASP A 26 2.61 9.11 -8.38
CA ASP A 26 2.71 10.47 -8.85
C ASP A 26 1.68 11.30 -8.13
N ALA A 27 0.49 10.73 -8.04
CA ALA A 27 -0.62 11.37 -7.37
C ALA A 27 -0.28 11.60 -5.91
N ILE A 28 0.41 10.62 -5.35
CA ILE A 28 0.78 10.62 -3.95
C ILE A 28 1.80 11.73 -3.65
N ARG A 29 2.70 11.97 -4.61
CA ARG A 29 3.69 13.04 -4.47
C ARG A 29 3.00 14.38 -4.60
N HIS A 30 2.10 14.46 -5.56
CA HIS A 30 1.37 15.69 -5.84
C HIS A 30 0.23 15.90 -4.86
N SER A 31 0.32 15.20 -3.77
CA SER A 31 -0.62 15.34 -2.67
C SER A 31 0.05 16.09 -1.52
N LYS A 32 1.28 15.68 -1.21
CA LYS A 32 2.01 16.27 -0.10
C LYS A 32 3.42 15.71 -0.05
N VAL A 33 4.09 15.90 1.08
CA VAL A 33 5.49 15.52 1.30
C VAL A 33 6.42 15.97 0.16
N THR A 34 6.58 15.16 -0.87
CA THR A 34 7.53 15.45 -1.93
C THR A 34 6.86 16.08 -3.13
N GLU A 35 7.17 17.34 -3.36
CA GLU A 35 6.65 18.06 -4.52
C GLU A 35 7.55 17.79 -5.72
N GLN A 36 8.84 17.72 -5.43
CA GLN A 36 9.86 17.48 -6.46
C GLN A 36 11.20 17.25 -5.76
N GLU A 37 11.42 18.04 -4.72
CA GLU A 37 12.62 17.99 -3.94
C GLU A 37 12.29 17.64 -2.49
N ALA A 38 13.34 17.46 -1.67
CA ALA A 38 13.20 17.28 -0.23
C ALA A 38 12.47 15.98 0.13
N GLY A 39 12.24 15.79 1.42
CA GLY A 39 11.51 14.63 1.88
C GLY A 39 12.38 13.40 2.01
N GLY A 40 12.91 12.96 0.88
CA GLY A 40 13.74 11.77 0.85
C GLY A 40 13.62 11.04 -0.47
N ILE A 41 14.14 11.66 -1.52
CA ILE A 41 14.03 11.12 -2.85
C ILE A 41 15.19 11.55 -3.74
N THR A 42 15.79 10.59 -4.42
CA THR A 42 16.78 10.88 -5.44
C THR A 42 16.21 10.53 -6.80
N GLN A 43 16.55 11.32 -7.81
CA GLN A 43 15.96 11.16 -9.14
C GLN A 43 16.57 9.97 -9.90
N HIS A 44 17.05 8.97 -9.16
CA HIS A 44 17.56 7.75 -9.76
C HIS A 44 17.13 6.56 -8.92
N ILE A 45 15.99 6.72 -8.26
CA ILE A 45 15.48 5.71 -7.33
C ILE A 45 14.01 5.43 -7.65
N GLY A 46 13.55 4.27 -7.22
CA GLY A 46 12.15 3.92 -7.40
C GLY A 46 11.38 4.11 -6.11
N ALA A 47 10.22 4.78 -6.20
CA ALA A 47 9.44 5.15 -5.02
C ALA A 47 10.19 6.19 -4.20
N TYR A 48 9.73 6.42 -2.98
CA TYR A 48 10.26 7.50 -2.17
C TYR A 48 9.83 7.33 -0.72
N GLN A 49 10.31 8.22 0.14
CA GLN A 49 9.97 8.17 1.55
C GLN A 49 8.84 9.15 1.84
N VAL A 50 7.70 8.60 2.25
CA VAL A 50 6.54 9.43 2.56
C VAL A 50 6.73 10.09 3.93
N THR A 51 5.97 11.15 4.16
CA THR A 51 6.08 11.95 5.37
C THR A 51 4.74 12.64 5.61
N VAL A 52 3.80 11.91 6.23
CA VAL A 52 2.49 12.46 6.54
C VAL A 52 2.62 13.72 7.39
N ASN A 53 3.08 13.54 8.60
CA ASN A 53 3.47 14.62 9.45
C ASN A 53 4.98 14.70 9.39
N ASP A 54 5.60 13.61 9.82
CA ASP A 54 7.04 13.42 9.67
C ASP A 54 7.37 11.94 9.83
N LYS A 55 6.52 11.10 9.27
CA LYS A 55 6.64 9.66 9.46
C LYS A 55 7.14 9.02 8.17
N LYS A 56 8.38 8.55 8.21
CA LYS A 56 9.04 8.01 7.03
C LYS A 56 8.39 6.72 6.57
N ILE A 57 7.88 6.74 5.35
CA ILE A 57 7.30 5.56 4.73
C ILE A 57 7.92 5.36 3.36
N THR A 58 8.98 4.55 3.29
CA THR A 58 9.65 4.34 2.03
C THR A 58 9.04 3.16 1.29
N PHE A 59 8.10 3.48 0.42
CA PHE A 59 7.33 2.49 -0.35
C PHE A 59 8.22 1.43 -1.06
N LEU A 60 9.50 1.74 -1.26
CA LEU A 60 10.41 0.78 -1.85
C LEU A 60 11.81 0.93 -1.26
N ASP A 61 12.13 0.11 -0.26
CA ASP A 61 13.44 0.14 0.36
C ASP A 61 13.91 -1.27 0.73
N THR A 62 13.31 -1.83 1.76
CA THR A 62 13.70 -3.14 2.25
C THR A 62 12.53 -4.13 2.21
N PRO A 63 12.72 -5.24 1.50
CA PRO A 63 11.77 -6.33 1.47
C PRO A 63 11.95 -7.26 2.67
N GLY A 64 10.84 -7.63 3.29
CA GLY A 64 10.90 -8.52 4.42
C GLY A 64 10.87 -9.97 3.99
N HIS A 65 9.68 -10.47 3.69
CA HIS A 65 9.50 -11.88 3.33
C HIS A 65 10.13 -12.23 1.99
N GLU A 66 11.44 -12.45 2.02
CA GLU A 66 12.20 -12.99 0.90
C GLU A 66 12.41 -11.98 -0.21
N ALA A 67 11.32 -11.54 -0.84
CA ALA A 67 11.37 -10.66 -1.99
C ALA A 67 9.98 -10.51 -2.58
N PHE A 68 9.55 -9.28 -2.75
CA PHE A 68 8.37 -9.00 -3.56
C PHE A 68 8.78 -8.80 -5.01
N THR A 69 7.82 -8.42 -5.85
CA THR A 69 8.01 -8.35 -7.29
C THR A 69 9.15 -7.40 -7.68
N THR A 70 9.00 -6.13 -7.36
CA THR A 70 9.98 -5.13 -7.76
C THR A 70 11.10 -4.98 -6.72
N MET A 71 11.56 -6.11 -6.18
CA MET A 71 12.58 -6.09 -5.15
C MET A 71 13.65 -7.15 -5.39
N ARG A 72 14.89 -6.70 -5.50
CA ARG A 72 16.05 -7.58 -5.65
C ARG A 72 17.09 -7.27 -4.58
N ALA A 73 16.62 -6.78 -3.44
CA ALA A 73 17.52 -6.25 -2.42
C ALA A 73 17.95 -7.34 -1.43
N ARG A 74 17.05 -7.70 -0.52
CA ARG A 74 17.40 -8.59 0.59
C ARG A 74 16.25 -9.54 0.91
N GLY A 75 16.46 -10.39 1.90
CA GLY A 75 15.42 -11.30 2.34
C GLY A 75 15.51 -11.56 3.84
N ALA A 76 14.52 -11.08 4.58
CA ALA A 76 14.53 -11.18 6.04
C ALA A 76 13.17 -11.69 6.53
N GLN A 77 12.82 -11.34 7.77
CA GLN A 77 11.56 -11.74 8.37
C GLN A 77 10.86 -10.54 8.99
N VAL A 78 10.80 -9.44 8.23
CA VAL A 78 10.20 -8.20 8.68
C VAL A 78 8.68 -8.26 8.50
N THR A 79 7.97 -7.44 9.26
CA THR A 79 6.52 -7.35 9.13
C THR A 79 6.15 -6.56 7.88
N ASP A 80 6.11 -7.25 6.74
CA ASP A 80 5.78 -6.62 5.47
C ASP A 80 4.36 -6.09 5.47
N ILE A 81 4.19 -4.96 4.83
CA ILE A 81 2.88 -4.39 4.61
C ILE A 81 2.78 -3.94 3.16
N VAL A 82 1.85 -4.50 2.42
CA VAL A 82 1.71 -4.14 1.02
C VAL A 82 0.38 -3.45 0.77
N ILE A 83 0.44 -2.37 0.01
CA ILE A 83 -0.73 -1.69 -0.45
C ILE A 83 -1.17 -2.24 -1.77
N LEU A 84 -2.42 -2.59 -1.85
CA LEU A 84 -2.95 -3.16 -3.04
C LEU A 84 -3.99 -2.19 -3.62
N VAL A 85 -3.62 -1.53 -4.70
CA VAL A 85 -4.45 -0.53 -5.33
C VAL A 85 -5.42 -1.17 -6.31
N VAL A 86 -6.69 -1.17 -5.94
CA VAL A 86 -7.76 -1.62 -6.82
C VAL A 86 -8.75 -0.51 -7.06
N ALA A 87 -8.94 -0.16 -8.31
CA ALA A 87 -9.93 0.83 -8.68
C ALA A 87 -11.32 0.27 -8.47
N ALA A 88 -12.17 1.01 -7.78
CA ALA A 88 -13.48 0.51 -7.38
C ALA A 88 -14.39 0.32 -8.57
N ASP A 89 -14.02 0.91 -9.68
CA ASP A 89 -14.82 0.79 -10.88
C ASP A 89 -14.44 -0.45 -11.70
N ASP A 90 -13.39 -1.14 -11.28
CA ASP A 90 -12.87 -2.28 -12.03
C ASP A 90 -12.61 -3.49 -11.13
N GLY A 91 -11.90 -3.27 -10.02
CA GLY A 91 -11.72 -4.33 -9.03
C GLY A 91 -10.42 -5.09 -9.20
N VAL A 92 -10.44 -6.37 -8.84
CA VAL A 92 -9.28 -7.22 -8.97
C VAL A 92 -9.19 -7.78 -10.39
N MET A 93 -8.00 -7.66 -10.94
CA MET A 93 -7.74 -7.99 -12.32
C MET A 93 -6.51 -8.89 -12.41
N PRO A 94 -6.13 -9.36 -13.62
CA PRO A 94 -4.97 -10.24 -13.83
C PRO A 94 -3.75 -9.90 -12.96
N GLN A 95 -3.14 -8.74 -13.20
CA GLN A 95 -1.89 -8.40 -12.53
C GLN A 95 -2.14 -8.01 -11.08
N THR A 96 -3.40 -7.73 -10.76
CA THR A 96 -3.80 -7.39 -9.40
C THR A 96 -3.71 -8.63 -8.54
N VAL A 97 -4.17 -9.75 -9.09
CA VAL A 97 -4.14 -11.01 -8.40
C VAL A 97 -2.72 -11.46 -8.11
N GLU A 98 -1.83 -11.26 -9.07
CA GLU A 98 -0.44 -11.68 -8.91
C GLU A 98 0.18 -11.01 -7.68
N ALA A 99 -0.26 -9.79 -7.41
CA ALA A 99 0.19 -9.08 -6.23
C ALA A 99 -0.38 -9.72 -4.97
N ILE A 100 -1.59 -10.26 -5.08
CA ILE A 100 -2.24 -10.89 -3.94
C ILE A 100 -1.60 -12.24 -3.69
N ASN A 101 -1.35 -12.95 -4.78
CA ASN A 101 -0.76 -14.26 -4.73
C ASN A 101 0.64 -14.23 -4.20
N HIS A 102 1.30 -13.10 -4.34
CA HIS A 102 2.63 -12.93 -3.83
C HIS A 102 2.58 -12.57 -2.34
N ALA A 103 1.61 -11.74 -1.99
CA ALA A 103 1.48 -11.27 -0.62
C ALA A 103 0.93 -12.35 0.30
N LYS A 104 -0.12 -13.05 -0.11
CA LYS A 104 -0.76 -14.04 0.77
C LYS A 104 0.08 -15.29 0.86
N ALA A 105 0.84 -15.52 -0.20
CA ALA A 105 1.81 -16.61 -0.20
C ALA A 105 2.79 -16.45 0.96
N ALA A 106 3.27 -15.23 1.16
CA ALA A 106 4.14 -14.93 2.29
C ALA A 106 3.33 -14.76 3.57
N ASN A 107 2.05 -14.45 3.40
CA ASN A 107 1.07 -14.29 4.48
C ASN A 107 1.20 -12.91 5.06
N VAL A 108 1.45 -11.99 4.16
CA VAL A 108 1.63 -10.61 4.49
C VAL A 108 0.29 -9.94 4.74
N PRO A 109 0.23 -9.09 5.78
CA PRO A 109 -0.93 -8.23 6.00
C PRO A 109 -1.02 -7.15 4.93
N ILE A 110 -2.23 -6.88 4.48
CA ILE A 110 -2.38 -5.98 3.36
C ILE A 110 -3.02 -4.66 3.76
N ILE A 111 -2.72 -3.67 2.95
CA ILE A 111 -3.36 -2.36 3.01
C ILE A 111 -3.97 -2.11 1.66
N VAL A 112 -5.15 -2.65 1.44
CA VAL A 112 -5.83 -2.45 0.20
C VAL A 112 -6.27 -1.02 0.10
N ALA A 113 -6.24 -0.54 -1.08
CA ALA A 113 -6.60 0.82 -1.33
C ALA A 113 -7.40 0.93 -2.60
N ILE A 114 -8.69 1.09 -2.41
CA ILE A 114 -9.60 1.30 -3.49
C ILE A 114 -9.33 2.67 -4.08
N ASN A 115 -9.31 2.75 -5.38
CA ASN A 115 -9.05 4.01 -6.07
C ASN A 115 -10.19 4.27 -6.99
N LYS A 116 -10.26 5.48 -7.49
CA LYS A 116 -11.30 5.84 -8.40
C LYS A 116 -12.65 5.91 -7.70
N MET A 117 -12.62 6.28 -6.42
CA MET A 117 -13.83 6.53 -5.66
C MET A 117 -14.28 7.95 -5.91
N ASP A 118 -13.47 8.66 -6.67
CA ASP A 118 -13.84 9.95 -7.22
C ASP A 118 -14.93 9.75 -8.25
N LYS A 119 -14.85 8.62 -8.94
CA LYS A 119 -15.88 8.20 -9.87
C LYS A 119 -17.12 7.76 -9.12
N PRO A 120 -18.29 8.27 -9.49
CA PRO A 120 -19.57 7.81 -8.92
C PRO A 120 -19.86 6.37 -9.32
N GLU A 121 -19.10 5.91 -10.29
CA GLU A 121 -19.18 4.56 -10.82
C GLU A 121 -18.39 3.61 -9.94
N ALA A 122 -17.75 4.17 -8.91
CA ALA A 122 -16.98 3.41 -7.94
C ALA A 122 -17.85 2.42 -7.19
N ASN A 123 -17.40 1.17 -7.13
CA ASN A 123 -18.08 0.15 -6.35
C ASN A 123 -17.08 -0.47 -5.38
N PRO A 124 -16.79 0.26 -4.30
CA PRO A 124 -15.73 -0.12 -3.36
C PRO A 124 -16.03 -1.39 -2.61
N ASP A 125 -17.18 -1.40 -1.97
CA ASP A 125 -17.65 -2.56 -1.24
C ASP A 125 -17.63 -3.79 -2.14
N ARG A 126 -17.81 -3.57 -3.43
CA ARG A 126 -17.82 -4.68 -4.36
C ARG A 126 -16.41 -5.15 -4.59
N VAL A 127 -15.57 -4.24 -5.03
CA VAL A 127 -14.21 -4.57 -5.38
C VAL A 127 -13.42 -5.07 -4.16
N MET A 128 -13.79 -4.62 -2.97
CA MET A 128 -13.12 -5.11 -1.76
C MET A 128 -13.57 -6.54 -1.45
N GLN A 129 -14.75 -6.92 -1.94
CA GLN A 129 -15.20 -8.31 -1.85
C GLN A 129 -14.38 -9.21 -2.77
N GLU A 130 -13.94 -8.66 -3.90
CA GLU A 130 -13.11 -9.39 -4.84
C GLU A 130 -11.78 -9.73 -4.19
N LEU A 131 -11.35 -8.86 -3.30
CA LEU A 131 -10.15 -9.11 -2.54
C LEU A 131 -10.33 -10.32 -1.66
N MET A 132 -11.52 -10.45 -1.05
CA MET A 132 -11.75 -11.62 -0.21
C MET A 132 -11.95 -12.85 -1.07
N GLU A 133 -12.16 -12.64 -2.36
CA GLU A 133 -12.22 -13.73 -3.31
C GLU A 133 -10.83 -14.33 -3.41
N TYR A 134 -9.85 -13.48 -3.13
CA TYR A 134 -8.48 -13.93 -3.02
C TYR A 134 -8.01 -13.89 -1.56
N ASN A 135 -8.97 -14.18 -0.66
CA ASN A 135 -8.70 -14.35 0.77
C ASN A 135 -8.13 -13.07 1.40
N LEU A 136 -8.72 -11.94 1.03
CA LEU A 136 -8.37 -10.67 1.63
C LEU A 136 -9.58 -10.00 2.25
N VAL A 137 -9.73 -10.17 3.53
CA VAL A 137 -10.90 -9.67 4.22
C VAL A 137 -10.60 -8.35 4.92
N PRO A 138 -11.35 -7.31 4.56
CA PRO A 138 -11.31 -6.01 5.20
C PRO A 138 -11.24 -6.07 6.71
N GLU A 139 -10.49 -5.15 7.26
CA GLU A 139 -10.36 -5.02 8.70
C GLU A 139 -11.64 -4.44 9.28
N GLU A 140 -12.45 -3.85 8.40
CA GLU A 140 -13.78 -3.42 8.75
C GLU A 140 -14.68 -4.64 8.98
N TRP A 141 -14.29 -5.78 8.42
CA TRP A 141 -15.09 -6.98 8.52
C TRP A 141 -14.43 -8.01 9.42
N GLY A 142 -13.14 -7.83 9.66
CA GLY A 142 -12.43 -8.68 10.58
C GLY A 142 -11.59 -9.76 9.91
N GLY A 143 -11.06 -9.45 8.74
CA GLY A 143 -10.12 -10.36 8.10
C GLY A 143 -8.70 -10.09 8.49
N ASP A 144 -7.90 -9.59 7.56
CA ASP A 144 -6.54 -9.14 7.88
C ASP A 144 -5.99 -8.21 6.80
N THR A 145 -6.68 -7.10 6.61
CA THR A 145 -6.28 -6.11 5.65
C THR A 145 -6.99 -4.78 5.88
N ILE A 146 -6.23 -3.73 6.15
CA ILE A 146 -6.81 -2.41 6.24
C ILE A 146 -7.19 -1.94 4.84
N PHE A 147 -8.48 -1.94 4.58
CA PHE A 147 -9.01 -1.53 3.31
C PHE A 147 -9.28 -0.03 3.29
N CYS A 148 -8.57 0.68 2.45
CA CYS A 148 -8.78 2.10 2.27
C CYS A 148 -9.59 2.35 1.00
N LYS A 149 -10.77 2.88 1.15
CA LYS A 149 -11.67 3.12 0.02
C LYS A 149 -11.50 4.55 -0.47
N LEU A 150 -10.51 4.77 -1.34
CA LEU A 150 -10.03 6.11 -1.61
C LEU A 150 -10.13 6.48 -3.09
N SER A 151 -9.64 7.66 -3.36
CA SER A 151 -9.64 8.26 -4.67
C SER A 151 -8.42 9.16 -4.78
N ALA A 152 -7.45 8.74 -5.56
CA ALA A 152 -6.27 9.57 -5.76
C ALA A 152 -6.58 10.71 -6.71
N LYS A 153 -7.71 10.58 -7.41
CA LYS A 153 -8.15 11.64 -8.30
C LYS A 153 -8.75 12.80 -7.52
N THR A 154 -9.71 12.53 -6.64
CA THR A 154 -10.30 13.61 -5.84
C THR A 154 -9.40 14.00 -4.68
N LYS A 155 -8.36 13.18 -4.47
CA LYS A 155 -7.35 13.46 -3.45
C LYS A 155 -7.95 13.35 -2.07
N GLU A 156 -8.74 12.33 -1.89
CA GLU A 156 -9.51 12.16 -0.68
C GLU A 156 -8.88 11.07 0.18
N GLY A 157 -8.87 9.88 -0.36
CA GLY A 157 -8.41 8.74 0.38
C GLY A 157 -6.91 8.65 0.46
N LEU A 158 -6.20 9.46 -0.33
CA LEU A 158 -4.75 9.44 -0.28
C LEU A 158 -4.25 9.96 1.05
N ASP A 159 -4.92 11.00 1.53
CA ASP A 159 -4.57 11.57 2.82
C ASP A 159 -5.02 10.63 3.92
N HIS A 160 -6.19 10.01 3.72
CA HIS A 160 -6.70 9.03 4.67
C HIS A 160 -5.88 7.73 4.64
N LEU A 161 -5.16 7.52 3.54
CA LEU A 161 -4.32 6.33 3.38
C LEU A 161 -3.19 6.36 4.38
N LEU A 162 -2.45 7.46 4.37
CA LEU A 162 -1.34 7.65 5.28
C LEU A 162 -1.80 7.51 6.73
N GLU A 163 -3.00 8.02 6.99
CA GLU A 163 -3.62 7.88 8.31
C GLU A 163 -3.65 6.42 8.75
N MET A 164 -4.17 5.56 7.89
CA MET A 164 -4.29 4.14 8.21
C MET A 164 -2.91 3.49 8.25
N ILE A 165 -2.02 3.95 7.40
CA ILE A 165 -0.66 3.45 7.37
C ILE A 165 0.05 3.70 8.69
N LEU A 166 0.03 4.94 9.16
CA LEU A 166 0.73 5.30 10.38
C LEU A 166 0.10 4.61 11.58
N LEU A 167 -1.20 4.43 11.53
CA LEU A 167 -1.89 3.66 12.55
C LEU A 167 -1.25 2.29 12.68
N VAL A 168 -1.09 1.62 11.55
CA VAL A 168 -0.42 0.34 11.51
C VAL A 168 1.06 0.48 11.89
N SER A 169 1.69 1.56 11.41
CA SER A 169 3.10 1.82 11.72
C SER A 169 3.33 2.02 13.22
N GLU A 170 2.28 2.36 13.96
CA GLU A 170 2.40 2.51 15.41
C GLU A 170 1.76 1.32 16.13
N MET A 171 0.88 0.61 15.44
CA MET A 171 0.20 -0.54 16.04
C MET A 171 1.16 -1.72 16.16
N GLU A 172 2.29 -1.64 15.49
CA GLU A 172 3.32 -2.66 15.60
C GLU A 172 3.90 -2.67 17.02
N GLU A 173 3.74 -1.55 17.71
CA GLU A 173 4.18 -1.44 19.09
C GLU A 173 2.98 -1.60 20.03
N LEU A 174 1.79 -1.49 19.47
CA LEU A 174 0.56 -1.46 20.26
C LEU A 174 -0.51 -2.38 19.65
N LYS A 175 -0.11 -3.62 19.35
CA LYS A 175 -1.00 -4.59 18.70
C LYS A 175 -2.41 -4.57 19.28
N ALA A 176 -3.40 -4.50 18.40
CA ALA A 176 -4.80 -4.39 18.81
C ALA A 176 -5.43 -5.75 19.05
N ASN A 177 -4.63 -6.68 19.55
CA ASN A 177 -5.09 -8.03 19.82
C ASN A 177 -5.58 -8.15 21.26
N PRO A 178 -6.86 -8.50 21.44
CA PRO A 178 -7.45 -8.68 22.77
C PRO A 178 -6.95 -9.96 23.43
PB GDP B . -0.08 2.40 -14.97
O1B GDP B . 0.46 1.42 -15.94
O2B GDP B . 0.99 3.05 -14.10
O3B GDP B . -1.31 1.95 -14.18
O3A GDP B . -0.63 3.65 -15.91
PA GDP B . -0.62 5.21 -15.66
O1A GDP B . -0.38 5.96 -16.91
O2A GDP B . 0.19 5.59 -14.45
O5' GDP B . -2.16 5.45 -15.24
C5' GDP B . -3.22 4.89 -16.02
C4' GDP B . -4.51 5.64 -15.79
O4' GDP B . -4.88 5.57 -14.39
C3' GDP B . -4.50 7.12 -16.12
O3' GDP B . -5.12 7.37 -17.38
C2' GDP B . -5.27 7.81 -14.98
O2' GDP B . -6.38 8.55 -15.47
C1' GDP B . -5.78 6.63 -14.15
N9 GDP B . -5.81 6.91 -12.72
C8 GDP B . -4.75 6.84 -11.86
N7 GDP B . -5.06 7.16 -10.63
C5 GDP B . -6.41 7.45 -10.68
C6 GDP B . -7.30 7.85 -9.66
O6 GDP B . -7.04 8.09 -8.48
N1 GDP B . -8.60 8.03 -10.12
C2 GDP B . -8.98 7.86 -11.43
N2 GDP B . -10.27 8.10 -11.70
N3 GDP B . -8.16 7.49 -12.41
C4 GDP B . -6.90 7.29 -11.96
H5' GDP B . -3.36 3.84 -15.74
H5'' GDP B . -2.96 4.95 -17.08
H4' GDP B . -5.27 5.19 -16.44
H3' GDP B . -3.48 7.50 -16.22
HO3' GDP B . -6.06 7.38 -17.23
H2' GDP B . -4.59 8.44 -14.40
HO2' GDP B . -6.65 9.15 -14.78
H1' GDP B . -6.77 6.30 -14.47
H8 GDP B . -3.76 6.54 -12.15
HN1 GDP B . -9.31 8.25 -9.43
HN21 GDP B . -10.62 8.00 -12.65
HN22 GDP B . -10.89 8.39 -10.96
N GLY A 1 26.11 3.96 11.31
CA GLY A 1 25.57 2.69 10.79
C GLY A 1 24.31 2.27 11.53
N SER A 2 23.26 3.06 11.40
CA SER A 2 22.03 2.83 12.15
C SER A 2 21.18 1.74 11.51
N HIS A 3 21.74 0.53 11.44
CA HIS A 3 21.02 -0.61 10.88
C HIS A 3 20.13 -1.25 11.92
N MET A 4 20.74 -1.72 13.01
CA MET A 4 20.01 -2.44 14.06
C MET A 4 19.16 -1.50 14.91
N VAL A 5 19.30 -0.19 14.70
CA VAL A 5 18.54 0.79 15.45
C VAL A 5 17.05 0.70 15.14
N GLU A 6 16.71 1.03 13.90
CA GLU A 6 15.32 0.99 13.47
C GLU A 6 15.23 0.55 12.01
N ARG A 7 14.39 -0.43 11.76
CA ARG A 7 14.14 -0.92 10.42
C ARG A 7 12.68 -0.71 10.05
N PRO A 8 12.38 0.38 9.34
CA PRO A 8 11.02 0.72 8.94
C PRO A 8 10.46 -0.24 7.90
N PRO A 9 9.26 -0.79 8.16
CA PRO A 9 8.59 -1.72 7.24
C PRO A 9 8.34 -1.07 5.88
N VAL A 10 8.60 -1.81 4.82
CA VAL A 10 8.37 -1.29 3.48
C VAL A 10 6.89 -1.39 3.13
N VAL A 11 6.41 -0.40 2.40
CA VAL A 11 5.02 -0.39 1.96
C VAL A 11 4.96 -0.56 0.45
N THR A 12 4.83 -1.80 0.01
CA THR A 12 4.84 -2.10 -1.40
C THR A 12 3.51 -1.77 -2.07
N ILE A 13 3.55 -0.93 -3.09
CA ILE A 13 2.34 -0.56 -3.82
C ILE A 13 2.17 -1.46 -5.03
N MET A 14 1.18 -2.34 -4.96
CA MET A 14 0.87 -3.22 -6.07
C MET A 14 -0.60 -3.17 -6.37
N GLY A 15 -1.01 -3.81 -7.45
CA GLY A 15 -2.38 -3.78 -7.86
C GLY A 15 -2.50 -3.90 -9.36
N HIS A 16 -3.61 -3.44 -9.90
CA HIS A 16 -3.82 -3.53 -11.34
C HIS A 16 -3.40 -2.24 -12.05
N VAL A 17 -3.18 -2.38 -13.34
CA VAL A 17 -2.85 -1.28 -14.22
C VAL A 17 -4.10 -0.50 -14.59
N ASP A 18 -3.92 0.78 -14.88
CA ASP A 18 -5.01 1.69 -15.23
C ASP A 18 -5.81 2.05 -13.98
N HIS A 19 -5.69 1.21 -12.95
CA HIS A 19 -6.16 1.57 -11.62
C HIS A 19 -5.24 2.62 -11.06
N GLY A 20 -4.03 2.68 -11.62
CA GLY A 20 -3.11 3.75 -11.32
C GLY A 20 -1.89 3.31 -10.55
N LYS A 21 -1.12 2.39 -11.11
CA LYS A 21 0.13 2.00 -10.48
C LYS A 21 1.06 3.21 -10.30
N THR A 22 1.48 3.82 -11.41
CA THR A 22 2.42 4.93 -11.38
C THR A 22 1.78 6.20 -10.83
N THR A 23 0.54 6.45 -11.24
CA THR A 23 -0.16 7.67 -10.86
C THR A 23 -0.36 7.78 -9.35
N LEU A 24 -0.42 6.64 -8.66
CA LEU A 24 -0.70 6.64 -7.24
C LEU A 24 0.48 7.20 -6.48
N LEU A 25 1.62 6.56 -6.69
CA LEU A 25 2.87 6.93 -6.05
C LEU A 25 3.34 8.30 -6.51
N ASP A 26 2.74 8.83 -7.57
CA ASP A 26 3.12 10.14 -8.09
C ASP A 26 2.15 11.18 -7.58
N ALA A 27 0.90 10.79 -7.50
CA ALA A 27 -0.15 11.66 -6.99
C ALA A 27 0.03 11.83 -5.49
N ILE A 28 0.52 10.77 -4.87
CA ILE A 28 0.75 10.76 -3.45
C ILE A 28 1.97 11.63 -3.11
N ARG A 29 2.85 11.84 -4.10
CA ARG A 29 3.93 12.81 -3.98
C ARG A 29 3.35 14.20 -3.87
N HIS A 30 2.42 14.48 -4.77
CA HIS A 30 1.87 15.82 -4.94
C HIS A 30 0.70 16.04 -4.00
N SER A 31 0.78 15.35 -2.89
CA SER A 31 -0.20 15.49 -1.83
C SER A 31 0.41 16.34 -0.72
N LYS A 32 1.68 16.07 -0.42
CA LYS A 32 2.44 16.81 0.57
C LYS A 32 3.83 16.23 0.67
N VAL A 33 4.58 16.62 1.71
CA VAL A 33 6.03 16.33 1.88
C VAL A 33 6.85 16.69 0.63
N THR A 34 6.74 15.90 -0.41
CA THR A 34 7.43 16.15 -1.66
C THR A 34 6.66 17.17 -2.49
N GLU A 35 7.38 18.00 -3.22
CA GLU A 35 6.76 18.99 -4.08
C GLU A 35 6.67 18.47 -5.50
N GLN A 36 7.78 17.95 -5.98
CA GLN A 36 7.86 17.37 -7.31
C GLN A 36 8.64 16.07 -7.24
N GLU A 37 9.96 16.21 -7.18
CA GLU A 37 10.85 15.08 -7.02
C GLU A 37 11.67 15.26 -5.76
N ALA A 38 11.65 14.26 -4.89
CA ALA A 38 12.39 14.30 -3.64
C ALA A 38 12.34 12.93 -2.95
N GLY A 39 13.11 12.81 -1.88
CA GLY A 39 13.15 11.56 -1.15
C GLY A 39 14.54 11.21 -0.70
N GLY A 40 15.53 11.87 -1.30
CA GLY A 40 16.92 11.62 -0.97
C GLY A 40 17.72 11.20 -2.19
N ILE A 41 19.03 11.43 -2.13
CA ILE A 41 19.90 11.03 -3.23
C ILE A 41 20.27 9.57 -3.05
N THR A 42 19.62 8.71 -3.80
CA THR A 42 19.78 7.28 -3.66
C THR A 42 19.75 6.60 -5.02
N GLN A 43 19.82 5.27 -5.02
CA GLN A 43 19.92 4.51 -6.25
C GLN A 43 18.60 3.86 -6.63
N HIS A 44 17.50 4.40 -6.11
CA HIS A 44 16.18 3.93 -6.50
C HIS A 44 15.26 5.11 -6.75
N ILE A 45 14.80 5.25 -7.98
CA ILE A 45 13.87 6.28 -8.34
C ILE A 45 12.45 5.74 -8.26
N GLY A 46 11.48 6.55 -8.66
CA GLY A 46 10.08 6.14 -8.59
C GLY A 46 9.57 6.11 -7.17
N ALA A 47 9.88 5.04 -6.46
CA ALA A 47 9.40 4.86 -5.10
C ALA A 47 10.26 5.61 -4.11
N TYR A 48 9.70 5.92 -2.94
CA TYR A 48 10.32 6.89 -2.05
C TYR A 48 9.71 6.82 -0.66
N GLN A 49 10.19 7.68 0.24
CA GLN A 49 9.74 7.70 1.62
C GLN A 49 9.01 9.01 1.92
N VAL A 50 7.75 8.91 2.32
CA VAL A 50 6.94 10.09 2.60
C VAL A 50 7.08 10.53 4.05
N THR A 51 6.86 11.81 4.29
CA THR A 51 6.93 12.37 5.63
C THR A 51 5.53 12.63 6.20
N VAL A 52 5.01 11.64 6.88
CA VAL A 52 3.83 11.84 7.70
C VAL A 52 4.27 12.31 9.07
N ASN A 53 5.38 11.74 9.49
CA ASN A 53 6.01 12.04 10.74
C ASN A 53 7.41 12.58 10.46
N ASP A 54 8.24 11.73 9.89
CA ASP A 54 9.52 12.12 9.32
C ASP A 54 10.10 10.98 8.51
N LYS A 55 9.61 10.86 7.27
CA LYS A 55 10.12 9.88 6.31
C LYS A 55 9.98 8.44 6.79
N LYS A 56 8.94 8.16 7.57
CA LYS A 56 8.66 6.78 7.97
C LYS A 56 7.44 6.24 7.24
N ILE A 57 7.64 5.91 5.96
CA ILE A 57 6.70 5.18 5.10
C ILE A 57 7.35 5.11 3.72
N THR A 58 7.83 3.94 3.34
CA THR A 58 8.46 3.79 2.06
C THR A 58 7.53 3.11 1.07
N PHE A 59 6.83 3.89 0.28
CA PHE A 59 5.99 3.34 -0.78
C PHE A 59 6.87 2.84 -1.90
N LEU A 60 6.98 1.53 -2.04
CA LEU A 60 7.90 0.92 -2.99
C LEU A 60 7.16 0.03 -3.97
N ASP A 61 7.60 0.01 -5.22
CA ASP A 61 7.00 -0.84 -6.23
C ASP A 61 8.07 -1.44 -7.14
N THR A 62 8.21 -2.76 -7.07
CA THR A 62 9.09 -3.52 -7.95
C THR A 62 10.55 -3.03 -7.87
N PRO A 63 11.21 -3.24 -6.72
CA PRO A 63 12.60 -2.84 -6.52
C PRO A 63 13.59 -3.80 -7.19
N GLY A 64 13.52 -3.89 -8.51
CA GLY A 64 14.46 -4.71 -9.25
C GLY A 64 13.84 -6.01 -9.72
N HIS A 65 13.87 -7.03 -8.88
CA HIS A 65 13.40 -8.36 -9.28
C HIS A 65 11.95 -8.59 -8.84
N GLU A 66 11.78 -8.77 -7.54
CA GLU A 66 10.47 -9.06 -6.98
C GLU A 66 9.76 -7.77 -6.61
N ALA A 67 8.53 -7.65 -7.10
CA ALA A 67 7.72 -6.44 -6.93
C ALA A 67 7.50 -6.11 -5.46
N PHE A 68 7.21 -7.13 -4.66
CA PHE A 68 7.04 -6.96 -3.24
C PHE A 68 8.17 -7.65 -2.49
N THR A 69 8.83 -6.92 -1.61
CA THR A 69 9.97 -7.43 -0.86
C THR A 69 9.51 -8.13 0.42
N THR A 70 10.34 -9.04 0.92
CA THR A 70 10.07 -9.76 2.16
C THR A 70 9.04 -10.88 1.95
N MET A 71 9.50 -11.99 1.39
CA MET A 71 8.67 -13.19 1.30
C MET A 71 9.33 -14.31 2.09
N ARG A 72 10.51 -14.71 1.66
CA ARG A 72 11.27 -15.74 2.35
C ARG A 72 12.48 -15.12 3.02
N ALA A 73 12.59 -13.81 2.91
CA ALA A 73 13.68 -13.06 3.53
C ALA A 73 13.37 -12.79 4.99
N ARG A 74 12.13 -13.06 5.39
CA ARG A 74 11.73 -12.91 6.78
C ARG A 74 11.17 -14.22 7.30
N GLY A 75 11.72 -14.69 8.40
CA GLY A 75 11.32 -15.98 8.96
C GLY A 75 10.05 -15.89 9.79
N ALA A 76 9.02 -16.59 9.34
CA ALA A 76 7.77 -16.76 10.09
C ALA A 76 6.92 -15.49 10.13
N GLN A 77 7.34 -14.52 10.92
CA GLN A 77 6.54 -13.31 11.13
C GLN A 77 6.99 -12.20 10.18
N VAL A 78 6.16 -11.92 9.18
CA VAL A 78 6.46 -10.87 8.20
C VAL A 78 6.45 -9.50 8.87
N THR A 79 7.45 -8.69 8.54
CA THR A 79 7.63 -7.40 9.17
C THR A 79 7.21 -6.24 8.26
N ASP A 80 6.79 -6.56 7.05
CA ASP A 80 6.50 -5.53 6.05
C ASP A 80 5.04 -5.61 5.61
N ILE A 81 4.62 -4.65 4.79
CA ILE A 81 3.21 -4.52 4.42
C ILE A 81 3.06 -4.26 2.92
N VAL A 82 1.98 -4.76 2.32
CA VAL A 82 1.71 -4.48 0.91
C VAL A 82 0.39 -3.74 0.74
N ILE A 83 0.41 -2.77 -0.13
CA ILE A 83 -0.77 -2.03 -0.52
C ILE A 83 -1.33 -2.56 -1.81
N LEU A 84 -2.61 -2.78 -1.82
CA LEU A 84 -3.28 -3.25 -3.02
C LEU A 84 -4.11 -2.13 -3.61
N VAL A 85 -3.65 -1.59 -4.72
CA VAL A 85 -4.35 -0.53 -5.40
C VAL A 85 -5.36 -1.11 -6.38
N VAL A 86 -6.60 -1.24 -5.92
CA VAL A 86 -7.68 -1.68 -6.78
C VAL A 86 -8.68 -0.54 -7.02
N ALA A 87 -8.89 -0.22 -8.29
CA ALA A 87 -9.90 0.77 -8.65
C ALA A 87 -11.29 0.18 -8.42
N ALA A 88 -12.14 0.93 -7.74
CA ALA A 88 -13.44 0.41 -7.31
C ALA A 88 -14.36 0.18 -8.48
N ASP A 89 -14.05 0.81 -9.58
CA ASP A 89 -14.91 0.72 -10.76
C ASP A 89 -14.54 -0.52 -11.58
N ASP A 90 -13.39 -1.10 -11.28
CA ASP A 90 -12.86 -2.23 -12.06
C ASP A 90 -12.73 -3.47 -11.18
N GLY A 91 -12.01 -3.32 -10.07
CA GLY A 91 -11.92 -4.38 -9.07
C GLY A 91 -10.65 -5.20 -9.19
N VAL A 92 -10.79 -6.52 -9.25
CA VAL A 92 -9.64 -7.41 -9.33
C VAL A 92 -9.50 -7.93 -10.76
N MET A 93 -8.27 -7.94 -11.21
CA MET A 93 -7.94 -8.24 -12.60
C MET A 93 -6.68 -9.11 -12.63
N PRO A 94 -6.22 -9.57 -13.83
CA PRO A 94 -5.04 -10.45 -13.95
C PRO A 94 -3.87 -10.06 -13.04
N GLN A 95 -3.25 -8.91 -13.29
CA GLN A 95 -2.04 -8.54 -12.56
C GLN A 95 -2.38 -8.11 -11.13
N THR A 96 -3.65 -7.83 -10.90
CA THR A 96 -4.13 -7.50 -9.58
C THR A 96 -4.03 -8.70 -8.68
N VAL A 97 -4.43 -9.86 -9.22
CA VAL A 97 -4.33 -11.09 -8.50
C VAL A 97 -2.88 -11.49 -8.29
N GLU A 98 -2.06 -11.29 -9.30
CA GLU A 98 -0.63 -11.61 -9.20
C GLU A 98 0.00 -10.85 -8.04
N ALA A 99 -0.52 -9.66 -7.77
CA ALA A 99 -0.09 -8.88 -6.63
C ALA A 99 -0.58 -9.52 -5.33
N ILE A 100 -1.74 -10.17 -5.39
CA ILE A 100 -2.30 -10.83 -4.24
C ILE A 100 -1.58 -12.15 -4.01
N ASN A 101 -1.38 -12.86 -5.10
CA ASN A 101 -0.68 -14.13 -5.13
C ASN A 101 0.72 -13.98 -4.56
N HIS A 102 1.36 -12.85 -4.88
CA HIS A 102 2.68 -12.55 -4.35
C HIS A 102 2.59 -12.27 -2.84
N ALA A 103 1.48 -11.66 -2.44
CA ALA A 103 1.29 -11.28 -1.04
C ALA A 103 0.91 -12.49 -0.17
N LYS A 104 -0.07 -13.28 -0.61
CA LYS A 104 -0.52 -14.41 0.17
C LYS A 104 0.57 -15.46 0.26
N ALA A 105 1.29 -15.62 -0.84
CA ALA A 105 2.45 -16.51 -0.87
C ALA A 105 3.48 -16.11 0.19
N ALA A 106 3.63 -14.80 0.41
CA ALA A 106 4.55 -14.30 1.41
C ALA A 106 3.96 -14.38 2.80
N ASN A 107 2.62 -14.22 2.87
CA ASN A 107 1.85 -14.36 4.11
C ASN A 107 1.91 -13.06 4.89
N VAL A 108 1.78 -11.98 4.14
CA VAL A 108 1.91 -10.64 4.65
C VAL A 108 0.54 -9.97 4.82
N PRO A 109 0.37 -9.17 5.88
CA PRO A 109 -0.81 -8.34 6.06
C PRO A 109 -0.93 -7.27 4.97
N ILE A 110 -2.14 -7.00 4.52
CA ILE A 110 -2.31 -6.14 3.39
C ILE A 110 -2.96 -4.81 3.77
N ILE A 111 -2.85 -3.86 2.87
CA ILE A 111 -3.38 -2.51 3.03
C ILE A 111 -3.90 -2.10 1.70
N VAL A 112 -5.12 -2.48 1.46
CA VAL A 112 -5.72 -2.22 0.21
C VAL A 112 -6.13 -0.78 0.13
N ALA A 113 -6.16 -0.30 -1.06
CA ALA A 113 -6.49 1.07 -1.32
C ALA A 113 -7.29 1.17 -2.58
N ILE A 114 -8.58 1.31 -2.40
CA ILE A 114 -9.50 1.46 -3.49
C ILE A 114 -9.26 2.79 -4.15
N ASN A 115 -9.20 2.81 -5.46
CA ASN A 115 -8.95 4.04 -6.20
C ASN A 115 -10.12 4.26 -7.10
N LYS A 116 -10.19 5.44 -7.64
CA LYS A 116 -11.24 5.77 -8.55
C LYS A 116 -12.60 5.82 -7.85
N MET A 117 -12.57 6.23 -6.58
CA MET A 117 -13.79 6.52 -5.85
C MET A 117 -14.26 7.92 -6.20
N ASP A 118 -13.43 8.62 -6.96
CA ASP A 118 -13.82 9.90 -7.57
C ASP A 118 -14.91 9.62 -8.58
N LYS A 119 -14.82 8.46 -9.18
CA LYS A 119 -15.76 8.01 -10.17
C LYS A 119 -17.04 7.52 -9.50
N PRO A 120 -18.21 7.97 -10.00
CA PRO A 120 -19.50 7.49 -9.52
C PRO A 120 -19.67 5.99 -9.78
N GLU A 121 -18.85 5.48 -10.69
CA GLU A 121 -18.82 4.06 -11.03
C GLU A 121 -18.29 3.24 -9.86
N ALA A 122 -17.54 3.92 -9.01
CA ALA A 122 -16.92 3.32 -7.83
C ALA A 122 -17.84 2.34 -7.11
N ASN A 123 -17.36 1.12 -6.97
CA ASN A 123 -18.04 0.11 -6.20
C ASN A 123 -17.05 -0.48 -5.21
N PRO A 124 -16.76 0.27 -4.15
CA PRO A 124 -15.73 -0.11 -3.18
C PRO A 124 -16.01 -1.42 -2.48
N ASP A 125 -17.13 -1.46 -1.79
CA ASP A 125 -17.57 -2.67 -1.08
C ASP A 125 -17.50 -3.89 -1.98
N ARG A 126 -17.63 -3.65 -3.28
CA ARG A 126 -17.63 -4.74 -4.24
C ARG A 126 -16.21 -5.22 -4.49
N VAL A 127 -15.35 -4.28 -4.82
CA VAL A 127 -13.96 -4.61 -5.09
C VAL A 127 -13.23 -5.14 -3.84
N MET A 128 -13.78 -4.85 -2.65
CA MET A 128 -13.27 -5.45 -1.41
C MET A 128 -13.66 -6.91 -1.38
N GLN A 129 -14.85 -7.19 -1.91
CA GLN A 129 -15.37 -8.55 -1.97
C GLN A 129 -14.55 -9.42 -2.91
N GLU A 130 -14.05 -8.81 -3.98
CA GLU A 130 -13.17 -9.50 -4.92
C GLU A 130 -11.96 -10.04 -4.19
N LEU A 131 -11.34 -9.16 -3.43
CA LEU A 131 -10.14 -9.53 -2.70
C LEU A 131 -10.45 -10.58 -1.64
N MET A 132 -11.63 -10.51 -1.05
CA MET A 132 -11.98 -11.46 -0.01
C MET A 132 -12.26 -12.84 -0.61
N GLU A 133 -12.37 -12.89 -1.93
CA GLU A 133 -12.51 -14.17 -2.61
C GLU A 133 -11.14 -14.79 -2.74
N TYR A 134 -10.13 -13.93 -2.79
CA TYR A 134 -8.74 -14.37 -2.65
C TYR A 134 -8.35 -14.31 -1.17
N ASN A 135 -9.39 -14.38 -0.33
CA ASN A 135 -9.27 -14.35 1.12
C ASN A 135 -8.46 -13.15 1.60
N LEU A 136 -8.89 -11.98 1.16
CA LEU A 136 -8.39 -10.73 1.67
C LEU A 136 -9.53 -9.97 2.31
N VAL A 137 -9.62 -10.06 3.62
CA VAL A 137 -10.77 -9.53 4.31
C VAL A 137 -10.47 -8.19 4.92
N PRO A 138 -11.21 -7.17 4.48
CA PRO A 138 -11.18 -5.84 5.04
C PRO A 138 -11.16 -5.83 6.55
N GLU A 139 -10.44 -4.88 7.08
CA GLU A 139 -10.33 -4.71 8.52
C GLU A 139 -11.62 -4.16 9.08
N GLU A 140 -12.41 -3.55 8.21
CA GLU A 140 -13.76 -3.13 8.54
C GLU A 140 -14.66 -4.34 8.74
N TRP A 141 -14.27 -5.48 8.17
CA TRP A 141 -15.05 -6.69 8.27
C TRP A 141 -14.42 -7.66 9.27
N GLY A 142 -13.16 -7.39 9.60
CA GLY A 142 -12.50 -8.15 10.63
C GLY A 142 -11.55 -9.22 10.10
N GLY A 143 -11.06 -9.05 8.88
CA GLY A 143 -10.12 -10.01 8.32
C GLY A 143 -8.69 -9.71 8.71
N ASP A 144 -7.90 -9.23 7.75
CA ASP A 144 -6.55 -8.76 8.03
C ASP A 144 -6.01 -7.92 6.88
N THR A 145 -6.70 -6.83 6.62
CA THR A 145 -6.30 -5.88 5.59
C THR A 145 -7.05 -4.57 5.78
N ILE A 146 -6.33 -3.52 6.15
CA ILE A 146 -6.93 -2.21 6.21
C ILE A 146 -7.25 -1.75 4.79
N PHE A 147 -8.52 -1.79 4.46
CA PHE A 147 -8.99 -1.36 3.16
C PHE A 147 -9.25 0.14 3.16
N CYS A 148 -8.47 0.87 2.40
CA CYS A 148 -8.67 2.30 2.29
C CYS A 148 -9.42 2.64 1.01
N LYS A 149 -10.63 3.15 1.16
CA LYS A 149 -11.46 3.52 0.01
C LYS A 149 -11.13 4.94 -0.43
N LEU A 150 -10.34 5.06 -1.50
CA LEU A 150 -9.82 6.35 -1.89
C LEU A 150 -9.97 6.63 -3.38
N SER A 151 -9.37 7.73 -3.75
CA SER A 151 -9.23 8.15 -5.11
C SER A 151 -8.08 9.12 -5.13
N ALA A 152 -7.03 8.79 -5.83
CA ALA A 152 -5.93 9.71 -5.99
C ALA A 152 -6.36 10.85 -6.89
N LYS A 153 -7.45 10.61 -7.61
CA LYS A 153 -8.05 11.61 -8.46
C LYS A 153 -8.68 12.72 -7.62
N THR A 154 -9.57 12.36 -6.69
CA THR A 154 -10.18 13.36 -5.82
C THR A 154 -9.27 13.74 -4.67
N LYS A 155 -8.21 12.96 -4.49
CA LYS A 155 -7.22 13.20 -3.44
C LYS A 155 -7.83 12.99 -2.07
N GLU A 156 -8.63 11.95 -1.95
CA GLU A 156 -9.39 11.72 -0.74
C GLU A 156 -8.66 10.73 0.17
N GLY A 157 -8.52 9.52 -0.31
CA GLY A 157 -8.00 8.47 0.50
C GLY A 157 -6.50 8.41 0.51
N LEU A 158 -5.84 9.32 -0.20
CA LEU A 158 -4.39 9.33 -0.20
C LEU A 158 -3.90 9.78 1.16
N ASP A 159 -4.56 10.79 1.69
CA ASP A 159 -4.24 11.28 3.01
C ASP A 159 -4.84 10.35 4.06
N HIS A 160 -6.02 9.78 3.75
CA HIS A 160 -6.64 8.83 4.66
C HIS A 160 -5.85 7.51 4.70
N LEU A 161 -5.13 7.22 3.62
CA LEU A 161 -4.28 6.05 3.55
C LEU A 161 -3.20 6.15 4.60
N LEU A 162 -2.51 7.27 4.58
CA LEU A 162 -1.46 7.57 5.55
C LEU A 162 -2.01 7.46 6.95
N GLU A 163 -3.21 8.02 7.14
CA GLU A 163 -3.92 7.95 8.42
C GLU A 163 -3.91 6.53 8.97
N MET A 164 -4.36 5.58 8.16
CA MET A 164 -4.47 4.20 8.59
C MET A 164 -3.10 3.55 8.72
N ILE A 165 -2.22 3.86 7.79
CA ILE A 165 -0.87 3.32 7.80
C ILE A 165 -0.12 3.73 9.08
N LEU A 166 -0.14 5.02 9.41
CA LEU A 166 0.58 5.51 10.57
C LEU A 166 -0.09 5.05 11.85
N LEU A 167 -1.39 4.92 11.80
CA LEU A 167 -2.15 4.34 12.91
C LEU A 167 -1.54 2.98 13.24
N VAL A 168 -1.39 2.15 12.21
CA VAL A 168 -0.76 0.86 12.35
C VAL A 168 0.70 1.03 12.81
N SER A 169 1.42 1.97 12.18
CA SER A 169 2.81 2.20 12.53
C SER A 169 3.00 2.60 14.00
N GLU A 170 2.15 3.48 14.52
CA GLU A 170 2.37 4.04 15.85
C GLU A 170 1.47 3.41 16.91
N MET A 171 0.63 2.43 16.52
CA MET A 171 -0.31 1.82 17.45
C MET A 171 0.42 1.08 18.57
N GLU A 172 1.53 0.42 18.25
CA GLU A 172 2.30 -0.30 19.25
C GLU A 172 3.44 0.57 19.77
N GLU A 173 4.54 0.65 19.02
CA GLU A 173 5.61 1.54 19.42
C GLU A 173 5.79 2.68 18.41
N LEU A 174 6.65 2.45 17.42
CA LEU A 174 6.83 3.41 16.33
C LEU A 174 7.08 2.68 15.01
N LYS A 175 6.96 1.36 15.06
CA LYS A 175 7.44 0.50 13.99
C LYS A 175 6.39 -0.50 13.53
N ALA A 176 5.17 -0.35 14.04
CA ALA A 176 4.07 -1.29 13.78
C ALA A 176 4.44 -2.70 14.23
N ASN A 177 5.07 -3.46 13.34
CA ASN A 177 5.41 -4.87 13.58
C ASN A 177 4.15 -5.72 13.71
N PRO A 178 3.76 -6.40 12.63
CA PRO A 178 2.57 -7.26 12.63
C PRO A 178 2.73 -8.48 13.53
PB GDP B . -0.16 2.08 -14.79
O1B GDP B . -1.20 1.31 -14.03
O2B GDP B . 0.32 1.37 -16.05
O3B GDP B . 0.96 2.66 -13.93
O3A GDP B . -1.01 3.39 -15.36
PA GDP B . -1.27 4.80 -14.70
O1A GDP B . -0.67 5.89 -15.52
O2A GDP B . -0.98 4.80 -13.22
O5' GDP B . -2.86 4.91 -14.83
C5' GDP B . -3.50 4.74 -16.10
C4' GDP B . -4.86 5.41 -16.11
O4' GDP B . -5.40 5.43 -14.76
C3' GDP B . -4.86 6.87 -16.58
O3' GDP B . -5.88 7.09 -17.54
C2' GDP B . -5.10 7.68 -15.31
O2' GDP B . -5.86 8.85 -15.56
C1' GDP B . -5.94 6.70 -14.49
N9 GDP B . -5.88 6.94 -13.05
C8 GDP B . -4.77 6.87 -12.25
N7 GDP B . -5.00 7.17 -11.01
C5 GDP B . -6.36 7.46 -10.98
C6 GDP B . -7.19 7.85 -9.89
O6 GDP B . -6.86 8.07 -8.73
N1 GDP B . -8.51 8.03 -10.29
C2 GDP B . -8.97 7.87 -11.57
N2 GDP B . -10.27 8.10 -11.79
N3 GDP B . -8.20 7.52 -12.60
C4 GDP B . -6.92 7.32 -12.23
H5' GDP B . -3.62 3.68 -16.31
H5'' GDP B . -2.88 5.19 -16.88
H4' GDP B . -5.47 4.87 -16.82
H3' GDP B . -3.92 7.14 -17.07
HO3' GDP B . -6.52 6.38 -17.44
H2' GDP B . -4.15 7.90 -14.82
HO2' GDP B . -6.22 8.76 -16.45
H1' GDP B . -6.98 6.68 -14.80
H8 GDP B . -3.79 6.58 -12.62
HN1 GDP B . -9.19 8.25 -9.57
HN21 GDP B . -10.66 8.00 -12.70
HN22 GDP B . -10.86 8.38 -11.01
N GLY A 1 20.35 -3.96 15.72
CA GLY A 1 20.68 -2.96 14.69
C GLY A 1 20.59 -1.54 15.22
N SER A 2 21.71 -0.84 15.22
CA SER A 2 21.76 0.53 15.71
C SER A 2 22.48 1.42 14.71
N HIS A 3 22.34 2.74 14.88
CA HIS A 3 22.99 3.73 14.02
C HIS A 3 22.43 3.67 12.60
N MET A 4 21.28 4.32 12.41
CA MET A 4 20.57 4.30 11.13
C MET A 4 20.18 2.87 10.76
N VAL A 5 19.01 2.45 11.22
CA VAL A 5 18.53 1.11 10.95
C VAL A 5 17.10 1.16 10.43
N GLU A 6 16.84 0.41 9.38
CA GLU A 6 15.52 0.38 8.78
C GLU A 6 14.53 -0.34 9.68
N ARG A 7 13.65 0.42 10.31
CA ARG A 7 12.60 -0.15 11.14
C ARG A 7 11.24 -0.06 10.43
N PRO A 8 10.86 1.13 9.89
CA PRO A 8 9.64 1.26 9.08
C PRO A 8 9.74 0.43 7.80
N PRO A 9 8.77 -0.47 7.59
CA PRO A 9 8.76 -1.37 6.43
C PRO A 9 8.62 -0.63 5.10
N VAL A 10 9.12 -1.24 4.03
CA VAL A 10 9.06 -0.64 2.71
C VAL A 10 7.73 -0.98 2.04
N VAL A 11 6.73 -0.16 2.34
CA VAL A 11 5.38 -0.35 1.84
C VAL A 11 5.37 -0.44 0.30
N THR A 12 5.11 -1.63 -0.19
CA THR A 12 5.11 -1.87 -1.63
C THR A 12 3.75 -1.53 -2.24
N ILE A 13 3.78 -0.85 -3.38
CA ILE A 13 2.56 -0.54 -4.11
C ILE A 13 2.25 -1.68 -5.09
N MET A 14 1.15 -2.37 -4.83
CA MET A 14 0.73 -3.44 -5.69
C MET A 14 -0.70 -3.22 -6.12
N GLY A 15 -1.14 -3.93 -7.14
CA GLY A 15 -2.47 -3.78 -7.64
C GLY A 15 -2.51 -3.85 -9.13
N HIS A 16 -3.64 -3.50 -9.71
CA HIS A 16 -3.80 -3.56 -11.15
C HIS A 16 -3.34 -2.28 -11.82
N VAL A 17 -3.03 -2.40 -13.09
CA VAL A 17 -2.68 -1.27 -13.93
C VAL A 17 -3.93 -0.44 -14.23
N ASP A 18 -3.74 0.84 -14.51
CA ASP A 18 -4.85 1.77 -14.79
C ASP A 18 -5.58 2.13 -13.50
N HIS A 19 -5.44 1.27 -12.49
CA HIS A 19 -5.90 1.59 -11.16
C HIS A 19 -4.86 2.49 -10.48
N GLY A 20 -3.73 2.65 -11.17
CA GLY A 20 -2.75 3.62 -10.73
C GLY A 20 -1.46 3.01 -10.25
N LYS A 21 -0.76 2.29 -11.12
CA LYS A 21 0.57 1.82 -10.80
C LYS A 21 1.51 2.99 -10.50
N THR A 22 1.95 3.68 -11.55
CA THR A 22 2.86 4.81 -11.39
C THR A 22 2.08 6.09 -11.10
N THR A 23 0.88 6.20 -11.64
CA THR A 23 0.03 7.36 -11.43
C THR A 23 -0.24 7.62 -9.95
N LEU A 24 -0.28 6.57 -9.15
CA LEU A 24 -0.52 6.73 -7.72
C LEU A 24 0.71 7.31 -7.06
N LEU A 25 1.87 6.82 -7.50
CA LEU A 25 3.13 7.27 -6.93
C LEU A 25 3.45 8.69 -7.40
N ASP A 26 2.67 9.19 -8.34
CA ASP A 26 2.81 10.57 -8.79
C ASP A 26 1.82 11.42 -8.01
N ALA A 27 0.61 10.87 -7.90
CA ALA A 27 -0.47 11.51 -7.18
C ALA A 27 -0.12 11.61 -5.70
N ILE A 28 0.58 10.59 -5.22
CA ILE A 28 0.97 10.50 -3.84
C ILE A 28 2.08 11.51 -3.53
N ARG A 29 2.93 11.76 -4.51
CA ARG A 29 3.97 12.78 -4.38
C ARG A 29 3.33 14.15 -4.28
N HIS A 30 2.37 14.38 -5.15
CA HIS A 30 1.74 15.68 -5.30
C HIS A 30 0.62 15.88 -4.28
N SER A 31 0.73 15.18 -3.20
CA SER A 31 -0.25 15.24 -2.14
C SER A 31 0.36 15.86 -0.88
N LYS A 32 1.64 15.59 -0.65
CA LYS A 32 2.32 16.05 0.57
C LYS A 32 3.81 15.74 0.47
N VAL A 33 4.55 16.11 1.54
CA VAL A 33 6.03 16.00 1.63
C VAL A 33 6.76 16.61 0.42
N THR A 34 6.64 15.97 -0.73
CA THR A 34 7.32 16.40 -1.92
C THR A 34 6.51 17.45 -2.68
N GLU A 35 7.16 18.49 -3.14
CA GLU A 35 6.51 19.54 -3.88
C GLU A 35 7.01 19.59 -5.32
N GLN A 36 6.98 20.76 -5.94
CA GLN A 36 7.39 20.90 -7.34
C GLN A 36 8.91 20.87 -7.46
N GLU A 37 9.56 21.74 -6.71
CA GLU A 37 11.02 21.82 -6.75
C GLU A 37 11.60 20.82 -5.76
N ALA A 38 12.41 19.88 -6.28
CA ALA A 38 13.01 18.82 -5.46
C ALA A 38 11.95 17.87 -4.93
N GLY A 39 10.85 17.76 -5.67
CA GLY A 39 9.76 16.91 -5.26
C GLY A 39 9.90 15.49 -5.77
N GLY A 40 10.72 14.71 -5.10
CA GLY A 40 10.85 13.31 -5.43
C GLY A 40 11.94 13.04 -6.45
N ILE A 41 12.72 14.06 -6.77
CA ILE A 41 13.82 13.90 -7.71
C ILE A 41 15.08 13.43 -6.99
N THR A 42 15.47 12.19 -7.25
CA THR A 42 16.64 11.61 -6.64
C THR A 42 17.30 10.65 -7.64
N GLN A 43 18.54 10.23 -7.37
CA GLN A 43 19.25 9.31 -8.26
C GLN A 43 18.38 8.11 -8.63
N HIS A 44 17.79 7.49 -7.61
CA HIS A 44 16.82 6.44 -7.84
C HIS A 44 15.40 7.01 -7.82
N ILE A 45 14.88 7.28 -9.01
CA ILE A 45 13.55 7.84 -9.15
C ILE A 45 12.47 6.78 -9.03
N GLY A 46 11.22 7.20 -9.13
CA GLY A 46 10.10 6.29 -9.03
C GLY A 46 9.47 6.33 -7.65
N ALA A 47 10.08 5.62 -6.71
CA ALA A 47 9.60 5.62 -5.34
C ALA A 47 10.28 6.72 -4.54
N TYR A 48 9.90 6.87 -3.27
CA TYR A 48 10.35 8.02 -2.50
C TYR A 48 10.02 7.84 -1.02
N GLN A 49 10.54 8.75 -0.20
CA GLN A 49 10.27 8.74 1.24
C GLN A 49 9.20 9.78 1.56
N VAL A 50 8.25 9.40 2.40
CA VAL A 50 7.12 10.28 2.71
C VAL A 50 7.29 10.97 4.06
N THR A 51 6.62 12.10 4.20
CA THR A 51 6.55 12.86 5.44
C THR A 51 5.33 13.77 5.40
N VAL A 52 4.17 13.24 5.76
CA VAL A 52 2.97 14.06 5.86
C VAL A 52 3.17 15.08 6.96
N ASN A 53 3.51 14.57 8.12
CA ASN A 53 3.86 15.35 9.27
C ASN A 53 5.25 14.92 9.71
N ASP A 54 5.36 13.63 9.99
CA ASP A 54 6.64 12.95 10.11
C ASP A 54 6.41 11.45 10.22
N LYS A 55 6.13 10.84 9.08
CA LYS A 55 6.04 9.40 8.97
C LYS A 55 6.92 8.96 7.80
N LYS A 56 8.18 8.67 8.12
CA LYS A 56 9.17 8.36 7.09
C LYS A 56 8.90 6.99 6.46
N ILE A 57 7.97 6.98 5.52
CA ILE A 57 7.61 5.76 4.81
C ILE A 57 8.26 5.77 3.44
N THR A 58 9.13 4.81 3.19
CA THR A 58 9.70 4.65 1.87
C THR A 58 8.88 3.65 1.07
N PHE A 59 7.96 4.17 0.28
CA PHE A 59 7.14 3.32 -0.58
C PHE A 59 7.99 2.66 -1.66
N LEU A 60 7.56 1.49 -2.11
CA LEU A 60 8.29 0.76 -3.14
C LEU A 60 7.45 0.74 -4.43
N ASP A 61 8.11 0.62 -5.58
CA ASP A 61 7.42 0.69 -6.86
C ASP A 61 6.55 -0.54 -7.12
N THR A 62 7.09 -1.54 -7.81
CA THR A 62 6.36 -2.76 -8.13
C THR A 62 7.29 -3.79 -8.74
N PRO A 63 8.03 -4.52 -7.89
CA PRO A 63 9.08 -5.47 -8.32
C PRO A 63 8.57 -6.54 -9.28
N GLY A 64 7.56 -7.29 -8.86
CA GLY A 64 6.98 -8.31 -9.72
C GLY A 64 6.75 -9.62 -8.99
N HIS A 65 7.34 -10.69 -9.51
CA HIS A 65 7.12 -12.04 -8.97
C HIS A 65 7.85 -12.23 -7.64
N GLU A 66 9.06 -11.73 -7.56
CA GLU A 66 9.90 -11.96 -6.40
C GLU A 66 10.15 -10.68 -5.62
N ALA A 67 10.31 -10.84 -4.31
CA ALA A 67 10.75 -9.76 -3.42
C ALA A 67 9.77 -8.60 -3.34
N PHE A 68 9.05 -8.53 -2.23
CA PHE A 68 8.27 -7.34 -1.92
C PHE A 68 9.05 -6.46 -0.95
N THR A 69 10.36 -6.64 -1.00
CA THR A 69 11.29 -5.99 -0.09
C THR A 69 12.67 -6.61 -0.29
N THR A 70 13.68 -6.06 0.37
CA THR A 70 15.00 -6.66 0.37
C THR A 70 15.03 -7.79 1.38
N MET A 71 14.40 -8.91 1.01
CA MET A 71 14.22 -10.04 1.91
C MET A 71 15.51 -10.84 2.07
N ARG A 72 16.53 -10.17 2.57
CA ARG A 72 17.79 -10.80 2.92
C ARG A 72 17.94 -10.79 4.43
N ALA A 73 17.06 -10.03 5.07
CA ALA A 73 17.05 -9.89 6.53
C ALA A 73 16.63 -11.21 7.20
N ARG A 74 15.43 -11.69 6.85
CA ARG A 74 14.90 -12.93 7.42
C ARG A 74 14.92 -12.87 8.94
N GLY A 75 14.28 -11.85 9.49
CA GLY A 75 14.32 -11.62 10.91
C GLY A 75 13.10 -12.14 11.63
N ALA A 76 12.81 -11.56 12.80
CA ALA A 76 11.67 -11.97 13.59
C ALA A 76 10.47 -11.10 13.30
N GLN A 77 9.58 -11.60 12.45
CA GLN A 77 8.33 -10.93 12.09
C GLN A 77 8.60 -9.52 11.56
N VAL A 78 9.61 -9.40 10.71
CA VAL A 78 9.88 -8.13 10.04
C VAL A 78 8.93 -8.00 8.87
N THR A 79 7.75 -7.47 9.15
CA THR A 79 6.67 -7.47 8.18
C THR A 79 6.64 -6.19 7.35
N ASP A 80 7.01 -6.31 6.09
CA ASP A 80 6.82 -5.23 5.14
C ASP A 80 5.39 -5.28 4.64
N ILE A 81 4.71 -4.15 4.73
CA ILE A 81 3.29 -4.10 4.45
C ILE A 81 3.03 -3.82 2.97
N VAL A 82 2.06 -4.51 2.38
CA VAL A 82 1.80 -4.33 0.96
C VAL A 82 0.49 -3.60 0.73
N ILE A 83 0.56 -2.52 -0.02
CA ILE A 83 -0.63 -1.83 -0.43
C ILE A 83 -1.16 -2.41 -1.70
N LEU A 84 -2.43 -2.70 -1.71
CA LEU A 84 -3.07 -3.27 -2.85
C LEU A 84 -4.08 -2.26 -3.40
N VAL A 85 -3.73 -1.66 -4.52
CA VAL A 85 -4.55 -0.65 -5.14
C VAL A 85 -5.52 -1.27 -6.12
N VAL A 86 -6.80 -1.24 -5.78
CA VAL A 86 -7.84 -1.70 -6.66
C VAL A 86 -8.81 -0.58 -6.95
N ALA A 87 -9.00 -0.31 -8.22
CA ALA A 87 -10.00 0.66 -8.65
C ALA A 87 -11.39 0.14 -8.30
N ALA A 88 -12.21 0.98 -7.69
CA ALA A 88 -13.52 0.53 -7.24
C ALA A 88 -14.45 0.38 -8.41
N ASP A 89 -14.03 0.89 -9.54
CA ASP A 89 -14.86 0.83 -10.74
C ASP A 89 -14.46 -0.37 -11.61
N ASP A 90 -13.36 -1.02 -11.24
CA ASP A 90 -12.81 -2.09 -12.07
C ASP A 90 -12.60 -3.36 -11.25
N GLY A 91 -11.96 -3.21 -10.09
CA GLY A 91 -11.85 -4.30 -9.14
C GLY A 91 -10.62 -5.16 -9.35
N VAL A 92 -10.75 -6.45 -9.08
CA VAL A 92 -9.63 -7.38 -9.24
C VAL A 92 -9.51 -7.81 -10.70
N MET A 93 -8.28 -7.90 -11.15
CA MET A 93 -7.96 -8.16 -12.55
C MET A 93 -6.74 -9.08 -12.61
N PRO A 94 -6.33 -9.53 -13.82
CA PRO A 94 -5.19 -10.45 -13.99
C PRO A 94 -3.96 -10.13 -13.15
N GLN A 95 -3.38 -8.93 -13.30
CA GLN A 95 -2.14 -8.61 -12.60
C GLN A 95 -2.43 -8.23 -11.15
N THR A 96 -3.68 -7.89 -10.87
CA THR A 96 -4.11 -7.54 -9.53
C THR A 96 -3.97 -8.73 -8.63
N VAL A 97 -4.39 -9.88 -9.15
CA VAL A 97 -4.32 -11.12 -8.44
C VAL A 97 -2.89 -11.48 -8.08
N GLU A 98 -1.99 -11.34 -9.05
CA GLU A 98 -0.60 -11.73 -8.86
C GLU A 98 0.01 -10.99 -7.68
N ALA A 99 -0.45 -9.78 -7.47
CA ALA A 99 -0.01 -8.99 -6.33
C ALA A 99 -0.60 -9.53 -5.03
N ILE A 100 -1.80 -10.12 -5.12
CA ILE A 100 -2.46 -10.69 -3.97
C ILE A 100 -1.83 -12.03 -3.66
N ASN A 101 -1.61 -12.79 -4.72
CA ASN A 101 -1.00 -14.10 -4.65
C ASN A 101 0.43 -14.00 -4.15
N HIS A 102 1.10 -12.90 -4.48
CA HIS A 102 2.43 -12.62 -3.96
C HIS A 102 2.37 -12.47 -2.43
N ALA A 103 1.38 -11.72 -1.99
CA ALA A 103 1.27 -11.35 -0.59
C ALA A 103 0.70 -12.47 0.28
N LYS A 104 -0.44 -13.04 -0.11
CA LYS A 104 -1.11 -14.02 0.72
C LYS A 104 -0.30 -15.31 0.81
N ALA A 105 0.37 -15.62 -0.29
CA ALA A 105 1.25 -16.79 -0.31
C ALA A 105 2.40 -16.62 0.68
N ALA A 106 2.92 -15.41 0.78
CA ALA A 106 3.98 -15.11 1.75
C ALA A 106 3.40 -14.97 3.16
N ASN A 107 2.14 -14.54 3.22
CA ASN A 107 1.35 -14.46 4.45
C ASN A 107 1.62 -13.16 5.15
N VAL A 108 1.57 -12.10 4.36
CA VAL A 108 1.80 -10.76 4.85
C VAL A 108 0.50 -9.94 4.80
N PRO A 109 0.24 -9.15 5.86
CA PRO A 109 -0.91 -8.25 5.89
C PRO A 109 -0.89 -7.18 4.82
N ILE A 110 -2.08 -6.84 4.34
CA ILE A 110 -2.21 -5.91 3.24
C ILE A 110 -2.73 -4.56 3.74
N ILE A 111 -2.51 -3.56 2.93
CA ILE A 111 -3.15 -2.26 3.06
C ILE A 111 -3.84 -1.96 1.75
N VAL A 112 -5.03 -2.49 1.58
CA VAL A 112 -5.76 -2.27 0.38
C VAL A 112 -6.20 -0.83 0.33
N ALA A 113 -6.24 -0.33 -0.86
CA ALA A 113 -6.60 1.03 -1.08
C ALA A 113 -7.32 1.17 -2.38
N ILE A 114 -8.62 1.29 -2.26
CA ILE A 114 -9.49 1.46 -3.40
C ILE A 114 -9.27 2.85 -3.98
N ASN A 115 -9.26 2.95 -5.29
CA ASN A 115 -9.09 4.25 -5.94
C ASN A 115 -10.29 4.47 -6.80
N LYS A 116 -10.37 5.62 -7.41
CA LYS A 116 -11.45 5.92 -8.30
C LYS A 116 -12.77 6.09 -7.54
N MET A 117 -12.65 6.57 -6.29
CA MET A 117 -13.81 7.02 -5.53
C MET A 117 -14.26 8.34 -6.11
N ASP A 118 -13.37 8.91 -6.89
CA ASP A 118 -13.64 10.11 -7.67
C ASP A 118 -14.56 9.80 -8.84
N LYS A 119 -14.64 8.53 -9.20
CA LYS A 119 -15.52 8.06 -10.25
C LYS A 119 -16.88 7.70 -9.67
N PRO A 120 -17.96 7.96 -10.44
CA PRO A 120 -19.32 7.58 -10.04
C PRO A 120 -19.51 6.06 -10.09
N GLU A 121 -18.60 5.40 -10.78
CA GLU A 121 -18.64 3.95 -10.93
C GLU A 121 -17.95 3.26 -9.76
N ALA A 122 -17.60 4.06 -8.74
CA ALA A 122 -17.00 3.54 -7.52
C ALA A 122 -17.91 2.50 -6.88
N ASN A 123 -17.45 1.25 -6.88
CA ASN A 123 -18.17 0.18 -6.23
C ASN A 123 -17.22 -0.55 -5.30
N PRO A 124 -16.94 0.07 -4.15
CA PRO A 124 -15.96 -0.42 -3.19
C PRO A 124 -16.32 -1.75 -2.60
N ASP A 125 -17.49 -1.80 -1.97
CA ASP A 125 -18.04 -3.02 -1.39
C ASP A 125 -17.92 -4.19 -2.36
N ARG A 126 -17.94 -3.88 -3.65
CA ARG A 126 -17.92 -4.92 -4.67
C ARG A 126 -16.50 -5.39 -4.91
N VAL A 127 -15.63 -4.44 -5.25
CA VAL A 127 -14.24 -4.76 -5.58
C VAL A 127 -13.49 -5.28 -4.36
N MET A 128 -13.91 -4.83 -3.20
CA MET A 128 -13.39 -5.25 -1.90
C MET A 128 -13.82 -6.68 -1.58
N GLN A 129 -14.99 -7.06 -2.07
CA GLN A 129 -15.46 -8.44 -1.91
C GLN A 129 -14.69 -9.39 -2.82
N GLU A 130 -14.35 -8.93 -4.03
CA GLU A 130 -13.52 -9.73 -4.95
C GLU A 130 -12.17 -9.96 -4.33
N LEU A 131 -11.80 -9.00 -3.51
CA LEU A 131 -10.56 -9.02 -2.79
C LEU A 131 -10.54 -10.22 -1.85
N MET A 132 -11.69 -10.51 -1.24
CA MET A 132 -11.79 -11.71 -0.40
C MET A 132 -11.97 -12.97 -1.23
N GLU A 133 -12.31 -12.81 -2.50
CA GLU A 133 -12.41 -13.95 -3.38
C GLU A 133 -11.02 -14.52 -3.57
N TYR A 134 -10.03 -13.67 -3.33
CA TYR A 134 -8.66 -14.10 -3.30
C TYR A 134 -8.14 -14.19 -1.87
N ASN A 135 -9.10 -14.33 -0.96
CA ASN A 135 -8.86 -14.70 0.43
C ASN A 135 -8.12 -13.60 1.21
N LEU A 136 -8.30 -12.36 0.81
CA LEU A 136 -7.81 -11.26 1.59
C LEU A 136 -8.99 -10.43 2.07
N VAL A 137 -9.17 -10.36 3.38
CA VAL A 137 -10.42 -9.84 3.92
C VAL A 137 -10.23 -8.51 4.64
N PRO A 138 -11.15 -7.58 4.41
CA PRO A 138 -11.27 -6.34 5.14
C PRO A 138 -11.17 -6.56 6.62
N GLU A 139 -10.29 -5.82 7.24
CA GLU A 139 -10.13 -5.96 8.69
C GLU A 139 -11.33 -5.33 9.38
N GLU A 140 -12.01 -4.44 8.65
CA GLU A 140 -13.30 -3.92 9.10
C GLU A 140 -14.30 -5.07 9.29
N TRP A 141 -14.11 -6.16 8.55
CA TRP A 141 -15.01 -7.29 8.64
C TRP A 141 -14.38 -8.43 9.44
N GLY A 142 -13.08 -8.30 9.72
CA GLY A 142 -12.40 -9.28 10.54
C GLY A 142 -11.44 -10.16 9.76
N GLY A 143 -10.94 -9.67 8.62
CA GLY A 143 -9.96 -10.42 7.87
C GLY A 143 -8.55 -10.08 8.27
N ASP A 144 -7.76 -9.59 7.33
CA ASP A 144 -6.38 -9.24 7.63
C ASP A 144 -5.82 -8.20 6.66
N THR A 145 -6.47 -7.06 6.62
CA THR A 145 -6.04 -5.98 5.76
C THR A 145 -6.74 -4.68 6.15
N ILE A 146 -5.96 -3.62 6.34
CA ILE A 146 -6.54 -2.30 6.46
C ILE A 146 -7.02 -1.87 5.09
N PHE A 147 -8.32 -1.91 4.90
CA PHE A 147 -8.91 -1.56 3.63
C PHE A 147 -9.23 -0.07 3.57
N CYS A 148 -8.50 0.63 2.73
CA CYS A 148 -8.73 2.04 2.51
C CYS A 148 -9.58 2.26 1.27
N LYS A 149 -10.46 3.24 1.33
CA LYS A 149 -11.35 3.58 0.22
C LYS A 149 -11.03 5.00 -0.23
N LEU A 150 -10.22 5.13 -1.26
CA LEU A 150 -9.72 6.42 -1.65
C LEU A 150 -9.95 6.75 -3.11
N SER A 151 -9.42 7.89 -3.46
CA SER A 151 -9.57 8.48 -4.76
C SER A 151 -8.41 9.44 -4.97
N ALA A 152 -7.33 8.94 -5.53
CA ALA A 152 -6.16 9.77 -5.71
C ALA A 152 -6.44 10.85 -6.73
N LYS A 153 -7.51 10.67 -7.48
CA LYS A 153 -7.94 11.69 -8.42
C LYS A 153 -8.64 12.85 -7.75
N THR A 154 -9.53 12.59 -6.78
CA THR A 154 -10.15 13.71 -6.06
C THR A 154 -9.31 14.13 -4.86
N LYS A 155 -8.30 13.32 -4.56
CA LYS A 155 -7.32 13.63 -3.52
C LYS A 155 -7.96 13.61 -2.15
N GLU A 156 -8.67 12.54 -1.89
CA GLU A 156 -9.37 12.39 -0.62
C GLU A 156 -8.71 11.32 0.24
N GLY A 157 -8.79 10.12 -0.26
CA GLY A 157 -8.33 8.99 0.50
C GLY A 157 -6.82 8.87 0.57
N LEU A 158 -6.09 9.75 -0.13
CA LEU A 158 -4.64 9.72 -0.04
C LEU A 158 -4.22 10.23 1.33
N ASP A 159 -4.94 11.22 1.81
CA ASP A 159 -4.74 11.72 3.15
C ASP A 159 -5.18 10.68 4.16
N HIS A 160 -6.29 10.02 3.86
CA HIS A 160 -6.81 8.99 4.75
C HIS A 160 -5.98 7.69 4.64
N LEU A 161 -5.11 7.62 3.66
CA LEU A 161 -4.26 6.45 3.47
C LEU A 161 -3.12 6.48 4.48
N LEU A 162 -2.38 7.57 4.46
CA LEU A 162 -1.24 7.75 5.32
C LEU A 162 -1.65 7.75 6.80
N GLU A 163 -2.87 8.17 7.09
CA GLU A 163 -3.36 8.18 8.48
C GLU A 163 -3.77 6.78 8.92
N MET A 164 -4.17 5.93 7.99
CA MET A 164 -4.45 4.54 8.30
C MET A 164 -3.15 3.79 8.51
N ILE A 165 -2.20 4.05 7.61
CA ILE A 165 -0.86 3.53 7.73
C ILE A 165 -0.24 4.00 9.05
N LEU A 166 -0.50 5.25 9.40
CA LEU A 166 0.00 5.85 10.63
C LEU A 166 -0.47 5.09 11.86
N LEU A 167 -1.74 4.74 11.88
CA LEU A 167 -2.31 3.95 12.96
C LEU A 167 -1.50 2.67 13.14
N VAL A 168 -1.16 2.06 12.01
CA VAL A 168 -0.32 0.89 12.00
C VAL A 168 1.10 1.23 12.46
N SER A 169 1.61 2.38 12.01
CA SER A 169 2.97 2.78 12.32
C SER A 169 3.17 3.05 13.83
N GLU A 170 2.24 3.76 14.44
CA GLU A 170 2.45 4.21 15.83
C GLU A 170 1.67 3.37 16.84
N MET A 171 0.99 2.33 16.35
CA MET A 171 0.18 1.46 17.20
C MET A 171 0.89 1.08 18.49
N GLU A 172 1.99 0.35 18.39
CA GLU A 172 2.77 -0.02 19.56
C GLU A 172 3.95 0.94 19.75
N GLU A 173 5.02 0.69 19.01
CA GLU A 173 6.20 1.54 19.05
C GLU A 173 6.40 2.21 17.70
N LEU A 174 6.97 1.44 16.78
CA LEU A 174 7.07 1.83 15.38
C LEU A 174 6.66 0.62 14.55
N LYS A 175 5.70 -0.10 15.13
CA LYS A 175 5.25 -1.38 14.61
C LYS A 175 3.90 -1.72 15.22
N ALA A 176 3.11 -2.48 14.50
CA ALA A 176 1.77 -2.85 14.95
C ALA A 176 1.81 -4.18 15.69
N ASN A 177 2.30 -5.23 15.01
CA ASN A 177 2.39 -6.58 15.58
C ASN A 177 1.00 -7.20 15.75
N PRO A 178 0.62 -8.09 14.83
CA PRO A 178 -0.68 -8.74 14.84
C PRO A 178 -0.75 -9.88 15.85
PB GDP B . 0.20 2.45 -14.93
O1B GDP B . -1.03 2.03 -14.19
O2B GDP B . 0.72 1.42 -15.92
O3B GDP B . 1.29 3.08 -14.06
O3A GDP B . -0.33 3.70 -15.90
PA GDP B . -0.35 5.25 -15.63
O1A GDP B . -0.17 6.02 -16.89
O2A GDP B . 0.49 5.65 -14.44
O5' GDP B . -1.87 5.44 -15.13
C5' GDP B . -2.94 4.76 -15.79
C4' GDP B . -4.27 5.39 -15.46
O4' GDP B . -4.50 5.33 -14.03
C3' GDP B . -4.41 6.87 -15.80
O3' GDP B . -5.11 7.05 -17.03
C2' GDP B . -5.20 7.48 -14.63
O2' GDP B . -6.41 8.07 -15.07
C1' GDP B . -5.54 6.25 -13.78
N9 GDP B . -5.64 6.52 -12.36
C8 GDP B . -4.65 6.43 -11.41
N7 GDP B . -5.06 6.73 -10.21
C5 GDP B . -6.40 7.05 -10.37
C6 GDP B . -7.38 7.44 -9.42
O6 GDP B . -7.24 7.60 -8.19
N1 GDP B . -8.62 7.65 -10.00
C2 GDP B . -8.88 7.50 -11.35
N2 GDP B . -10.13 7.76 -11.74
N3 GDP B . -7.98 7.13 -12.24
C4 GDP B . -6.77 6.91 -11.69
H5' GDP B . -2.95 3.71 -15.49
H5'' GDP B . -2.79 4.81 -16.87
H4' GDP B . -5.03 4.87 -16.04
H3' GDP B . -3.45 7.35 -15.94
HO3' GDP B . -5.89 7.58 -16.84
H2' GDP B . -4.57 8.18 -14.08
HO2' GDP B . -6.97 8.18 -14.29
H1' GDP B . -6.46 5.77 -14.11
H8 GDP B . -3.64 6.13 -11.64
HN1 GDP B . -9.39 7.92 -9.39
HN21 GDP B . -10.39 7.67 -12.72
HN22 GDP B . -10.83 8.02 -11.06
N GLY A 1 16.22 -5.77 11.23
CA GLY A 1 16.48 -7.02 11.97
C GLY A 1 15.58 -7.16 13.19
N SER A 2 16.10 -7.79 14.23
CA SER A 2 15.33 -8.03 15.45
C SER A 2 14.95 -6.71 16.13
N HIS A 3 15.88 -6.13 16.86
CA HIS A 3 15.66 -4.83 17.49
C HIS A 3 16.34 -3.74 16.65
N MET A 4 17.38 -4.14 15.93
CA MET A 4 18.08 -3.24 15.02
C MET A 4 17.21 -2.97 13.81
N VAL A 5 16.89 -1.72 13.55
CA VAL A 5 15.93 -1.37 12.51
C VAL A 5 16.43 -0.27 11.60
N GLU A 6 15.81 -0.18 10.43
CA GLU A 6 16.08 0.88 9.48
C GLU A 6 14.77 1.29 8.83
N ARG A 7 13.98 2.07 9.57
CA ARG A 7 12.64 2.47 9.13
C ARG A 7 11.82 1.26 8.71
N PRO A 8 11.38 0.44 9.70
CA PRO A 8 10.67 -0.84 9.46
C PRO A 8 9.50 -0.77 8.45
N PRO A 9 8.66 0.29 8.45
CA PRO A 9 7.57 0.43 7.47
C PRO A 9 8.08 0.59 6.03
N VAL A 10 8.73 -0.44 5.52
CA VAL A 10 9.10 -0.52 4.13
C VAL A 10 8.03 -1.31 3.39
N VAL A 11 6.96 -0.63 3.01
CA VAL A 11 5.78 -1.32 2.51
C VAL A 11 5.86 -1.49 0.99
N THR A 12 5.31 -2.58 0.50
CA THR A 12 5.33 -2.88 -0.92
C THR A 12 4.04 -2.42 -1.58
N ILE A 13 4.18 -1.61 -2.63
CA ILE A 13 3.03 -1.18 -3.41
C ILE A 13 2.66 -2.24 -4.44
N MET A 14 1.42 -2.71 -4.38
CA MET A 14 0.92 -3.69 -5.31
C MET A 14 -0.43 -3.25 -5.83
N GLY A 15 -0.95 -3.94 -6.83
CA GLY A 15 -2.22 -3.58 -7.38
C GLY A 15 -2.22 -3.61 -8.88
N HIS A 16 -3.34 -3.31 -9.47
CA HIS A 16 -3.49 -3.40 -10.92
C HIS A 16 -3.01 -2.12 -11.61
N VAL A 17 -2.70 -2.26 -12.87
CA VAL A 17 -2.36 -1.15 -13.74
C VAL A 17 -3.61 -0.36 -14.08
N ASP A 18 -3.46 0.93 -14.41
CA ASP A 18 -4.60 1.80 -14.72
C ASP A 18 -5.37 2.15 -13.45
N HIS A 19 -5.16 1.38 -12.40
CA HIS A 19 -5.69 1.71 -11.09
C HIS A 19 -4.72 2.64 -10.38
N GLY A 20 -3.57 2.86 -10.99
CA GLY A 20 -2.69 3.89 -10.49
C GLY A 20 -1.25 3.47 -10.29
N LYS A 21 -0.69 2.67 -11.22
CA LYS A 21 0.70 2.29 -11.11
C LYS A 21 1.61 3.52 -10.96
N THR A 22 1.67 4.34 -11.99
CA THR A 22 2.46 5.57 -11.94
C THR A 22 1.62 6.73 -11.40
N THR A 23 0.31 6.67 -11.65
CA THR A 23 -0.60 7.74 -11.27
C THR A 23 -0.59 8.03 -9.76
N LEU A 24 -0.38 7.01 -8.94
CA LEU A 24 -0.32 7.21 -7.49
C LEU A 24 1.01 7.82 -7.10
N LEU A 25 2.05 7.46 -7.82
CA LEU A 25 3.36 8.04 -7.55
C LEU A 25 3.38 9.49 -8.03
N ASP A 26 2.32 9.89 -8.72
CA ASP A 26 2.13 11.26 -9.16
C ASP A 26 1.15 11.96 -8.24
N ALA A 27 0.05 11.28 -8.00
CA ALA A 27 -1.03 11.79 -7.18
C ALA A 27 -0.57 11.96 -5.74
N ILE A 28 0.17 10.97 -5.26
CA ILE A 28 0.76 11.02 -3.94
C ILE A 28 1.94 11.97 -3.93
N ARG A 29 2.63 12.08 -5.06
CA ARG A 29 3.74 13.01 -5.21
C ARG A 29 3.24 14.44 -5.03
N HIS A 30 2.02 14.67 -5.53
CA HIS A 30 1.41 15.98 -5.50
C HIS A 30 0.37 16.09 -4.41
N SER A 31 0.52 15.26 -3.42
CA SER A 31 -0.35 15.30 -2.26
C SER A 31 0.25 16.29 -1.28
N LYS A 32 1.56 16.16 -1.09
CA LYS A 32 2.34 17.05 -0.26
C LYS A 32 3.78 16.58 -0.26
N VAL A 33 4.57 17.09 0.69
CA VAL A 33 6.03 16.87 0.81
C VAL A 33 6.83 17.17 -0.48
N THR A 34 6.56 16.45 -1.54
CA THR A 34 7.32 16.55 -2.77
C THR A 34 6.50 17.24 -3.87
N GLU A 35 7.11 17.47 -5.02
CA GLU A 35 6.40 17.96 -6.19
C GLU A 35 6.91 17.28 -7.46
N GLN A 36 8.21 17.06 -7.53
CA GLN A 36 8.81 16.36 -8.67
C GLN A 36 10.05 15.58 -8.23
N GLU A 37 11.19 16.26 -8.21
CA GLU A 37 12.45 15.60 -7.94
C GLU A 37 12.77 15.63 -6.45
N ALA A 38 12.20 14.69 -5.73
CA ALA A 38 12.49 14.53 -4.32
C ALA A 38 12.22 13.10 -3.90
N GLY A 39 13.15 12.50 -3.19
CA GLY A 39 13.00 11.13 -2.76
C GLY A 39 13.57 10.15 -3.76
N GLY A 40 13.05 10.20 -4.98
CA GLY A 40 13.53 9.31 -6.01
C GLY A 40 12.74 9.39 -7.30
N ILE A 41 13.40 9.85 -8.36
CA ILE A 41 12.83 9.87 -9.70
C ILE A 41 13.92 9.60 -10.73
N THR A 42 13.58 8.98 -11.84
CA THR A 42 14.55 8.69 -12.89
C THR A 42 13.85 8.54 -14.24
N GLN A 43 13.15 7.42 -14.40
CA GLN A 43 12.48 7.10 -15.65
C GLN A 43 11.46 6.01 -15.38
N HIS A 44 11.94 4.87 -14.88
CA HIS A 44 11.04 3.87 -14.33
C HIS A 44 10.61 4.32 -12.94
N ILE A 45 9.34 4.14 -12.62
CA ILE A 45 8.86 4.55 -11.32
C ILE A 45 9.19 3.51 -10.25
N GLY A 46 9.11 3.94 -9.00
CA GLY A 46 9.35 3.07 -7.88
C GLY A 46 8.62 3.57 -6.66
N ALA A 47 9.29 4.40 -5.88
CA ALA A 47 8.70 5.00 -4.68
C ALA A 47 9.68 5.94 -4.01
N TYR A 48 9.36 6.34 -2.78
CA TYR A 48 10.16 7.32 -2.06
C TYR A 48 9.64 7.43 -0.63
N GLN A 49 10.42 8.07 0.23
CA GLN A 49 10.05 8.25 1.62
C GLN A 49 9.15 9.46 1.75
N VAL A 50 7.86 9.21 1.99
CA VAL A 50 6.89 10.28 2.07
C VAL A 50 6.90 10.90 3.47
N THR A 51 6.49 12.16 3.55
CA THR A 51 6.47 12.86 4.80
C THR A 51 5.05 12.91 5.37
N VAL A 52 4.72 11.90 6.18
CA VAL A 52 3.51 11.94 6.98
C VAL A 52 3.75 12.84 8.18
N ASN A 53 4.87 12.60 8.81
CA ASN A 53 5.43 13.47 9.81
C ASN A 53 6.71 14.05 9.25
N ASP A 54 7.60 13.14 8.87
CA ASP A 54 8.74 13.44 8.02
C ASP A 54 9.56 12.20 7.74
N LYS A 55 9.43 11.69 6.52
CA LYS A 55 10.25 10.56 6.05
C LYS A 55 9.92 9.28 6.82
N LYS A 56 8.65 8.92 6.80
CA LYS A 56 8.19 7.71 7.45
C LYS A 56 7.33 6.93 6.45
N ILE A 57 7.48 5.61 6.45
CA ILE A 57 6.80 4.74 5.51
C ILE A 57 7.36 4.93 4.11
N THR A 58 8.43 4.23 3.83
CA THR A 58 8.98 4.21 2.50
C THR A 58 8.13 3.27 1.65
N PHE A 59 7.35 3.87 0.77
CA PHE A 59 6.49 3.14 -0.16
C PHE A 59 7.30 2.22 -1.10
N LEU A 60 8.63 2.31 -1.02
CA LEU A 60 9.50 1.50 -1.85
C LEU A 60 9.62 0.10 -1.28
N ASP A 61 9.42 -0.89 -2.13
CA ASP A 61 9.48 -2.28 -1.71
C ASP A 61 10.93 -2.77 -1.64
N THR A 62 11.07 -4.09 -1.60
CA THR A 62 12.36 -4.78 -1.57
C THR A 62 12.93 -4.85 -0.16
N PRO A 63 12.57 -5.92 0.58
CA PRO A 63 13.11 -6.19 1.91
C PRO A 63 14.34 -7.09 1.85
N GLY A 64 14.83 -7.31 0.63
CA GLY A 64 16.04 -8.08 0.44
C GLY A 64 15.77 -9.56 0.25
N HIS A 65 15.34 -10.21 1.31
CA HIS A 65 15.15 -11.66 1.31
C HIS A 65 13.96 -12.07 0.44
N GLU A 66 12.76 -11.67 0.84
CA GLU A 66 11.56 -11.99 0.07
C GLU A 66 11.49 -11.11 -1.16
N ALA A 67 11.01 -11.67 -2.26
CA ALA A 67 11.02 -10.99 -3.54
C ALA A 67 9.61 -10.81 -4.07
N PHE A 68 8.85 -9.97 -3.40
CA PHE A 68 7.45 -9.74 -3.73
C PHE A 68 7.26 -9.31 -5.18
N THR A 69 7.72 -8.11 -5.51
CA THR A 69 7.53 -7.55 -6.85
C THR A 69 8.71 -7.88 -7.76
N THR A 70 9.08 -9.16 -7.82
CA THR A 70 10.18 -9.62 -8.66
C THR A 70 11.48 -8.89 -8.28
N MET A 71 12.09 -9.31 -7.20
CA MET A 71 13.29 -8.66 -6.71
C MET A 71 14.52 -9.50 -7.06
N ARG A 72 14.63 -10.68 -6.46
CA ARG A 72 15.65 -11.63 -6.90
C ARG A 72 15.04 -13.00 -7.20
N ALA A 73 14.75 -13.79 -6.18
CA ALA A 73 14.12 -15.09 -6.38
C ALA A 73 12.98 -15.32 -5.41
N ARG A 74 13.33 -15.62 -4.16
CA ARG A 74 12.36 -15.87 -3.11
C ARG A 74 13.09 -15.85 -1.77
N GLY A 75 12.38 -15.64 -0.68
CA GLY A 75 13.03 -15.63 0.62
C GLY A 75 12.05 -15.76 1.76
N ALA A 76 12.02 -14.73 2.59
CA ALA A 76 11.15 -14.70 3.75
C ALA A 76 11.07 -13.30 4.32
N GLN A 77 9.96 -13.00 4.97
CA GLN A 77 9.78 -11.71 5.61
C GLN A 77 9.42 -11.89 7.08
N VAL A 78 9.31 -10.80 7.81
CA VAL A 78 9.02 -10.86 9.24
C VAL A 78 7.70 -10.16 9.55
N THR A 79 7.69 -8.84 9.38
CA THR A 79 6.47 -8.07 9.55
C THR A 79 6.51 -6.86 8.63
N ASP A 80 6.15 -7.09 7.37
CA ASP A 80 6.10 -6.04 6.38
C ASP A 80 4.65 -5.71 6.05
N ILE A 81 4.44 -4.79 5.13
CA ILE A 81 3.10 -4.38 4.75
C ILE A 81 2.98 -4.28 3.24
N VAL A 82 1.91 -4.81 2.68
CA VAL A 82 1.68 -4.68 1.25
C VAL A 82 0.43 -3.86 0.97
N ILE A 83 0.63 -2.75 0.31
CA ILE A 83 -0.49 -1.96 -0.17
C ILE A 83 -1.00 -2.53 -1.45
N LEU A 84 -2.30 -2.70 -1.52
CA LEU A 84 -2.91 -3.26 -2.69
C LEU A 84 -3.89 -2.24 -3.26
N VAL A 85 -3.51 -1.65 -4.38
CA VAL A 85 -4.33 -0.65 -5.04
C VAL A 85 -5.31 -1.30 -6.02
N VAL A 86 -6.59 -1.18 -5.72
CA VAL A 86 -7.64 -1.63 -6.60
C VAL A 86 -8.65 -0.52 -6.86
N ALA A 87 -8.86 -0.20 -8.12
CA ALA A 87 -9.84 0.79 -8.50
C ALA A 87 -11.24 0.25 -8.24
N ALA A 88 -12.11 1.06 -7.65
CA ALA A 88 -13.43 0.58 -7.24
C ALA A 88 -14.33 0.36 -8.43
N ASP A 89 -13.94 0.91 -9.54
CA ASP A 89 -14.72 0.75 -10.76
C ASP A 89 -14.29 -0.50 -11.53
N ASP A 90 -13.05 -0.92 -11.34
CA ASP A 90 -12.48 -2.01 -12.14
C ASP A 90 -12.21 -3.25 -11.28
N GLY A 91 -11.69 -3.04 -10.07
CA GLY A 91 -11.57 -4.13 -9.11
C GLY A 91 -10.29 -4.92 -9.20
N VAL A 92 -10.41 -6.24 -9.22
CA VAL A 92 -9.26 -7.13 -9.24
C VAL A 92 -9.10 -7.75 -10.62
N MET A 93 -7.89 -7.67 -11.12
CA MET A 93 -7.56 -8.03 -12.49
C MET A 93 -6.34 -8.95 -12.49
N PRO A 94 -5.90 -9.44 -13.67
CA PRO A 94 -4.76 -10.35 -13.79
C PRO A 94 -3.56 -10.01 -12.90
N GLN A 95 -2.93 -8.86 -13.10
CA GLN A 95 -1.72 -8.51 -12.36
C GLN A 95 -2.05 -8.17 -10.91
N THR A 96 -3.30 -7.83 -10.66
CA THR A 96 -3.76 -7.50 -9.33
C THR A 96 -3.68 -8.74 -8.45
N VAL A 97 -4.14 -9.85 -9.01
CA VAL A 97 -4.11 -11.10 -8.32
C VAL A 97 -2.69 -11.59 -8.08
N GLU A 98 -1.85 -11.47 -9.10
CA GLU A 98 -0.47 -11.96 -9.01
C GLU A 98 0.26 -11.32 -7.85
N ALA A 99 -0.21 -10.15 -7.44
CA ALA A 99 0.31 -9.48 -6.27
C ALA A 99 -0.24 -10.11 -5.00
N ILE A 100 -1.52 -10.48 -5.02
CA ILE A 100 -2.17 -11.08 -3.87
C ILE A 100 -1.64 -12.49 -3.68
N ASN A 101 -1.51 -13.17 -4.80
CA ASN A 101 -1.02 -14.53 -4.83
C ASN A 101 0.38 -14.62 -4.28
N HIS A 102 1.14 -13.55 -4.41
CA HIS A 102 2.46 -13.48 -3.81
C HIS A 102 2.35 -13.07 -2.34
N ALA A 103 1.39 -12.21 -2.06
CA ALA A 103 1.18 -11.73 -0.70
C ALA A 103 0.76 -12.86 0.22
N LYS A 104 -0.14 -13.72 -0.25
CA LYS A 104 -0.59 -14.85 0.55
C LYS A 104 0.51 -15.89 0.61
N ALA A 105 1.22 -16.00 -0.50
CA ALA A 105 2.37 -16.89 -0.59
C ALA A 105 3.35 -16.65 0.57
N ALA A 106 3.56 -15.39 0.90
CA ALA A 106 4.44 -15.03 2.02
C ALA A 106 3.65 -14.96 3.33
N ASN A 107 2.41 -14.48 3.21
CA ASN A 107 1.43 -14.45 4.31
C ASN A 107 1.57 -13.17 5.08
N VAL A 108 1.55 -12.09 4.34
CA VAL A 108 1.71 -10.75 4.87
C VAL A 108 0.36 -10.04 4.94
N PRO A 109 0.13 -9.24 6.01
CA PRO A 109 -1.06 -8.41 6.13
C PRO A 109 -1.10 -7.32 5.07
N ILE A 110 -2.28 -7.06 4.53
CA ILE A 110 -2.40 -6.16 3.42
C ILE A 110 -2.96 -4.80 3.86
N ILE A 111 -2.70 -3.80 3.04
CA ILE A 111 -3.28 -2.48 3.17
C ILE A 111 -3.86 -2.09 1.83
N VAL A 112 -5.10 -2.45 1.62
CA VAL A 112 -5.76 -2.18 0.38
C VAL A 112 -6.19 -0.75 0.32
N ALA A 113 -6.15 -0.24 -0.87
CA ALA A 113 -6.57 1.11 -1.14
C ALA A 113 -7.35 1.16 -2.44
N ILE A 114 -8.63 1.42 -2.30
CA ILE A 114 -9.53 1.50 -3.43
C ILE A 114 -9.45 2.89 -4.03
N ASN A 115 -9.21 2.98 -5.32
CA ASN A 115 -9.07 4.27 -6.00
C ASN A 115 -10.20 4.39 -6.96
N LYS A 116 -10.38 5.58 -7.49
CA LYS A 116 -11.45 5.85 -8.41
C LYS A 116 -12.81 5.84 -7.71
N MET A 117 -12.83 6.25 -6.44
CA MET A 117 -14.07 6.44 -5.71
C MET A 117 -14.66 7.79 -6.08
N ASP A 118 -13.88 8.58 -6.80
CA ASP A 118 -14.36 9.84 -7.36
C ASP A 118 -15.38 9.56 -8.44
N LYS A 119 -15.18 8.44 -9.12
CA LYS A 119 -16.09 8.01 -10.17
C LYS A 119 -17.37 7.44 -9.58
N PRO A 120 -18.52 7.76 -10.18
CA PRO A 120 -19.82 7.19 -9.78
C PRO A 120 -19.86 5.69 -10.03
N GLU A 121 -18.93 5.22 -10.84
CA GLU A 121 -18.78 3.80 -11.13
C GLU A 121 -18.09 3.08 -9.98
N ALA A 122 -17.60 3.87 -9.02
CA ALA A 122 -16.93 3.33 -7.83
C ALA A 122 -17.84 2.39 -7.08
N ASN A 123 -17.45 1.14 -7.03
CA ASN A 123 -18.14 0.16 -6.23
C ASN A 123 -17.13 -0.56 -5.36
N PRO A 124 -16.71 0.12 -4.29
CA PRO A 124 -15.60 -0.33 -3.45
C PRO A 124 -15.90 -1.61 -2.74
N ASP A 125 -17.04 -1.64 -2.08
CA ASP A 125 -17.51 -2.82 -1.38
C ASP A 125 -17.54 -4.01 -2.33
N ARG A 126 -17.70 -3.72 -3.62
CA ARG A 126 -17.78 -4.78 -4.61
C ARG A 126 -16.39 -5.28 -4.93
N VAL A 127 -15.53 -4.33 -5.29
CA VAL A 127 -14.16 -4.66 -5.63
C VAL A 127 -13.38 -5.20 -4.42
N MET A 128 -13.75 -4.77 -3.22
CA MET A 128 -13.11 -5.28 -2.01
C MET A 128 -13.67 -6.65 -1.63
N GLN A 129 -14.81 -7.02 -2.23
CA GLN A 129 -15.32 -8.37 -2.09
C GLN A 129 -14.58 -9.32 -3.03
N GLU A 130 -14.03 -8.79 -4.11
CA GLU A 130 -13.15 -9.56 -4.99
C GLU A 130 -11.88 -9.88 -4.23
N LEU A 131 -11.53 -8.97 -3.34
CA LEU A 131 -10.40 -9.17 -2.48
C LEU A 131 -10.64 -10.39 -1.61
N MET A 132 -11.84 -10.48 -1.03
CA MET A 132 -12.14 -11.61 -0.16
C MET A 132 -12.38 -12.88 -0.97
N GLU A 133 -12.44 -12.73 -2.30
CA GLU A 133 -12.50 -13.87 -3.19
C GLU A 133 -11.14 -14.53 -3.20
N TYR A 134 -10.11 -13.73 -2.97
CA TYR A 134 -8.77 -14.23 -2.76
C TYR A 134 -8.43 -14.21 -1.27
N ASN A 135 -9.46 -14.41 -0.45
CA ASN A 135 -9.34 -14.50 1.00
C ASN A 135 -8.66 -13.26 1.59
N LEU A 136 -9.06 -12.09 1.10
CA LEU A 136 -8.62 -10.83 1.68
C LEU A 136 -9.79 -10.13 2.31
N VAL A 137 -9.84 -10.15 3.63
CA VAL A 137 -11.00 -9.63 4.32
C VAL A 137 -10.71 -8.27 4.93
N PRO A 138 -11.44 -7.26 4.44
CA PRO A 138 -11.45 -5.93 5.00
C PRO A 138 -11.54 -5.94 6.50
N GLU A 139 -10.79 -5.05 7.09
CA GLU A 139 -10.77 -4.90 8.54
C GLU A 139 -12.07 -4.29 9.02
N GLU A 140 -12.79 -3.66 8.10
CA GLU A 140 -14.16 -3.24 8.36
C GLU A 140 -15.04 -4.46 8.64
N TRP A 141 -14.64 -5.60 8.08
CA TRP A 141 -15.43 -6.81 8.20
C TRP A 141 -14.84 -7.74 9.24
N GLY A 142 -13.54 -7.65 9.43
CA GLY A 142 -12.87 -8.44 10.45
C GLY A 142 -11.93 -9.47 9.88
N GLY A 143 -11.32 -9.17 8.74
CA GLY A 143 -10.32 -10.06 8.19
C GLY A 143 -8.93 -9.71 8.64
N ASP A 144 -8.07 -9.40 7.68
CA ASP A 144 -6.70 -8.98 8.01
C ASP A 144 -6.13 -8.05 6.95
N THR A 145 -6.81 -6.93 6.76
CA THR A 145 -6.36 -5.91 5.82
C THR A 145 -7.11 -4.60 6.07
N ILE A 146 -6.38 -3.53 6.31
CA ILE A 146 -7.00 -2.23 6.37
C ILE A 146 -7.33 -1.77 4.95
N PHE A 147 -8.61 -1.84 4.61
CA PHE A 147 -9.08 -1.42 3.31
C PHE A 147 -9.43 0.06 3.34
N CYS A 148 -8.75 0.85 2.54
CA CYS A 148 -9.06 2.26 2.41
C CYS A 148 -9.84 2.50 1.12
N LYS A 149 -10.89 3.31 1.19
CA LYS A 149 -11.69 3.64 0.01
C LYS A 149 -11.43 5.07 -0.41
N LEU A 150 -10.48 5.26 -1.31
CA LEU A 150 -10.07 6.59 -1.70
C LEU A 150 -10.24 6.86 -3.18
N SER A 151 -9.65 7.96 -3.58
CA SER A 151 -9.58 8.37 -4.96
C SER A 151 -8.52 9.42 -5.03
N ALA A 152 -7.40 9.05 -5.58
CA ALA A 152 -6.31 9.99 -5.70
C ALA A 152 -6.71 11.10 -6.66
N LYS A 153 -7.79 10.85 -7.39
CA LYS A 153 -8.36 11.87 -8.25
C LYS A 153 -8.97 13.00 -7.41
N THR A 154 -9.83 12.65 -6.46
CA THR A 154 -10.52 13.65 -5.66
C THR A 154 -9.68 14.09 -4.46
N LYS A 155 -8.57 13.40 -4.24
CA LYS A 155 -7.62 13.74 -3.18
C LYS A 155 -8.25 13.62 -1.81
N GLU A 156 -8.93 12.52 -1.60
CA GLU A 156 -9.64 12.31 -0.32
C GLU A 156 -8.93 11.26 0.51
N GLY A 157 -9.05 10.04 0.03
CA GLY A 157 -8.52 8.92 0.75
C GLY A 157 -7.01 8.92 0.84
N LEU A 158 -6.34 9.81 0.12
CA LEU A 158 -4.89 9.88 0.17
C LEU A 158 -4.46 10.38 1.53
N ASP A 159 -5.18 11.37 2.02
CA ASP A 159 -4.96 11.86 3.37
C ASP A 159 -5.28 10.77 4.37
N HIS A 160 -6.41 10.08 4.15
CA HIS A 160 -6.83 9.03 5.06
C HIS A 160 -5.93 7.80 4.94
N LEU A 161 -5.18 7.69 3.86
CA LEU A 161 -4.33 6.55 3.63
C LEU A 161 -3.14 6.58 4.57
N LEU A 162 -2.39 7.67 4.50
CA LEU A 162 -1.20 7.84 5.30
C LEU A 162 -1.54 7.80 6.79
N GLU A 163 -2.75 8.22 7.14
CA GLU A 163 -3.24 8.13 8.51
C GLU A 163 -3.33 6.67 8.94
N MET A 164 -4.01 5.86 8.12
CA MET A 164 -4.20 4.44 8.43
C MET A 164 -2.88 3.70 8.36
N ILE A 165 -2.13 3.96 7.31
CA ILE A 165 -0.85 3.31 7.09
C ILE A 165 0.09 3.58 8.27
N LEU A 166 0.13 4.83 8.71
CA LEU A 166 0.99 5.20 9.83
C LEU A 166 0.53 4.55 11.12
N LEU A 167 -0.78 4.52 11.32
CA LEU A 167 -1.34 3.84 12.48
C LEU A 167 -0.83 2.41 12.53
N VAL A 168 -0.82 1.78 11.36
CA VAL A 168 -0.30 0.44 11.21
C VAL A 168 1.23 0.44 11.38
N SER A 169 1.91 1.41 10.79
CA SER A 169 3.36 1.49 10.90
C SER A 169 3.81 1.64 12.36
N GLU A 170 3.08 2.43 13.13
CA GLU A 170 3.44 2.66 14.53
C GLU A 170 2.96 1.50 15.39
N MET A 171 2.07 0.69 14.84
CA MET A 171 1.50 -0.44 15.56
C MET A 171 2.51 -1.58 15.66
N GLU A 172 3.62 -1.44 14.93
CA GLU A 172 4.72 -2.41 15.00
C GLU A 172 5.07 -2.73 16.45
N GLU A 173 5.27 -1.69 17.25
CA GLU A 173 5.57 -1.85 18.66
C GLU A 173 4.31 -1.62 19.49
N LEU A 174 3.36 -0.92 18.90
CA LEU A 174 2.16 -0.48 19.61
C LEU A 174 0.95 -1.30 19.14
N LYS A 175 1.10 -2.62 19.10
CA LYS A 175 0.02 -3.52 18.70
C LYS A 175 -1.28 -3.19 19.43
N ALA A 176 -2.30 -2.83 18.67
CA ALA A 176 -3.59 -2.53 19.24
C ALA A 176 -4.50 -3.75 19.16
N ASN A 177 -5.17 -4.04 20.27
CA ASN A 177 -6.05 -5.20 20.31
C ASN A 177 -7.51 -4.78 20.38
N PRO A 178 -8.32 -5.26 19.43
CA PRO A 178 -9.75 -5.02 19.40
C PRO A 178 -10.52 -6.12 20.12
PB GDP B . -0.15 3.06 -15.19
O1B GDP B . -1.13 2.52 -14.19
O2B GDP B . 0.13 2.10 -16.36
O3B GDP B . 1.11 3.68 -14.58
O3A GDP B . -0.95 4.34 -15.91
PA GDP B . -1.00 5.85 -15.51
O1A GDP B . -0.88 6.74 -16.69
O2A GDP B . -0.14 6.17 -14.31
O5' GDP B . -2.52 5.96 -14.98
C5' GDP B . -3.55 5.26 -15.66
C4' GDP B . -4.91 5.82 -15.31
O4' GDP B . -5.16 5.64 -13.89
C3' GDP B . -5.10 7.32 -15.52
O3' GDP B . -5.71 7.57 -16.78
C2' GDP B . -5.98 7.79 -14.36
O2' GDP B . -7.22 8.31 -14.81
C1' GDP B . -6.24 6.49 -13.59
N9 GDP B . -6.32 6.66 -12.14
C8 GDP B . -5.38 6.29 -11.20
N7 GDP B . -5.76 6.54 -9.97
C5 GDP B . -7.02 7.10 -10.11
C6 GDP B . -7.94 7.55 -9.13
O6 GDP B . -7.81 7.55 -7.89
N1 GDP B . -9.11 8.04 -9.69
C2 GDP B . -9.37 8.08 -11.04
N2 GDP B . -10.55 8.59 -11.42
N3 GDP B . -8.52 7.65 -11.97
C4 GDP B . -7.38 7.17 -11.44
H5' GDP B . -3.52 4.20 -15.39
H5'' GDP B . -3.41 5.35 -16.74
H4' GDP B . -5.64 5.32 -15.94
H3' GDP B . -4.14 7.84 -15.55
HO3' GDP B . -6.47 6.98 -16.84
H2' GDP B . -5.43 8.51 -13.74
HO2' GDP B . -7.80 8.34 -14.05
H1' GDP B . -7.15 5.99 -13.92
H8 GDP B . -4.43 5.85 -11.45
HN1 GDP B . -9.82 8.40 -9.07
HN21 GDP B . -10.80 8.64 -12.40
HN22 GDP B . -11.21 8.93 -10.72
N GLY A 1 21.66 10.75 12.74
CA GLY A 1 21.10 9.80 13.74
C GLY A 1 19.78 9.20 13.31
N SER A 2 18.83 10.06 12.99
CA SER A 2 17.46 9.63 12.72
C SER A 2 17.30 9.09 11.29
N HIS A 3 16.91 7.82 11.20
CA HIS A 3 16.48 7.18 9.95
C HIS A 3 17.55 7.25 8.86
N MET A 4 18.64 6.53 9.06
CA MET A 4 19.67 6.40 8.04
C MET A 4 19.66 4.98 7.47
N VAL A 5 19.85 4.01 8.34
CA VAL A 5 19.75 2.61 7.96
C VAL A 5 18.57 1.97 8.69
N GLU A 6 18.18 2.59 9.80
CA GLU A 6 17.04 2.12 10.58
C GLU A 6 15.77 2.77 10.08
N ARG A 7 15.09 2.09 9.17
CA ARG A 7 13.84 2.59 8.60
C ARG A 7 12.84 1.43 8.44
N PRO A 8 12.23 1.01 9.56
CA PRO A 8 11.32 -0.15 9.60
C PRO A 8 10.10 -0.08 8.66
N PRO A 9 9.30 1.01 8.66
CA PRO A 9 8.04 1.05 7.92
C PRO A 9 8.22 1.07 6.41
N VAL A 10 8.23 -0.11 5.82
CA VAL A 10 8.26 -0.25 4.37
C VAL A 10 6.92 -0.76 3.85
N VAL A 11 6.47 -0.21 2.73
CA VAL A 11 5.17 -0.53 2.19
C VAL A 11 5.24 -0.76 0.67
N THR A 12 5.10 -2.00 0.26
CA THR A 12 5.15 -2.34 -1.15
C THR A 12 3.84 -1.98 -1.85
N ILE A 13 3.94 -1.35 -3.01
CA ILE A 13 2.77 -0.93 -3.78
C ILE A 13 2.43 -1.95 -4.85
N MET A 14 1.23 -2.52 -4.75
CA MET A 14 0.78 -3.50 -5.70
C MET A 14 -0.62 -3.13 -6.16
N GLY A 15 -1.18 -3.87 -7.10
CA GLY A 15 -2.50 -3.59 -7.59
C GLY A 15 -2.59 -3.76 -9.07
N HIS A 16 -3.60 -3.16 -9.67
CA HIS A 16 -3.78 -3.24 -11.12
C HIS A 16 -3.30 -1.98 -11.83
N VAL A 17 -3.08 -2.15 -13.13
CA VAL A 17 -2.66 -1.08 -14.01
C VAL A 17 -3.86 -0.23 -14.45
N ASP A 18 -3.61 1.04 -14.72
CA ASP A 18 -4.63 2.00 -15.16
C ASP A 18 -5.58 2.35 -14.03
N HIS A 19 -5.68 1.47 -13.05
CA HIS A 19 -6.27 1.86 -11.79
C HIS A 19 -5.39 2.94 -11.21
N GLY A 20 -4.08 2.78 -11.38
CA GLY A 20 -3.14 3.77 -10.88
C GLY A 20 -1.88 3.17 -10.30
N LYS A 21 -1.17 2.37 -11.08
CA LYS A 21 0.08 1.80 -10.61
C LYS A 21 1.11 2.89 -10.31
N THR A 22 1.49 3.65 -11.33
CA THR A 22 2.52 4.68 -11.18
C THR A 22 1.91 6.01 -10.73
N THR A 23 0.75 6.34 -11.28
CA THR A 23 0.09 7.60 -10.98
C THR A 23 -0.19 7.78 -9.49
N LEU A 24 -0.34 6.66 -8.79
CA LEU A 24 -0.58 6.69 -7.35
C LEU A 24 0.62 7.33 -6.65
N LEU A 25 1.80 6.83 -6.95
CA LEU A 25 3.02 7.26 -6.28
C LEU A 25 3.40 8.67 -6.69
N ASP A 26 2.79 9.16 -7.76
CA ASP A 26 3.04 10.52 -8.20
C ASP A 26 2.05 11.44 -7.55
N ALA A 27 0.83 10.92 -7.44
CA ALA A 27 -0.26 11.66 -6.83
C ALA A 27 -0.04 11.78 -5.33
N ILE A 28 0.54 10.72 -4.77
CA ILE A 28 0.74 10.61 -3.34
C ILE A 28 1.92 11.48 -2.89
N ARG A 29 2.92 11.61 -3.75
CA ARG A 29 4.10 12.43 -3.46
C ARG A 29 3.73 13.90 -3.62
N HIS A 30 2.88 14.14 -4.60
CA HIS A 30 2.44 15.48 -4.95
C HIS A 30 1.27 15.89 -4.07
N SER A 31 1.17 15.23 -2.95
CA SER A 31 0.13 15.52 -1.97
C SER A 31 0.77 15.91 -0.63
N LYS A 32 2.05 16.26 -0.67
CA LYS A 32 2.79 16.69 0.53
C LYS A 32 4.27 16.93 0.21
N VAL A 33 5.09 16.78 1.23
CA VAL A 33 6.51 17.06 1.13
C VAL A 33 7.34 15.80 1.30
N THR A 34 8.37 15.68 0.47
CA THR A 34 9.36 14.64 0.60
C THR A 34 10.66 15.11 -0.07
N GLU A 35 11.71 14.31 0.03
CA GLU A 35 13.03 14.67 -0.49
C GLU A 35 13.54 15.97 0.16
N GLN A 36 14.44 16.67 -0.51
CA GLN A 36 14.93 17.94 0.01
C GLN A 36 14.09 19.11 -0.48
N GLU A 37 13.10 18.83 -1.33
CA GLU A 37 12.30 19.89 -1.93
C GLU A 37 10.83 19.48 -2.00
N ALA A 38 9.96 20.44 -1.71
CA ALA A 38 8.52 20.22 -1.70
C ALA A 38 8.01 19.80 -3.07
N GLY A 39 7.71 18.52 -3.20
CA GLY A 39 7.27 17.97 -4.47
C GLY A 39 7.88 16.60 -4.69
N GLY A 40 9.05 16.39 -4.11
CA GLY A 40 9.69 15.11 -4.18
C GLY A 40 10.69 15.01 -5.31
N ILE A 41 10.96 13.78 -5.72
CA ILE A 41 11.92 13.53 -6.80
C ILE A 41 11.35 12.48 -7.75
N THR A 42 11.64 12.63 -9.03
CA THR A 42 11.18 11.69 -10.03
C THR A 42 12.30 10.71 -10.39
N GLN A 43 13.17 11.13 -11.32
CA GLN A 43 14.32 10.32 -11.75
C GLN A 43 13.89 8.96 -12.32
N HIS A 44 12.58 8.80 -12.53
CA HIS A 44 12.01 7.52 -12.97
C HIS A 44 12.45 6.38 -12.05
N ILE A 45 12.42 6.63 -10.75
CA ILE A 45 12.79 5.62 -9.78
C ILE A 45 11.57 4.84 -9.34
N GLY A 46 11.80 3.67 -8.78
CA GLY A 46 10.72 2.81 -8.38
C GLY A 46 10.40 2.96 -6.91
N ALA A 47 9.35 3.75 -6.62
CA ALA A 47 8.88 3.97 -5.25
C ALA A 47 9.85 4.87 -4.46
N TYR A 48 9.53 5.20 -3.21
CA TYR A 48 10.30 6.23 -2.51
C TYR A 48 9.92 6.32 -1.03
N GLN A 49 10.71 7.10 -0.30
CA GLN A 49 10.48 7.33 1.11
C GLN A 49 9.74 8.64 1.31
N VAL A 50 8.60 8.60 1.99
CA VAL A 50 7.77 9.79 2.16
C VAL A 50 8.08 10.49 3.47
N THR A 51 7.90 11.79 3.49
CA THR A 51 8.13 12.56 4.70
C THR A 51 6.81 13.01 5.32
N VAL A 52 6.22 12.14 6.10
CA VAL A 52 5.06 12.52 6.90
C VAL A 52 5.55 13.31 8.09
N ASN A 53 6.62 12.80 8.67
CA ASN A 53 7.31 13.42 9.76
C ASN A 53 8.80 13.39 9.43
N ASP A 54 9.27 12.19 9.10
CA ASP A 54 10.62 11.97 8.60
C ASP A 54 10.82 10.53 8.17
N LYS A 55 10.56 10.27 6.89
CA LYS A 55 10.90 8.99 6.27
C LYS A 55 10.14 7.81 6.89
N LYS A 56 8.90 8.04 7.28
CA LYS A 56 8.04 6.95 7.71
C LYS A 56 7.11 6.57 6.57
N ILE A 57 6.84 5.27 6.43
CA ILE A 57 6.03 4.75 5.34
C ILE A 57 6.76 4.90 4.01
N THR A 58 7.77 4.08 3.82
CA THR A 58 8.49 4.04 2.58
C THR A 58 7.77 3.12 1.61
N PHE A 59 7.08 3.70 0.65
CA PHE A 59 6.43 2.90 -0.37
C PHE A 59 7.52 2.37 -1.27
N LEU A 60 7.59 1.06 -1.42
CA LEU A 60 8.70 0.44 -2.13
C LEU A 60 8.26 -0.85 -2.83
N ASP A 61 8.00 -0.76 -4.13
CA ASP A 61 7.78 -1.93 -4.94
C ASP A 61 8.91 -2.07 -5.95
N THR A 62 9.61 -3.18 -5.88
CA THR A 62 10.80 -3.39 -6.70
C THR A 62 10.50 -4.37 -7.83
N PRO A 63 10.89 -4.02 -9.07
CA PRO A 63 10.70 -4.87 -10.25
C PRO A 63 11.62 -6.09 -10.25
N GLY A 64 11.64 -6.80 -9.13
CA GLY A 64 12.40 -8.03 -9.04
C GLY A 64 11.52 -9.24 -9.24
N HIS A 65 10.49 -9.34 -8.39
CA HIS A 65 9.49 -10.39 -8.52
C HIS A 65 8.10 -9.77 -8.41
N GLU A 66 7.56 -9.39 -9.57
CA GLU A 66 6.28 -8.68 -9.67
C GLU A 66 6.39 -7.27 -9.06
N ALA A 67 6.59 -7.22 -7.75
CA ALA A 67 6.70 -5.95 -7.04
C ALA A 67 7.39 -6.15 -5.70
N PHE A 68 7.34 -7.37 -5.17
CA PHE A 68 7.98 -7.68 -3.91
C PHE A 68 9.49 -7.71 -4.04
N THR A 69 10.15 -7.08 -3.08
CA THR A 69 11.60 -7.01 -3.04
C THR A 69 12.18 -8.25 -2.35
N THR A 70 13.43 -8.57 -2.65
CA THR A 70 14.11 -9.70 -2.04
C THR A 70 14.59 -9.35 -0.61
N MET A 71 13.64 -9.06 0.27
CA MET A 71 13.96 -8.60 1.60
C MET A 71 13.96 -9.74 2.62
N ARG A 72 14.41 -10.91 2.17
CA ARG A 72 14.55 -12.05 3.07
C ARG A 72 15.89 -11.99 3.79
N ALA A 73 16.69 -10.99 3.45
CA ALA A 73 17.97 -10.76 4.11
C ALA A 73 17.81 -9.77 5.25
N ARG A 74 16.55 -9.53 5.60
CA ARG A 74 16.20 -8.53 6.60
C ARG A 74 15.72 -9.20 7.89
N GLY A 75 15.41 -10.49 7.81
CA GLY A 75 14.92 -11.21 8.96
C GLY A 75 13.88 -12.25 8.59
N ALA A 76 13.05 -12.63 9.55
CA ALA A 76 12.02 -13.63 9.33
C ALA A 76 10.67 -13.15 9.85
N GLN A 77 10.67 -12.50 11.01
CA GLN A 77 9.44 -11.98 11.60
C GLN A 77 9.21 -10.55 11.14
N VAL A 78 9.98 -10.14 10.15
CA VAL A 78 9.86 -8.82 9.57
C VAL A 78 8.78 -8.80 8.49
N THR A 79 7.53 -8.74 8.93
CA THR A 79 6.41 -8.74 8.01
C THR A 79 6.29 -7.42 7.26
N ASP A 80 6.07 -7.51 5.96
CA ASP A 80 5.90 -6.33 5.12
C ASP A 80 4.45 -5.93 5.06
N ILE A 81 4.21 -4.78 4.44
CA ILE A 81 2.87 -4.29 4.22
C ILE A 81 2.68 -3.96 2.74
N VAL A 82 1.74 -4.61 2.11
CA VAL A 82 1.48 -4.39 0.69
C VAL A 82 0.19 -3.63 0.47
N ILE A 83 0.30 -2.51 -0.22
CA ILE A 83 -0.86 -1.74 -0.61
C ILE A 83 -1.46 -2.29 -1.88
N LEU A 84 -2.75 -2.48 -1.87
CA LEU A 84 -3.45 -2.96 -3.04
C LEU A 84 -4.16 -1.82 -3.74
N VAL A 85 -3.62 -1.42 -4.85
CA VAL A 85 -4.25 -0.39 -5.65
C VAL A 85 -5.31 -1.02 -6.55
N VAL A 86 -6.54 -1.02 -6.08
CA VAL A 86 -7.67 -1.50 -6.85
C VAL A 86 -8.68 -0.40 -7.06
N ALA A 87 -8.99 -0.12 -8.30
CA ALA A 87 -10.03 0.83 -8.63
C ALA A 87 -11.39 0.24 -8.32
N ALA A 88 -12.22 1.00 -7.62
CA ALA A 88 -13.57 0.56 -7.28
C ALA A 88 -14.42 0.39 -8.51
N ASP A 89 -13.95 0.93 -9.60
CA ASP A 89 -14.71 0.91 -10.84
C ASP A 89 -14.29 -0.25 -11.74
N ASP A 90 -13.43 -1.12 -11.22
CA ASP A 90 -12.91 -2.24 -12.00
C ASP A 90 -12.63 -3.45 -11.11
N GLY A 91 -11.98 -3.21 -9.97
CA GLY A 91 -11.77 -4.27 -8.99
C GLY A 91 -10.49 -5.04 -9.21
N VAL A 92 -10.54 -6.35 -8.98
CA VAL A 92 -9.37 -7.21 -9.14
C VAL A 92 -9.26 -7.67 -10.60
N MET A 93 -8.03 -7.73 -11.08
CA MET A 93 -7.74 -8.01 -12.48
C MET A 93 -6.49 -8.91 -12.56
N PRO A 94 -6.08 -9.34 -13.77
CA PRO A 94 -4.92 -10.25 -13.95
C PRO A 94 -3.71 -9.92 -13.07
N GLN A 95 -3.05 -8.77 -13.28
CA GLN A 95 -1.84 -8.47 -12.53
C GLN A 95 -2.18 -8.13 -11.08
N THR A 96 -3.42 -7.76 -10.85
CA THR A 96 -3.91 -7.43 -9.53
C THR A 96 -3.87 -8.67 -8.66
N VAL A 97 -4.32 -9.78 -9.23
CA VAL A 97 -4.29 -11.03 -8.53
C VAL A 97 -2.88 -11.51 -8.31
N GLU A 98 -2.03 -11.35 -9.33
CA GLU A 98 -0.63 -11.77 -9.23
C GLU A 98 0.04 -11.12 -8.04
N ALA A 99 -0.42 -9.92 -7.71
CA ALA A 99 0.04 -9.21 -6.53
C ALA A 99 -0.46 -9.90 -5.25
N ILE A 100 -1.70 -10.37 -5.28
CA ILE A 100 -2.30 -11.03 -4.14
C ILE A 100 -1.66 -12.41 -3.97
N ASN A 101 -1.50 -13.07 -5.10
CA ASN A 101 -0.91 -14.38 -5.17
C ASN A 101 0.51 -14.38 -4.64
N HIS A 102 1.20 -13.26 -4.84
CA HIS A 102 2.55 -13.12 -4.31
C HIS A 102 2.48 -12.77 -2.82
N ALA A 103 1.47 -11.99 -2.45
CA ALA A 103 1.33 -11.51 -1.09
C ALA A 103 0.86 -12.61 -0.14
N LYS A 104 -0.11 -13.42 -0.57
CA LYS A 104 -0.68 -14.45 0.30
C LYS A 104 0.26 -15.62 0.41
N ALA A 105 0.89 -15.94 -0.70
CA ALA A 105 1.89 -17.01 -0.72
C ALA A 105 3.06 -16.66 0.18
N ALA A 106 3.34 -15.37 0.33
CA ALA A 106 4.37 -14.91 1.24
C ALA A 106 3.82 -14.79 2.67
N ASN A 107 2.49 -14.78 2.75
CA ASN A 107 1.76 -14.73 4.02
C ASN A 107 1.93 -13.36 4.67
N VAL A 108 1.49 -12.34 3.97
CA VAL A 108 1.65 -10.97 4.42
C VAL A 108 0.30 -10.25 4.52
N PRO A 109 0.17 -9.35 5.51
CA PRO A 109 -0.98 -8.46 5.64
C PRO A 109 -1.01 -7.39 4.55
N ILE A 110 -2.21 -7.04 4.12
CA ILE A 110 -2.36 -6.11 3.03
C ILE A 110 -2.95 -4.79 3.52
N ILE A 111 -2.73 -3.75 2.73
CA ILE A 111 -3.34 -2.45 2.92
C ILE A 111 -3.95 -2.03 1.60
N VAL A 112 -5.15 -2.48 1.36
CA VAL A 112 -5.81 -2.22 0.11
C VAL A 112 -6.28 -0.79 0.06
N ALA A 113 -6.36 -0.29 -1.13
CA ALA A 113 -6.85 1.04 -1.36
C ALA A 113 -7.74 1.06 -2.59
N ILE A 114 -9.03 1.20 -2.34
CA ILE A 114 -10.03 1.24 -3.37
C ILE A 114 -10.06 2.64 -3.96
N ASN A 115 -9.52 2.79 -5.16
CA ASN A 115 -9.28 4.10 -5.75
C ASN A 115 -10.31 4.28 -6.81
N LYS A 116 -10.35 5.46 -7.37
CA LYS A 116 -11.35 5.76 -8.35
C LYS A 116 -12.74 5.75 -7.71
N MET A 117 -12.80 6.22 -6.47
CA MET A 117 -14.05 6.40 -5.77
C MET A 117 -14.67 7.73 -6.18
N ASP A 118 -13.85 8.54 -6.86
CA ASP A 118 -14.31 9.78 -7.49
C ASP A 118 -15.27 9.42 -8.60
N LYS A 119 -15.04 8.26 -9.19
CA LYS A 119 -15.89 7.73 -10.22
C LYS A 119 -17.27 7.43 -9.66
N PRO A 120 -18.32 7.86 -10.35
CA PRO A 120 -19.71 7.53 -9.98
C PRO A 120 -19.95 6.03 -10.07
N GLU A 121 -19.05 5.35 -10.76
CA GLU A 121 -19.11 3.90 -10.93
C GLU A 121 -18.34 3.21 -9.81
N ALA A 122 -17.95 3.99 -8.81
CA ALA A 122 -17.27 3.47 -7.64
C ALA A 122 -18.09 2.38 -6.97
N ASN A 123 -17.53 1.19 -6.93
CA ASN A 123 -18.15 0.09 -6.21
C ASN A 123 -17.13 -0.51 -5.26
N PRO A 124 -16.89 0.20 -4.16
CA PRO A 124 -15.84 -0.15 -3.21
C PRO A 124 -16.06 -1.49 -2.54
N ASP A 125 -17.13 -1.60 -1.79
CA ASP A 125 -17.46 -2.81 -1.06
C ASP A 125 -17.52 -4.00 -2.00
N ARG A 126 -17.73 -3.72 -3.28
CA ARG A 126 -17.74 -4.78 -4.28
C ARG A 126 -16.32 -5.28 -4.50
N VAL A 127 -15.45 -4.35 -4.85
CA VAL A 127 -14.07 -4.68 -5.13
C VAL A 127 -13.34 -5.21 -3.90
N MET A 128 -13.75 -4.76 -2.71
CA MET A 128 -13.20 -5.31 -1.45
C MET A 128 -13.50 -6.78 -1.36
N GLN A 129 -14.70 -7.14 -1.78
CA GLN A 129 -15.16 -8.53 -1.70
C GLN A 129 -14.38 -9.43 -2.66
N GLU A 130 -13.85 -8.87 -3.71
CA GLU A 130 -13.06 -9.64 -4.65
C GLU A 130 -11.72 -10.02 -4.04
N LEU A 131 -11.21 -9.12 -3.20
CA LEU A 131 -9.99 -9.39 -2.45
C LEU A 131 -10.21 -10.53 -1.48
N MET A 132 -11.39 -10.58 -0.88
CA MET A 132 -11.69 -11.63 0.07
C MET A 132 -11.97 -12.93 -0.67
N GLU A 133 -12.20 -12.83 -1.98
CA GLU A 133 -12.33 -14.01 -2.81
C GLU A 133 -10.96 -14.65 -2.96
N TYR A 134 -9.92 -13.84 -2.86
CA TYR A 134 -8.57 -14.34 -2.77
C TYR A 134 -8.13 -14.40 -1.31
N ASN A 135 -9.15 -14.40 -0.45
CA ASN A 135 -9.02 -14.66 0.98
C ASN A 135 -8.13 -13.66 1.67
N LEU A 136 -8.38 -12.40 1.44
CA LEU A 136 -7.81 -11.36 2.24
C LEU A 136 -8.93 -10.42 2.65
N VAL A 137 -9.13 -10.28 3.94
CA VAL A 137 -10.35 -9.65 4.45
C VAL A 137 -10.09 -8.28 5.04
N PRO A 138 -10.89 -7.30 4.59
CA PRO A 138 -10.94 -5.96 5.13
C PRO A 138 -10.91 -5.92 6.64
N GLU A 139 -10.29 -4.88 7.15
CA GLU A 139 -10.19 -4.68 8.59
C GLU A 139 -11.50 -4.19 9.16
N GLU A 140 -12.31 -3.62 8.28
CA GLU A 140 -13.67 -3.26 8.62
C GLU A 140 -14.50 -4.52 8.84
N TRP A 141 -14.04 -5.64 8.29
CA TRP A 141 -14.75 -6.89 8.41
C TRP A 141 -14.06 -7.82 9.41
N GLY A 142 -12.79 -7.52 9.71
CA GLY A 142 -12.09 -8.22 10.76
C GLY A 142 -11.10 -9.24 10.26
N GLY A 143 -10.65 -9.10 9.01
CA GLY A 143 -9.67 -10.03 8.47
C GLY A 143 -8.26 -9.66 8.87
N ASP A 144 -7.51 -9.11 7.93
CA ASP A 144 -6.20 -8.53 8.23
C ASP A 144 -5.71 -7.68 7.06
N THR A 145 -6.48 -6.65 6.77
CA THR A 145 -6.15 -5.75 5.69
C THR A 145 -6.94 -4.45 5.80
N ILE A 146 -6.27 -3.34 6.07
CA ILE A 146 -6.92 -2.05 6.07
C ILE A 146 -7.28 -1.68 4.63
N PHE A 147 -8.55 -1.76 4.33
CA PHE A 147 -9.08 -1.36 3.04
C PHE A 147 -9.43 0.13 3.05
N CYS A 148 -8.67 0.91 2.34
CA CYS A 148 -8.92 2.35 2.25
C CYS A 148 -9.68 2.71 0.98
N LYS A 149 -10.89 3.23 1.13
CA LYS A 149 -11.71 3.63 -0.01
C LYS A 149 -11.38 5.07 -0.41
N LEU A 150 -10.43 5.23 -1.32
CA LEU A 150 -9.94 6.54 -1.68
C LEU A 150 -10.10 6.83 -3.16
N SER A 151 -9.79 8.03 -3.52
CA SER A 151 -9.60 8.36 -4.91
C SER A 151 -8.42 9.27 -5.01
N ALA A 152 -7.32 8.73 -5.47
CA ALA A 152 -6.12 9.51 -5.69
C ALA A 152 -6.40 10.57 -6.74
N LYS A 153 -7.46 10.34 -7.50
CA LYS A 153 -7.95 11.33 -8.44
C LYS A 153 -8.41 12.58 -7.71
N THR A 154 -9.36 12.43 -6.79
CA THR A 154 -9.94 13.57 -6.10
C THR A 154 -9.03 14.08 -4.98
N LYS A 155 -7.96 13.31 -4.70
CA LYS A 155 -6.94 13.72 -3.74
C LYS A 155 -7.47 13.77 -2.33
N GLU A 156 -8.25 12.77 -1.98
CA GLU A 156 -8.87 12.75 -0.66
C GLU A 156 -8.34 11.57 0.14
N GLY A 157 -8.62 10.39 -0.38
CA GLY A 157 -8.27 9.18 0.31
C GLY A 157 -6.78 8.93 0.34
N LEU A 158 -6.00 9.68 -0.44
CA LEU A 158 -4.55 9.48 -0.46
C LEU A 158 -3.96 9.76 0.90
N ASP A 159 -4.44 10.82 1.52
CA ASP A 159 -3.96 11.17 2.82
C ASP A 159 -4.63 10.34 3.88
N HIS A 160 -5.90 9.99 3.65
CA HIS A 160 -6.61 9.08 4.56
C HIS A 160 -5.90 7.72 4.60
N LEU A 161 -5.31 7.35 3.48
CA LEU A 161 -4.56 6.10 3.37
C LEU A 161 -3.41 6.12 4.35
N LEU A 162 -2.59 7.15 4.25
CA LEU A 162 -1.45 7.34 5.13
C LEU A 162 -1.91 7.37 6.58
N GLU A 163 -2.99 8.11 6.82
CA GLU A 163 -3.57 8.22 8.16
C GLU A 163 -3.86 6.84 8.75
N MET A 164 -4.42 5.96 7.94
CA MET A 164 -4.76 4.62 8.42
C MET A 164 -3.51 3.76 8.52
N ILE A 165 -2.55 4.00 7.62
CA ILE A 165 -1.28 3.30 7.65
C ILE A 165 -0.48 3.65 8.91
N LEU A 166 -0.33 4.95 9.17
CA LEU A 166 0.43 5.40 10.33
C LEU A 166 -0.26 4.99 11.61
N LEU A 167 -1.58 4.99 11.59
CA LEU A 167 -2.37 4.47 12.70
C LEU A 167 -1.86 3.08 13.08
N VAL A 168 -1.69 2.23 12.07
CA VAL A 168 -1.13 0.92 12.27
C VAL A 168 0.32 1.01 12.74
N SER A 169 1.12 1.85 12.09
CA SER A 169 2.53 2.01 12.45
C SER A 169 2.70 2.57 13.88
N GLU A 170 1.70 3.25 14.40
CA GLU A 170 1.79 3.81 15.73
C GLU A 170 1.40 2.79 16.79
N MET A 171 0.61 1.80 16.40
CA MET A 171 0.14 0.78 17.34
C MET A 171 0.92 -0.53 17.15
N GLU A 172 1.74 -0.59 16.11
CA GLU A 172 2.45 -1.82 15.70
C GLU A 172 3.27 -2.45 16.84
N GLU A 173 3.47 -1.72 17.94
CA GLU A 173 4.26 -2.24 19.05
C GLU A 173 3.61 -3.50 19.62
N LEU A 174 2.36 -3.38 20.07
CA LEU A 174 1.65 -4.52 20.63
C LEU A 174 0.45 -4.86 19.76
N LYS A 175 -0.28 -3.83 19.38
CA LYS A 175 -1.51 -3.98 18.61
C LYS A 175 -1.22 -4.25 17.14
N ALA A 176 -0.61 -5.38 16.86
CA ALA A 176 -0.38 -5.81 15.49
C ALA A 176 -1.32 -6.95 15.16
N ASN A 177 -2.55 -6.84 15.63
CA ASN A 177 -3.55 -7.87 15.48
C ASN A 177 -4.95 -7.26 15.44
N PRO A 178 -5.77 -7.67 14.45
CA PRO A 178 -7.15 -7.17 14.30
C PRO A 178 -8.00 -7.42 15.56
PB GDP B . -0.07 2.77 -14.93
O1B GDP B . 1.00 3.29 -14.02
O2B GDP B . -1.28 2.24 -14.17
O3B GDP B . 0.41 1.86 -16.06
O3A GDP B . -0.66 4.14 -15.69
PA GDP B . -0.59 5.65 -15.29
O1A GDP B . -0.31 6.51 -16.48
O2A GDP B . 0.23 5.89 -14.05
O5' GDP B . -2.11 5.91 -14.83
C5' GDP B . -3.20 5.56 -15.69
C4' GDP B . -4.41 6.40 -15.39
O4' GDP B . -4.94 6.04 -14.09
C3' GDP B . -4.17 7.90 -15.29
O3' GDP B . -4.57 8.56 -16.49
C2' GDP B . -5.02 8.38 -14.10
O2' GDP B . -5.98 9.33 -14.50
C1' GDP B . -5.74 7.11 -13.66
N9 GDP B . -5.91 7.01 -12.21
C8 GDP B . -4.98 6.61 -11.29
N7 GDP B . -5.41 6.65 -10.06
C5 GDP B . -6.72 7.11 -10.17
C6 GDP B . -7.69 7.35 -9.17
O6 GDP B . -7.60 7.24 -7.95
N1 GDP B . -8.89 7.82 -9.72
C2 GDP B . -9.11 8.01 -11.06
N2 GDP B . -10.32 8.48 -11.42
N3 GDP B . -8.20 7.79 -12.01
C4 GDP B . -7.04 7.34 -11.49
H5' GDP B . -3.44 4.51 -15.54
H5'' GDP B . -2.91 5.71 -16.73
H4' GDP B . -5.13 6.25 -16.20
H3' GDP B . -3.12 8.13 -15.17
HO3' GDP B . -5.30 9.13 -16.27
H2' GDP B . -4.37 8.76 -13.31
HO2' GDP B . -6.85 8.91 -14.45
H1' GDP B . -6.71 6.99 -14.13
H8 GDP B . -3.99 6.26 -11.56
HN1 GDP B . -9.66 7.99 -9.09
HN21 GDP B . -10.53 8.65 -12.39
HN22 GDP B . -11.02 8.68 -10.72
N GLY A 1 13.85 -10.29 23.85
CA GLY A 1 13.19 -9.08 24.39
C GLY A 1 12.37 -8.34 23.35
N SER A 2 11.34 -7.62 23.79
CA SER A 2 10.48 -6.88 22.88
C SER A 2 11.13 -5.55 22.48
N HIS A 3 12.32 -5.66 21.90
CA HIS A 3 13.06 -4.49 21.43
C HIS A 3 13.39 -4.62 19.96
N MET A 4 12.74 -3.83 19.14
CA MET A 4 13.02 -3.84 17.71
C MET A 4 14.11 -2.80 17.41
N VAL A 5 14.14 -1.76 18.23
CA VAL A 5 15.12 -0.69 18.13
C VAL A 5 14.86 0.18 16.90
N GLU A 6 15.23 -0.32 15.74
CA GLU A 6 15.04 0.42 14.50
C GLU A 6 14.45 -0.48 13.44
N ARG A 7 13.46 0.04 12.74
CA ARG A 7 12.76 -0.70 11.71
C ARG A 7 12.31 0.24 10.60
N PRO A 8 12.86 0.07 9.40
CA PRO A 8 12.50 0.90 8.24
C PRO A 8 11.09 0.63 7.75
N PRO A 9 10.25 1.66 7.68
CA PRO A 9 8.87 1.54 7.18
C PRO A 9 8.82 1.30 5.67
N VAL A 10 9.25 0.11 5.26
CA VAL A 10 9.23 -0.27 3.87
C VAL A 10 7.91 -0.95 3.51
N VAL A 11 7.15 -0.32 2.66
CA VAL A 11 5.85 -0.83 2.27
C VAL A 11 5.81 -1.09 0.77
N THR A 12 5.31 -2.24 0.37
CA THR A 12 5.22 -2.57 -1.04
C THR A 12 3.85 -2.19 -1.59
N ILE A 13 3.82 -1.41 -2.65
CA ILE A 13 2.57 -1.03 -3.29
C ILE A 13 2.33 -1.91 -4.52
N MET A 14 1.16 -2.51 -4.58
CA MET A 14 0.79 -3.37 -5.68
C MET A 14 -0.63 -3.03 -6.12
N GLY A 15 -1.02 -3.51 -7.29
CA GLY A 15 -2.36 -3.27 -7.78
C GLY A 15 -2.45 -3.43 -9.27
N HIS A 16 -3.61 -3.14 -9.82
CA HIS A 16 -3.82 -3.28 -11.25
C HIS A 16 -3.43 -2.00 -12.00
N VAL A 17 -3.16 -2.18 -13.28
CA VAL A 17 -2.93 -1.09 -14.20
C VAL A 17 -4.24 -0.35 -14.43
N ASP A 18 -4.15 0.93 -14.77
CA ASP A 18 -5.33 1.78 -14.95
C ASP A 18 -5.95 2.15 -13.60
N HIS A 19 -5.65 1.33 -12.59
CA HIS A 19 -6.01 1.66 -11.22
C HIS A 19 -4.91 2.54 -10.63
N GLY A 20 -3.95 2.86 -11.49
CA GLY A 20 -2.91 3.80 -11.14
C GLY A 20 -1.74 3.17 -10.43
N LYS A 21 -1.09 2.20 -11.08
CA LYS A 21 0.05 1.56 -10.47
C LYS A 21 1.32 2.39 -10.72
N THR A 22 1.12 3.54 -11.36
CA THR A 22 2.19 4.51 -11.59
C THR A 22 1.67 5.92 -11.31
N THR A 23 0.48 6.21 -11.82
CA THR A 23 -0.20 7.48 -11.57
C THR A 23 -0.35 7.76 -10.08
N LEU A 24 -0.45 6.71 -9.26
CA LEU A 24 -0.55 6.90 -7.82
C LEU A 24 0.76 7.44 -7.30
N LEU A 25 1.84 6.88 -7.81
CA LEU A 25 3.19 7.27 -7.42
C LEU A 25 3.51 8.68 -7.90
N ASP A 26 2.65 9.21 -8.76
CA ASP A 26 2.79 10.58 -9.24
C ASP A 26 1.88 11.49 -8.46
N ALA A 27 0.70 10.98 -8.17
CA ALA A 27 -0.32 11.71 -7.44
C ALA A 27 0.07 11.82 -5.98
N ILE A 28 0.73 10.78 -5.49
CA ILE A 28 1.15 10.69 -4.11
C ILE A 28 2.27 11.70 -3.82
N ARG A 29 2.91 12.17 -4.89
CA ARG A 29 3.97 13.16 -4.79
C ARG A 29 3.48 14.44 -4.14
N HIS A 30 2.45 15.02 -4.75
CA HIS A 30 1.91 16.31 -4.33
C HIS A 30 0.82 16.15 -3.29
N SER A 31 0.92 15.08 -2.57
CA SER A 31 -0.04 14.76 -1.52
C SER A 31 0.52 15.07 -0.12
N LYS A 32 1.78 15.53 -0.07
CA LYS A 32 2.44 15.80 1.22
C LYS A 32 3.74 16.58 1.03
N VAL A 33 4.45 16.80 2.13
CA VAL A 33 5.66 17.63 2.11
C VAL A 33 6.88 16.85 1.63
N THR A 34 6.94 16.58 0.35
CA THR A 34 8.13 15.99 -0.24
C THR A 34 8.16 16.27 -1.72
N GLU A 35 9.27 16.77 -2.21
CA GLU A 35 9.38 17.21 -3.59
C GLU A 35 10.58 16.59 -4.30
N GLN A 36 11.76 16.76 -3.72
CA GLN A 36 12.98 16.20 -4.28
C GLN A 36 13.90 15.67 -3.19
N GLU A 37 13.94 16.35 -2.06
CA GLU A 37 14.73 15.89 -0.94
C GLU A 37 13.83 15.21 0.09
N ALA A 38 14.41 14.73 1.19
CA ALA A 38 13.69 14.02 2.25
C ALA A 38 13.24 12.64 1.80
N GLY A 39 13.31 12.39 0.50
CA GLY A 39 12.92 11.10 -0.03
C GLY A 39 12.27 11.19 -1.39
N GLY A 40 11.98 12.41 -1.83
CA GLY A 40 11.36 12.62 -3.13
C GLY A 40 12.13 11.95 -4.26
N ILE A 41 13.34 12.40 -4.50
CA ILE A 41 14.23 11.73 -5.42
C ILE A 41 15.32 11.03 -4.61
N THR A 42 15.23 9.72 -4.55
CA THR A 42 16.14 8.93 -3.73
C THR A 42 16.76 7.79 -4.52
N GLN A 43 17.83 7.24 -3.97
CA GLN A 43 18.55 6.15 -4.64
C GLN A 43 17.92 4.80 -4.34
N HIS A 44 16.59 4.78 -4.41
CA HIS A 44 15.81 3.56 -4.18
C HIS A 44 14.75 3.47 -5.25
N ILE A 45 15.19 3.47 -6.50
CA ILE A 45 14.29 3.57 -7.66
C ILE A 45 13.18 2.52 -7.62
N GLY A 46 12.08 2.87 -8.26
CA GLY A 46 10.87 2.09 -8.18
C GLY A 46 9.83 2.82 -7.37
N ALA A 47 10.29 3.40 -6.26
CA ALA A 47 9.44 4.18 -5.37
C ALA A 47 10.31 5.21 -4.66
N TYR A 48 9.83 5.69 -3.52
CA TYR A 48 10.52 6.79 -2.86
C TYR A 48 10.02 6.95 -1.43
N GLN A 49 10.62 7.88 -0.72
CA GLN A 49 10.34 8.07 0.69
C GLN A 49 9.31 9.18 0.87
N VAL A 50 8.21 8.84 1.51
CA VAL A 50 7.14 9.80 1.76
C VAL A 50 7.42 10.62 3.01
N THR A 51 6.81 11.78 3.08
CA THR A 51 7.01 12.73 4.16
C THR A 51 5.74 13.57 4.33
N VAL A 52 4.76 13.04 5.07
CA VAL A 52 3.54 13.79 5.36
C VAL A 52 3.91 15.09 6.07
N ASN A 53 4.50 14.93 7.23
CA ASN A 53 5.10 16.01 7.96
C ASN A 53 6.59 15.75 8.01
N ASP A 54 6.93 14.57 8.50
CA ASP A 54 8.27 14.02 8.39
C ASP A 54 8.25 12.57 8.88
N LYS A 55 7.51 11.75 8.17
CA LYS A 55 7.40 10.33 8.49
C LYS A 55 7.87 9.54 7.29
N LYS A 56 9.13 9.12 7.34
CA LYS A 56 9.80 8.49 6.22
C LYS A 56 9.23 7.11 5.91
N ILE A 57 8.20 7.07 5.07
CA ILE A 57 7.67 5.82 4.57
C ILE A 57 8.24 5.56 3.19
N THR A 58 9.21 4.67 3.11
CA THR A 58 9.80 4.34 1.82
C THR A 58 9.12 3.13 1.23
N PHE A 59 8.19 3.38 0.33
CA PHE A 59 7.57 2.30 -0.42
C PHE A 59 8.61 1.65 -1.34
N LEU A 60 8.40 0.34 -1.60
CA LEU A 60 9.22 -0.44 -2.56
C LEU A 60 10.71 -0.09 -2.53
N ASP A 61 11.47 -0.76 -1.68
CA ASP A 61 12.91 -0.55 -1.64
C ASP A 61 13.58 -1.20 -2.84
N THR A 62 13.50 -0.51 -3.98
CA THR A 62 14.17 -0.94 -5.21
C THR A 62 13.68 -2.32 -5.66
N PRO A 63 12.51 -2.36 -6.32
CA PRO A 63 11.94 -3.61 -6.86
C PRO A 63 12.81 -4.19 -7.98
N GLY A 64 13.77 -5.02 -7.61
CA GLY A 64 14.65 -5.64 -8.59
C GLY A 64 14.03 -6.85 -9.25
N HIS A 65 14.17 -8.00 -8.60
CA HIS A 65 13.65 -9.25 -9.16
C HIS A 65 12.14 -9.39 -8.92
N GLU A 66 11.58 -8.46 -8.17
CA GLU A 66 10.16 -8.47 -7.84
C GLU A 66 9.78 -7.17 -7.15
N ALA A 67 8.51 -6.81 -7.19
CA ALA A 67 8.02 -5.63 -6.50
C ALA A 67 8.11 -5.86 -4.98
N PHE A 68 7.73 -7.06 -4.57
CA PHE A 68 7.88 -7.50 -3.20
C PHE A 68 9.36 -7.55 -2.82
N THR A 69 9.75 -6.76 -1.85
CA THR A 69 11.11 -6.80 -1.33
C THR A 69 11.34 -8.10 -0.57
N THR A 70 12.41 -8.79 -0.87
CA THR A 70 12.69 -10.06 -0.24
C THR A 70 13.55 -9.89 1.00
N MET A 71 12.89 -9.71 2.14
CA MET A 71 13.59 -9.60 3.42
C MET A 71 14.26 -10.93 3.77
N ARG A 72 15.54 -11.02 3.43
CA ARG A 72 16.33 -12.23 3.62
C ARG A 72 16.44 -12.61 5.10
N ALA A 73 16.23 -11.62 5.97
CA ALA A 73 16.28 -11.84 7.41
C ALA A 73 15.35 -12.99 7.83
N ARG A 74 14.14 -13.01 7.26
CA ARG A 74 13.16 -14.06 7.55
C ARG A 74 12.95 -14.21 9.06
N GLY A 75 12.23 -13.28 9.65
CA GLY A 75 11.99 -13.33 11.07
C GLY A 75 10.62 -12.82 11.44
N ALA A 76 10.58 -11.65 12.06
CA ALA A 76 9.33 -11.05 12.46
C ALA A 76 8.63 -10.41 11.26
N GLN A 77 7.85 -11.21 10.54
CA GLN A 77 7.11 -10.73 9.38
C GLN A 77 5.89 -9.92 9.80
N VAL A 78 6.13 -8.89 10.59
CA VAL A 78 5.09 -7.98 11.03
C VAL A 78 5.20 -6.65 10.29
N THR A 79 6.40 -6.40 9.75
CA THR A 79 6.65 -5.19 8.99
C THR A 79 6.40 -5.44 7.51
N ASP A 80 6.21 -6.71 7.17
CA ASP A 80 5.91 -7.11 5.81
C ASP A 80 4.48 -6.70 5.46
N ILE A 81 4.33 -5.51 4.90
CA ILE A 81 3.02 -4.96 4.57
C ILE A 81 2.94 -4.61 3.09
N VAL A 82 1.85 -5.02 2.45
CA VAL A 82 1.64 -4.71 1.04
C VAL A 82 0.36 -3.92 0.83
N ILE A 83 0.50 -2.79 0.18
CA ILE A 83 -0.63 -2.00 -0.23
C ILE A 83 -1.15 -2.51 -1.55
N LEU A 84 -2.44 -2.70 -1.63
CA LEU A 84 -3.05 -3.21 -2.83
C LEU A 84 -4.05 -2.18 -3.34
N VAL A 85 -3.72 -1.55 -4.45
CA VAL A 85 -4.54 -0.52 -5.03
C VAL A 85 -5.49 -1.12 -6.07
N VAL A 86 -6.77 -1.11 -5.74
CA VAL A 86 -7.79 -1.58 -6.67
C VAL A 86 -8.79 -0.49 -6.97
N ALA A 87 -9.02 -0.26 -8.24
CA ALA A 87 -10.05 0.66 -8.67
C ALA A 87 -11.42 0.14 -8.29
N ALA A 88 -12.28 1.00 -7.76
CA ALA A 88 -13.61 0.55 -7.34
C ALA A 88 -14.50 0.41 -8.54
N ASP A 89 -14.02 0.87 -9.67
CA ASP A 89 -14.80 0.84 -10.89
C ASP A 89 -14.32 -0.26 -11.85
N ASP A 90 -13.40 -1.08 -11.36
CA ASP A 90 -12.81 -2.15 -12.18
C ASP A 90 -12.53 -3.38 -11.31
N GLY A 91 -12.02 -3.14 -10.11
CA GLY A 91 -11.90 -4.20 -9.13
C GLY A 91 -10.59 -4.95 -9.19
N VAL A 92 -10.67 -6.27 -9.30
CA VAL A 92 -9.48 -7.10 -9.34
C VAL A 92 -9.33 -7.72 -10.72
N MET A 93 -8.11 -7.71 -11.21
CA MET A 93 -7.79 -8.08 -12.57
C MET A 93 -6.50 -8.90 -12.57
N PRO A 94 -6.03 -9.39 -13.74
CA PRO A 94 -4.82 -10.23 -13.85
C PRO A 94 -3.66 -9.80 -12.93
N GLN A 95 -3.09 -8.62 -13.16
CA GLN A 95 -1.90 -8.21 -12.42
C GLN A 95 -2.26 -7.80 -10.99
N THR A 96 -3.53 -7.54 -10.77
CA THR A 96 -4.00 -7.22 -9.43
C THR A 96 -3.90 -8.44 -8.55
N VAL A 97 -4.35 -9.56 -9.09
CA VAL A 97 -4.34 -10.80 -8.38
C VAL A 97 -2.93 -11.31 -8.18
N GLU A 98 -2.11 -11.23 -9.21
CA GLU A 98 -0.76 -11.78 -9.14
C GLU A 98 0.02 -11.09 -8.04
N ALA A 99 -0.38 -9.87 -7.73
CA ALA A 99 0.16 -9.13 -6.61
C ALA A 99 -0.32 -9.72 -5.28
N ILE A 100 -1.58 -10.11 -5.23
CA ILE A 100 -2.15 -10.66 -4.01
C ILE A 100 -1.64 -12.08 -3.82
N ASN A 101 -1.55 -12.78 -4.93
CA ASN A 101 -1.06 -14.14 -4.97
C ASN A 101 0.38 -14.19 -4.48
N HIS A 102 1.12 -13.12 -4.71
CA HIS A 102 2.49 -13.02 -4.20
C HIS A 102 2.46 -12.62 -2.72
N ALA A 103 1.49 -11.79 -2.35
CA ALA A 103 1.36 -11.35 -0.97
C ALA A 103 0.99 -12.51 -0.05
N LYS A 104 0.02 -13.32 -0.47
CA LYS A 104 -0.42 -14.46 0.33
C LYS A 104 0.62 -15.54 0.31
N ALA A 105 1.29 -15.64 -0.82
CA ALA A 105 2.41 -16.56 -0.99
C ALA A 105 3.52 -16.28 0.03
N ALA A 106 3.67 -15.02 0.41
CA ALA A 106 4.67 -14.64 1.40
C ALA A 106 4.09 -14.66 2.81
N ASN A 107 2.75 -14.59 2.87
CA ASN A 107 2.00 -14.63 4.13
C ASN A 107 2.09 -13.26 4.78
N VAL A 108 1.37 -12.33 4.19
CA VAL A 108 1.52 -10.94 4.51
C VAL A 108 0.16 -10.26 4.69
N PRO A 109 0.06 -9.40 5.71
CA PRO A 109 -1.10 -8.51 5.91
C PRO A 109 -1.18 -7.44 4.84
N ILE A 110 -2.38 -7.11 4.41
CA ILE A 110 -2.53 -6.19 3.31
C ILE A 110 -3.08 -4.84 3.76
N ILE A 111 -2.77 -3.83 2.98
CA ILE A 111 -3.31 -2.49 3.13
C ILE A 111 -3.93 -2.10 1.80
N VAL A 112 -5.16 -2.50 1.60
CA VAL A 112 -5.83 -2.19 0.37
C VAL A 112 -6.21 -0.73 0.34
N ALA A 113 -6.19 -0.21 -0.84
CA ALA A 113 -6.56 1.17 -1.08
C ALA A 113 -7.21 1.30 -2.43
N ILE A 114 -8.52 1.43 -2.38
CA ILE A 114 -9.33 1.56 -3.57
C ILE A 114 -9.13 2.93 -4.21
N ASN A 115 -9.16 2.99 -5.53
CA ASN A 115 -9.02 4.26 -6.25
C ASN A 115 -10.24 4.41 -7.11
N LYS A 116 -10.37 5.59 -7.65
CA LYS A 116 -11.47 5.89 -8.51
C LYS A 116 -12.80 5.93 -7.76
N MET A 117 -12.74 6.44 -6.53
CA MET A 117 -13.95 6.81 -5.81
C MET A 117 -14.48 8.12 -6.36
N ASP A 118 -13.67 8.77 -7.17
CA ASP A 118 -14.10 9.95 -7.90
C ASP A 118 -15.06 9.54 -9.00
N LYS A 119 -14.84 8.33 -9.50
CA LYS A 119 -15.65 7.76 -10.56
C LYS A 119 -17.03 7.41 -10.05
N PRO A 120 -18.08 7.75 -10.82
CA PRO A 120 -19.46 7.38 -10.52
C PRO A 120 -19.66 5.86 -10.52
N GLU A 121 -18.70 5.16 -11.11
CA GLU A 121 -18.74 3.71 -11.23
C GLU A 121 -18.23 3.04 -9.95
N ALA A 122 -17.68 3.87 -9.06
CA ALA A 122 -17.15 3.41 -7.77
C ALA A 122 -18.09 2.40 -7.09
N ASN A 123 -17.63 1.16 -7.05
CA ASN A 123 -18.37 0.09 -6.38
C ASN A 123 -17.44 -0.59 -5.41
N PRO A 124 -17.20 0.06 -4.28
CA PRO A 124 -16.23 -0.41 -3.29
C PRO A 124 -16.56 -1.77 -2.75
N ASP A 125 -17.73 -1.90 -2.16
CA ASP A 125 -18.23 -3.16 -1.62
C ASP A 125 -18.03 -4.30 -2.61
N ARG A 126 -18.03 -3.97 -3.89
CA ARG A 126 -17.91 -4.99 -4.92
C ARG A 126 -16.46 -5.41 -5.05
N VAL A 127 -15.63 -4.45 -5.42
CA VAL A 127 -14.21 -4.71 -5.67
C VAL A 127 -13.47 -5.13 -4.40
N MET A 128 -14.05 -4.78 -3.27
CA MET A 128 -13.53 -5.13 -1.94
C MET A 128 -13.85 -6.58 -1.59
N GLN A 129 -14.98 -7.07 -2.09
CA GLN A 129 -15.35 -8.47 -1.90
C GLN A 129 -14.57 -9.39 -2.84
N GLU A 130 -14.25 -8.90 -4.03
CA GLU A 130 -13.40 -9.65 -4.95
C GLU A 130 -12.07 -9.93 -4.25
N LEU A 131 -11.64 -8.91 -3.52
CA LEU A 131 -10.41 -8.94 -2.77
C LEU A 131 -10.44 -10.03 -1.72
N MET A 132 -11.58 -10.19 -1.06
CA MET A 132 -11.68 -11.16 -0.01
C MET A 132 -11.95 -12.56 -0.56
N GLU A 133 -12.24 -12.65 -1.85
CA GLU A 133 -12.33 -13.95 -2.51
C GLU A 133 -10.94 -14.52 -2.67
N TYR A 134 -9.97 -13.62 -2.75
CA TYR A 134 -8.57 -14.03 -2.72
C TYR A 134 -8.10 -14.12 -1.27
N ASN A 135 -9.08 -14.12 -0.38
CA ASN A 135 -8.89 -14.36 1.05
C ASN A 135 -8.02 -13.30 1.69
N LEU A 136 -8.34 -12.05 1.40
CA LEU A 136 -7.83 -10.95 2.14
C LEU A 136 -9.02 -10.13 2.62
N VAL A 137 -9.25 -10.16 3.91
CA VAL A 137 -10.49 -9.65 4.47
C VAL A 137 -10.29 -8.31 5.14
N PRO A 138 -11.14 -7.34 4.76
CA PRO A 138 -11.21 -6.04 5.38
C PRO A 138 -11.18 -6.09 6.88
N GLU A 139 -10.52 -5.11 7.45
CA GLU A 139 -10.45 -4.95 8.89
C GLU A 139 -11.82 -4.61 9.44
N GLU A 140 -12.57 -3.89 8.62
CA GLU A 140 -13.96 -3.55 8.93
C GLU A 140 -14.80 -4.81 9.06
N TRP A 141 -14.38 -5.90 8.41
CA TRP A 141 -15.12 -7.15 8.47
C TRP A 141 -14.46 -8.12 9.43
N GLY A 142 -13.26 -7.77 9.90
CA GLY A 142 -12.57 -8.60 10.86
C GLY A 142 -11.65 -9.62 10.23
N GLY A 143 -11.06 -9.28 9.09
CA GLY A 143 -10.09 -10.15 8.47
C GLY A 143 -8.67 -9.83 8.89
N ASP A 144 -7.89 -9.28 7.97
CA ASP A 144 -6.55 -8.80 8.29
C ASP A 144 -6.01 -7.95 7.15
N THR A 145 -6.68 -6.84 6.92
CA THR A 145 -6.33 -5.91 5.86
C THR A 145 -7.03 -4.58 6.06
N ILE A 146 -6.26 -3.52 6.29
CA ILE A 146 -6.84 -2.20 6.37
C ILE A 146 -7.27 -1.76 4.98
N PHE A 147 -8.57 -1.81 4.75
CA PHE A 147 -9.14 -1.42 3.48
C PHE A 147 -9.43 0.08 3.45
N CYS A 148 -8.70 0.79 2.62
CA CYS A 148 -8.91 2.20 2.39
C CYS A 148 -9.69 2.41 1.10
N LYS A 149 -10.67 3.29 1.12
CA LYS A 149 -11.43 3.62 -0.08
C LYS A 149 -11.12 5.04 -0.50
N LEU A 150 -10.27 5.20 -1.50
CA LEU A 150 -9.81 6.50 -1.90
C LEU A 150 -10.02 6.75 -3.38
N SER A 151 -9.43 7.82 -3.81
CA SER A 151 -9.37 8.22 -5.19
C SER A 151 -8.30 9.28 -5.26
N ALA A 152 -7.16 8.92 -5.81
CA ALA A 152 -6.07 9.86 -5.91
C ALA A 152 -6.45 10.97 -6.86
N LYS A 153 -7.50 10.70 -7.62
CA LYS A 153 -8.12 11.70 -8.44
C LYS A 153 -8.70 12.83 -7.57
N THR A 154 -9.57 12.46 -6.63
CA THR A 154 -10.22 13.47 -5.79
C THR A 154 -9.36 13.88 -4.60
N LYS A 155 -8.28 13.12 -4.38
CA LYS A 155 -7.31 13.40 -3.34
C LYS A 155 -7.95 13.33 -1.98
N GLU A 156 -8.62 12.23 -1.73
CA GLU A 156 -9.34 12.06 -0.47
C GLU A 156 -8.64 11.01 0.39
N GLY A 157 -8.68 9.79 -0.12
CA GLY A 157 -8.19 8.67 0.63
C GLY A 157 -6.68 8.62 0.78
N LEU A 158 -5.95 9.48 0.06
CA LEU A 158 -4.49 9.50 0.19
C LEU A 158 -4.10 10.09 1.51
N ASP A 159 -4.83 11.12 1.93
CA ASP A 159 -4.66 11.69 3.25
C ASP A 159 -5.04 10.64 4.30
N HIS A 160 -6.16 9.97 4.07
CA HIS A 160 -6.64 8.95 5.00
C HIS A 160 -5.76 7.70 4.95
N LEU A 161 -4.95 7.59 3.91
CA LEU A 161 -4.09 6.42 3.74
C LEU A 161 -2.97 6.46 4.76
N LEU A 162 -2.27 7.58 4.79
CA LEU A 162 -1.18 7.78 5.72
C LEU A 162 -1.69 7.74 7.16
N GLU A 163 -2.95 8.11 7.36
CA GLU A 163 -3.58 7.99 8.68
C GLU A 163 -3.62 6.54 9.11
N MET A 164 -4.09 5.68 8.21
CA MET A 164 -4.22 4.25 8.50
C MET A 164 -2.85 3.62 8.64
N ILE A 165 -1.94 3.99 7.74
CA ILE A 165 -0.57 3.51 7.80
C ILE A 165 0.09 3.90 9.12
N LEU A 166 -0.16 5.13 9.55
CA LEU A 166 0.38 5.62 10.81
C LEU A 166 -0.21 4.88 12.00
N LEU A 167 -1.49 4.59 11.92
CA LEU A 167 -2.15 3.77 12.93
C LEU A 167 -1.39 2.45 13.08
N VAL A 168 -1.03 1.88 11.95
CA VAL A 168 -0.23 0.67 11.91
C VAL A 168 1.18 0.95 12.43
N SER A 169 1.77 2.07 12.02
CA SER A 169 3.10 2.45 12.48
C SER A 169 3.14 2.59 14.01
N GLU A 170 2.09 3.15 14.59
CA GLU A 170 2.05 3.36 16.04
C GLU A 170 1.52 2.11 16.76
N MET A 171 1.05 1.14 15.99
CA MET A 171 0.46 -0.07 16.55
C MET A 171 1.51 -0.94 17.26
N GLU A 172 2.79 -0.62 17.07
CA GLU A 172 3.87 -1.30 17.77
C GLU A 172 3.66 -1.21 19.28
N GLU A 173 3.15 -0.07 19.72
CA GLU A 173 2.90 0.16 21.13
C GLU A 173 1.40 0.27 21.40
N LEU A 174 0.64 0.44 20.33
CA LEU A 174 -0.81 0.58 20.41
C LEU A 174 -1.49 -0.64 19.79
N LYS A 175 -1.00 -1.82 20.15
CA LYS A 175 -1.52 -3.08 19.60
C LYS A 175 -3.03 -3.21 19.83
N ALA A 176 -3.78 -3.26 18.73
CA ALA A 176 -5.22 -3.47 18.76
C ALA A 176 -5.96 -2.37 19.53
N ASN A 177 -6.17 -1.25 18.86
CA ASN A 177 -6.90 -0.13 19.45
C ASN A 177 -8.40 -0.41 19.43
N PRO A 178 -9.06 -0.35 20.60
CA PRO A 178 -10.50 -0.60 20.71
C PRO A 178 -11.34 0.55 20.15
PB GDP B . -0.64 2.77 -14.93
O1B GDP B . -1.98 2.20 -15.28
O2B GDP B . 0.52 1.86 -15.31
O3B GDP B . -0.55 3.36 -13.51
O3A GDP B . -0.49 4.07 -15.96
PA GDP B . -0.68 5.60 -15.73
O1A GDP B . -0.58 6.37 -17.00
O2A GDP B . 0.13 6.10 -14.55
O5' GDP B . -2.21 5.66 -15.23
C5' GDP B . -3.26 5.09 -16.02
C4' GDP B . -4.58 5.75 -15.71
O4' GDP B . -4.87 5.62 -14.30
C3' GDP B . -4.66 7.25 -15.97
O3' GDP B . -5.33 7.51 -17.21
C2' GDP B . -5.42 7.84 -14.79
O2' GDP B . -6.59 8.53 -15.21
C1' GDP B . -5.85 6.59 -14.01
N9 GDP B . -5.93 6.79 -12.56
C8 GDP B . -4.98 6.50 -11.63
N7 GDP B . -5.36 6.74 -10.40
C5 GDP B . -6.66 7.22 -10.55
C6 GDP B . -7.59 7.66 -9.56
O6 GDP B . -7.46 7.70 -8.33
N1 GDP B . -8.80 8.06 -10.13
C2 GDP B . -9.05 8.07 -11.48
N2 GDP B . -10.26 8.52 -11.86
N3 GDP B . -8.20 7.66 -12.41
C4 GDP B . -7.02 7.26 -11.87
H5' GDP B . -3.33 4.03 -15.81
H5'' GDP B . -3.04 5.23 -17.08
H4' GDP B . -5.33 5.28 -16.35
H3' GDP B . -3.67 7.69 -16.08
HO3' GDP B . -5.62 8.43 -17.18
H2' GDP B . -4.77 8.46 -14.19
HO2' GDP B . -7.09 7.93 -15.77
H1' GDP B . -6.80 6.19 -14.36
H8 GDP B . -4.01 6.10 -11.86
HN1 GDP B . -9.53 8.36 -9.51
HN21 GDP B . -10.50 8.55 -12.84
HN22 GDP B . -10.93 8.83 -11.17
N GLY A 1 23.91 3.07 14.53
CA GLY A 1 24.40 2.41 15.78
C GLY A 1 23.83 1.02 15.94
N SER A 2 24.52 0.19 16.72
CA SER A 2 24.09 -1.20 16.91
C SER A 2 22.99 -1.30 17.95
N HIS A 3 21.80 -0.84 17.58
CA HIS A 3 20.62 -0.94 18.44
C HIS A 3 19.37 -0.74 17.58
N MET A 4 19.15 -1.68 16.67
CA MET A 4 18.07 -1.57 15.69
C MET A 4 16.73 -1.98 16.29
N VAL A 5 16.28 -1.21 17.27
CA VAL A 5 14.98 -1.43 17.89
C VAL A 5 13.90 -0.66 17.13
N GLU A 6 14.32 0.42 16.48
CA GLU A 6 13.42 1.26 15.71
C GLU A 6 13.27 0.72 14.30
N ARG A 7 12.06 0.30 13.96
CA ARG A 7 11.78 -0.24 12.63
C ARG A 7 10.82 0.67 11.88
N PRO A 8 11.34 1.47 10.92
CA PRO A 8 10.53 2.37 10.10
C PRO A 8 9.61 1.60 9.15
N PRO A 9 8.36 2.05 9.00
CA PRO A 9 7.40 1.41 8.11
C PRO A 9 7.72 1.64 6.63
N VAL A 10 8.16 0.59 5.96
CA VAL A 10 8.46 0.68 4.54
C VAL A 10 7.25 0.27 3.70
N VAL A 11 6.79 -0.97 3.90
CA VAL A 11 5.67 -1.55 3.13
C VAL A 11 5.98 -1.59 1.62
N THR A 12 5.05 -2.11 0.83
CA THR A 12 5.22 -2.23 -0.61
C THR A 12 3.92 -1.95 -1.35
N ILE A 13 3.94 -1.03 -2.31
CA ILE A 13 2.73 -0.70 -3.05
C ILE A 13 2.60 -1.53 -4.32
N MET A 14 1.40 -2.02 -4.57
CA MET A 14 1.09 -2.88 -5.69
C MET A 14 -0.36 -2.65 -6.13
N GLY A 15 -0.77 -3.27 -7.22
CA GLY A 15 -2.14 -3.13 -7.67
C GLY A 15 -2.29 -3.36 -9.16
N HIS A 16 -3.45 -2.99 -9.70
CA HIS A 16 -3.71 -3.18 -11.12
C HIS A 16 -3.38 -1.92 -11.93
N VAL A 17 -3.28 -2.12 -13.24
CA VAL A 17 -3.04 -1.07 -14.19
C VAL A 17 -4.33 -0.29 -14.46
N ASP A 18 -4.19 0.99 -14.81
CA ASP A 18 -5.34 1.88 -15.03
C ASP A 18 -6.00 2.24 -13.71
N HIS A 19 -5.76 1.44 -12.69
CA HIS A 19 -6.15 1.77 -11.34
C HIS A 19 -5.13 2.75 -10.78
N GLY A 20 -4.06 2.95 -11.54
CA GLY A 20 -3.07 3.94 -11.20
C GLY A 20 -1.85 3.36 -10.53
N LYS A 21 -1.33 2.25 -11.07
CA LYS A 21 -0.18 1.60 -10.45
C LYS A 21 1.02 2.55 -10.33
N THR A 22 1.17 3.46 -11.27
CA THR A 22 2.25 4.42 -11.22
C THR A 22 1.71 5.81 -10.88
N THR A 23 0.51 6.11 -11.36
CA THR A 23 -0.10 7.42 -11.15
C THR A 23 -0.37 7.68 -9.68
N LEU A 24 -0.61 6.64 -8.90
CA LEU A 24 -0.80 6.80 -7.46
C LEU A 24 0.47 7.28 -6.83
N LEU A 25 1.58 6.70 -7.27
CA LEU A 25 2.89 7.04 -6.76
C LEU A 25 3.32 8.42 -7.25
N ASP A 26 2.59 8.95 -8.21
CA ASP A 26 2.87 10.28 -8.74
C ASP A 26 1.94 11.28 -8.11
N ALA A 27 0.70 10.85 -7.97
CA ALA A 27 -0.34 11.68 -7.39
C ALA A 27 -0.04 11.93 -5.93
N ILE A 28 0.61 10.95 -5.33
CA ILE A 28 0.94 10.97 -3.92
C ILE A 28 2.13 11.90 -3.65
N ARG A 29 3.06 11.97 -4.61
CA ARG A 29 4.21 12.87 -4.51
C ARG A 29 3.76 14.32 -4.65
N HIS A 30 2.56 14.47 -5.18
CA HIS A 30 2.01 15.77 -5.51
C HIS A 30 0.72 16.00 -4.74
N SER A 31 0.65 15.39 -3.59
CA SER A 31 -0.52 15.49 -2.74
C SER A 31 -0.18 16.02 -1.35
N LYS A 32 1.09 15.91 -0.95
CA LYS A 32 1.49 16.35 0.38
C LYS A 32 3.00 16.53 0.46
N VAL A 33 3.49 16.74 1.68
CA VAL A 33 4.88 17.11 1.91
C VAL A 33 5.84 15.98 1.60
N THR A 34 6.41 16.03 0.40
CA THR A 34 7.49 15.13 0.04
C THR A 34 8.31 15.74 -1.08
N GLU A 35 9.51 15.22 -1.25
CA GLU A 35 10.42 15.73 -2.26
C GLU A 35 10.35 14.92 -3.52
N GLN A 36 10.16 15.60 -4.63
CA GLN A 36 10.06 14.94 -5.93
C GLN A 36 11.41 14.31 -6.31
N GLU A 37 12.46 14.78 -5.65
CA GLU A 37 13.79 14.22 -5.85
C GLU A 37 14.58 14.25 -4.55
N ALA A 38 14.82 13.07 -4.02
CA ALA A 38 15.52 12.86 -2.76
C ALA A 38 15.50 11.38 -2.45
N GLY A 39 14.33 10.81 -2.64
CA GLY A 39 14.14 9.38 -2.52
C GLY A 39 12.86 8.98 -3.20
N GLY A 40 12.62 9.53 -4.38
CA GLY A 40 11.37 9.32 -5.08
C GLY A 40 11.56 8.87 -6.50
N ILE A 41 12.78 8.89 -6.99
CA ILE A 41 13.07 8.45 -8.35
C ILE A 41 14.04 7.28 -8.34
N THR A 42 13.63 6.20 -8.99
CA THR A 42 14.47 5.01 -9.08
C THR A 42 14.83 4.71 -10.54
N GLN A 43 14.15 5.39 -11.46
CA GLN A 43 14.33 5.21 -12.91
C GLN A 43 13.85 3.82 -13.33
N HIS A 44 13.10 3.20 -12.44
CA HIS A 44 12.51 1.89 -12.65
C HIS A 44 11.20 1.85 -11.90
N ILE A 45 10.68 0.66 -11.66
CA ILE A 45 9.59 0.50 -10.72
C ILE A 45 10.09 0.73 -9.30
N GLY A 46 9.23 0.56 -8.33
CA GLY A 46 9.63 0.77 -6.96
C GLY A 46 8.67 1.64 -6.19
N ALA A 47 9.21 2.68 -5.56
CA ALA A 47 8.42 3.55 -4.70
C ALA A 47 9.26 4.72 -4.21
N TYR A 48 8.76 5.41 -3.19
CA TYR A 48 9.40 6.60 -2.68
C TYR A 48 9.04 6.80 -1.21
N GLN A 49 9.61 7.81 -0.58
CA GLN A 49 9.38 8.09 0.82
C GLN A 49 8.19 9.03 1.01
N VAL A 50 7.12 8.55 1.64
CA VAL A 50 5.94 9.36 1.89
C VAL A 50 6.07 10.12 3.22
N THR A 51 5.30 11.19 3.36
CA THR A 51 5.31 12.05 4.55
C THR A 51 4.02 12.89 4.58
N VAL A 52 2.97 12.32 5.16
CA VAL A 52 1.71 13.04 5.32
C VAL A 52 1.91 14.23 6.26
N ASN A 53 2.12 13.93 7.52
CA ASN A 53 2.49 14.90 8.50
C ASN A 53 3.99 14.80 8.71
N ASP A 54 4.42 13.58 9.05
CA ASP A 54 5.83 13.20 9.05
C ASP A 54 5.96 11.73 9.42
N LYS A 55 5.48 10.89 8.53
CA LYS A 55 5.57 9.46 8.69
C LYS A 55 6.30 8.89 7.48
N LYS A 56 7.60 8.66 7.64
CA LYS A 56 8.45 8.31 6.52
C LYS A 56 8.21 6.87 6.07
N ILE A 57 7.17 6.71 5.27
CA ILE A 57 6.84 5.41 4.71
C ILE A 57 7.42 5.30 3.31
N THR A 58 8.53 4.59 3.19
CA THR A 58 9.09 4.35 1.88
C THR A 58 8.48 3.09 1.30
N PHE A 59 7.48 3.31 0.45
CA PHE A 59 6.58 2.25 -0.08
C PHE A 59 7.27 1.08 -0.81
N LEU A 60 8.59 0.94 -0.68
CA LEU A 60 9.33 -0.20 -1.22
C LEU A 60 10.84 -0.03 -1.03
N ASP A 61 11.42 0.94 -1.75
CA ASP A 61 12.85 1.21 -1.68
C ASP A 61 13.66 -0.06 -1.94
N THR A 62 13.31 -0.76 -3.01
CA THR A 62 13.98 -2.01 -3.35
C THR A 62 13.98 -2.21 -4.87
N PRO A 63 15.16 -2.08 -5.51
CA PRO A 63 15.33 -2.38 -6.93
C PRO A 63 15.20 -3.87 -7.22
N GLY A 64 15.51 -4.69 -6.22
CA GLY A 64 15.38 -6.13 -6.36
C GLY A 64 16.22 -6.88 -5.35
N HIS A 65 15.66 -7.93 -4.76
CA HIS A 65 16.38 -8.76 -3.80
C HIS A 65 15.88 -10.19 -3.86
N GLU A 66 14.61 -10.38 -3.55
CA GLU A 66 14.01 -11.71 -3.56
C GLU A 66 12.50 -11.62 -3.73
N ALA A 67 11.80 -11.35 -2.63
CA ALA A 67 10.34 -11.31 -2.65
C ALA A 67 9.82 -9.96 -3.15
N PHE A 68 9.62 -9.03 -2.24
CA PHE A 68 9.12 -7.71 -2.60
C PHE A 68 10.08 -6.61 -2.13
N THR A 69 10.38 -6.60 -0.85
CA THR A 69 11.30 -5.60 -0.29
C THR A 69 12.73 -6.14 -0.24
N THR A 70 13.60 -5.38 0.39
CA THR A 70 14.99 -5.76 0.50
C THR A 70 15.18 -6.88 1.52
N MET A 71 14.57 -6.75 2.70
CA MET A 71 14.70 -7.75 3.76
C MET A 71 16.17 -7.93 4.13
N ARG A 72 16.73 -6.96 4.84
CA ARG A 72 18.16 -6.98 5.14
C ARG A 72 18.41 -7.05 6.65
N ALA A 73 17.34 -7.00 7.43
CA ALA A 73 17.47 -7.03 8.89
C ALA A 73 17.85 -8.43 9.37
N ARG A 74 16.94 -9.37 9.17
CA ARG A 74 17.15 -10.76 9.56
C ARG A 74 15.92 -11.57 9.14
N GLY A 75 14.82 -11.30 9.84
CA GLY A 75 13.54 -11.82 9.41
C GLY A 75 12.80 -10.77 8.62
N ALA A 76 11.90 -10.04 9.30
CA ALA A 76 11.18 -8.91 8.70
C ALA A 76 10.53 -9.29 7.38
N GLN A 77 9.58 -10.22 7.45
CA GLN A 77 8.84 -10.63 6.27
C GLN A 77 7.34 -10.37 6.47
N VAL A 78 7.01 -9.78 7.62
CA VAL A 78 5.61 -9.51 7.95
C VAL A 78 5.41 -8.04 8.35
N THR A 79 6.49 -7.27 8.35
CA THR A 79 6.39 -5.84 8.64
C THR A 79 6.26 -5.07 7.33
N ASP A 80 6.68 -5.73 6.27
CA ASP A 80 6.57 -5.17 4.93
C ASP A 80 5.15 -5.39 4.42
N ILE A 81 4.33 -4.37 4.59
CA ILE A 81 2.91 -4.46 4.31
C ILE A 81 2.62 -4.15 2.86
N VAL A 82 1.87 -5.00 2.18
CA VAL A 82 1.61 -4.77 0.78
C VAL A 82 0.36 -3.95 0.57
N ILE A 83 0.54 -2.79 0.00
CA ILE A 83 -0.56 -1.96 -0.41
C ILE A 83 -1.09 -2.45 -1.74
N LEU A 84 -2.38 -2.61 -1.81
CA LEU A 84 -2.99 -3.12 -2.99
C LEU A 84 -4.00 -2.09 -3.51
N VAL A 85 -3.63 -1.45 -4.61
CA VAL A 85 -4.45 -0.43 -5.21
C VAL A 85 -5.42 -1.03 -6.22
N VAL A 86 -6.70 -1.03 -5.86
CA VAL A 86 -7.74 -1.47 -6.76
C VAL A 86 -8.75 -0.37 -7.00
N ALA A 87 -8.99 -0.06 -8.26
CA ALA A 87 -10.01 0.90 -8.61
C ALA A 87 -11.39 0.29 -8.39
N ALA A 88 -12.24 0.98 -7.65
CA ALA A 88 -13.56 0.46 -7.28
C ALA A 88 -14.46 0.34 -8.49
N ASP A 89 -14.02 0.90 -9.59
CA ASP A 89 -14.80 0.82 -10.83
C ASP A 89 -14.43 -0.43 -11.62
N ASP A 90 -13.39 -1.13 -11.16
CA ASP A 90 -12.86 -2.29 -11.91
C ASP A 90 -12.67 -3.50 -10.99
N GLY A 91 -12.07 -3.28 -9.82
CA GLY A 91 -11.91 -4.35 -8.84
C GLY A 91 -10.56 -5.04 -8.91
N VAL A 92 -10.54 -6.34 -8.65
CA VAL A 92 -9.30 -7.12 -8.75
C VAL A 92 -9.20 -7.72 -10.15
N MET A 93 -7.98 -7.78 -10.65
CA MET A 93 -7.71 -8.15 -12.03
C MET A 93 -6.41 -8.98 -12.08
N PRO A 94 -5.99 -9.46 -13.27
CA PRO A 94 -4.78 -10.29 -13.42
C PRO A 94 -3.56 -9.79 -12.65
N GLN A 95 -3.06 -8.59 -12.97
CA GLN A 95 -1.84 -8.11 -12.35
C GLN A 95 -2.11 -7.62 -10.92
N THR A 96 -3.37 -7.46 -10.60
CA THR A 96 -3.77 -7.08 -9.26
C THR A 96 -3.56 -8.25 -8.32
N VAL A 97 -4.03 -9.41 -8.73
CA VAL A 97 -3.94 -10.58 -7.91
C VAL A 97 -2.52 -11.16 -7.85
N GLU A 98 -1.70 -10.95 -8.88
CA GLU A 98 -0.32 -11.43 -8.80
C GLU A 98 0.39 -10.73 -7.64
N ALA A 99 -0.04 -9.50 -7.37
CA ALA A 99 0.45 -8.76 -6.22
C ALA A 99 -0.11 -9.32 -4.92
N ILE A 100 -1.35 -9.79 -4.98
CA ILE A 100 -2.00 -10.38 -3.83
C ILE A 100 -1.34 -11.72 -3.54
N ASN A 101 -1.26 -12.53 -4.58
CA ASN A 101 -0.62 -13.83 -4.54
C ASN A 101 0.77 -13.72 -3.95
N HIS A 102 1.46 -12.67 -4.36
CA HIS A 102 2.79 -12.37 -3.87
C HIS A 102 2.78 -12.25 -2.35
N ALA A 103 1.85 -11.47 -1.85
CA ALA A 103 1.77 -11.18 -0.43
C ALA A 103 1.23 -12.37 0.37
N LYS A 104 0.14 -12.98 -0.11
CA LYS A 104 -0.46 -14.11 0.59
C LYS A 104 0.47 -15.29 0.64
N ALA A 105 1.23 -15.45 -0.43
CA ALA A 105 2.26 -16.48 -0.49
C ALA A 105 3.23 -16.36 0.68
N ALA A 106 3.64 -15.12 0.99
CA ALA A 106 4.50 -14.88 2.14
C ALA A 106 3.69 -14.83 3.45
N ASN A 107 2.39 -14.56 3.29
CA ASN A 107 1.42 -14.51 4.39
C ASN A 107 1.48 -13.14 5.03
N VAL A 108 1.59 -12.16 4.16
CA VAL A 108 1.72 -10.77 4.53
C VAL A 108 0.35 -10.10 4.66
N PRO A 109 0.19 -9.27 5.69
CA PRO A 109 -0.98 -8.40 5.83
C PRO A 109 -1.00 -7.32 4.75
N ILE A 110 -2.18 -6.97 4.28
CA ILE A 110 -2.31 -6.05 3.17
C ILE A 110 -2.86 -4.71 3.62
N ILE A 111 -2.57 -3.69 2.83
CA ILE A 111 -3.18 -2.38 2.95
C ILE A 111 -3.80 -2.06 1.62
N VAL A 112 -5.00 -2.55 1.41
CA VAL A 112 -5.70 -2.26 0.19
C VAL A 112 -6.10 -0.83 0.17
N ALA A 113 -6.07 -0.28 -0.98
CA ALA A 113 -6.41 1.10 -1.18
C ALA A 113 -7.14 1.27 -2.48
N ILE A 114 -8.44 1.37 -2.37
CA ILE A 114 -9.31 1.47 -3.50
C ILE A 114 -9.20 2.86 -4.12
N ASN A 115 -9.24 2.91 -5.43
CA ASN A 115 -9.10 4.15 -6.17
C ASN A 115 -10.34 4.34 -6.98
N LYS A 116 -10.48 5.48 -7.59
CA LYS A 116 -11.58 5.77 -8.45
C LYS A 116 -12.87 5.97 -7.66
N MET A 117 -12.73 6.53 -6.47
CA MET A 117 -13.89 7.00 -5.70
C MET A 117 -14.33 8.33 -6.26
N ASP A 118 -13.44 8.92 -7.05
CA ASP A 118 -13.74 10.10 -7.82
C ASP A 118 -14.80 9.78 -8.86
N LYS A 119 -14.85 8.52 -9.26
CA LYS A 119 -15.84 8.04 -10.19
C LYS A 119 -17.10 7.64 -9.45
N PRO A 120 -18.27 8.09 -9.92
CA PRO A 120 -19.57 7.66 -9.37
C PRO A 120 -19.79 6.17 -9.60
N GLU A 121 -18.94 5.60 -10.45
CA GLU A 121 -18.93 4.18 -10.76
C GLU A 121 -18.19 3.39 -9.70
N ALA A 122 -17.71 4.11 -8.69
CA ALA A 122 -17.06 3.52 -7.52
C ALA A 122 -17.95 2.49 -6.85
N ASN A 123 -17.43 1.28 -6.74
CA ASN A 123 -18.12 0.20 -6.04
C ASN A 123 -17.15 -0.42 -5.06
N PRO A 124 -16.92 0.27 -3.95
CA PRO A 124 -15.91 -0.10 -2.96
C PRO A 124 -16.13 -1.45 -2.31
N ASP A 125 -17.21 -1.56 -1.58
CA ASP A 125 -17.56 -2.78 -0.89
C ASP A 125 -17.73 -3.90 -1.89
N ARG A 126 -18.03 -3.53 -3.13
CA ARG A 126 -18.15 -4.51 -4.21
C ARG A 126 -16.80 -5.12 -4.50
N VAL A 127 -15.88 -4.26 -4.89
CA VAL A 127 -14.56 -4.68 -5.31
C VAL A 127 -13.76 -5.30 -4.16
N MET A 128 -13.98 -4.82 -2.94
CA MET A 128 -13.27 -5.33 -1.77
C MET A 128 -13.83 -6.71 -1.36
N GLN A 129 -15.05 -7.03 -1.79
CA GLN A 129 -15.64 -8.34 -1.48
C GLN A 129 -15.02 -9.43 -2.33
N GLU A 130 -14.86 -9.15 -3.61
CA GLU A 130 -14.25 -10.11 -4.53
C GLU A 130 -12.77 -10.25 -4.20
N LEU A 131 -12.25 -9.20 -3.58
CA LEU A 131 -10.91 -9.22 -3.04
C LEU A 131 -10.82 -10.32 -1.99
N MET A 132 -11.90 -10.51 -1.24
CA MET A 132 -11.93 -11.58 -0.26
C MET A 132 -12.16 -12.94 -0.91
N GLU A 133 -12.64 -12.94 -2.14
CA GLU A 133 -12.77 -14.18 -2.88
C GLU A 133 -11.38 -14.66 -3.26
N TYR A 134 -10.44 -13.72 -3.20
CA TYR A 134 -9.03 -14.04 -3.36
C TYR A 134 -8.39 -14.25 -1.99
N ASN A 135 -9.27 -14.36 -0.99
CA ASN A 135 -8.94 -14.69 0.39
C ASN A 135 -8.05 -13.62 1.03
N LEU A 136 -8.51 -12.39 0.96
CA LEU A 136 -7.95 -11.33 1.74
C LEU A 136 -9.11 -10.46 2.26
N VAL A 137 -9.21 -10.34 3.57
CA VAL A 137 -10.41 -9.76 4.19
C VAL A 137 -10.13 -8.42 4.85
N PRO A 138 -10.94 -7.41 4.51
CA PRO A 138 -10.94 -6.11 5.14
C PRO A 138 -10.90 -6.15 6.65
N GLU A 139 -10.22 -5.17 7.20
CA GLU A 139 -10.11 -5.04 8.65
C GLU A 139 -11.34 -4.37 9.22
N GLU A 140 -12.16 -3.83 8.35
CA GLU A 140 -13.50 -3.40 8.73
C GLU A 140 -14.35 -4.62 9.07
N TRP A 141 -14.00 -5.76 8.47
CA TRP A 141 -14.75 -6.99 8.68
C TRP A 141 -13.95 -7.97 9.53
N GLY A 142 -12.72 -7.60 9.86
CA GLY A 142 -11.93 -8.38 10.77
C GLY A 142 -11.16 -9.51 10.11
N GLY A 143 -10.73 -9.30 8.87
CA GLY A 143 -9.89 -10.28 8.21
C GLY A 143 -8.43 -10.08 8.54
N ASP A 144 -7.67 -9.56 7.59
CA ASP A 144 -6.29 -9.17 7.83
C ASP A 144 -5.78 -8.24 6.73
N THR A 145 -6.46 -7.12 6.58
CA THR A 145 -6.09 -6.12 5.58
C THR A 145 -6.83 -4.81 5.83
N ILE A 146 -6.11 -3.75 6.13
CA ILE A 146 -6.73 -2.45 6.22
C ILE A 146 -7.11 -1.97 4.83
N PHE A 147 -8.40 -1.98 4.56
CA PHE A 147 -8.92 -1.54 3.27
C PHE A 147 -9.21 -0.05 3.28
N CYS A 148 -8.56 0.67 2.40
CA CYS A 148 -8.89 2.07 2.18
C CYS A 148 -9.74 2.20 0.94
N LYS A 149 -10.52 3.26 0.92
CA LYS A 149 -11.39 3.56 -0.21
C LYS A 149 -11.14 5.00 -0.62
N LEU A 150 -10.22 5.18 -1.56
CA LEU A 150 -9.75 6.49 -1.91
C LEU A 150 -9.95 6.80 -3.38
N SER A 151 -9.42 7.93 -3.76
CA SER A 151 -9.52 8.48 -5.08
C SER A 151 -8.34 9.40 -5.29
N ALA A 152 -7.32 8.95 -5.98
CA ALA A 152 -6.15 9.78 -6.18
C ALA A 152 -6.45 10.82 -7.25
N LYS A 153 -7.59 10.64 -7.90
CA LYS A 153 -8.08 11.64 -8.82
C LYS A 153 -8.61 12.84 -8.06
N THR A 154 -9.51 12.64 -7.09
CA THR A 154 -10.07 13.76 -6.34
C THR A 154 -9.22 14.11 -5.13
N LYS A 155 -8.20 13.28 -4.87
CA LYS A 155 -7.19 13.58 -3.86
C LYS A 155 -7.77 13.56 -2.46
N GLU A 156 -8.55 12.54 -2.19
CA GLU A 156 -9.21 12.44 -0.89
C GLU A 156 -8.55 11.36 -0.04
N GLY A 157 -8.68 10.15 -0.52
CA GLY A 157 -8.23 9.02 0.22
C GLY A 157 -6.72 8.88 0.28
N LEU A 158 -5.99 9.74 -0.44
CA LEU A 158 -4.54 9.70 -0.35
C LEU A 158 -4.12 10.10 1.05
N ASP A 159 -4.79 11.12 1.58
CA ASP A 159 -4.59 11.53 2.95
C ASP A 159 -5.07 10.45 3.88
N HIS A 160 -6.28 9.94 3.64
CA HIS A 160 -6.88 8.93 4.50
C HIS A 160 -6.07 7.63 4.49
N LEU A 161 -5.37 7.38 3.39
CA LEU A 161 -4.57 6.16 3.24
C LEU A 161 -3.45 6.14 4.26
N LEU A 162 -2.62 7.16 4.20
CA LEU A 162 -1.48 7.29 5.10
C LEU A 162 -1.96 7.30 6.54
N GLU A 163 -3.08 7.98 6.76
CA GLU A 163 -3.73 8.02 8.08
C GLU A 163 -3.99 6.61 8.61
N MET A 164 -4.41 5.71 7.74
CA MET A 164 -4.66 4.33 8.12
C MET A 164 -3.36 3.55 8.25
N ILE A 165 -2.44 3.82 7.32
CA ILE A 165 -1.14 3.16 7.32
C ILE A 165 -0.39 3.43 8.62
N LEU A 166 -0.35 4.68 9.06
CA LEU A 166 0.37 5.03 10.28
C LEU A 166 -0.28 4.41 11.50
N LEU A 167 -1.60 4.32 11.47
CA LEU A 167 -2.33 3.58 12.49
C LEU A 167 -1.77 2.17 12.58
N VAL A 168 -1.59 1.55 11.42
CA VAL A 168 -1.02 0.23 11.34
C VAL A 168 0.44 0.22 11.82
N SER A 169 1.22 1.23 11.42
CA SER A 169 2.63 1.29 11.85
C SER A 169 2.73 1.47 13.37
N GLU A 170 1.71 2.06 13.98
CA GLU A 170 1.68 2.20 15.43
C GLU A 170 1.21 0.89 16.06
N MET A 171 0.42 0.14 15.31
CA MET A 171 -0.10 -1.13 15.78
C MET A 171 0.94 -2.22 15.62
N GLU A 172 2.03 -1.89 14.92
CA GLU A 172 3.13 -2.82 14.67
C GLU A 172 3.55 -3.51 15.96
N GLU A 173 3.78 -2.74 17.01
CA GLU A 173 4.14 -3.31 18.30
C GLU A 173 2.93 -3.38 19.23
N LEU A 174 1.93 -2.56 18.94
CA LEU A 174 0.72 -2.49 19.76
C LEU A 174 -0.42 -3.25 19.10
N LYS A 175 -0.11 -4.47 18.65
CA LYS A 175 -1.07 -5.34 17.97
C LYS A 175 -2.41 -5.39 18.70
N ALA A 176 -2.34 -5.57 20.00
CA ALA A 176 -3.54 -5.66 20.82
C ALA A 176 -3.35 -4.95 22.14
N ASN A 177 -4.44 -4.41 22.67
CA ASN A 177 -4.41 -3.75 23.98
C ASN A 177 -5.28 -4.52 24.95
N PRO A 178 -4.67 -5.41 25.75
CA PRO A 178 -5.41 -6.25 26.70
C PRO A 178 -5.84 -5.48 27.94
PB GDP B . -0.12 1.69 -14.67
O1B GDP B . -1.32 1.17 -13.93
O2B GDP B . 0.31 0.82 -15.85
O3B GDP B . 1.04 2.15 -13.78
O3A GDP B . -0.70 3.08 -15.38
PA GDP B . -0.80 4.52 -14.78
O1A GDP B . -0.15 5.52 -15.66
O2A GDP B . -0.48 4.55 -13.31
O5' GDP B . -2.40 4.75 -14.86
C5' GDP B . -3.10 4.57 -16.09
C4' GDP B . -4.50 5.14 -15.98
O4' GDP B . -4.90 5.15 -14.59
C3' GDP B . -4.66 6.58 -16.44
O3' GDP B . -5.04 6.64 -17.81
C2' GDP B . -5.76 7.16 -15.52
O2' GDP B . -6.97 7.31 -16.23
C1' GDP B . -5.92 6.11 -14.43
N9 GDP B . -5.85 6.65 -13.08
C8 GDP B . -4.71 6.83 -12.33
N7 GDP B . -4.96 7.29 -11.14
C5 GDP B . -6.33 7.42 -11.08
C6 GDP B . -7.19 7.86 -10.04
O6 GDP B . -6.86 8.25 -8.91
N1 GDP B . -8.52 7.83 -10.40
C2 GDP B . -8.99 7.42 -11.63
N2 GDP B . -10.31 7.51 -11.82
N3 GDP B . -8.20 7.01 -12.62
C4 GDP B . -6.91 7.03 -12.28
H5' GDP B . -3.16 3.51 -16.32
H5'' GDP B . -2.58 5.08 -16.89
H4' GDP B . -5.15 4.53 -16.61
H3' GDP B . -3.72 7.13 -16.37
HO3' GDP B . -5.17 5.74 -18.11
H2' GDP B . -5.41 8.11 -15.11
HO2' GDP B . -6.79 7.10 -17.15
H1' GDP B . -6.87 5.58 -14.53
H8 GDP B . -3.72 6.61 -12.69
HN1 GDP B . -9.20 8.08 -9.70
HN21 GDP B . -10.70 7.25 -12.72
HN22 GDP B . -10.91 7.84 -11.08
N GLY A 1 13.52 0.43 21.76
CA GLY A 1 13.07 1.43 20.77
C GLY A 1 13.95 1.46 19.53
N SER A 2 13.68 2.40 18.64
CA SER A 2 14.46 2.53 17.42
C SER A 2 15.04 3.93 17.31
N HIS A 3 16.21 4.14 17.90
CA HIS A 3 16.94 5.39 17.75
C HIS A 3 18.32 5.12 17.17
N MET A 4 18.85 3.94 17.47
CA MET A 4 20.11 3.51 16.88
C MET A 4 19.90 3.22 15.40
N VAL A 5 19.03 2.26 15.13
CA VAL A 5 18.68 1.93 13.76
C VAL A 5 17.16 1.79 13.64
N GLU A 6 16.61 2.29 12.54
CA GLU A 6 15.19 2.16 12.28
C GLU A 6 14.96 1.30 11.05
N ARG A 7 13.86 0.56 11.06
CA ARG A 7 13.43 -0.19 9.89
C ARG A 7 12.12 0.38 9.38
N PRO A 8 12.20 1.21 8.33
CA PRO A 8 11.01 1.77 7.69
C PRO A 8 10.27 0.68 6.90
N PRO A 9 9.03 0.38 7.30
CA PRO A 9 8.24 -0.66 6.64
C PRO A 9 8.12 -0.42 5.14
N VAL A 10 8.58 -1.38 4.35
CA VAL A 10 8.56 -1.26 2.91
C VAL A 10 7.14 -1.49 2.40
N VAL A 11 6.29 -0.51 2.62
CA VAL A 11 4.90 -0.57 2.20
C VAL A 11 4.81 -0.59 0.68
N THR A 12 4.82 -1.78 0.13
CA THR A 12 4.85 -1.97 -1.31
C THR A 12 3.47 -1.74 -1.91
N ILE A 13 3.37 -0.81 -2.85
CA ILE A 13 2.10 -0.55 -3.51
C ILE A 13 1.90 -1.50 -4.69
N MET A 14 0.90 -2.35 -4.57
CA MET A 14 0.55 -3.29 -5.61
C MET A 14 -0.80 -2.92 -6.20
N GLY A 15 -1.26 -3.71 -7.15
CA GLY A 15 -2.58 -3.52 -7.69
C GLY A 15 -2.61 -3.69 -9.17
N HIS A 16 -3.76 -3.40 -9.75
CA HIS A 16 -3.91 -3.53 -11.19
C HIS A 16 -3.42 -2.27 -11.90
N VAL A 17 -3.19 -2.41 -13.19
CA VAL A 17 -2.80 -1.29 -14.03
C VAL A 17 -4.00 -0.42 -14.34
N ASP A 18 -3.76 0.87 -14.59
CA ASP A 18 -4.83 1.85 -14.87
C ASP A 18 -5.58 2.19 -13.58
N HIS A 19 -5.47 1.32 -12.59
CA HIS A 19 -5.95 1.63 -11.25
C HIS A 19 -4.90 2.49 -10.56
N GLY A 20 -3.74 2.63 -11.18
CA GLY A 20 -2.77 3.59 -10.73
C GLY A 20 -1.41 3.00 -10.39
N LYS A 21 -0.74 2.42 -11.37
CA LYS A 21 0.65 2.05 -11.20
C LYS A 21 1.53 3.28 -10.95
N THR A 22 1.77 4.07 -11.98
CA THR A 22 2.61 5.24 -11.86
C THR A 22 1.83 6.41 -11.25
N THR A 23 0.54 6.48 -11.59
CA THR A 23 -0.31 7.59 -11.18
C THR A 23 -0.40 7.73 -9.66
N LEU A 24 -0.28 6.62 -8.93
CA LEU A 24 -0.38 6.66 -7.49
C LEU A 24 0.85 7.32 -6.90
N LEU A 25 2.02 6.83 -7.28
CA LEU A 25 3.28 7.39 -6.79
C LEU A 25 3.53 8.77 -7.38
N ASP A 26 2.70 9.17 -8.33
CA ASP A 26 2.81 10.49 -8.92
C ASP A 26 1.94 11.42 -8.11
N ALA A 27 0.76 10.92 -7.81
CA ALA A 27 -0.24 11.68 -7.08
C ALA A 27 0.17 11.83 -5.61
N ILE A 28 0.98 10.89 -5.16
CA ILE A 28 1.40 10.84 -3.77
C ILE A 28 2.56 11.80 -3.51
N ARG A 29 3.35 12.08 -4.54
CA ARG A 29 4.52 12.93 -4.40
C ARG A 29 4.13 14.40 -4.30
N HIS A 30 3.16 14.82 -5.11
CA HIS A 30 2.75 16.21 -5.14
C HIS A 30 1.59 16.45 -4.19
N SER A 31 1.56 15.64 -3.18
CA SER A 31 0.55 15.73 -2.15
C SER A 31 1.19 16.34 -0.91
N LYS A 32 2.40 15.85 -0.60
CA LYS A 32 3.15 16.33 0.55
C LYS A 32 4.54 15.71 0.57
N VAL A 33 5.27 15.95 1.66
CA VAL A 33 6.70 15.61 1.83
C VAL A 33 7.60 16.13 0.70
N THR A 34 7.36 15.70 -0.52
CA THR A 34 8.10 16.17 -1.67
C THR A 34 7.39 17.34 -2.33
N GLU A 35 8.15 18.32 -2.78
CA GLU A 35 7.57 19.50 -3.40
C GLU A 35 8.02 19.63 -4.84
N GLN A 36 9.23 20.16 -5.03
CA GLN A 36 9.76 20.37 -6.36
C GLN A 36 11.11 19.66 -6.52
N GLU A 37 11.54 18.99 -5.47
CA GLU A 37 12.80 18.28 -5.49
C GLU A 37 12.57 16.78 -5.66
N ALA A 38 13.65 16.01 -5.72
CA ALA A 38 13.57 14.62 -6.16
C ALA A 38 13.39 13.64 -5.01
N GLY A 39 13.49 14.13 -3.78
CA GLY A 39 13.28 13.29 -2.62
C GLY A 39 14.37 12.24 -2.45
N GLY A 40 15.52 12.49 -3.05
CA GLY A 40 16.61 11.55 -2.97
C GLY A 40 16.53 10.45 -4.01
N ILE A 41 15.46 10.48 -4.79
CA ILE A 41 15.23 9.45 -5.81
C ILE A 41 15.42 10.05 -7.21
N THR A 42 16.04 9.27 -8.08
CA THR A 42 16.25 9.69 -9.47
C THR A 42 15.20 9.02 -10.37
N GLN A 43 15.46 8.96 -11.68
CA GLN A 43 14.52 8.31 -12.59
C GLN A 43 14.55 6.80 -12.40
N HIS A 44 15.66 6.32 -11.84
CA HIS A 44 15.76 4.92 -11.45
C HIS A 44 14.92 4.69 -10.20
N ILE A 45 13.86 3.91 -10.35
CA ILE A 45 12.85 3.72 -9.32
C ILE A 45 11.95 4.95 -9.25
N GLY A 46 10.72 4.74 -8.86
CA GLY A 46 9.75 5.82 -8.83
C GLY A 46 9.19 6.06 -7.45
N ALA A 47 9.57 5.18 -6.53
CA ALA A 47 9.10 5.27 -5.15
C ALA A 47 9.96 6.23 -4.35
N TYR A 48 9.68 6.35 -3.06
CA TYR A 48 10.37 7.30 -2.20
C TYR A 48 9.89 7.17 -0.77
N GLN A 49 10.54 7.89 0.13
CA GLN A 49 10.19 7.86 1.54
C GLN A 49 9.35 9.08 1.92
N VAL A 50 8.16 8.83 2.44
CA VAL A 50 7.22 9.90 2.78
C VAL A 50 7.50 10.43 4.19
N THR A 51 6.86 11.54 4.52
CA THR A 51 7.00 12.20 5.81
C THR A 51 5.78 13.11 6.04
N VAL A 52 4.70 12.51 6.53
CA VAL A 52 3.50 13.28 6.85
C VAL A 52 3.79 14.26 7.97
N ASN A 53 4.22 13.71 9.07
CA ASN A 53 4.68 14.48 10.20
C ASN A 53 6.18 14.28 10.33
N ASP A 54 6.56 13.02 10.45
CA ASP A 54 7.95 12.59 10.39
C ASP A 54 8.03 11.08 10.25
N LYS A 55 7.11 10.51 9.51
CA LYS A 55 7.05 9.07 9.37
C LYS A 55 7.58 8.66 8.01
N LYS A 56 8.83 8.22 8.00
CA LYS A 56 9.50 7.83 6.76
C LYS A 56 8.95 6.51 6.23
N ILE A 57 7.88 6.60 5.46
CA ILE A 57 7.26 5.43 4.85
C ILE A 57 7.77 5.26 3.43
N THR A 58 8.57 4.24 3.21
CA THR A 58 9.07 3.94 1.89
C THR A 58 8.07 3.07 1.13
N PHE A 59 7.21 3.71 0.36
CA PHE A 59 6.23 3.01 -0.46
C PHE A 59 6.92 2.32 -1.65
N LEU A 60 7.37 1.08 -1.44
CA LEU A 60 8.08 0.31 -2.47
C LEU A 60 9.52 0.79 -2.62
N ASP A 61 10.40 -0.07 -3.14
CA ASP A 61 11.79 0.30 -3.37
C ASP A 61 12.38 -0.45 -4.55
N THR A 62 12.71 -1.73 -4.37
CA THR A 62 13.34 -2.52 -5.42
C THR A 62 12.37 -3.51 -6.04
N PRO A 63 11.85 -3.21 -7.24
CA PRO A 63 11.02 -4.12 -8.00
C PRO A 63 11.84 -4.86 -9.07
N GLY A 64 13.08 -5.19 -8.73
CA GLY A 64 13.98 -5.81 -9.69
C GLY A 64 13.94 -7.33 -9.64
N HIS A 65 12.72 -7.86 -9.62
CA HIS A 65 12.46 -9.30 -9.55
C HIS A 65 10.99 -9.48 -9.19
N GLU A 66 10.62 -8.72 -8.19
CA GLU A 66 9.27 -8.59 -7.72
C GLU A 66 9.22 -7.25 -7.01
N ALA A 67 8.06 -6.68 -6.81
CA ALA A 67 7.97 -5.41 -6.11
C ALA A 67 8.22 -5.63 -4.62
N PHE A 68 7.98 -6.86 -4.17
CA PHE A 68 8.32 -7.26 -2.82
C PHE A 68 9.84 -7.36 -2.66
N THR A 69 10.31 -7.05 -1.46
CA THR A 69 11.74 -7.09 -1.16
C THR A 69 12.30 -8.51 -1.34
N THR A 70 13.55 -8.59 -1.79
CA THR A 70 14.16 -9.88 -2.05
C THR A 70 14.59 -10.55 -0.75
N MET A 71 13.62 -11.09 -0.04
CA MET A 71 13.86 -11.79 1.23
C MET A 71 14.13 -13.27 0.98
N ARG A 72 14.69 -13.57 -0.18
CA ARG A 72 15.01 -14.95 -0.54
C ARG A 72 16.42 -15.29 -0.10
N ALA A 73 17.38 -14.48 -0.51
CA ALA A 73 18.77 -14.65 -0.08
C ALA A 73 18.87 -14.48 1.44
N ARG A 74 18.25 -13.43 1.94
CA ARG A 74 18.23 -13.15 3.37
C ARG A 74 17.20 -12.07 3.67
N GLY A 75 17.08 -11.71 4.93
CA GLY A 75 16.15 -10.68 5.32
C GLY A 75 15.74 -10.80 6.77
N ALA A 76 14.86 -11.75 7.05
CA ALA A 76 14.40 -12.02 8.41
C ALA A 76 13.91 -10.76 9.11
N GLN A 77 12.94 -10.10 8.48
CA GLN A 77 12.36 -8.90 9.05
C GLN A 77 10.94 -9.19 9.56
N VAL A 78 10.34 -8.21 10.22
CA VAL A 78 9.11 -8.42 10.97
C VAL A 78 7.90 -8.77 10.08
N THR A 79 7.31 -7.79 9.43
CA THR A 79 6.12 -8.02 8.61
C THR A 79 5.78 -6.76 7.80
N ASP A 80 6.59 -6.50 6.78
CA ASP A 80 6.39 -5.34 5.93
C ASP A 80 5.07 -5.45 5.21
N ILE A 81 4.32 -4.36 5.24
CA ILE A 81 2.94 -4.36 4.79
C ILE A 81 2.86 -4.03 3.30
N VAL A 82 1.93 -4.68 2.60
CA VAL A 82 1.75 -4.41 1.18
C VAL A 82 0.41 -3.74 0.93
N ILE A 83 0.44 -2.72 0.10
CA ILE A 83 -0.75 -2.06 -0.36
C ILE A 83 -1.24 -2.72 -1.63
N LEU A 84 -2.53 -2.82 -1.76
CA LEU A 84 -3.10 -3.37 -2.95
C LEU A 84 -4.13 -2.37 -3.49
N VAL A 85 -3.81 -1.72 -4.58
CA VAL A 85 -4.68 -0.72 -5.18
C VAL A 85 -5.64 -1.35 -6.18
N VAL A 86 -6.92 -1.28 -5.87
CA VAL A 86 -7.96 -1.72 -6.78
C VAL A 86 -8.95 -0.60 -7.06
N ALA A 87 -9.14 -0.32 -8.33
CA ALA A 87 -10.14 0.66 -8.75
C ALA A 87 -11.53 0.13 -8.40
N ALA A 88 -12.35 0.97 -7.79
CA ALA A 88 -13.68 0.53 -7.35
C ALA A 88 -14.62 0.36 -8.51
N ASP A 89 -14.21 0.85 -9.65
CA ASP A 89 -15.03 0.73 -10.85
C ASP A 89 -14.51 -0.36 -11.78
N ASP A 90 -13.54 -1.16 -11.30
CA ASP A 90 -12.96 -2.21 -12.12
C ASP A 90 -12.64 -3.45 -11.28
N GLY A 91 -12.14 -3.23 -10.07
CA GLY A 91 -11.98 -4.32 -9.12
C GLY A 91 -10.69 -5.12 -9.30
N VAL A 92 -10.78 -6.41 -9.08
CA VAL A 92 -9.63 -7.29 -9.18
C VAL A 92 -9.51 -7.89 -10.57
N MET A 93 -8.33 -7.76 -11.11
CA MET A 93 -8.03 -8.15 -12.47
C MET A 93 -6.84 -9.11 -12.46
N PRO A 94 -6.41 -9.65 -13.63
CA PRO A 94 -5.31 -10.61 -13.70
C PRO A 94 -4.07 -10.20 -12.93
N GLN A 95 -3.47 -9.04 -13.25
CA GLN A 95 -2.22 -8.66 -12.63
C GLN A 95 -2.46 -8.17 -11.20
N THR A 96 -3.71 -7.94 -10.88
CA THR A 96 -4.10 -7.50 -9.55
C THR A 96 -3.91 -8.64 -8.56
N VAL A 97 -4.45 -9.80 -8.90
CA VAL A 97 -4.36 -10.94 -8.04
C VAL A 97 -2.97 -11.57 -8.05
N GLU A 98 -2.19 -11.35 -9.09
CA GLU A 98 -0.80 -11.80 -9.05
C GLU A 98 -0.04 -11.04 -7.96
N ALA A 99 -0.49 -9.82 -7.70
CA ALA A 99 0.02 -9.03 -6.59
C ALA A 99 -0.58 -9.52 -5.27
N ILE A 100 -1.69 -10.23 -5.36
CA ILE A 100 -2.24 -10.90 -4.20
C ILE A 100 -1.48 -12.19 -3.93
N ASN A 101 -1.28 -12.94 -5.00
CA ASN A 101 -0.51 -14.18 -4.97
C ASN A 101 0.85 -13.94 -4.33
N HIS A 102 1.48 -12.84 -4.73
CA HIS A 102 2.72 -12.37 -4.11
C HIS A 102 2.57 -12.30 -2.58
N ALA A 103 1.46 -11.75 -2.13
CA ALA A 103 1.30 -11.42 -0.73
C ALA A 103 0.96 -12.66 0.10
N LYS A 104 0.13 -13.54 -0.45
CA LYS A 104 -0.24 -14.76 0.25
C LYS A 104 0.91 -15.74 0.22
N ALA A 105 1.69 -15.63 -0.84
CA ALA A 105 2.94 -16.38 -0.95
C ALA A 105 3.84 -16.13 0.27
N ALA A 106 3.87 -14.88 0.73
CA ALA A 106 4.62 -14.54 1.93
C ALA A 106 3.77 -14.65 3.19
N ASN A 107 2.48 -14.36 3.03
CA ASN A 107 1.45 -14.47 4.09
C ASN A 107 1.50 -13.23 4.95
N VAL A 108 1.43 -12.09 4.27
CA VAL A 108 1.58 -10.80 4.88
C VAL A 108 0.25 -10.04 4.89
N PRO A 109 -0.01 -9.26 5.96
CA PRO A 109 -1.18 -8.38 6.03
C PRO A 109 -1.14 -7.28 4.96
N ILE A 110 -2.32 -6.93 4.45
CA ILE A 110 -2.38 -6.00 3.34
C ILE A 110 -3.01 -4.67 3.75
N ILE A 111 -2.76 -3.68 2.92
CA ILE A 111 -3.39 -2.37 2.99
C ILE A 111 -4.01 -2.11 1.63
N VAL A 112 -5.20 -2.65 1.43
CA VAL A 112 -5.88 -2.43 0.19
C VAL A 112 -6.33 -1.00 0.12
N ALA A 113 -6.34 -0.50 -1.07
CA ALA A 113 -6.69 0.86 -1.30
C ALA A 113 -7.45 1.00 -2.59
N ILE A 114 -8.74 1.18 -2.45
CA ILE A 114 -9.62 1.37 -3.56
C ILE A 114 -9.41 2.76 -4.13
N ASN A 115 -9.35 2.87 -5.44
CA ASN A 115 -9.19 4.16 -6.09
C ASN A 115 -10.36 4.34 -7.00
N LYS A 116 -10.47 5.51 -7.56
CA LYS A 116 -11.55 5.81 -8.46
C LYS A 116 -12.89 5.83 -7.73
N MET A 117 -12.86 6.27 -6.48
CA MET A 117 -14.06 6.45 -5.69
C MET A 117 -14.66 7.81 -6.00
N ASP A 118 -13.85 8.63 -6.66
CA ASP A 118 -14.32 9.90 -7.21
C ASP A 118 -15.31 9.63 -8.33
N LYS A 119 -15.07 8.52 -9.00
CA LYS A 119 -15.93 8.07 -10.09
C LYS A 119 -17.25 7.54 -9.54
N PRO A 120 -18.38 7.96 -10.13
CA PRO A 120 -19.72 7.48 -9.73
C PRO A 120 -19.87 5.97 -9.94
N GLU A 121 -18.92 5.42 -10.68
CA GLU A 121 -18.89 4.00 -11.00
C GLU A 121 -18.24 3.21 -9.86
N ALA A 122 -17.77 3.95 -8.86
CA ALA A 122 -17.15 3.37 -7.68
C ALA A 122 -18.08 2.40 -6.98
N ASN A 123 -17.62 1.17 -6.86
CA ASN A 123 -18.29 0.18 -6.05
C ASN A 123 -17.26 -0.49 -5.16
N PRO A 124 -16.86 0.20 -4.10
CA PRO A 124 -15.78 -0.22 -3.23
C PRO A 124 -16.04 -1.53 -2.53
N ASP A 125 -17.14 -1.58 -1.79
CA ASP A 125 -17.54 -2.80 -1.09
C ASP A 125 -17.65 -3.96 -2.05
N ARG A 126 -17.92 -3.64 -3.31
CA ARG A 126 -18.05 -4.65 -4.35
C ARG A 126 -16.68 -5.19 -4.71
N VAL A 127 -15.81 -4.27 -5.10
CA VAL A 127 -14.45 -4.63 -5.51
C VAL A 127 -13.63 -5.18 -4.34
N MET A 128 -13.93 -4.73 -3.12
CA MET A 128 -13.21 -5.22 -1.94
C MET A 128 -13.69 -6.62 -1.56
N GLN A 129 -14.86 -7.01 -2.09
CA GLN A 129 -15.31 -8.39 -1.93
C GLN A 129 -14.56 -9.31 -2.87
N GLU A 130 -14.15 -8.79 -4.01
CA GLU A 130 -13.32 -9.55 -4.95
C GLU A 130 -11.98 -9.83 -4.28
N LEU A 131 -11.58 -8.89 -3.43
CA LEU A 131 -10.36 -9.05 -2.66
C LEU A 131 -10.47 -10.28 -1.79
N MET A 132 -11.60 -10.41 -1.08
CA MET A 132 -11.76 -11.52 -0.16
C MET A 132 -11.95 -12.83 -0.90
N GLU A 133 -12.18 -12.76 -2.20
CA GLU A 133 -12.28 -13.96 -3.01
C GLU A 133 -10.90 -14.55 -3.19
N TYR A 134 -9.91 -13.66 -3.18
CA TYR A 134 -8.52 -14.06 -3.08
C TYR A 134 -8.03 -13.95 -1.65
N ASN A 135 -8.99 -14.16 -0.73
CA ASN A 135 -8.77 -14.23 0.71
C ASN A 135 -8.17 -12.94 1.28
N LEU A 136 -8.64 -11.82 0.80
CA LEU A 136 -8.28 -10.54 1.36
C LEU A 136 -9.46 -9.94 2.08
N VAL A 137 -9.51 -10.14 3.37
CA VAL A 137 -10.66 -9.74 4.14
C VAL A 137 -10.40 -8.44 4.86
N PRO A 138 -11.18 -7.42 4.50
CA PRO A 138 -11.19 -6.12 5.14
C PRO A 138 -11.17 -6.21 6.65
N GLU A 139 -10.48 -5.26 7.23
CA GLU A 139 -10.42 -5.14 8.68
C GLU A 139 -11.76 -4.64 9.20
N GLU A 140 -12.50 -4.01 8.31
CA GLU A 140 -13.88 -3.64 8.57
C GLU A 140 -14.76 -4.88 8.72
N TRP A 141 -14.29 -6.02 8.19
CA TRP A 141 -15.05 -7.25 8.26
C TRP A 141 -14.39 -8.24 9.21
N GLY A 142 -13.17 -7.93 9.63
CA GLY A 142 -12.48 -8.75 10.61
C GLY A 142 -11.57 -9.79 9.97
N GLY A 143 -11.03 -9.49 8.79
CA GLY A 143 -10.09 -10.40 8.17
C GLY A 143 -8.65 -10.12 8.57
N ASP A 144 -7.87 -9.59 7.64
CA ASP A 144 -6.50 -9.17 7.95
C ASP A 144 -5.94 -8.29 6.84
N THR A 145 -6.61 -7.17 6.63
CA THR A 145 -6.21 -6.19 5.64
C THR A 145 -6.94 -4.87 5.86
N ILE A 146 -6.19 -3.80 6.11
CA ILE A 146 -6.78 -2.50 6.21
C ILE A 146 -7.19 -2.02 4.82
N PHE A 147 -8.47 -2.08 4.55
CA PHE A 147 -9.02 -1.64 3.29
C PHE A 147 -9.33 -0.15 3.32
N CYS A 148 -8.65 0.60 2.48
CA CYS A 148 -8.90 2.02 2.36
C CYS A 148 -9.71 2.31 1.09
N LYS A 149 -10.74 3.11 1.21
CA LYS A 149 -11.52 3.53 0.06
C LYS A 149 -11.14 4.96 -0.33
N LEU A 150 -10.42 5.10 -1.44
CA LEU A 150 -9.89 6.39 -1.82
C LEU A 150 -10.05 6.68 -3.31
N SER A 151 -9.43 7.76 -3.70
CA SER A 151 -9.37 8.20 -5.07
C SER A 151 -8.22 9.16 -5.17
N ALA A 152 -7.14 8.70 -5.77
CA ALA A 152 -5.96 9.53 -5.91
C ALA A 152 -6.26 10.65 -6.89
N LYS A 153 -7.35 10.47 -7.63
CA LYS A 153 -7.87 11.51 -8.48
C LYS A 153 -8.29 12.73 -7.65
N THR A 154 -9.19 12.51 -6.70
CA THR A 154 -9.74 13.62 -5.93
C THR A 154 -8.85 14.02 -4.77
N LYS A 155 -7.81 13.22 -4.51
CA LYS A 155 -6.85 13.48 -3.45
C LYS A 155 -7.51 13.41 -2.09
N GLU A 156 -8.32 12.40 -1.89
CA GLU A 156 -9.05 12.26 -0.64
C GLU A 156 -8.42 11.16 0.20
N GLY A 157 -8.56 9.96 -0.31
CA GLY A 157 -8.13 8.80 0.39
C GLY A 157 -6.62 8.65 0.46
N LEU A 158 -5.87 9.48 -0.26
CA LEU A 158 -4.42 9.42 -0.18
C LEU A 158 -3.98 9.84 1.20
N ASP A 159 -4.65 10.84 1.73
CA ASP A 159 -4.40 11.28 3.08
C ASP A 159 -4.89 10.23 4.05
N HIS A 160 -6.09 9.71 3.79
CA HIS A 160 -6.68 8.68 4.63
C HIS A 160 -5.83 7.40 4.60
N LEU A 161 -5.03 7.24 3.57
CA LEU A 161 -4.18 6.08 3.42
C LEU A 161 -3.10 6.10 4.49
N LEU A 162 -2.39 7.21 4.54
CA LEU A 162 -1.35 7.39 5.53
C LEU A 162 -1.95 7.44 6.94
N GLU A 163 -3.20 7.88 7.03
CA GLU A 163 -3.91 7.89 8.31
C GLU A 163 -4.06 6.48 8.87
N MET A 164 -4.24 5.51 7.98
CA MET A 164 -4.39 4.12 8.39
C MET A 164 -3.03 3.49 8.62
N ILE A 165 -2.07 3.87 7.78
CA ILE A 165 -0.71 3.37 7.89
C ILE A 165 -0.01 3.91 9.14
N LEU A 166 -0.17 5.20 9.41
CA LEU A 166 0.46 5.82 10.57
C LEU A 166 -0.21 5.31 11.85
N LEU A 167 -1.48 4.91 11.74
CA LEU A 167 -2.15 4.24 12.84
C LEU A 167 -1.35 3.00 13.22
N VAL A 168 -0.91 2.27 12.20
CA VAL A 168 -0.05 1.12 12.36
C VAL A 168 1.33 1.55 12.87
N SER A 169 1.83 2.68 12.36
CA SER A 169 3.09 3.25 12.81
C SER A 169 3.10 3.44 14.34
N GLU A 170 2.02 3.99 14.89
CA GLU A 170 1.91 4.16 16.34
C GLU A 170 1.60 2.82 17.02
N MET A 171 0.89 1.96 16.31
CA MET A 171 0.54 0.64 16.82
C MET A 171 1.80 -0.19 17.09
N GLU A 172 2.76 -0.07 16.18
CA GLU A 172 4.01 -0.83 16.22
C GLU A 172 4.91 -0.39 17.39
N GLU A 173 4.45 0.55 18.21
CA GLU A 173 5.23 1.02 19.35
C GLU A 173 5.48 -0.12 20.35
N LEU A 174 4.44 -0.84 20.72
CA LEU A 174 4.57 -1.87 21.74
C LEU A 174 4.16 -3.23 21.21
N LYS A 175 2.96 -3.31 20.68
CA LYS A 175 2.46 -4.55 20.11
C LYS A 175 2.50 -4.48 18.58
N ALA A 176 2.29 -5.60 17.92
CA ALA A 176 2.27 -5.63 16.46
C ALA A 176 1.32 -6.71 15.98
N ASN A 177 0.30 -7.00 16.78
CA ASN A 177 -0.65 -8.06 16.46
C ASN A 177 -1.94 -7.93 17.28
N PRO A 178 -1.87 -8.01 18.63
CA PRO A 178 -3.04 -8.03 19.47
C PRO A 178 -3.41 -6.64 20.01
PB GDP B . -0.31 2.89 -15.30
O1B GDP B . -1.37 2.31 -14.41
O2B GDP B . 0.03 2.00 -16.50
O3B GDP B . 0.92 3.44 -14.56
O3A GDP B . -1.03 4.22 -15.99
PA GDP B . -1.04 5.72 -15.54
O1A GDP B . -0.90 6.64 -16.71
O2A GDP B . -0.16 5.98 -14.33
O5' GDP B . -2.55 5.86 -14.99
C5' GDP B . -3.65 5.34 -15.75
C4' GDP B . -4.89 6.16 -15.51
O4' GDP B . -5.37 5.90 -14.17
C3' GDP B . -4.72 7.67 -15.57
O3' GDP B . -5.24 8.18 -16.79
C2' GDP B . -5.50 8.23 -14.37
O2' GDP B . -6.49 9.16 -14.76
C1' GDP B . -6.18 6.98 -13.80
N9 GDP B . -6.31 7.01 -12.34
C8 GDP B . -5.36 6.63 -11.43
N7 GDP B . -5.77 6.75 -10.19
C5 GDP B . -7.06 7.24 -10.30
C6 GDP B . -8.00 7.55 -9.29
O6 GDP B . -7.88 7.46 -8.06
N1 GDP B . -9.20 8.02 -9.82
C2 GDP B . -9.45 8.16 -11.16
N2 GDP B . -10.66 8.66 -11.49
N3 GDP B . -8.59 7.86 -12.12
C4 GDP B . -7.42 7.41 -11.63
H5' GDP B . -3.83 4.31 -15.45
H5'' GDP B . -3.40 5.37 -16.81
H4' GDP B . -5.61 5.89 -16.28
H3' GDP B . -3.67 7.96 -15.56
HO3' GDP B . -5.28 7.46 -17.42
H2' GDP B . -4.81 8.66 -13.65
HO2' GDP B . -6.56 9.10 -15.72
H1' GDP B . -7.17 6.82 -14.23
H8 GDP B . -4.38 6.26 -11.71
HN1 GDP B . -9.93 8.25 -9.18
HN21 GDP B . -10.90 8.80 -12.46
HN22 GDP B . -11.32 8.92 -10.77
N GLY A 1 12.96 -5.42 28.63
CA GLY A 1 14.02 -5.62 27.63
C GLY A 1 14.15 -4.44 26.70
N SER A 2 15.18 -3.64 26.92
CA SER A 2 15.41 -2.44 26.12
C SER A 2 15.87 -2.85 24.72
N HIS A 3 14.93 -2.89 23.78
CA HIS A 3 15.22 -3.25 22.41
C HIS A 3 16.16 -2.22 21.77
N MET A 4 17.29 -2.69 21.27
CA MET A 4 18.27 -1.79 20.66
C MET A 4 18.20 -1.87 19.14
N VAL A 5 17.75 -3.00 18.63
CA VAL A 5 17.58 -3.16 17.20
C VAL A 5 16.12 -2.98 16.81
N GLU A 6 15.87 -2.09 15.88
CA GLU A 6 14.53 -1.83 15.40
C GLU A 6 14.44 -2.13 13.92
N ARG A 7 13.22 -2.28 13.42
CA ARG A 7 13.01 -2.56 12.01
C ARG A 7 11.78 -1.82 11.51
N PRO A 8 11.97 -0.72 10.78
CA PRO A 8 10.85 0.04 10.20
C PRO A 8 10.02 -0.83 9.26
N PRO A 9 8.68 -0.75 9.39
CA PRO A 9 7.75 -1.53 8.56
C PRO A 9 7.83 -1.11 7.10
N VAL A 10 8.64 -1.82 6.33
CA VAL A 10 8.75 -1.56 4.91
C VAL A 10 7.50 -2.04 4.18
N VAL A 11 7.11 -1.29 3.16
CA VAL A 11 5.90 -1.58 2.44
C VAL A 11 6.22 -2.01 1.02
N THR A 12 5.27 -2.63 0.35
CA THR A 12 5.38 -2.92 -1.06
C THR A 12 4.06 -2.61 -1.75
N ILE A 13 4.07 -1.64 -2.64
CA ILE A 13 2.85 -1.24 -3.32
C ILE A 13 2.60 -2.09 -4.56
N MET A 14 1.37 -2.52 -4.71
CA MET A 14 0.95 -3.37 -5.79
C MET A 14 -0.41 -2.90 -6.29
N GLY A 15 -0.96 -3.57 -7.29
CA GLY A 15 -2.27 -3.21 -7.78
C GLY A 15 -2.39 -3.38 -9.27
N HIS A 16 -3.49 -2.91 -9.84
CA HIS A 16 -3.74 -3.06 -11.26
C HIS A 16 -3.37 -1.79 -12.03
N VAL A 17 -3.19 -1.98 -13.33
CA VAL A 17 -2.95 -0.90 -14.27
C VAL A 17 -4.23 -0.11 -14.51
N ASP A 18 -4.08 1.18 -14.82
CA ASP A 18 -5.22 2.09 -15.05
C ASP A 18 -5.90 2.45 -13.73
N HIS A 19 -5.89 1.51 -12.80
CA HIS A 19 -6.32 1.78 -11.44
C HIS A 19 -5.34 2.76 -10.81
N GLY A 20 -4.14 2.81 -11.39
CA GLY A 20 -3.15 3.77 -10.96
C GLY A 20 -1.83 3.15 -10.62
N LYS A 21 -1.24 2.42 -11.55
CA LYS A 21 0.07 1.84 -11.30
C LYS A 21 1.12 2.95 -11.15
N THR A 22 1.30 3.74 -12.21
CA THR A 22 2.25 4.84 -12.18
C THR A 22 1.61 6.11 -11.62
N THR A 23 0.38 6.36 -12.03
CA THR A 23 -0.33 7.58 -11.66
C THR A 23 -0.46 7.77 -10.15
N LEU A 24 -0.59 6.68 -9.40
CA LEU A 24 -0.72 6.77 -7.95
C LEU A 24 0.61 7.16 -7.36
N LEU A 25 1.66 6.52 -7.86
CA LEU A 25 3.02 6.75 -7.37
C LEU A 25 3.47 8.17 -7.70
N ASP A 26 2.78 8.80 -8.64
CA ASP A 26 3.09 10.17 -9.04
C ASP A 26 2.23 11.11 -8.26
N ALA A 27 0.96 10.74 -8.15
CA ALA A 27 -0.01 11.51 -7.41
C ALA A 27 0.41 11.62 -5.97
N ILE A 28 0.87 10.48 -5.45
CA ILE A 28 1.28 10.36 -4.06
C ILE A 28 2.50 11.21 -3.76
N ARG A 29 3.31 11.49 -4.78
CA ARG A 29 4.47 12.36 -4.63
C ARG A 29 4.01 13.78 -4.31
N HIS A 30 2.91 14.17 -4.92
CA HIS A 30 2.42 15.55 -4.85
C HIS A 30 1.25 15.66 -3.90
N SER A 31 1.17 14.73 -2.99
CA SER A 31 0.07 14.69 -2.04
C SER A 31 0.52 15.01 -0.60
N LYS A 32 1.82 14.85 -0.33
CA LYS A 32 2.34 15.08 1.01
C LYS A 32 3.86 15.11 1.01
N VAL A 33 4.44 15.25 2.20
CA VAL A 33 5.88 15.36 2.37
C VAL A 33 6.59 14.05 1.99
N THR A 34 7.83 14.18 1.54
CA THR A 34 8.72 13.06 1.32
C THR A 34 10.16 13.53 1.33
N GLU A 35 11.09 12.61 1.38
CA GLU A 35 12.51 12.94 1.39
C GLU A 35 13.16 12.56 0.07
N GLN A 36 14.48 12.69 0.01
CA GLN A 36 15.22 12.53 -1.25
C GLN A 36 15.42 11.06 -1.62
N GLU A 37 14.33 10.40 -1.95
CA GLU A 37 14.38 9.05 -2.49
C GLU A 37 13.84 9.06 -3.92
N ALA A 38 14.67 8.69 -4.88
CA ALA A 38 14.28 8.69 -6.28
C ALA A 38 13.40 7.50 -6.61
N GLY A 39 12.09 7.72 -6.58
CA GLY A 39 11.15 6.66 -6.89
C GLY A 39 10.62 6.75 -8.31
N GLY A 40 11.02 7.82 -8.99
CA GLY A 40 10.62 8.01 -10.37
C GLY A 40 11.63 8.84 -11.12
N ILE A 41 12.64 8.20 -11.66
CA ILE A 41 13.70 8.89 -12.38
C ILE A 41 13.73 8.45 -13.85
N THR A 42 13.72 9.44 -14.74
CA THR A 42 13.71 9.20 -16.18
C THR A 42 12.38 8.57 -16.61
N GLN A 43 12.27 7.27 -16.37
CA GLN A 43 11.05 6.52 -16.64
C GLN A 43 11.02 5.30 -15.72
N HIS A 44 11.93 5.29 -14.75
CA HIS A 44 12.03 4.20 -13.81
C HIS A 44 11.16 4.47 -12.59
N ILE A 45 10.00 3.84 -12.56
CA ILE A 45 9.06 3.99 -11.46
C ILE A 45 9.24 2.88 -10.44
N GLY A 46 8.33 2.83 -9.48
CA GLY A 46 8.37 1.82 -8.45
C GLY A 46 7.74 2.30 -7.17
N ALA A 47 8.55 2.96 -6.35
CA ALA A 47 8.11 3.50 -5.08
C ALA A 47 9.26 4.25 -4.42
N TYR A 48 9.08 4.64 -3.16
CA TYR A 48 10.00 5.53 -2.48
C TYR A 48 9.64 5.62 -1.01
N GLN A 49 10.35 6.46 -0.28
CA GLN A 49 10.11 6.64 1.15
C GLN A 49 9.06 7.72 1.38
N VAL A 50 7.90 7.31 1.88
CA VAL A 50 6.84 8.26 2.20
C VAL A 50 7.17 8.96 3.52
N THR A 51 6.44 10.02 3.84
CA THR A 51 6.69 10.85 4.99
C THR A 51 5.39 11.51 5.41
N VAL A 52 4.58 10.78 6.18
CA VAL A 52 3.32 11.32 6.69
C VAL A 52 3.61 12.46 7.63
N ASN A 53 4.33 12.14 8.69
CA ASN A 53 4.85 13.11 9.61
C ASN A 53 6.34 13.28 9.33
N ASP A 54 7.05 12.18 9.53
CA ASP A 54 8.44 12.07 9.12
C ASP A 54 8.88 10.62 9.25
N LYS A 55 8.03 9.70 8.82
CA LYS A 55 8.30 8.29 8.95
C LYS A 55 8.51 7.72 7.57
N LYS A 56 9.65 7.07 7.36
CA LYS A 56 10.03 6.59 6.05
C LYS A 56 9.21 5.36 5.66
N ILE A 57 8.00 5.61 5.20
CA ILE A 57 7.13 4.56 4.71
C ILE A 57 7.57 4.19 3.29
N THR A 58 8.61 3.39 3.21
CA THR A 58 9.14 3.02 1.92
C THR A 58 8.28 1.96 1.28
N PHE A 59 7.47 2.40 0.33
CA PHE A 59 6.53 1.53 -0.40
C PHE A 59 7.23 0.49 -1.28
N LEU A 60 8.56 0.48 -1.28
CA LEU A 60 9.32 -0.53 -2.05
C LEU A 60 10.81 -0.38 -1.77
N ASP A 61 11.44 -1.48 -1.38
CA ASP A 61 12.88 -1.49 -1.13
C ASP A 61 13.66 -1.56 -2.44
N THR A 62 14.41 -0.50 -2.73
CA THR A 62 15.22 -0.43 -3.94
C THR A 62 14.35 -0.34 -5.19
N PRO A 63 14.25 0.87 -5.78
CA PRO A 63 13.39 1.14 -6.94
C PRO A 63 13.40 0.01 -7.99
N GLY A 64 12.38 -0.83 -7.92
CA GLY A 64 12.29 -1.98 -8.79
C GLY A 64 11.76 -3.17 -8.03
N HIS A 65 11.46 -4.25 -8.73
CA HIS A 65 10.89 -5.46 -8.10
C HIS A 65 9.52 -5.12 -7.51
N GLU A 66 8.63 -4.60 -8.35
CA GLU A 66 7.33 -4.13 -7.89
C GLU A 66 6.51 -5.25 -7.26
N ALA A 67 6.60 -6.44 -7.82
CA ALA A 67 5.90 -7.60 -7.28
C ALA A 67 6.72 -8.25 -6.17
N PHE A 68 6.99 -7.47 -5.13
CA PHE A 68 7.86 -7.86 -4.02
C PHE A 68 9.31 -7.94 -4.47
N THR A 69 10.21 -7.55 -3.58
CA THR A 69 11.63 -7.49 -3.88
C THR A 69 12.27 -8.88 -3.79
N THR A 70 11.80 -9.79 -4.64
CA THR A 70 12.27 -11.16 -4.69
C THR A 70 11.89 -11.93 -3.42
N MET A 71 12.58 -11.65 -2.32
CA MET A 71 12.34 -12.30 -1.03
C MET A 71 12.37 -13.82 -1.17
N ARG A 72 13.56 -14.36 -1.38
CA ARG A 72 13.70 -15.80 -1.54
C ARG A 72 13.82 -16.49 -0.19
N ALA A 73 13.97 -15.71 0.86
CA ALA A 73 14.07 -16.24 2.21
C ALA A 73 13.17 -15.47 3.17
N ARG A 74 13.50 -14.19 3.35
CA ARG A 74 12.80 -13.32 4.31
C ARG A 74 12.81 -13.96 5.70
N GLY A 75 14.00 -14.05 6.28
CA GLY A 75 14.14 -14.65 7.59
C GLY A 75 13.37 -13.89 8.65
N ALA A 76 13.62 -12.60 8.74
CA ALA A 76 12.92 -11.75 9.69
C ALA A 76 11.56 -11.36 9.10
N GLN A 77 10.50 -11.97 9.63
CA GLN A 77 9.15 -11.68 9.15
C GLN A 77 8.76 -10.26 9.54
N VAL A 78 9.36 -9.78 10.63
CA VAL A 78 9.14 -8.44 11.19
C VAL A 78 7.70 -7.95 11.02
N THR A 79 7.48 -7.07 10.04
CA THR A 79 6.16 -6.55 9.75
C THR A 79 6.14 -5.96 8.33
N ASP A 80 6.10 -6.84 7.34
CA ASP A 80 5.98 -6.39 5.95
C ASP A 80 4.54 -6.04 5.64
N ILE A 81 4.34 -5.06 4.77
CA ILE A 81 3.00 -4.59 4.44
C ILE A 81 2.85 -4.43 2.93
N VAL A 82 1.75 -4.92 2.37
CA VAL A 82 1.50 -4.73 0.94
C VAL A 82 0.29 -3.82 0.72
N ILE A 83 0.49 -2.81 -0.11
CA ILE A 83 -0.60 -1.93 -0.48
C ILE A 83 -1.17 -2.33 -1.82
N LEU A 84 -2.48 -2.40 -1.88
CA LEU A 84 -3.16 -2.81 -3.09
C LEU A 84 -3.88 -1.65 -3.73
N VAL A 85 -3.42 -1.23 -4.89
CA VAL A 85 -4.10 -0.19 -5.62
C VAL A 85 -5.15 -0.80 -6.54
N VAL A 86 -6.37 -0.86 -6.04
CA VAL A 86 -7.50 -1.34 -6.82
C VAL A 86 -8.53 -0.24 -7.01
N ALA A 87 -8.91 -0.02 -8.25
CA ALA A 87 -9.96 0.94 -8.55
C ALA A 87 -11.31 0.31 -8.28
N ALA A 88 -12.20 1.04 -7.60
CA ALA A 88 -13.48 0.47 -7.18
C ALA A 88 -14.39 0.29 -8.38
N ASP A 89 -13.96 0.80 -9.50
CA ASP A 89 -14.75 0.71 -10.71
C ASP A 89 -14.51 -0.62 -11.43
N ASP A 90 -13.41 -1.29 -11.08
CA ASP A 90 -12.96 -2.45 -11.84
C ASP A 90 -12.62 -3.62 -10.90
N GLY A 91 -11.83 -3.35 -9.86
CA GLY A 91 -11.58 -4.33 -8.83
C GLY A 91 -10.29 -5.10 -9.02
N VAL A 92 -10.32 -6.40 -8.80
CA VAL A 92 -9.14 -7.24 -8.99
C VAL A 92 -9.08 -7.72 -10.44
N MET A 93 -7.89 -7.71 -11.00
CA MET A 93 -7.69 -7.96 -12.41
C MET A 93 -6.40 -8.76 -12.61
N PRO A 94 -6.04 -9.15 -13.86
CA PRO A 94 -4.86 -9.96 -14.15
C PRO A 94 -3.63 -9.68 -13.26
N GLN A 95 -3.01 -8.51 -13.43
CA GLN A 95 -1.79 -8.19 -12.71
C GLN A 95 -2.07 -7.90 -11.24
N THR A 96 -3.32 -7.54 -10.96
CA THR A 96 -3.75 -7.25 -9.60
C THR A 96 -3.70 -8.52 -8.78
N VAL A 97 -4.19 -9.59 -9.38
CA VAL A 97 -4.19 -10.88 -8.72
C VAL A 97 -2.79 -11.39 -8.53
N GLU A 98 -1.97 -11.27 -9.56
CA GLU A 98 -0.62 -11.82 -9.52
C GLU A 98 0.21 -11.08 -8.47
N ALA A 99 -0.30 -9.94 -8.05
CA ALA A 99 0.28 -9.22 -6.92
C ALA A 99 -0.23 -9.81 -5.61
N ILE A 100 -1.51 -10.20 -5.59
CA ILE A 100 -2.11 -10.75 -4.39
C ILE A 100 -1.60 -12.15 -4.17
N ASN A 101 -1.53 -12.89 -5.25
CA ASN A 101 -1.04 -14.25 -5.27
C ASN A 101 0.39 -14.30 -4.74
N HIS A 102 1.13 -13.23 -4.94
CA HIS A 102 2.47 -13.13 -4.44
C HIS A 102 2.45 -12.74 -2.96
N ALA A 103 1.51 -11.86 -2.60
CA ALA A 103 1.40 -11.37 -1.24
C ALA A 103 0.89 -12.47 -0.30
N LYS A 104 -0.11 -13.24 -0.73
CA LYS A 104 -0.68 -14.27 0.12
C LYS A 104 0.28 -15.42 0.24
N ALA A 105 1.02 -15.64 -0.83
CA ALA A 105 2.11 -16.63 -0.83
C ALA A 105 3.02 -16.42 0.38
N ALA A 106 3.38 -15.17 0.64
CA ALA A 106 4.18 -14.82 1.80
C ALA A 106 3.33 -14.74 3.05
N ASN A 107 2.05 -14.43 2.87
CA ASN A 107 1.06 -14.31 3.95
C ASN A 107 1.43 -13.17 4.88
N VAL A 108 0.93 -11.99 4.54
CA VAL A 108 1.24 -10.78 5.29
C VAL A 108 0.01 -9.87 5.35
N PRO A 109 -0.08 -9.02 6.38
CA PRO A 109 -1.15 -8.03 6.47
C PRO A 109 -1.11 -7.04 5.30
N ILE A 110 -2.28 -6.67 4.80
CA ILE A 110 -2.33 -5.85 3.62
C ILE A 110 -3.03 -4.52 3.88
N ILE A 111 -2.69 -3.58 3.04
CA ILE A 111 -3.25 -2.24 3.06
C ILE A 111 -3.79 -1.95 1.68
N VAL A 112 -4.99 -2.40 1.42
CA VAL A 112 -5.58 -2.16 0.14
C VAL A 112 -6.05 -0.73 0.09
N ALA A 113 -6.01 -0.18 -1.09
CA ALA A 113 -6.41 1.17 -1.30
C ALA A 113 -7.22 1.28 -2.56
N ILE A 114 -8.50 1.53 -2.36
CA ILE A 114 -9.44 1.65 -3.43
C ILE A 114 -9.27 3.01 -4.10
N ASN A 115 -9.22 3.02 -5.41
CA ASN A 115 -9.11 4.27 -6.15
C ASN A 115 -10.36 4.44 -6.94
N LYS A 116 -10.53 5.62 -7.49
CA LYS A 116 -11.66 5.91 -8.32
C LYS A 116 -12.95 6.04 -7.50
N MET A 117 -12.81 6.52 -6.28
CA MET A 117 -13.95 6.96 -5.48
C MET A 117 -14.48 8.27 -6.03
N ASP A 118 -13.65 8.90 -6.85
CA ASP A 118 -14.06 10.09 -7.60
C ASP A 118 -15.07 9.69 -8.64
N LYS A 119 -15.03 8.41 -8.98
CA LYS A 119 -15.91 7.85 -9.99
C LYS A 119 -17.20 7.38 -9.36
N PRO A 120 -18.34 7.73 -9.98
CA PRO A 120 -19.67 7.24 -9.56
C PRO A 120 -19.78 5.73 -9.74
N GLU A 121 -18.81 5.18 -10.46
CA GLU A 121 -18.72 3.76 -10.72
C GLU A 121 -18.03 3.04 -9.57
N ALA A 122 -17.67 3.82 -8.55
CA ALA A 122 -17.05 3.29 -7.33
C ALA A 122 -17.92 2.21 -6.71
N ASN A 123 -17.47 0.97 -6.82
CA ASN A 123 -18.15 -0.13 -6.15
C ASN A 123 -17.16 -0.81 -5.23
N PRO A 124 -16.90 -0.18 -4.09
CA PRO A 124 -15.85 -0.60 -3.17
C PRO A 124 -16.12 -1.93 -2.53
N ASP A 125 -17.28 -2.04 -1.91
CA ASP A 125 -17.72 -3.27 -1.27
C ASP A 125 -17.61 -4.44 -2.24
N ARG A 126 -17.70 -4.13 -3.53
CA ARG A 126 -17.63 -5.16 -4.54
C ARG A 126 -16.19 -5.54 -4.78
N VAL A 127 -15.39 -4.54 -5.11
CA VAL A 127 -13.98 -4.76 -5.43
C VAL A 127 -13.19 -5.25 -4.21
N MET A 128 -13.63 -4.88 -3.02
CA MET A 128 -12.97 -5.34 -1.79
C MET A 128 -13.42 -6.77 -1.46
N GLN A 129 -14.56 -7.18 -2.03
CA GLN A 129 -14.98 -8.57 -1.93
C GLN A 129 -14.14 -9.46 -2.85
N GLU A 130 -13.72 -8.91 -3.97
CA GLU A 130 -12.88 -9.63 -4.92
C GLU A 130 -11.60 -10.08 -4.22
N LEU A 131 -10.99 -9.16 -3.48
CA LEU A 131 -9.77 -9.47 -2.76
C LEU A 131 -10.02 -10.48 -1.66
N MET A 132 -11.19 -10.41 -1.02
CA MET A 132 -11.46 -11.34 0.08
C MET A 132 -11.78 -12.72 -0.45
N GLU A 133 -11.92 -12.83 -1.77
CA GLU A 133 -12.05 -14.13 -2.39
C GLU A 133 -10.66 -14.72 -2.58
N TYR A 134 -9.68 -13.84 -2.67
CA TYR A 134 -8.28 -14.23 -2.53
C TYR A 134 -7.85 -14.12 -1.07
N ASN A 135 -8.85 -14.25 -0.20
CA ASN A 135 -8.70 -14.20 1.25
C ASN A 135 -7.97 -12.95 1.71
N LEU A 136 -8.52 -11.81 1.34
CA LEU A 136 -8.08 -10.54 1.87
C LEU A 136 -9.24 -9.84 2.53
N VAL A 137 -9.32 -9.98 3.84
CA VAL A 137 -10.49 -9.54 4.57
C VAL A 137 -10.31 -8.15 5.14
N PRO A 138 -11.11 -7.21 4.63
CA PRO A 138 -11.22 -5.85 5.10
C PRO A 138 -11.30 -5.76 6.61
N GLU A 139 -10.83 -4.64 7.10
CA GLU A 139 -10.86 -4.40 8.54
C GLU A 139 -12.26 -3.98 8.95
N GLU A 140 -13.04 -3.54 7.97
CA GLU A 140 -14.45 -3.24 8.18
C GLU A 140 -15.24 -4.52 8.40
N TRP A 141 -14.66 -5.67 8.03
CA TRP A 141 -15.35 -6.94 8.16
C TRP A 141 -14.78 -7.76 9.30
N GLY A 142 -13.52 -7.50 9.64
CA GLY A 142 -12.94 -8.13 10.82
C GLY A 142 -11.73 -8.98 10.52
N GLY A 143 -11.14 -8.84 9.33
CA GLY A 143 -9.94 -9.58 9.04
C GLY A 143 -8.71 -8.81 9.45
N ASP A 144 -7.84 -8.54 8.48
CA ASP A 144 -6.66 -7.73 8.70
C ASP A 144 -6.06 -7.29 7.37
N THR A 145 -6.86 -6.54 6.69
CA THR A 145 -6.46 -5.89 5.48
C THR A 145 -7.10 -4.53 5.46
N ILE A 146 -6.31 -3.51 5.72
CA ILE A 146 -6.83 -2.18 5.82
C ILE A 146 -7.19 -1.65 4.45
N PHE A 147 -8.43 -1.86 4.11
CA PHE A 147 -8.99 -1.36 2.87
C PHE A 147 -9.28 0.11 2.99
N CYS A 148 -8.47 0.89 2.31
CA CYS A 148 -8.61 2.33 2.30
C CYS A 148 -9.33 2.77 1.05
N LYS A 149 -10.56 3.20 1.21
CA LYS A 149 -11.41 3.59 0.09
C LYS A 149 -11.10 5.03 -0.31
N LEU A 150 -10.30 5.18 -1.35
CA LEU A 150 -9.84 6.49 -1.76
C LEU A 150 -10.08 6.76 -3.24
N SER A 151 -9.44 7.80 -3.68
CA SER A 151 -9.40 8.24 -5.04
C SER A 151 -8.30 9.25 -5.13
N ALA A 152 -7.33 8.99 -5.96
CA ALA A 152 -6.26 9.96 -6.14
C ALA A 152 -6.75 11.08 -7.04
N LYS A 153 -7.96 10.90 -7.56
CA LYS A 153 -8.58 11.94 -8.37
C LYS A 153 -9.35 12.93 -7.50
N THR A 154 -10.01 12.45 -6.45
CA THR A 154 -10.59 13.37 -5.48
C THR A 154 -9.58 13.74 -4.40
N LYS A 155 -8.50 12.96 -4.37
CA LYS A 155 -7.43 13.15 -3.39
C LYS A 155 -7.99 13.00 -1.99
N GLU A 156 -8.79 11.98 -1.83
CA GLU A 156 -9.58 11.81 -0.64
C GLU A 156 -8.91 10.83 0.32
N GLY A 157 -8.87 9.58 -0.08
CA GLY A 157 -8.35 8.55 0.78
C GLY A 157 -6.85 8.49 0.80
N LEU A 158 -6.16 9.39 0.09
CA LEU A 158 -4.71 9.43 0.15
C LEU A 158 -4.29 10.03 1.48
N ASP A 159 -5.02 11.05 1.90
CA ASP A 159 -4.86 11.59 3.24
C ASP A 159 -5.26 10.54 4.25
N HIS A 160 -6.41 9.89 3.99
CA HIS A 160 -6.91 8.85 4.87
C HIS A 160 -6.01 7.61 4.85
N LEU A 161 -5.16 7.50 3.83
CA LEU A 161 -4.25 6.37 3.68
C LEU A 161 -3.19 6.41 4.76
N LEU A 162 -2.47 7.52 4.80
CA LEU A 162 -1.43 7.75 5.79
C LEU A 162 -2.01 7.61 7.19
N GLU A 163 -3.24 8.09 7.35
CA GLU A 163 -3.96 7.98 8.61
C GLU A 163 -4.10 6.52 9.05
N MET A 164 -4.38 5.64 8.10
CA MET A 164 -4.51 4.21 8.40
C MET A 164 -3.13 3.58 8.56
N ILE A 165 -2.17 4.10 7.81
CA ILE A 165 -0.80 3.64 7.89
C ILE A 165 -0.19 3.93 9.26
N LEU A 166 -0.36 5.16 9.74
CA LEU A 166 0.21 5.56 11.03
C LEU A 166 -0.41 4.79 12.17
N LEU A 167 -1.67 4.40 11.99
CA LEU A 167 -2.32 3.49 12.92
C LEU A 167 -1.52 2.21 13.04
N VAL A 168 -1.15 1.65 11.89
CA VAL A 168 -0.30 0.48 11.84
C VAL A 168 1.09 0.83 12.36
N SER A 169 1.55 2.04 12.05
CA SER A 169 2.83 2.55 12.55
C SER A 169 2.79 2.77 14.06
N GLU A 170 1.61 2.63 14.66
CA GLU A 170 1.49 2.73 16.10
C GLU A 170 1.52 1.36 16.75
N MET A 171 1.00 0.35 16.04
CA MET A 171 0.99 -1.01 16.54
C MET A 171 2.34 -1.67 16.35
N GLU A 172 3.22 -1.02 15.58
CA GLU A 172 4.57 -1.51 15.40
C GLU A 172 5.34 -1.40 16.72
N GLU A 173 4.86 -0.52 17.60
CA GLU A 173 5.48 -0.35 18.90
C GLU A 173 4.91 -1.35 19.89
N LEU A 174 3.79 -0.97 20.50
CA LEU A 174 3.17 -1.77 21.56
C LEU A 174 1.66 -1.79 21.41
N LYS A 175 1.13 -0.80 20.69
CA LYS A 175 -0.29 -0.55 20.62
C LYS A 175 -1.01 -1.57 19.72
N ALA A 176 -1.20 -2.76 20.22
CA ALA A 176 -1.92 -3.80 19.48
C ALA A 176 -3.41 -3.52 19.52
N ASN A 177 -3.91 -3.11 20.69
CA ASN A 177 -5.30 -2.71 20.82
C ASN A 177 -5.39 -1.40 21.60
N PRO A 178 -5.79 -0.32 20.93
CA PRO A 178 -5.97 1.00 21.56
C PRO A 178 -7.14 0.99 22.55
PB GDP B . -0.57 2.86 -15.53
O1B GDP B . -0.17 1.91 -16.61
O2B GDP B . 0.61 3.46 -14.78
O3B GDP B . -1.71 2.37 -14.61
O3A GDP B . -1.22 4.16 -16.36
PA GDP B . -1.19 5.69 -16.02
O1A GDP B . -0.90 6.50 -17.23
O2A GDP B . -0.40 5.99 -14.77
O5' GDP B . -2.73 5.93 -15.62
C5' GDP B . -3.77 5.37 -16.41
C4' GDP B . -5.05 6.16 -16.25
O4' GDP B . -5.60 5.93 -14.92
C3' GDP B . -4.92 7.66 -16.32
O3' GDP B . -4.92 8.12 -17.66
C2' GDP B . -6.17 8.16 -15.58
O2' GDP B . -7.26 8.34 -16.47
C1' GDP B . -6.49 7.00 -14.63
N9 GDP B . -6.34 7.34 -13.22
C8 GDP B . -5.16 7.48 -12.53
N7 GDP B . -5.33 7.81 -11.28
C5 GDP B . -6.71 7.89 -11.14
C6 GDP B . -7.49 8.21 -9.99
O6 GDP B . -7.10 8.50 -8.86
N1 GDP B . -8.86 8.18 -10.27
C2 GDP B . -9.38 7.89 -11.51
N2 GDP B . -10.72 7.94 -11.61
N3 GDP B . -8.67 7.59 -12.58
C4 GDP B . -7.34 7.61 -12.32
H5' GDP B . -3.95 4.34 -16.10
H5'' GDP B . -3.48 5.37 -17.45
H4' GDP B . -5.72 5.85 -17.05
H3' GDP B . -4.00 8.02 -15.87
HO3' GDP B . -5.79 8.48 -17.85
H2' GDP B . -5.94 9.07 -15.02
HO2' GDP B . -7.93 8.84 -16.00
H1' GDP B . -7.50 6.61 -14.78
H8 GDP B . -4.19 7.32 -12.98
HN1 GDP B . -9.49 8.35 -9.51
HN21 GDP B . -11.17 7.75 -12.49
HN22 GDP B . -11.29 8.18 -10.80
N GLY A 1 28.03 -0.79 19.56
CA GLY A 1 26.65 -1.27 19.35
C GLY A 1 25.82 -0.30 18.55
N SER A 2 24.92 -0.82 17.73
CA SER A 2 24.01 0.02 16.96
C SER A 2 22.84 0.46 17.83
N HIS A 3 22.88 1.71 18.29
CA HIS A 3 21.89 2.20 19.24
C HIS A 3 20.67 2.75 18.50
N MET A 4 20.92 3.55 17.47
CA MET A 4 19.84 4.15 16.71
C MET A 4 19.30 3.18 15.66
N VAL A 5 18.56 2.19 16.13
CA VAL A 5 17.89 1.25 15.24
C VAL A 5 16.57 1.84 14.78
N GLU A 6 16.57 2.35 13.56
CA GLU A 6 15.41 3.05 13.03
C GLU A 6 14.99 2.43 11.70
N ARG A 7 13.92 1.66 11.73
CA ARG A 7 13.41 1.02 10.53
C ARG A 7 12.08 1.64 10.11
N PRO A 8 12.12 2.53 9.12
CA PRO A 8 10.91 3.16 8.58
C PRO A 8 10.02 2.13 7.90
N PRO A 9 8.71 2.13 8.24
CA PRO A 9 7.74 1.19 7.68
C PRO A 9 7.81 1.09 6.16
N VAL A 10 8.20 -0.08 5.68
CA VAL A 10 8.29 -0.32 4.26
C VAL A 10 6.92 -0.66 3.71
N VAL A 11 6.51 0.02 2.66
CA VAL A 11 5.19 -0.16 2.10
C VAL A 11 5.28 -0.45 0.60
N THR A 12 5.27 -1.71 0.24
CA THR A 12 5.26 -2.11 -1.17
C THR A 12 3.89 -1.83 -1.78
N ILE A 13 3.87 -1.07 -2.87
CA ILE A 13 2.63 -0.72 -3.54
C ILE A 13 2.35 -1.68 -4.71
N MET A 14 1.17 -2.26 -4.72
CA MET A 14 0.78 -3.17 -5.76
C MET A 14 -0.65 -2.87 -6.20
N GLY A 15 -1.12 -3.56 -7.21
CA GLY A 15 -2.46 -3.37 -7.69
C GLY A 15 -2.55 -3.54 -9.18
N HIS A 16 -3.68 -3.17 -9.74
CA HIS A 16 -3.87 -3.30 -11.18
C HIS A 16 -3.42 -2.05 -11.92
N VAL A 17 -3.13 -2.23 -13.19
CA VAL A 17 -2.79 -1.14 -14.09
C VAL A 17 -4.03 -0.32 -14.39
N ASP A 18 -3.84 0.98 -14.61
CA ASP A 18 -4.96 1.90 -14.87
C ASP A 18 -5.72 2.19 -13.58
N HIS A 19 -5.55 1.31 -12.60
CA HIS A 19 -5.99 1.59 -11.25
C HIS A 19 -4.91 2.39 -10.55
N GLY A 20 -3.84 2.65 -11.28
CA GLY A 20 -2.80 3.54 -10.81
C GLY A 20 -1.75 2.86 -9.98
N LYS A 21 -1.21 1.76 -10.47
CA LYS A 21 -0.21 1.03 -9.71
C LYS A 21 1.06 1.87 -9.48
N THR A 22 1.44 2.67 -10.47
CA THR A 22 2.60 3.53 -10.36
C THR A 22 2.17 4.98 -10.08
N THR A 23 1.12 5.43 -10.77
CA THR A 23 0.58 6.76 -10.59
C THR A 23 0.22 7.06 -9.13
N LEU A 24 0.05 6.05 -8.30
CA LEU A 24 -0.33 6.27 -6.91
C LEU A 24 0.88 6.76 -6.14
N LEU A 25 2.01 6.11 -6.38
CA LEU A 25 3.29 6.46 -5.79
C LEU A 25 3.73 7.83 -6.34
N ASP A 26 3.10 8.27 -7.42
CA ASP A 26 3.43 9.55 -8.03
C ASP A 26 2.45 10.61 -7.57
N ALA A 27 1.19 10.22 -7.52
CA ALA A 27 0.11 11.10 -7.12
C ALA A 27 0.26 11.47 -5.65
N ILE A 28 0.86 10.55 -4.91
CA ILE A 28 1.11 10.73 -3.50
C ILE A 28 2.22 11.77 -3.30
N ARG A 29 3.04 11.95 -4.32
CA ARG A 29 4.08 12.98 -4.33
C ARG A 29 3.44 14.36 -4.39
N HIS A 30 2.62 14.58 -5.40
CA HIS A 30 2.02 15.90 -5.64
C HIS A 30 0.83 16.13 -4.72
N SER A 31 0.88 15.49 -3.59
CA SER A 31 -0.13 15.63 -2.57
C SER A 31 0.49 16.20 -1.28
N LYS A 32 1.80 16.05 -1.13
CA LYS A 32 2.51 16.51 0.06
C LYS A 32 3.98 16.17 -0.05
N VAL A 33 4.70 16.29 1.08
CA VAL A 33 6.15 16.04 1.18
C VAL A 33 6.95 16.58 -0.03
N THR A 34 7.08 15.79 -1.08
CA THR A 34 7.83 16.20 -2.25
C THR A 34 6.90 16.69 -3.35
N GLU A 35 6.88 17.99 -3.50
CA GLU A 35 5.92 18.66 -4.37
C GLU A 35 6.35 18.64 -5.83
N GLN A 36 7.64 18.81 -6.07
CA GLN A 36 8.16 18.93 -7.42
C GLN A 36 9.64 18.59 -7.46
N GLU A 37 10.40 19.22 -6.57
CA GLU A 37 11.84 19.00 -6.51
C GLU A 37 12.17 17.79 -5.64
N ALA A 38 13.06 16.93 -6.15
CA ALA A 38 13.57 15.78 -5.42
C ALA A 38 12.46 14.77 -5.07
N GLY A 39 12.78 13.87 -4.15
CA GLY A 39 11.83 12.84 -3.76
C GLY A 39 12.47 11.48 -3.71
N GLY A 40 12.82 10.96 -4.87
CA GLY A 40 13.47 9.67 -4.97
C GLY A 40 14.07 9.49 -6.34
N ILE A 41 15.23 10.09 -6.56
CA ILE A 41 15.83 10.12 -7.88
C ILE A 41 16.51 8.80 -8.23
N THR A 42 15.96 8.16 -9.24
CA THR A 42 16.54 6.94 -9.80
C THR A 42 16.18 6.89 -11.28
N GLN A 43 17.04 6.34 -12.09
CA GLN A 43 16.91 6.43 -13.54
C GLN A 43 16.12 5.25 -14.11
N HIS A 44 14.99 4.97 -13.47
CA HIS A 44 14.05 3.94 -13.91
C HIS A 44 12.84 3.96 -12.99
N ILE A 45 12.39 5.18 -12.68
CA ILE A 45 11.41 5.43 -11.63
C ILE A 45 12.07 5.24 -10.26
N GLY A 46 11.51 5.87 -9.25
CA GLY A 46 12.10 5.82 -7.93
C GLY A 46 11.09 6.06 -6.83
N ALA A 47 10.70 4.98 -6.17
CA ALA A 47 9.86 5.08 -4.98
C ALA A 47 10.62 5.76 -3.86
N TYR A 48 9.97 6.13 -2.76
CA TYR A 48 10.59 7.07 -1.85
C TYR A 48 9.98 7.06 -0.47
N GLN A 49 10.70 7.65 0.48
CA GLN A 49 10.24 7.80 1.85
C GLN A 49 9.54 9.14 2.00
N VAL A 50 8.29 9.11 2.42
CA VAL A 50 7.51 10.31 2.58
C VAL A 50 7.74 10.91 3.96
N THR A 51 7.39 12.18 4.11
CA THR A 51 7.47 12.82 5.41
C THR A 51 6.08 12.85 6.05
N VAL A 52 5.73 11.73 6.68
CA VAL A 52 4.49 11.65 7.44
C VAL A 52 4.73 12.31 8.79
N ASN A 53 5.97 12.25 9.19
CA ASN A 53 6.45 12.80 10.43
C ASN A 53 7.89 13.23 10.22
N ASP A 54 8.69 12.29 9.73
CA ASP A 54 10.05 12.57 9.26
C ASP A 54 10.66 11.34 8.60
N LYS A 55 10.40 11.18 7.30
CA LYS A 55 10.99 10.12 6.47
C LYS A 55 10.40 8.73 6.74
N LYS A 56 9.42 8.63 7.62
CA LYS A 56 8.78 7.35 7.88
C LYS A 56 7.81 6.99 6.76
N ILE A 57 7.60 5.69 6.57
CA ILE A 57 6.76 5.16 5.49
C ILE A 57 7.47 5.30 4.15
N THR A 58 8.06 4.19 3.72
CA THR A 58 8.73 4.15 2.44
C THR A 58 7.85 3.42 1.44
N PHE A 59 7.17 4.19 0.60
CA PHE A 59 6.36 3.60 -0.44
C PHE A 59 7.28 3.08 -1.53
N LEU A 60 7.23 1.78 -1.78
CA LEU A 60 8.14 1.17 -2.74
C LEU A 60 7.39 0.38 -3.80
N ASP A 61 7.74 0.63 -5.05
CA ASP A 61 7.19 -0.13 -6.16
C ASP A 61 8.27 -1.02 -6.77
N THR A 62 9.48 -0.48 -6.89
CA THR A 62 10.62 -1.25 -7.37
C THR A 62 11.86 -1.00 -6.48
N PRO A 63 11.89 -1.64 -5.30
CA PRO A 63 12.99 -1.50 -4.33
C PRO A 63 14.32 -2.02 -4.87
N GLY A 64 14.42 -3.32 -5.12
CA GLY A 64 15.64 -3.88 -5.67
C GLY A 64 16.00 -5.24 -5.09
N HIS A 65 16.42 -5.27 -3.84
CA HIS A 65 16.97 -6.49 -3.24
C HIS A 65 15.87 -7.48 -2.89
N GLU A 66 15.18 -7.24 -1.79
CA GLU A 66 14.12 -8.12 -1.34
C GLU A 66 12.96 -7.34 -0.77
N ALA A 67 11.94 -7.18 -1.59
CA ALA A 67 10.72 -6.50 -1.21
C ALA A 67 9.62 -6.77 -2.22
N PHE A 68 8.92 -7.88 -2.01
CA PHE A 68 7.79 -8.33 -2.83
C PHE A 68 8.04 -8.22 -4.34
N THR A 69 7.73 -7.07 -4.92
CA THR A 69 7.91 -6.87 -6.36
C THR A 69 9.34 -7.23 -6.78
N THR A 70 10.30 -6.81 -5.97
CA THR A 70 11.68 -7.16 -6.19
C THR A 70 12.15 -8.12 -5.10
N MET A 71 11.79 -9.38 -5.22
CA MET A 71 12.19 -10.38 -4.23
C MET A 71 12.59 -11.67 -4.92
N ARG A 72 13.86 -11.76 -5.30
CA ARG A 72 14.39 -12.93 -5.97
C ARG A 72 14.41 -14.14 -5.03
N ALA A 73 14.59 -13.87 -3.74
CA ALA A 73 14.62 -14.91 -2.73
C ALA A 73 13.27 -15.63 -2.62
N ARG A 74 12.18 -14.87 -2.77
CA ARG A 74 10.81 -15.41 -2.64
C ARG A 74 10.65 -16.17 -1.32
N GLY A 75 10.29 -15.43 -0.27
CA GLY A 75 10.14 -16.03 1.04
C GLY A 75 10.91 -15.25 2.09
N ALA A 76 11.14 -13.97 1.82
CA ALA A 76 11.87 -13.12 2.72
C ALA A 76 10.94 -12.44 3.71
N GLN A 77 11.04 -12.83 4.98
CA GLN A 77 10.25 -12.22 6.04
C GLN A 77 10.83 -10.86 6.41
N VAL A 78 10.39 -9.84 5.70
CA VAL A 78 10.82 -8.48 5.95
C VAL A 78 9.66 -7.70 6.56
N THR A 79 9.97 -6.67 7.34
CA THR A 79 8.94 -5.81 7.89
C THR A 79 8.37 -4.93 6.79
N ASP A 80 7.45 -5.51 6.03
CA ASP A 80 6.90 -4.86 4.83
C ASP A 80 5.38 -4.95 4.87
N ILE A 81 4.72 -4.01 4.22
CA ILE A 81 3.27 -3.96 4.18
C ILE A 81 2.82 -3.74 2.74
N VAL A 82 1.91 -4.55 2.23
CA VAL A 82 1.58 -4.45 0.82
C VAL A 82 0.30 -3.69 0.58
N ILE A 83 0.42 -2.57 -0.09
CA ILE A 83 -0.74 -1.83 -0.54
C ILE A 83 -1.26 -2.45 -1.81
N LEU A 84 -2.55 -2.68 -1.84
CA LEU A 84 -3.16 -3.23 -3.01
C LEU A 84 -4.17 -2.22 -3.54
N VAL A 85 -3.81 -1.58 -4.63
CA VAL A 85 -4.63 -0.57 -5.24
C VAL A 85 -5.58 -1.18 -6.26
N VAL A 86 -6.86 -1.15 -5.93
CA VAL A 86 -7.89 -1.61 -6.84
C VAL A 86 -8.89 -0.49 -7.14
N ALA A 87 -9.14 -0.29 -8.42
CA ALA A 87 -10.12 0.67 -8.84
C ALA A 87 -11.52 0.18 -8.51
N ALA A 88 -12.33 1.02 -7.88
CA ALA A 88 -13.67 0.60 -7.51
C ALA A 88 -14.55 0.50 -8.74
N ASP A 89 -14.07 1.04 -9.84
CA ASP A 89 -14.83 1.04 -11.07
C ASP A 89 -14.47 -0.16 -11.96
N ASP A 90 -13.50 -0.96 -11.51
CA ASP A 90 -13.01 -2.08 -12.31
C ASP A 90 -12.79 -3.32 -11.44
N GLY A 91 -12.11 -3.15 -10.33
CA GLY A 91 -11.98 -4.20 -9.33
C GLY A 91 -10.70 -5.00 -9.45
N VAL A 92 -10.76 -6.29 -9.13
CA VAL A 92 -9.59 -7.15 -9.20
C VAL A 92 -9.45 -7.72 -10.61
N MET A 93 -8.24 -7.70 -11.11
CA MET A 93 -7.94 -8.03 -12.49
C MET A 93 -6.66 -8.89 -12.52
N PRO A 94 -6.23 -9.38 -13.71
CA PRO A 94 -5.05 -10.25 -13.85
C PRO A 94 -3.87 -9.87 -12.95
N GLN A 95 -3.22 -8.74 -13.21
CA GLN A 95 -2.02 -8.37 -12.46
C GLN A 95 -2.35 -7.96 -11.04
N THR A 96 -3.61 -7.65 -10.79
CA THR A 96 -4.08 -7.31 -9.47
C THR A 96 -4.00 -8.54 -8.59
N VAL A 97 -4.45 -9.66 -9.14
CA VAL A 97 -4.39 -10.91 -8.45
C VAL A 97 -2.94 -11.34 -8.22
N GLU A 98 -2.11 -11.15 -9.22
CA GLU A 98 -0.71 -11.52 -9.13
C GLU A 98 -0.04 -10.82 -7.97
N ALA A 99 -0.57 -9.66 -7.61
CA ALA A 99 -0.10 -8.94 -6.42
C ALA A 99 -0.59 -9.63 -5.15
N ILE A 100 -1.79 -10.19 -5.21
CA ILE A 100 -2.35 -10.90 -4.07
C ILE A 100 -1.67 -12.25 -3.93
N ASN A 101 -1.54 -12.93 -5.06
CA ASN A 101 -0.87 -14.20 -5.14
C ASN A 101 0.56 -14.10 -4.62
N HIS A 102 1.21 -12.99 -4.96
CA HIS A 102 2.56 -12.72 -4.50
C HIS A 102 2.54 -12.41 -3.01
N ALA A 103 1.49 -11.73 -2.57
CA ALA A 103 1.35 -11.36 -1.16
C ALA A 103 1.08 -12.60 -0.30
N LYS A 104 0.16 -13.44 -0.74
CA LYS A 104 -0.17 -14.67 -0.01
C LYS A 104 1.03 -15.60 0.00
N ALA A 105 1.70 -15.62 -1.13
CA ALA A 105 2.94 -16.38 -1.28
C ALA A 105 3.90 -16.13 -0.11
N ALA A 106 4.03 -14.86 0.28
CA ALA A 106 4.89 -14.49 1.40
C ALA A 106 4.13 -14.58 2.72
N ASN A 107 2.86 -14.17 2.67
CA ASN A 107 1.92 -14.22 3.80
C ASN A 107 2.05 -12.95 4.61
N VAL A 108 1.53 -11.87 4.02
CA VAL A 108 1.69 -10.55 4.53
C VAL A 108 0.35 -9.86 4.72
N PRO A 109 0.20 -9.03 5.76
CA PRO A 109 -0.97 -8.16 5.90
C PRO A 109 -1.02 -7.11 4.80
N ILE A 110 -2.20 -6.86 4.27
CA ILE A 110 -2.36 -5.98 3.14
C ILE A 110 -2.93 -4.63 3.58
N ILE A 111 -2.68 -3.65 2.75
CA ILE A 111 -3.27 -2.33 2.84
C ILE A 111 -3.98 -2.04 1.53
N VAL A 112 -5.19 -2.52 1.41
CA VAL A 112 -5.94 -2.27 0.22
C VAL A 112 -6.35 -0.83 0.19
N ALA A 113 -6.32 -0.31 -0.99
CA ALA A 113 -6.67 1.06 -1.21
C ALA A 113 -7.33 1.21 -2.55
N ILE A 114 -8.65 1.29 -2.47
CA ILE A 114 -9.47 1.43 -3.63
C ILE A 114 -9.33 2.83 -4.21
N ASN A 115 -9.29 2.93 -5.52
CA ASN A 115 -9.12 4.22 -6.19
C ASN A 115 -10.32 4.43 -7.04
N LYS A 116 -10.38 5.58 -7.66
CA LYS A 116 -11.46 5.90 -8.55
C LYS A 116 -12.78 6.01 -7.82
N MET A 117 -12.73 6.38 -6.55
CA MET A 117 -13.92 6.69 -5.79
C MET A 117 -14.37 8.11 -6.12
N ASP A 118 -13.58 8.76 -6.96
CA ASP A 118 -13.97 10.02 -7.59
C ASP A 118 -15.05 9.74 -8.60
N LYS A 119 -14.96 8.56 -9.18
CA LYS A 119 -15.90 8.13 -10.20
C LYS A 119 -17.21 7.69 -9.57
N PRO A 120 -18.34 8.09 -10.18
CA PRO A 120 -19.67 7.63 -9.77
C PRO A 120 -19.83 6.12 -9.99
N GLU A 121 -18.94 5.55 -10.80
CA GLU A 121 -18.93 4.12 -11.06
C GLU A 121 -18.24 3.38 -9.92
N ALA A 122 -17.80 4.14 -8.92
CA ALA A 122 -17.15 3.59 -7.76
C ALA A 122 -18.02 2.54 -7.10
N ASN A 123 -17.55 1.31 -7.12
CA ASN A 123 -18.21 0.24 -6.41
C ASN A 123 -17.21 -0.38 -5.47
N PRO A 124 -16.93 0.31 -4.37
CA PRO A 124 -15.87 -0.07 -3.44
C PRO A 124 -16.16 -1.39 -2.76
N ASP A 125 -17.28 -1.44 -2.10
CA ASP A 125 -17.76 -2.65 -1.42
C ASP A 125 -17.73 -3.85 -2.35
N ARG A 126 -17.84 -3.57 -3.65
CA ARG A 126 -17.88 -4.64 -4.64
C ARG A 126 -16.49 -5.18 -4.88
N VAL A 127 -15.61 -4.29 -5.32
CA VAL A 127 -14.24 -4.65 -5.61
C VAL A 127 -13.52 -5.10 -4.33
N MET A 128 -13.99 -4.57 -3.22
CA MET A 128 -13.57 -4.98 -1.90
C MET A 128 -13.89 -6.47 -1.69
N GLN A 129 -15.15 -6.83 -1.95
CA GLN A 129 -15.64 -8.20 -1.78
C GLN A 129 -14.87 -9.21 -2.63
N GLU A 130 -14.39 -8.81 -3.79
CA GLU A 130 -13.68 -9.75 -4.65
C GLU A 130 -12.23 -9.95 -4.22
N LEU A 131 -11.70 -9.05 -3.38
CA LEU A 131 -10.43 -9.34 -2.72
C LEU A 131 -10.65 -10.46 -1.73
N MET A 132 -11.82 -10.46 -1.10
CA MET A 132 -12.16 -11.49 -0.15
C MET A 132 -12.41 -12.81 -0.88
N GLU A 133 -12.65 -12.71 -2.18
CA GLU A 133 -12.78 -13.88 -3.03
C GLU A 133 -11.41 -14.51 -3.18
N TYR A 134 -10.39 -13.67 -3.13
CA TYR A 134 -9.03 -14.14 -3.11
C TYR A 134 -8.55 -14.31 -1.69
N ASN A 135 -9.53 -14.38 -0.78
CA ASN A 135 -9.33 -14.71 0.62
C ASN A 135 -8.42 -13.71 1.30
N LEU A 136 -8.69 -12.42 1.09
CA LEU A 136 -8.06 -11.41 1.88
C LEU A 136 -9.13 -10.47 2.37
N VAL A 137 -9.23 -10.33 3.67
CA VAL A 137 -10.37 -9.66 4.27
C VAL A 137 -9.93 -8.49 5.13
N PRO A 138 -10.72 -7.41 5.10
CA PRO A 138 -10.42 -6.16 5.78
C PRO A 138 -10.51 -6.27 7.28
N GLU A 139 -10.33 -5.13 7.89
CA GLU A 139 -10.40 -5.02 9.34
C GLU A 139 -11.85 -4.84 9.77
N GLU A 140 -12.64 -4.18 8.93
CA GLU A 140 -14.05 -3.99 9.23
C GLU A 140 -14.81 -5.32 9.17
N TRP A 141 -14.22 -6.33 8.54
CA TRP A 141 -14.87 -7.63 8.42
C TRP A 141 -14.18 -8.67 9.29
N GLY A 142 -13.11 -8.27 9.96
CA GLY A 142 -12.45 -9.16 10.90
C GLY A 142 -11.39 -10.04 10.27
N GLY A 143 -10.72 -9.55 9.23
CA GLY A 143 -9.65 -10.31 8.63
C GLY A 143 -8.30 -9.71 8.95
N ASP A 144 -7.50 -9.46 7.92
CA ASP A 144 -6.15 -8.94 8.11
C ASP A 144 -5.71 -8.07 6.94
N THR A 145 -6.42 -6.99 6.76
CA THR A 145 -6.08 -6.01 5.73
C THR A 145 -6.75 -4.69 6.05
N ILE A 146 -5.98 -3.61 6.07
CA ILE A 146 -6.56 -2.30 6.22
C ILE A 146 -7.10 -1.84 4.89
N PHE A 147 -8.41 -1.88 4.76
CA PHE A 147 -9.07 -1.50 3.53
C PHE A 147 -9.38 -0.01 3.49
N CYS A 148 -8.78 0.68 2.54
CA CYS A 148 -9.08 2.06 2.29
C CYS A 148 -9.88 2.21 0.99
N LYS A 149 -10.81 3.15 1.00
CA LYS A 149 -11.63 3.47 -0.17
C LYS A 149 -11.36 4.90 -0.60
N LEU A 150 -10.50 5.09 -1.59
CA LEU A 150 -10.00 6.40 -1.93
C LEU A 150 -10.10 6.69 -3.42
N SER A 151 -9.50 7.79 -3.78
CA SER A 151 -9.36 8.22 -5.15
C SER A 151 -8.19 9.17 -5.18
N ALA A 152 -7.14 8.80 -5.88
CA ALA A 152 -6.03 9.71 -6.05
C ALA A 152 -6.40 10.78 -7.05
N LYS A 153 -7.53 10.56 -7.70
CA LYS A 153 -8.10 11.54 -8.61
C LYS A 153 -8.73 12.70 -7.82
N THR A 154 -9.58 12.38 -6.84
CA THR A 154 -10.13 13.44 -6.00
C THR A 154 -9.16 13.84 -4.91
N LYS A 155 -8.16 12.98 -4.68
CA LYS A 155 -7.14 13.20 -3.67
C LYS A 155 -7.74 13.13 -2.29
N GLU A 156 -8.63 12.18 -2.11
CA GLU A 156 -9.42 12.09 -0.91
C GLU A 156 -8.81 11.06 0.03
N GLY A 157 -8.82 9.82 -0.42
CA GLY A 157 -8.36 8.74 0.41
C GLY A 157 -6.85 8.67 0.52
N LEU A 158 -6.13 9.54 -0.18
CA LEU A 158 -4.68 9.56 -0.06
C LEU A 158 -4.30 10.11 1.30
N ASP A 159 -5.07 11.07 1.77
CA ASP A 159 -4.89 11.60 3.11
C ASP A 159 -5.39 10.58 4.12
N HIS A 160 -6.51 9.93 3.81
CA HIS A 160 -7.04 8.87 4.66
C HIS A 160 -6.13 7.63 4.66
N LEU A 161 -5.27 7.53 3.67
CA LEU A 161 -4.39 6.38 3.55
C LEU A 161 -3.27 6.48 4.57
N LEU A 162 -2.57 7.59 4.54
CA LEU A 162 -1.44 7.82 5.42
C LEU A 162 -1.86 7.81 6.88
N GLU A 163 -3.11 8.17 7.17
CA GLU A 163 -3.58 8.16 8.56
C GLU A 163 -3.80 6.73 9.03
N MET A 164 -4.26 5.87 8.13
CA MET A 164 -4.46 4.45 8.45
C MET A 164 -3.10 3.78 8.60
N ILE A 165 -2.18 4.15 7.71
CA ILE A 165 -0.82 3.65 7.76
C ILE A 165 -0.11 4.16 9.01
N LEU A 166 -0.38 5.41 9.38
CA LEU A 166 0.18 6.01 10.58
C LEU A 166 -0.32 5.30 11.83
N LEU A 167 -1.60 4.95 11.84
CA LEU A 167 -2.16 4.14 12.91
C LEU A 167 -1.32 2.90 13.11
N VAL A 168 -0.94 2.29 12.00
CA VAL A 168 -0.06 1.14 12.00
C VAL A 168 1.36 1.54 12.43
N SER A 169 1.83 2.69 11.95
CA SER A 169 3.14 3.20 12.31
C SER A 169 3.25 3.42 13.83
N GLU A 170 2.16 3.86 14.45
CA GLU A 170 2.15 4.06 15.89
C GLU A 170 1.92 2.74 16.61
N MET A 171 1.49 1.74 15.86
CA MET A 171 1.23 0.41 16.41
C MET A 171 2.48 -0.48 16.32
N GLU A 172 3.50 0.02 15.60
CA GLU A 172 4.75 -0.72 15.32
C GLU A 172 5.24 -1.58 16.49
N GLU A 173 5.17 -1.05 17.71
CA GLU A 173 5.67 -1.78 18.86
C GLU A 173 4.54 -2.47 19.62
N LEU A 174 3.42 -1.77 19.78
CA LEU A 174 2.31 -2.28 20.59
C LEU A 174 1.20 -2.88 19.72
N LYS A 175 1.60 -3.73 18.78
CA LYS A 175 0.67 -4.38 17.86
C LYS A 175 -0.50 -5.02 18.61
N ALA A 176 -1.69 -4.93 18.03
CA ALA A 176 -2.87 -5.53 18.63
C ALA A 176 -3.54 -6.48 17.65
N ASN A 177 -2.99 -7.67 17.52
CA ASN A 177 -3.56 -8.68 16.62
C ASN A 177 -4.73 -9.38 17.30
N PRO A 178 -5.78 -9.72 16.53
CA PRO A 178 -6.96 -10.38 17.05
C PRO A 178 -6.83 -11.90 17.01
PB GDP B . -0.07 2.10 -14.10
O1B GDP B . 0.89 2.62 -13.09
O2B GDP B . -1.44 1.80 -13.54
O3B GDP B . 0.50 0.98 -14.99
O3A GDP B . -0.31 3.38 -15.14
PA GDP B . -0.15 4.92 -14.89
O1A GDP B . 0.15 5.64 -16.15
O2A GDP B . 0.71 5.22 -13.68
O5' GDP B . -1.65 5.32 -14.46
C5' GDP B . -2.78 4.62 -14.99
C4' GDP B . -3.97 5.54 -15.13
O4' GDP B . -4.77 5.45 -13.93
C3' GDP B . -3.65 7.02 -15.32
O3' GDP B . -4.26 7.53 -16.51
C2' GDP B . -4.20 7.71 -14.07
O2' GDP B . -4.78 8.97 -14.37
C1' GDP B . -5.28 6.74 -13.63
N9 GDP B . -5.59 6.78 -12.20
C8 GDP B . -4.74 6.42 -11.19
N7 GDP B . -5.28 6.57 -10.00
C5 GDP B . -6.56 7.05 -10.26
C6 GDP B . -7.60 7.39 -9.36
O6 GDP B . -7.60 7.32 -8.12
N1 GDP B . -8.74 7.84 -10.02
C2 GDP B . -8.84 7.95 -11.39
N2 GDP B . -10.01 8.42 -11.86
N3 GDP B . -7.88 7.63 -12.24
C4 GDP B . -6.76 7.19 -11.61
H5' GDP B . -3.05 3.79 -14.33
H5'' GDP B . -2.53 4.21 -15.97
H4' GDP B . -4.50 5.23 -16.04
H3' GDP B . -2.57 7.20 -15.45
HO3' GDP B . -4.85 6.86 -16.83
H2' GDP B . -3.42 7.79 -13.31
HO2' GDP B . -4.09 9.51 -14.75
H1' GDP B . -6.21 6.86 -14.19
H8 GDP B . -3.75 6.03 -11.34
HN1 GDP B . -9.53 8.09 -9.47
HN21 GDP B . -10.15 8.52 -12.85
HN22 GDP B . -10.76 8.68 -11.21
N GLY A 1 13.51 -0.65 26.76
CA GLY A 1 12.98 -2.02 26.53
C GLY A 1 14.00 -2.89 25.85
N SER A 2 13.54 -3.69 24.90
CA SER A 2 14.44 -4.56 24.15
C SER A 2 14.63 -4.03 22.73
N HIS A 3 14.02 -2.89 22.44
CA HIS A 3 14.16 -2.26 21.13
C HIS A 3 15.15 -1.10 21.21
N MET A 4 16.35 -1.29 20.68
CA MET A 4 17.28 -0.19 20.52
C MET A 4 17.36 0.18 19.05
N VAL A 5 16.96 -0.76 18.21
CA VAL A 5 16.87 -0.52 16.79
C VAL A 5 15.46 -0.07 16.40
N GLU A 6 15.38 0.98 15.61
CA GLU A 6 14.11 1.46 15.12
C GLU A 6 13.92 1.01 13.68
N ARG A 7 12.68 0.76 13.29
CA ARG A 7 12.41 0.20 11.99
C ARG A 7 11.41 1.05 11.21
N PRO A 8 11.90 1.88 10.28
CA PRO A 8 11.06 2.69 9.41
C PRO A 8 10.22 1.80 8.49
N PRO A 9 8.89 1.97 8.50
CA PRO A 9 7.98 1.14 7.72
C PRO A 9 8.26 1.18 6.22
N VAL A 10 8.88 0.12 5.73
CA VAL A 10 9.04 -0.06 4.30
C VAL A 10 7.79 -0.71 3.75
N VAL A 11 7.08 0.01 2.91
CA VAL A 11 5.77 -0.42 2.44
C VAL A 11 5.80 -0.86 0.99
N THR A 12 5.16 -1.98 0.71
CA THR A 12 5.07 -2.51 -0.64
C THR A 12 3.83 -1.93 -1.34
N ILE A 13 3.99 -1.47 -2.58
CA ILE A 13 2.86 -0.99 -3.36
C ILE A 13 2.58 -1.92 -4.53
N MET A 14 1.37 -2.45 -4.58
CA MET A 14 0.97 -3.38 -5.60
C MET A 14 -0.45 -3.07 -6.07
N GLY A 15 -0.92 -3.77 -7.09
CA GLY A 15 -2.27 -3.56 -7.57
C GLY A 15 -2.39 -3.71 -9.06
N HIS A 16 -3.47 -3.22 -9.62
CA HIS A 16 -3.70 -3.34 -11.06
C HIS A 16 -3.28 -2.07 -11.81
N VAL A 17 -3.10 -2.24 -13.11
CA VAL A 17 -2.82 -1.16 -14.03
C VAL A 17 -4.08 -0.34 -14.27
N ASP A 18 -3.92 0.95 -14.57
CA ASP A 18 -5.06 1.87 -14.76
C ASP A 18 -5.72 2.20 -13.44
N HIS A 19 -5.61 1.29 -12.48
CA HIS A 19 -6.03 1.56 -11.12
C HIS A 19 -4.96 2.42 -10.45
N GLY A 20 -3.83 2.56 -11.12
CA GLY A 20 -2.82 3.50 -10.69
C GLY A 20 -1.54 2.86 -10.21
N LYS A 21 -0.96 1.98 -11.02
CA LYS A 21 0.34 1.40 -10.68
C LYS A 21 1.37 2.49 -10.39
N THR A 22 1.68 3.31 -11.39
CA THR A 22 2.62 4.40 -11.23
C THR A 22 1.89 5.71 -10.91
N THR A 23 0.69 5.87 -11.46
CA THR A 23 -0.10 7.09 -11.27
C THR A 23 -0.40 7.37 -9.80
N LEU A 24 -0.32 6.35 -8.94
CA LEU A 24 -0.52 6.56 -7.51
C LEU A 24 0.71 7.21 -6.91
N LEU A 25 1.87 6.85 -7.44
CA LEU A 25 3.13 7.45 -7.03
C LEU A 25 3.23 8.86 -7.61
N ASP A 26 2.38 9.15 -8.58
CA ASP A 26 2.33 10.44 -9.24
C ASP A 26 1.25 11.28 -8.60
N ALA A 27 0.20 10.61 -8.15
CA ALA A 27 -0.87 11.27 -7.44
C ALA A 27 -0.39 11.64 -6.05
N ILE A 28 0.24 10.68 -5.41
CA ILE A 28 0.83 10.85 -4.08
C ILE A 28 1.87 11.96 -4.10
N ARG A 29 2.43 12.17 -5.28
CA ARG A 29 3.46 13.17 -5.51
C ARG A 29 2.89 14.58 -5.28
N HIS A 30 1.76 14.84 -5.92
CA HIS A 30 1.18 16.18 -5.94
C HIS A 30 0.12 16.33 -4.87
N SER A 31 0.22 15.50 -3.88
CA SER A 31 -0.69 15.54 -2.75
C SER A 31 -0.02 16.27 -1.59
N LYS A 32 1.25 15.95 -1.37
CA LYS A 32 2.01 16.53 -0.28
C LYS A 32 3.45 16.08 -0.37
N VAL A 33 4.23 16.34 0.67
CA VAL A 33 5.68 16.06 0.74
C VAL A 33 6.46 16.54 -0.49
N THR A 34 6.36 15.82 -1.60
CA THR A 34 7.17 16.10 -2.77
C THR A 34 6.66 17.28 -3.59
N GLU A 35 7.51 18.26 -3.77
CA GLU A 35 7.22 19.38 -4.66
C GLU A 35 7.81 19.11 -6.05
N GLN A 36 8.26 20.15 -6.75
CA GLN A 36 8.85 19.97 -8.07
C GLN A 36 10.30 19.48 -7.97
N GLU A 37 10.56 18.66 -6.97
CA GLU A 37 11.86 18.05 -6.78
C GLU A 37 11.83 16.62 -7.31
N ALA A 38 12.96 15.93 -7.19
CA ALA A 38 13.03 14.53 -7.58
C ALA A 38 12.24 13.67 -6.59
N GLY A 39 10.99 13.39 -6.92
CA GLY A 39 10.14 12.60 -6.06
C GLY A 39 10.42 11.12 -6.16
N GLY A 40 11.64 10.75 -5.80
CA GLY A 40 12.06 9.37 -5.87
C GLY A 40 13.56 9.24 -5.71
N ILE A 41 14.00 8.44 -4.77
CA ILE A 41 15.42 8.32 -4.51
C ILE A 41 16.02 7.19 -5.34
N THR A 42 16.05 7.40 -6.64
CA THR A 42 16.64 6.46 -7.58
C THR A 42 16.78 7.15 -8.94
N GLN A 43 17.63 6.60 -9.81
CA GLN A 43 17.71 7.08 -11.19
C GLN A 43 16.67 6.35 -12.04
N HIS A 44 15.82 5.60 -11.36
CA HIS A 44 14.68 4.92 -11.96
C HIS A 44 13.46 5.24 -11.11
N ILE A 45 12.34 5.58 -11.75
CA ILE A 45 11.13 5.91 -11.02
C ILE A 45 10.48 4.67 -10.46
N GLY A 46 9.75 4.84 -9.40
CA GLY A 46 9.12 3.73 -8.72
C GLY A 46 8.48 4.14 -7.41
N ALA A 47 9.29 4.68 -6.49
CA ALA A 47 8.79 5.06 -5.17
C ALA A 47 9.73 6.04 -4.50
N TYR A 48 9.47 6.33 -3.23
CA TYR A 48 10.21 7.36 -2.51
C TYR A 48 9.86 7.29 -1.03
N GLN A 49 10.49 8.16 -0.25
CA GLN A 49 10.21 8.28 1.17
C GLN A 49 9.17 9.37 1.37
N VAL A 50 8.04 9.02 1.97
CA VAL A 50 6.94 9.96 2.11
C VAL A 50 7.02 10.70 3.44
N THR A 51 6.11 11.63 3.63
CA THR A 51 6.01 12.35 4.87
C THR A 51 4.66 12.09 5.54
N VAL A 52 4.64 11.13 6.44
CA VAL A 52 3.46 10.92 7.29
C VAL A 52 3.55 11.89 8.45
N ASN A 53 4.79 12.15 8.80
CA ASN A 53 5.15 13.04 9.85
C ASN A 53 6.40 13.79 9.42
N ASP A 54 7.39 13.02 9.02
CA ASP A 54 8.57 13.51 8.33
C ASP A 54 9.52 12.35 8.01
N LYS A 55 9.49 11.90 6.75
CA LYS A 55 10.48 10.96 6.20
C LYS A 55 10.16 9.50 6.55
N LYS A 56 9.20 9.30 7.42
CA LYS A 56 8.77 7.96 7.79
C LYS A 56 7.97 7.34 6.64
N ILE A 57 8.18 6.03 6.41
CA ILE A 57 7.50 5.27 5.35
C ILE A 57 8.17 5.46 4.01
N THR A 58 8.92 4.45 3.60
CA THR A 58 9.48 4.41 2.27
C THR A 58 8.86 3.25 1.50
N PHE A 59 8.01 3.60 0.55
CA PHE A 59 7.31 2.60 -0.27
C PHE A 59 8.24 1.93 -1.30
N LEU A 60 9.50 1.66 -0.93
CA LEU A 60 10.46 1.13 -1.88
C LEU A 60 11.51 0.25 -1.21
N ASP A 61 11.67 -0.96 -1.75
CA ASP A 61 12.77 -1.84 -1.33
C ASP A 61 13.68 -2.15 -2.51
N THR A 62 13.20 -3.00 -3.42
CA THR A 62 13.99 -3.39 -4.58
C THR A 62 13.15 -3.26 -5.85
N PRO A 63 13.64 -2.50 -6.84
CA PRO A 63 12.93 -2.28 -8.10
C PRO A 63 13.07 -3.45 -9.08
N GLY A 64 11.96 -3.82 -9.70
CA GLY A 64 11.95 -4.90 -10.66
C GLY A 64 10.55 -5.42 -10.86
N HIS A 65 10.39 -6.74 -10.90
CA HIS A 65 9.06 -7.34 -10.90
C HIS A 65 8.62 -7.58 -9.46
N GLU A 66 9.57 -7.49 -8.55
CA GLU A 66 9.29 -7.62 -7.14
C GLU A 66 9.01 -6.24 -6.54
N ALA A 67 8.45 -6.26 -5.34
CA ALA A 67 8.17 -5.04 -4.60
C ALA A 67 8.16 -5.37 -3.11
N PHE A 68 7.68 -6.58 -2.82
CA PHE A 68 7.79 -7.18 -1.49
C PHE A 68 9.22 -7.08 -1.00
N THR A 69 9.40 -6.65 0.23
CA THR A 69 10.73 -6.43 0.79
C THR A 69 11.59 -7.68 0.67
N THR A 70 12.79 -7.50 0.13
CA THR A 70 13.74 -8.60 -0.01
C THR A 70 14.22 -9.05 1.37
N MET A 71 13.44 -9.92 1.98
CA MET A 71 13.70 -10.39 3.33
C MET A 71 14.53 -11.66 3.33
N ARG A 72 15.67 -11.59 4.01
CA ARG A 72 16.51 -12.76 4.22
C ARG A 72 16.61 -13.03 5.71
N ALA A 73 16.61 -11.95 6.49
CA ALA A 73 16.65 -12.06 7.94
C ALA A 73 15.44 -12.82 8.46
N ARG A 74 14.25 -12.27 8.22
CA ARG A 74 13.00 -12.89 8.64
C ARG A 74 12.96 -13.07 10.16
N GLY A 75 12.03 -13.88 10.63
CA GLY A 75 11.93 -14.16 12.04
C GLY A 75 10.49 -14.28 12.51
N ALA A 76 10.21 -13.69 13.66
CA ALA A 76 8.87 -13.72 14.23
C ALA A 76 7.94 -12.77 13.49
N GLN A 77 7.32 -13.28 12.42
CA GLN A 77 6.35 -12.53 11.62
C GLN A 77 6.98 -11.32 10.94
N VAL A 78 7.25 -11.46 9.64
CA VAL A 78 7.81 -10.38 8.86
C VAL A 78 6.79 -9.23 8.71
N THR A 79 7.23 -8.03 8.99
CA THR A 79 6.34 -6.87 8.99
C THR A 79 6.33 -6.19 7.62
N ASP A 80 6.04 -6.94 6.58
CA ASP A 80 5.87 -6.36 5.26
C ASP A 80 4.42 -5.92 5.12
N ILE A 81 4.23 -4.71 4.62
CA ILE A 81 2.89 -4.18 4.47
C ILE A 81 2.61 -3.95 3.00
N VAL A 82 1.79 -4.81 2.41
CA VAL A 82 1.51 -4.70 0.99
C VAL A 82 0.26 -3.89 0.74
N ILE A 83 0.46 -2.76 0.11
CA ILE A 83 -0.65 -1.95 -0.34
C ILE A 83 -1.14 -2.47 -1.65
N LEU A 84 -2.41 -2.73 -1.70
CA LEU A 84 -3.02 -3.27 -2.89
C LEU A 84 -4.00 -2.23 -3.43
N VAL A 85 -3.60 -1.60 -4.52
CA VAL A 85 -4.39 -0.56 -5.13
C VAL A 85 -5.37 -1.15 -6.14
N VAL A 86 -6.65 -1.12 -5.80
CA VAL A 86 -7.69 -1.55 -6.71
C VAL A 86 -8.67 -0.44 -6.99
N ALA A 87 -9.02 -0.29 -8.24
CA ALA A 87 -10.05 0.66 -8.63
C ALA A 87 -11.41 0.13 -8.24
N ALA A 88 -12.25 0.97 -7.64
CA ALA A 88 -13.58 0.52 -7.24
C ALA A 88 -14.49 0.49 -8.45
N ASP A 89 -14.00 1.04 -9.52
CA ASP A 89 -14.77 1.08 -10.75
C ASP A 89 -14.50 -0.18 -11.59
N ASP A 90 -13.50 -0.96 -11.17
CA ASP A 90 -13.05 -2.12 -11.95
C ASP A 90 -12.87 -3.36 -11.05
N GLY A 91 -12.01 -3.25 -10.04
CA GLY A 91 -11.87 -4.32 -9.05
C GLY A 91 -10.57 -5.10 -9.17
N VAL A 92 -10.67 -6.42 -9.10
CA VAL A 92 -9.51 -7.29 -9.14
C VAL A 92 -9.33 -7.89 -10.52
N MET A 93 -8.11 -7.80 -11.00
CA MET A 93 -7.77 -8.13 -12.37
C MET A 93 -6.49 -8.99 -12.38
N PRO A 94 -6.01 -9.44 -13.56
CA PRO A 94 -4.81 -10.29 -13.67
C PRO A 94 -3.62 -9.85 -12.83
N GLN A 95 -3.05 -8.69 -13.11
CA GLN A 95 -1.85 -8.26 -12.40
C GLN A 95 -2.17 -7.79 -10.99
N THR A 96 -3.45 -7.63 -10.71
CA THR A 96 -3.92 -7.28 -9.39
C THR A 96 -3.70 -8.47 -8.46
N VAL A 97 -4.14 -9.63 -8.91
CA VAL A 97 -4.00 -10.82 -8.12
C VAL A 97 -2.55 -11.33 -8.07
N GLU A 98 -1.76 -11.05 -9.10
CA GLU A 98 -0.34 -11.45 -9.07
C GLU A 98 0.33 -10.80 -7.86
N ALA A 99 -0.18 -9.63 -7.48
CA ALA A 99 0.28 -8.94 -6.31
C ALA A 99 -0.18 -9.64 -5.03
N ILE A 100 -1.44 -10.08 -5.04
CA ILE A 100 -2.01 -10.77 -3.90
C ILE A 100 -1.32 -12.10 -3.72
N ASN A 101 -1.08 -12.74 -4.86
CA ASN A 101 -0.40 -14.02 -4.91
C ASN A 101 0.98 -13.92 -4.29
N HIS A 102 1.67 -12.82 -4.54
CA HIS A 102 2.98 -12.59 -3.95
C HIS A 102 2.84 -12.41 -2.44
N ALA A 103 1.80 -11.70 -2.03
CA ALA A 103 1.58 -11.41 -0.63
C ALA A 103 1.17 -12.65 0.15
N LYS A 104 0.23 -13.42 -0.39
CA LYS A 104 -0.26 -14.63 0.29
C LYS A 104 0.76 -15.73 0.23
N ALA A 105 1.55 -15.69 -0.83
CA ALA A 105 2.70 -16.59 -0.95
C ALA A 105 3.57 -16.53 0.30
N ALA A 106 3.80 -15.32 0.80
CA ALA A 106 4.56 -15.13 2.03
C ALA A 106 3.63 -15.10 3.25
N ASN A 107 2.36 -14.84 2.98
CA ASN A 107 1.31 -14.75 4.00
C ASN A 107 1.50 -13.49 4.85
N VAL A 108 1.29 -12.35 4.21
CA VAL A 108 1.50 -11.06 4.86
C VAL A 108 0.21 -10.27 4.96
N PRO A 109 0.11 -9.39 5.98
CA PRO A 109 -1.01 -8.45 6.11
C PRO A 109 -1.04 -7.42 4.99
N ILE A 110 -2.24 -7.08 4.53
CA ILE A 110 -2.37 -6.19 3.40
C ILE A 110 -2.96 -4.85 3.82
N ILE A 111 -2.66 -3.84 3.04
CA ILE A 111 -3.27 -2.53 3.13
C ILE A 111 -3.85 -2.19 1.77
N VAL A 112 -5.07 -2.61 1.56
CA VAL A 112 -5.73 -2.35 0.31
C VAL A 112 -6.14 -0.91 0.25
N ALA A 113 -6.13 -0.40 -0.94
CA ALA A 113 -6.50 0.97 -1.18
C ALA A 113 -7.25 1.10 -2.49
N ILE A 114 -8.53 1.30 -2.36
CA ILE A 114 -9.41 1.47 -3.49
C ILE A 114 -9.30 2.87 -4.03
N ASN A 115 -9.20 3.01 -5.35
CA ASN A 115 -9.10 4.32 -5.98
C ASN A 115 -10.36 4.51 -6.78
N LYS A 116 -10.49 5.67 -7.39
CA LYS A 116 -11.60 5.94 -8.24
C LYS A 116 -12.90 6.09 -7.45
N MET A 117 -12.78 6.62 -6.24
CA MET A 117 -13.96 7.09 -5.51
C MET A 117 -14.41 8.38 -6.16
N ASP A 118 -13.47 8.95 -6.90
CA ASP A 118 -13.71 10.11 -7.74
C ASP A 118 -14.72 9.78 -8.83
N LYS A 119 -14.64 8.56 -9.33
CA LYS A 119 -15.55 8.10 -10.36
C LYS A 119 -16.89 7.70 -9.75
N PRO A 120 -18.00 8.00 -10.44
CA PRO A 120 -19.34 7.60 -10.01
C PRO A 120 -19.52 6.08 -10.04
N GLU A 121 -18.60 5.41 -10.73
CA GLU A 121 -18.59 3.96 -10.81
C GLU A 121 -17.87 3.35 -9.61
N ALA A 122 -17.60 4.19 -8.61
CA ALA A 122 -16.99 3.77 -7.37
C ALA A 122 -17.87 2.76 -6.65
N ASN A 123 -17.51 1.49 -6.76
CA ASN A 123 -18.21 0.43 -6.05
C ASN A 123 -17.22 -0.29 -5.16
N PRO A 124 -16.88 0.34 -4.03
CA PRO A 124 -15.79 -0.11 -3.16
C PRO A 124 -16.06 -1.41 -2.47
N ASP A 125 -17.17 -1.46 -1.76
CA ASP A 125 -17.61 -2.67 -1.08
C ASP A 125 -17.73 -3.82 -2.06
N ARG A 126 -17.93 -3.49 -3.33
CA ARG A 126 -18.03 -4.52 -4.36
C ARG A 126 -16.65 -5.08 -4.65
N VAL A 127 -15.76 -4.19 -5.02
CA VAL A 127 -14.42 -4.58 -5.38
C VAL A 127 -13.65 -5.17 -4.19
N MET A 128 -13.95 -4.69 -2.98
CA MET A 128 -13.30 -5.21 -1.76
C MET A 128 -13.90 -6.57 -1.39
N GLN A 129 -15.06 -6.90 -1.95
CA GLN A 129 -15.62 -8.24 -1.79
C GLN A 129 -14.91 -9.20 -2.73
N GLU A 130 -14.51 -8.72 -3.89
CA GLU A 130 -13.71 -9.52 -4.81
C GLU A 130 -12.33 -9.72 -4.21
N LEU A 131 -11.95 -8.76 -3.39
CA LEU A 131 -10.71 -8.85 -2.64
C LEU A 131 -10.76 -10.08 -1.76
N MET A 132 -11.87 -10.28 -1.06
CA MET A 132 -11.98 -11.40 -0.14
C MET A 132 -12.17 -12.71 -0.90
N GLU A 133 -12.49 -12.62 -2.18
CA GLU A 133 -12.61 -13.80 -3.00
C GLU A 133 -11.22 -14.36 -3.22
N TYR A 134 -10.25 -13.45 -3.20
CA TYR A 134 -8.85 -13.80 -3.28
C TYR A 134 -8.25 -13.83 -1.88
N ASN A 135 -9.16 -14.02 -0.92
CA ASN A 135 -8.85 -14.12 0.52
C ASN A 135 -8.18 -12.87 1.05
N LEU A 136 -8.77 -11.73 0.75
CA LEU A 136 -8.38 -10.48 1.34
C LEU A 136 -9.53 -9.90 2.12
N VAL A 137 -9.49 -10.10 3.42
CA VAL A 137 -10.63 -9.73 4.24
C VAL A 137 -10.34 -8.46 5.03
N PRO A 138 -11.08 -7.42 4.68
CA PRO A 138 -11.08 -6.15 5.38
C PRO A 138 -11.15 -6.31 6.88
N GLU A 139 -10.43 -5.46 7.56
CA GLU A 139 -10.48 -5.38 9.01
C GLU A 139 -11.79 -4.78 9.47
N GLU A 140 -12.51 -4.16 8.54
CA GLU A 140 -13.89 -3.77 8.78
C GLU A 140 -14.76 -5.01 8.89
N TRP A 141 -14.27 -6.14 8.35
CA TRP A 141 -15.03 -7.37 8.36
C TRP A 141 -14.44 -8.36 9.36
N GLY A 142 -13.12 -8.27 9.57
CA GLY A 142 -12.48 -9.09 10.58
C GLY A 142 -11.50 -10.08 9.99
N GLY A 143 -10.96 -9.78 8.82
CA GLY A 143 -9.97 -10.66 8.22
C GLY A 143 -8.56 -10.33 8.66
N ASP A 144 -7.78 -9.75 7.75
CA ASP A 144 -6.44 -9.27 8.09
C ASP A 144 -5.90 -8.34 7.01
N THR A 145 -6.63 -7.25 6.82
CA THR A 145 -6.28 -6.25 5.82
C THR A 145 -7.03 -4.95 6.07
N ILE A 146 -6.31 -3.86 6.26
CA ILE A 146 -6.94 -2.57 6.35
C ILE A 146 -7.17 -2.02 4.95
N PHE A 147 -8.42 -1.97 4.53
CA PHE A 147 -8.75 -1.38 3.25
C PHE A 147 -8.96 0.11 3.39
N CYS A 148 -8.58 0.80 2.38
CA CYS A 148 -8.84 2.20 2.24
C CYS A 148 -9.70 2.44 1.01
N LYS A 149 -10.71 3.28 1.11
CA LYS A 149 -11.55 3.60 -0.03
C LYS A 149 -11.27 5.04 -0.46
N LEU A 150 -10.32 5.20 -1.35
CA LEU A 150 -9.80 6.51 -1.69
C LEU A 150 -10.09 6.88 -3.14
N SER A 151 -9.65 8.05 -3.46
CA SER A 151 -9.77 8.65 -4.75
C SER A 151 -8.53 9.47 -4.98
N ALA A 152 -7.54 8.89 -5.64
CA ALA A 152 -6.30 9.61 -5.86
C ALA A 152 -6.54 10.77 -6.79
N LYS A 153 -7.65 10.72 -7.50
CA LYS A 153 -8.04 11.84 -8.34
C LYS A 153 -8.72 12.94 -7.53
N THR A 154 -9.62 12.58 -6.61
CA THR A 154 -10.29 13.58 -5.78
C THR A 154 -9.35 14.09 -4.69
N LYS A 155 -8.28 13.33 -4.48
CA LYS A 155 -7.27 13.64 -3.47
C LYS A 155 -7.85 13.51 -2.07
N GLU A 156 -8.57 12.43 -1.87
CA GLU A 156 -9.27 12.23 -0.61
C GLU A 156 -8.59 11.16 0.23
N GLY A 157 -8.46 9.99 -0.35
CA GLY A 157 -7.98 8.87 0.40
C GLY A 157 -6.47 8.74 0.38
N LEU A 158 -5.79 9.66 -0.28
CA LEU A 158 -4.33 9.65 -0.27
C LEU A 158 -3.84 10.11 1.09
N ASP A 159 -4.49 11.14 1.61
CA ASP A 159 -4.23 11.58 2.97
C ASP A 159 -4.72 10.52 3.93
N HIS A 160 -5.92 9.99 3.66
CA HIS A 160 -6.49 8.94 4.50
C HIS A 160 -5.64 7.66 4.46
N LEU A 161 -4.84 7.50 3.39
CA LEU A 161 -4.03 6.30 3.22
C LEU A 161 -2.93 6.27 4.26
N LEU A 162 -2.15 7.34 4.28
CA LEU A 162 -1.05 7.45 5.22
C LEU A 162 -1.57 7.52 6.66
N GLU A 163 -2.82 7.96 6.83
CA GLU A 163 -3.47 7.92 8.14
C GLU A 163 -3.69 6.47 8.58
N MET A 164 -4.18 5.64 7.67
CA MET A 164 -4.39 4.22 7.95
C MET A 164 -3.05 3.53 8.16
N ILE A 165 -2.07 3.94 7.39
CA ILE A 165 -0.71 3.43 7.54
C ILE A 165 -0.13 3.88 8.88
N LEU A 166 -0.54 5.07 9.31
CA LEU A 166 -0.14 5.61 10.60
C LEU A 166 -0.73 4.79 11.74
N LEU A 167 -1.95 4.30 11.54
CA LEU A 167 -2.56 3.36 12.46
C LEU A 167 -1.66 2.15 12.62
N VAL A 168 -1.12 1.69 11.50
CA VAL A 168 -0.17 0.61 11.49
C VAL A 168 1.15 1.05 12.12
N SER A 169 1.57 2.28 11.82
CA SER A 169 2.77 2.87 12.40
C SER A 169 2.59 3.11 13.91
N GLU A 170 1.37 2.94 14.38
CA GLU A 170 1.09 2.99 15.81
C GLU A 170 1.39 1.64 16.41
N MET A 171 1.00 0.60 15.69
CA MET A 171 1.10 -0.76 16.20
C MET A 171 2.48 -1.35 15.99
N GLU A 172 3.35 -0.67 15.24
CA GLU A 172 4.74 -1.15 15.09
C GLU A 172 5.38 -1.39 16.46
N GLU A 173 5.02 -0.55 17.42
CA GLU A 173 5.43 -0.74 18.81
C GLU A 173 4.25 -1.22 19.66
N LEU A 174 3.05 -0.77 19.32
CA LEU A 174 1.86 -1.07 20.11
C LEU A 174 0.98 -2.13 19.45
N LYS A 175 1.59 -3.22 18.98
CA LYS A 175 0.86 -4.29 18.32
C LYS A 175 0.17 -5.21 19.34
N ALA A 176 -0.21 -4.62 20.47
CA ALA A 176 -0.91 -5.33 21.53
C ALA A 176 -1.62 -4.34 22.43
N ASN A 177 -2.87 -4.06 22.09
CA ASN A 177 -3.67 -3.08 22.84
C ASN A 177 -4.11 -3.63 24.20
N PRO A 178 -4.75 -4.83 24.25
CA PRO A 178 -5.17 -5.45 25.51
C PRO A 178 -3.97 -5.80 26.41
PB GDP B . -0.03 2.27 -14.79
O1B GDP B . 1.04 2.81 -13.91
O2B GDP B . -1.31 1.92 -14.04
O3B GDP B . 0.43 1.20 -15.78
O3A GDP B . -0.47 3.57 -15.74
PA GDP B . -0.37 5.11 -15.48
O1A GDP B . -0.06 5.87 -16.71
O2A GDP B . 0.45 5.42 -14.24
O5' GDP B . -1.89 5.44 -15.05
C5' GDP B . -2.97 4.80 -15.72
C4' GDP B . -4.26 5.55 -15.45
O4' GDP B . -4.63 5.43 -14.06
C3' GDP B . -4.23 7.06 -15.70
O3' GDP B . -4.79 7.37 -16.96
C2' GDP B . -5.05 7.67 -14.55
O2' GDP B . -6.13 8.43 -15.03
C1' GDP B . -5.58 6.44 -13.82
N9 GDP B . -5.75 6.63 -12.39
C8 GDP B . -4.80 6.50 -11.41
N7 GDP B . -5.25 6.75 -10.21
C5 GDP B . -6.58 7.06 -10.40
C6 GDP B . -7.60 7.42 -9.47
O6 GDP B . -7.50 7.53 -8.24
N1 GDP B . -8.82 7.65 -10.09
C2 GDP B . -9.03 7.55 -11.45
N2 GDP B . -10.27 7.81 -11.87
N3 GDP B . -8.09 7.23 -12.33
C4 GDP B . -6.91 7.00 -11.74
H5' GDP B . -3.08 3.78 -15.34
H5'' GDP B . -2.80 4.77 -16.79
H4' GDP B . -5.01 5.14 -16.13
H3' GDP B . -3.21 7.44 -15.73
HO3' GDP B . -5.54 7.95 -16.80
H2' GDP B . -4.39 8.26 -13.91
HO2' GDP B . -6.93 7.89 -14.93
H1' GDP B . -6.52 6.10 -14.24
H8 GDP B . -3.77 6.22 -11.61
HN1 GDP B . -9.61 7.89 -9.50
HN21 GDP B . -10.49 7.75 -12.87
HN22 GDP B . -11.00 8.06 -11.21
N GLY A 1 24.36 -8.15 9.97
CA GLY A 1 25.09 -6.94 10.42
C GLY A 1 24.16 -5.79 10.78
N SER A 2 23.40 -5.32 9.81
CA SER A 2 22.50 -4.19 10.04
C SER A 2 21.04 -4.56 9.75
N HIS A 3 20.80 -5.72 9.16
CA HIS A 3 19.46 -6.11 8.75
C HIS A 3 18.52 -6.34 9.93
N MET A 4 19.08 -6.65 11.09
CA MET A 4 18.25 -6.90 12.28
C MET A 4 17.80 -5.60 12.92
N VAL A 5 18.59 -4.56 12.74
CA VAL A 5 18.29 -3.26 13.35
C VAL A 5 17.65 -2.31 12.34
N GLU A 6 18.29 -2.16 11.19
CA GLU A 6 17.82 -1.22 10.18
C GLU A 6 16.83 -1.89 9.23
N ARG A 7 15.59 -2.01 9.70
CA ARG A 7 14.53 -2.52 8.86
C ARG A 7 13.26 -1.67 9.05
N PRO A 8 13.14 -0.59 8.26
CA PRO A 8 11.97 0.29 8.31
C PRO A 8 10.74 -0.39 7.71
N PRO A 9 9.55 -0.01 8.16
CA PRO A 9 8.30 -0.53 7.61
C PRO A 9 8.05 -0.05 6.19
N VAL A 10 8.67 -0.73 5.23
CA VAL A 10 8.49 -0.42 3.83
C VAL A 10 7.07 -0.73 3.38
N VAL A 11 6.50 0.14 2.57
CA VAL A 11 5.16 -0.04 2.07
C VAL A 11 5.17 -0.16 0.56
N THR A 12 5.24 -1.39 0.08
CA THR A 12 5.25 -1.65 -1.35
C THR A 12 3.85 -1.55 -1.92
N ILE A 13 3.67 -0.77 -2.98
CA ILE A 13 2.36 -0.62 -3.58
C ILE A 13 2.19 -1.55 -4.77
N MET A 14 1.06 -2.21 -4.79
CA MET A 14 0.73 -3.13 -5.86
C MET A 14 -0.71 -2.89 -6.28
N GLY A 15 -1.18 -3.66 -7.25
CA GLY A 15 -2.52 -3.51 -7.71
C GLY A 15 -2.62 -3.66 -9.20
N HIS A 16 -3.73 -3.24 -9.77
CA HIS A 16 -3.92 -3.33 -11.21
C HIS A 16 -3.48 -2.05 -11.91
N VAL A 17 -3.17 -2.19 -13.20
CA VAL A 17 -2.85 -1.06 -14.04
C VAL A 17 -4.10 -0.23 -14.30
N ASP A 18 -3.94 1.08 -14.44
CA ASP A 18 -5.06 2.01 -14.63
C ASP A 18 -5.80 2.23 -13.32
N HIS A 19 -5.74 1.23 -12.45
CA HIS A 19 -6.21 1.37 -11.08
C HIS A 19 -5.16 2.12 -10.28
N GLY A 20 -3.97 2.22 -10.85
CA GLY A 20 -2.94 3.05 -10.27
C GLY A 20 -1.71 2.31 -9.82
N LYS A 21 -0.85 1.92 -10.75
CA LYS A 21 0.49 1.49 -10.37
C LYS A 21 1.38 2.71 -10.06
N THR A 22 2.01 3.26 -11.08
CA THR A 22 2.92 4.38 -10.90
C THR A 22 2.15 5.67 -10.64
N THR A 23 0.86 5.68 -10.94
CA THR A 23 0.01 6.83 -10.70
C THR A 23 0.05 7.26 -9.24
N LEU A 24 0.15 6.30 -8.33
CA LEU A 24 0.27 6.61 -6.90
C LEU A 24 1.66 7.14 -6.61
N LEU A 25 2.65 6.54 -7.24
CA LEU A 25 4.03 6.98 -7.10
C LEU A 25 4.17 8.40 -7.65
N ASP A 26 3.15 8.85 -8.37
CA ASP A 26 3.13 10.19 -8.94
C ASP A 26 2.27 11.09 -8.09
N ALA A 27 1.09 10.57 -7.78
CA ALA A 27 0.06 11.33 -7.09
C ALA A 27 0.45 11.59 -5.65
N ILE A 28 1.03 10.58 -5.01
CA ILE A 28 1.40 10.66 -3.62
C ILE A 28 2.57 11.62 -3.40
N ARG A 29 3.38 11.81 -4.44
CA ARG A 29 4.50 12.74 -4.37
C ARG A 29 4.00 14.13 -4.00
N HIS A 30 3.02 14.61 -4.74
CA HIS A 30 2.50 15.96 -4.56
C HIS A 30 1.51 16.00 -3.40
N SER A 31 1.53 14.94 -2.65
CA SER A 31 0.70 14.80 -1.46
C SER A 31 1.56 14.51 -0.23
N LYS A 32 2.85 14.85 -0.33
CA LYS A 32 3.75 14.72 0.80
C LYS A 32 4.72 15.92 0.84
N VAL A 33 5.86 15.73 1.46
CA VAL A 33 6.88 16.77 1.58
C VAL A 33 7.35 17.28 0.20
N THR A 34 7.30 16.42 -0.81
CA THR A 34 7.79 16.77 -2.14
C THR A 34 6.65 17.24 -3.04
N GLU A 35 6.99 17.49 -4.29
CA GLU A 35 6.04 17.92 -5.30
C GLU A 35 6.54 17.52 -6.68
N GLN A 36 7.86 17.59 -6.87
CA GLN A 36 8.48 17.23 -8.13
C GLN A 36 9.96 16.94 -7.92
N GLU A 37 10.65 17.85 -7.27
CA GLU A 37 12.08 17.71 -7.01
C GLU A 37 12.32 16.69 -5.91
N ALA A 38 13.10 15.67 -6.21
CA ALA A 38 13.39 14.58 -5.27
C ALA A 38 12.09 13.90 -4.83
N GLY A 39 11.19 13.73 -5.78
CA GLY A 39 9.90 13.13 -5.51
C GLY A 39 10.01 11.70 -5.05
N GLY A 40 10.90 10.95 -5.68
CA GLY A 40 11.11 9.56 -5.32
C GLY A 40 11.94 8.83 -6.35
N ILE A 41 11.54 8.93 -7.61
CA ILE A 41 12.25 8.27 -8.69
C ILE A 41 13.62 8.90 -8.88
N THR A 42 14.65 8.24 -8.38
CA THR A 42 16.01 8.71 -8.55
C THR A 42 16.70 7.92 -9.66
N GLN A 43 17.22 6.75 -9.31
CA GLN A 43 17.88 5.88 -10.27
C GLN A 43 18.09 4.49 -9.69
N HIS A 44 18.88 4.38 -8.63
CA HIS A 44 19.17 3.09 -8.01
C HIS A 44 18.04 2.63 -7.09
N ILE A 45 16.84 3.09 -7.38
CA ILE A 45 15.69 2.84 -6.52
C ILE A 45 14.43 3.45 -7.10
N GLY A 46 13.31 3.00 -6.57
CA GLY A 46 12.01 3.52 -6.95
C GLY A 46 11.13 3.68 -5.73
N ALA A 47 11.65 4.38 -4.73
CA ALA A 47 10.96 4.53 -3.47
C ALA A 47 11.16 5.92 -2.90
N TYR A 48 10.36 6.25 -1.90
CA TYR A 48 10.42 7.57 -1.28
C TYR A 48 9.72 7.54 0.08
N GLN A 49 10.18 8.40 0.97
CA GLN A 49 9.63 8.46 2.31
C GLN A 49 8.62 9.60 2.40
N VAL A 50 7.41 9.28 2.81
CA VAL A 50 6.35 10.27 2.90
C VAL A 50 6.54 11.14 4.13
N THR A 51 5.92 12.31 4.10
CA THR A 51 6.02 13.29 5.18
C THR A 51 4.84 14.23 5.09
N VAL A 52 3.72 13.79 5.64
CA VAL A 52 2.55 14.66 5.74
C VAL A 52 2.77 15.62 6.89
N ASN A 53 3.54 15.13 7.83
CA ASN A 53 3.90 15.86 9.01
C ASN A 53 5.31 15.46 9.40
N ASP A 54 5.49 14.17 9.65
CA ASP A 54 6.83 13.61 9.89
C ASP A 54 6.78 12.09 9.86
N LYS A 55 5.84 11.55 9.11
CA LYS A 55 5.59 10.12 9.16
C LYS A 55 6.30 9.44 8.00
N LYS A 56 7.48 8.90 8.29
CA LYS A 56 8.36 8.36 7.26
C LYS A 56 7.83 7.01 6.74
N ILE A 57 6.86 7.10 5.85
CA ILE A 57 6.32 5.93 5.19
C ILE A 57 7.06 5.72 3.87
N THR A 58 7.82 4.64 3.79
CA THR A 58 8.63 4.38 2.62
C THR A 58 7.85 3.60 1.58
N PHE A 59 7.16 4.33 0.70
CA PHE A 59 6.47 3.72 -0.43
C PHE A 59 7.47 3.24 -1.46
N LEU A 60 7.14 2.13 -2.11
CA LEU A 60 8.03 1.53 -3.10
C LEU A 60 7.23 0.92 -4.26
N ASP A 61 7.61 1.26 -5.48
CA ASP A 61 7.01 0.66 -6.67
C ASP A 61 8.07 -0.13 -7.43
N THR A 62 7.75 -0.60 -8.62
CA THR A 62 8.70 -1.34 -9.41
C THR A 62 8.23 -1.50 -10.86
N PRO A 63 9.11 -1.20 -11.82
CA PRO A 63 8.85 -1.44 -13.23
C PRO A 63 9.33 -2.83 -13.63
N GLY A 64 8.90 -3.84 -12.87
CA GLY A 64 9.33 -5.19 -13.11
C GLY A 64 10.78 -5.39 -12.72
N HIS A 65 11.07 -5.31 -11.42
CA HIS A 65 12.44 -5.42 -10.95
C HIS A 65 12.50 -6.18 -9.63
N GLU A 66 11.80 -5.70 -8.62
CA GLU A 66 11.90 -6.28 -7.29
C GLU A 66 10.53 -6.71 -6.78
N ALA A 67 9.68 -5.73 -6.45
CA ALA A 67 8.29 -5.96 -6.06
C ALA A 67 8.17 -6.72 -4.74
N PHE A 68 8.01 -5.98 -3.65
CA PHE A 68 7.81 -6.57 -2.33
C PHE A 68 9.05 -7.34 -1.89
N THR A 69 8.92 -8.11 -0.81
CA THR A 69 9.98 -9.01 -0.40
C THR A 69 10.17 -10.09 -1.47
N THR A 70 11.43 -10.50 -1.65
CA THR A 70 11.77 -11.48 -2.67
C THR A 70 11.50 -12.91 -2.17
N MET A 71 10.96 -13.02 -0.95
CA MET A 71 10.62 -14.31 -0.35
C MET A 71 11.86 -15.16 -0.11
N ARG A 72 13.01 -14.50 -0.06
CA ARG A 72 14.27 -15.20 0.13
C ARG A 72 14.63 -15.17 1.62
N ALA A 73 13.66 -14.79 2.43
CA ALA A 73 13.86 -14.69 3.88
C ALA A 73 13.53 -16.00 4.56
N ARG A 74 12.27 -16.44 4.43
CA ARG A 74 11.79 -17.65 5.11
C ARG A 74 11.95 -17.50 6.62
N GLY A 75 10.94 -16.91 7.25
CA GLY A 75 11.03 -16.52 8.63
C GLY A 75 10.92 -15.02 8.75
N ALA A 76 10.18 -14.54 9.75
CA ALA A 76 9.84 -13.12 9.85
C ALA A 76 9.18 -12.65 8.57
N GLN A 77 8.02 -13.22 8.28
CA GLN A 77 7.33 -13.01 7.01
C GLN A 77 6.80 -11.58 6.92
N VAL A 78 6.42 -11.02 8.06
CA VAL A 78 5.95 -9.64 8.11
C VAL A 78 7.14 -8.70 8.27
N THR A 79 7.91 -8.55 7.20
CA THR A 79 9.08 -7.69 7.22
C THR A 79 8.78 -6.34 6.58
N ASP A 80 7.71 -6.30 5.79
CA ASP A 80 7.20 -5.07 5.21
C ASP A 80 5.74 -5.27 4.81
N ILE A 81 5.05 -4.17 4.53
CA ILE A 81 3.60 -4.19 4.32
C ILE A 81 3.28 -3.91 2.87
N VAL A 82 2.23 -4.52 2.33
CA VAL A 82 1.89 -4.30 0.93
C VAL A 82 0.56 -3.59 0.79
N ILE A 83 0.54 -2.62 -0.10
CA ILE A 83 -0.68 -1.97 -0.51
C ILE A 83 -1.19 -2.59 -1.78
N LEU A 84 -2.46 -2.83 -1.83
CA LEU A 84 -3.07 -3.38 -3.00
C LEU A 84 -4.11 -2.39 -3.51
N VAL A 85 -3.80 -1.73 -4.60
CA VAL A 85 -4.66 -0.71 -5.15
C VAL A 85 -5.60 -1.30 -6.20
N VAL A 86 -6.88 -1.29 -5.88
CA VAL A 86 -7.89 -1.75 -6.79
C VAL A 86 -8.89 -0.65 -7.08
N ALA A 87 -9.26 -0.51 -8.32
CA ALA A 87 -10.26 0.46 -8.71
C ALA A 87 -11.63 -0.05 -8.34
N ALA A 88 -12.46 0.82 -7.76
CA ALA A 88 -13.80 0.42 -7.38
C ALA A 88 -14.67 0.33 -8.61
N ASP A 89 -14.14 0.83 -9.71
CA ASP A 89 -14.89 0.85 -10.95
C ASP A 89 -14.70 -0.47 -11.72
N ASP A 90 -13.69 -1.24 -11.31
CA ASP A 90 -13.35 -2.48 -11.99
C ASP A 90 -13.19 -3.62 -10.98
N GLY A 91 -12.20 -3.48 -10.10
CA GLY A 91 -12.00 -4.44 -9.04
C GLY A 91 -10.67 -5.18 -9.17
N VAL A 92 -10.72 -6.50 -9.10
CA VAL A 92 -9.52 -7.32 -9.20
C VAL A 92 -9.39 -7.86 -10.63
N MET A 93 -8.17 -7.88 -11.10
CA MET A 93 -7.85 -8.17 -12.49
C MET A 93 -6.58 -9.05 -12.52
N PRO A 94 -6.14 -9.52 -13.70
CA PRO A 94 -4.96 -10.40 -13.81
C PRO A 94 -3.74 -9.90 -13.05
N GLN A 95 -3.26 -8.69 -13.34
CA GLN A 95 -2.04 -8.22 -12.70
C GLN A 95 -2.31 -7.74 -11.28
N THR A 96 -3.57 -7.60 -10.97
CA THR A 96 -3.99 -7.23 -9.64
C THR A 96 -3.74 -8.37 -8.68
N VAL A 97 -4.20 -9.56 -9.09
CA VAL A 97 -4.07 -10.72 -8.25
C VAL A 97 -2.66 -11.31 -8.24
N GLU A 98 -1.88 -11.13 -9.30
CA GLU A 98 -0.51 -11.64 -9.27
C GLU A 98 0.31 -10.88 -8.24
N ALA A 99 -0.17 -9.68 -7.93
CA ALA A 99 0.37 -8.90 -6.83
C ALA A 99 -0.15 -9.46 -5.50
N ILE A 100 -1.41 -9.90 -5.49
CA ILE A 100 -2.01 -10.48 -4.31
C ILE A 100 -1.34 -11.80 -4.00
N ASN A 101 -1.12 -12.58 -5.05
CA ASN A 101 -0.42 -13.85 -4.98
C ASN A 101 0.93 -13.68 -4.30
N HIS A 102 1.62 -12.60 -4.65
CA HIS A 102 2.91 -12.31 -4.07
C HIS A 102 2.77 -11.98 -2.59
N ALA A 103 1.66 -11.34 -2.24
CA ALA A 103 1.42 -10.95 -0.87
C ALA A 103 0.96 -12.12 0.00
N LYS A 104 0.01 -12.91 -0.51
CA LYS A 104 -0.53 -14.04 0.24
C LYS A 104 0.51 -15.13 0.40
N ALA A 105 1.27 -15.34 -0.67
CA ALA A 105 2.37 -16.29 -0.63
C ALA A 105 3.33 -15.98 0.51
N ALA A 106 3.61 -14.69 0.71
CA ALA A 106 4.43 -14.25 1.82
C ALA A 106 3.64 -14.32 3.12
N ASN A 107 2.36 -13.95 3.04
CA ASN A 107 1.42 -14.03 4.15
C ASN A 107 1.67 -12.89 5.11
N VAL A 108 1.27 -11.72 4.65
CA VAL A 108 1.59 -10.47 5.29
C VAL A 108 0.37 -9.56 5.30
N PRO A 109 0.22 -8.73 6.34
CA PRO A 109 -0.80 -7.70 6.38
C PRO A 109 -0.78 -6.79 5.16
N ILE A 110 -1.97 -6.55 4.65
CA ILE A 110 -2.12 -5.75 3.46
C ILE A 110 -2.77 -4.42 3.80
N ILE A 111 -2.62 -3.49 2.88
CA ILE A 111 -3.28 -2.21 2.93
C ILE A 111 -3.94 -1.99 1.59
N VAL A 112 -5.14 -2.53 1.45
CA VAL A 112 -5.86 -2.38 0.21
C VAL A 112 -6.38 -0.98 0.11
N ALA A 113 -6.41 -0.52 -1.09
CA ALA A 113 -6.81 0.82 -1.36
C ALA A 113 -7.63 0.89 -2.62
N ILE A 114 -8.93 1.07 -2.42
CA ILE A 114 -9.86 1.20 -3.50
C ILE A 114 -9.80 2.61 -4.04
N ASN A 115 -9.56 2.75 -5.33
CA ASN A 115 -9.44 4.07 -5.93
C ASN A 115 -10.67 4.32 -6.74
N LYS A 116 -10.74 5.50 -7.32
CA LYS A 116 -11.83 5.82 -8.19
C LYS A 116 -13.13 6.01 -7.41
N MET A 117 -13.01 6.59 -6.22
CA MET A 117 -14.17 7.05 -5.48
C MET A 117 -14.62 8.36 -6.08
N ASP A 118 -13.71 8.91 -6.88
CA ASP A 118 -13.99 10.08 -7.68
C ASP A 118 -14.86 9.71 -8.87
N LYS A 119 -14.86 8.42 -9.19
CA LYS A 119 -15.68 7.89 -10.25
C LYS A 119 -17.05 7.52 -9.71
N PRO A 120 -18.12 7.96 -10.41
CA PRO A 120 -19.50 7.59 -10.06
C PRO A 120 -19.74 6.09 -10.21
N GLU A 121 -18.78 5.44 -10.83
CA GLU A 121 -18.81 3.99 -11.04
C GLU A 121 -18.14 3.27 -9.87
N ALA A 122 -17.84 4.04 -8.83
CA ALA A 122 -17.27 3.51 -7.60
C ALA A 122 -18.15 2.41 -7.01
N ASN A 123 -17.69 1.17 -7.11
CA ASN A 123 -18.35 0.06 -6.44
C ASN A 123 -17.36 -0.57 -5.47
N PRO A 124 -17.15 0.11 -4.33
CA PRO A 124 -16.10 -0.25 -3.39
C PRO A 124 -16.35 -1.55 -2.66
N ASP A 125 -17.51 -1.62 -2.05
CA ASP A 125 -17.91 -2.81 -1.33
C ASP A 125 -17.91 -4.00 -2.27
N ARG A 126 -18.13 -3.74 -3.55
CA ARG A 126 -18.16 -4.82 -4.52
C ARG A 126 -16.76 -5.33 -4.73
N VAL A 127 -15.90 -4.44 -5.16
CA VAL A 127 -14.53 -4.78 -5.50
C VAL A 127 -13.77 -5.34 -4.29
N MET A 128 -14.10 -4.87 -3.09
CA MET A 128 -13.43 -5.34 -1.88
C MET A 128 -13.98 -6.71 -1.45
N GLN A 129 -15.14 -7.09 -1.97
CA GLN A 129 -15.70 -8.42 -1.69
C GLN A 129 -15.05 -9.47 -2.57
N GLU A 130 -14.79 -9.13 -3.82
CA GLU A 130 -14.09 -10.03 -4.72
C GLU A 130 -12.65 -10.17 -4.26
N LEU A 131 -12.19 -9.12 -3.58
CA LEU A 131 -10.89 -9.13 -2.96
C LEU A 131 -10.83 -10.20 -1.89
N MET A 132 -11.88 -10.28 -1.08
CA MET A 132 -11.88 -11.22 0.02
C MET A 132 -12.12 -12.64 -0.46
N GLU A 133 -12.51 -12.77 -1.72
CA GLU A 133 -12.67 -14.08 -2.31
C GLU A 133 -11.33 -14.56 -2.84
N TYR A 134 -10.40 -13.62 -2.96
CA TYR A 134 -9.00 -13.93 -3.17
C TYR A 134 -8.31 -13.93 -1.80
N ASN A 135 -9.16 -14.02 -0.77
CA ASN A 135 -8.79 -14.00 0.64
C ASN A 135 -8.05 -12.71 1.02
N LEU A 136 -8.71 -11.61 0.76
CA LEU A 136 -8.29 -10.33 1.25
C LEU A 136 -9.39 -9.72 2.07
N VAL A 137 -9.31 -9.90 3.36
CA VAL A 137 -10.40 -9.53 4.22
C VAL A 137 -10.10 -8.25 4.97
N PRO A 138 -10.87 -7.21 4.66
CA PRO A 138 -10.74 -5.91 5.29
C PRO A 138 -10.89 -5.99 6.79
N GLU A 139 -10.35 -4.98 7.43
CA GLU A 139 -10.38 -4.91 8.89
C GLU A 139 -11.75 -4.44 9.36
N GLU A 140 -12.53 -3.93 8.42
CA GLU A 140 -13.94 -3.66 8.68
C GLU A 140 -14.69 -4.98 8.87
N TRP A 141 -14.14 -6.07 8.31
CA TRP A 141 -14.78 -7.35 8.38
C TRP A 141 -14.03 -8.28 9.34
N GLY A 142 -12.81 -7.90 9.69
CA GLY A 142 -12.06 -8.63 10.70
C GLY A 142 -11.11 -9.65 10.12
N GLY A 143 -10.63 -9.40 8.90
CA GLY A 143 -9.65 -10.29 8.31
C GLY A 143 -8.25 -9.93 8.73
N ASP A 144 -7.47 -9.38 7.81
CA ASP A 144 -6.17 -8.83 8.15
C ASP A 144 -5.65 -7.92 7.05
N THR A 145 -6.40 -6.86 6.81
CA THR A 145 -6.03 -5.86 5.84
C THR A 145 -6.83 -4.59 6.03
N ILE A 146 -6.15 -3.47 6.21
CA ILE A 146 -6.81 -2.20 6.24
C ILE A 146 -7.23 -1.81 4.83
N PHE A 147 -8.51 -1.95 4.57
CA PHE A 147 -9.07 -1.59 3.27
C PHE A 147 -9.46 -0.12 3.24
N CYS A 148 -8.84 0.63 2.37
CA CYS A 148 -9.18 2.03 2.19
C CYS A 148 -10.05 2.21 0.95
N LYS A 149 -10.99 3.13 1.01
CA LYS A 149 -11.82 3.49 -0.13
C LYS A 149 -11.57 4.93 -0.52
N LEU A 150 -10.61 5.14 -1.39
CA LEU A 150 -10.13 6.46 -1.70
C LEU A 150 -10.34 6.81 -3.17
N SER A 151 -9.99 8.04 -3.47
CA SER A 151 -9.80 8.48 -4.82
C SER A 151 -8.45 9.17 -4.87
N ALA A 152 -7.45 8.49 -5.41
CA ALA A 152 -6.14 9.11 -5.56
C ALA A 152 -6.24 10.21 -6.60
N LYS A 153 -7.28 10.09 -7.42
CA LYS A 153 -7.60 11.10 -8.41
C LYS A 153 -8.00 12.41 -7.73
N THR A 154 -9.06 12.39 -6.90
CA THR A 154 -9.50 13.62 -6.25
C THR A 154 -8.80 13.86 -4.92
N LYS A 155 -7.84 12.99 -4.62
CA LYS A 155 -6.93 13.19 -3.49
C LYS A 155 -7.64 13.19 -2.16
N GLU A 156 -8.51 12.21 -1.98
CA GLU A 156 -9.31 12.15 -0.76
C GLU A 156 -8.79 11.05 0.18
N GLY A 157 -8.67 9.85 -0.34
CA GLY A 157 -8.30 8.74 0.48
C GLY A 157 -6.82 8.55 0.58
N LEU A 158 -6.06 9.44 -0.05
CA LEU A 158 -4.61 9.41 0.08
C LEU A 158 -4.22 9.97 1.44
N ASP A 159 -4.96 10.99 1.86
CA ASP A 159 -4.81 11.52 3.20
C ASP A 159 -5.32 10.49 4.21
N HIS A 160 -6.44 9.85 3.86
CA HIS A 160 -6.99 8.80 4.71
C HIS A 160 -6.13 7.53 4.63
N LEU A 161 -5.27 7.45 3.63
CA LEU A 161 -4.41 6.27 3.46
C LEU A 161 -3.27 6.33 4.45
N LEU A 162 -2.58 7.46 4.48
CA LEU A 162 -1.44 7.63 5.34
C LEU A 162 -1.84 7.57 6.82
N GLU A 163 -3.06 7.98 7.14
CA GLU A 163 -3.54 7.90 8.51
C GLU A 163 -3.79 6.46 8.91
N MET A 164 -4.29 5.65 7.96
CA MET A 164 -4.50 4.23 8.20
C MET A 164 -3.17 3.51 8.27
N ILE A 165 -2.24 3.93 7.41
CA ILE A 165 -0.91 3.38 7.40
C ILE A 165 -0.17 3.71 8.69
N LEU A 166 -0.23 4.96 9.12
CA LEU A 166 0.45 5.38 10.33
C LEU A 166 -0.20 4.74 11.54
N LEU A 167 -1.49 4.49 11.41
CA LEU A 167 -2.21 3.71 12.40
C LEU A 167 -1.52 2.36 12.58
N VAL A 168 -1.28 1.68 11.47
CA VAL A 168 -0.55 0.43 11.48
C VAL A 168 0.89 0.63 11.91
N SER A 169 1.52 1.72 11.44
CA SER A 169 2.89 2.02 11.80
C SER A 169 3.02 2.32 13.30
N GLU A 170 1.92 2.73 13.91
CA GLU A 170 1.90 2.99 15.35
C GLU A 170 1.55 1.70 16.10
N MET A 171 0.84 0.82 15.41
CA MET A 171 0.31 -0.40 16.00
C MET A 171 1.28 -1.57 15.82
N GLU A 172 2.39 -1.33 15.11
CA GLU A 172 3.36 -2.38 14.74
C GLU A 172 3.76 -3.32 15.90
N GLU A 173 3.44 -2.95 17.13
CA GLU A 173 3.54 -3.87 18.28
C GLU A 173 2.47 -4.96 18.20
N LEU A 174 1.88 -5.09 17.03
CA LEU A 174 0.87 -6.11 16.75
C LEU A 174 1.46 -7.51 16.91
N LYS A 175 2.78 -7.58 16.87
CA LYS A 175 3.50 -8.84 17.05
C LYS A 175 3.96 -9.02 18.49
N ALA A 176 3.26 -8.35 19.41
CA ALA A 176 3.53 -8.51 20.83
C ALA A 176 3.09 -9.89 21.30
N ASN A 177 4.05 -10.79 21.45
CA ASN A 177 3.76 -12.16 21.81
C ASN A 177 5.03 -12.87 22.28
N PRO A 178 5.28 -12.87 23.59
CA PRO A 178 6.38 -13.62 24.20
C PRO A 178 6.19 -15.12 24.02
PB GDP B . 0.21 2.31 -14.58
O1B GDP B . 1.32 2.72 -13.67
O2B GDP B . -1.05 1.86 -13.85
O3B GDP B . 0.63 1.36 -15.72
O3A GDP B . -0.24 3.71 -15.36
PA GDP B . -0.16 5.21 -14.88
O1A GDP B . 0.20 6.11 -16.00
O2A GDP B . 0.60 5.37 -13.58
O5' GDP B . -1.70 5.48 -14.50
C5' GDP B . -2.74 4.95 -15.32
C4' GDP B . -4.06 5.65 -15.05
O4' GDP B . -4.48 5.40 -13.69
C3' GDP B . -4.03 7.17 -15.14
O3' GDP B . -4.40 7.62 -16.44
C2' GDP B . -5.04 7.65 -14.08
O2' GDP B . -6.15 8.30 -14.66
C1' GDP B . -5.50 6.34 -13.45
N9 GDP B . -5.76 6.43 -12.01
C8 GDP B . -4.88 6.18 -10.99
N7 GDP B . -5.39 6.38 -9.80
C5 GDP B . -6.69 6.81 -10.06
C6 GDP B . -7.74 7.17 -9.17
O6 GDP B . -7.72 7.20 -7.93
N1 GDP B . -8.90 7.52 -9.86
C2 GDP B . -9.02 7.53 -11.23
N2 GDP B . -10.22 7.90 -11.71
N3 GDP B . -8.06 7.19 -12.07
C4 GDP B . -6.92 6.84 -11.42
H5' GDP B . -2.86 3.89 -15.11
H5'' GDP B . -2.49 5.07 -16.37
H4' GDP B . -4.76 5.31 -15.79
H3' GDP B . -3.03 7.58 -14.97
HO3' GDP B . -4.87 6.90 -16.86
H2' GDP B . -4.54 8.28 -13.34
HO2' GDP B . -6.92 8.06 -14.13
H1' GDP B . -6.40 5.96 -13.92
H8 GDP B . -3.87 5.82 -11.13
HN1 GDP B . -9.70 7.79 -9.31
HN21 GDP B . -10.37 7.93 -12.71
HN22 GDP B . -10.96 8.17 -11.07
N GLY A 1 18.54 6.15 14.00
CA GLY A 1 18.64 5.29 12.79
C GLY A 1 19.28 3.95 13.11
N SER A 2 18.89 3.36 14.23
CA SER A 2 19.43 2.08 14.64
C SER A 2 18.69 0.95 13.94
N HIS A 3 19.45 0.13 13.22
CA HIS A 3 18.88 -1.00 12.49
C HIS A 3 18.59 -2.15 13.45
N MET A 4 17.57 -1.95 14.27
CA MET A 4 17.18 -2.93 15.29
C MET A 4 15.79 -2.62 15.80
N VAL A 5 15.65 -1.52 16.53
CA VAL A 5 14.38 -1.13 17.12
C VAL A 5 13.61 -0.17 16.20
N GLU A 6 14.36 0.70 15.52
CA GLU A 6 13.75 1.66 14.61
C GLU A 6 13.47 0.99 13.27
N ARG A 7 12.27 0.46 13.13
CA ARG A 7 11.89 -0.29 11.94
C ARG A 7 11.24 0.61 10.91
N PRO A 8 11.84 0.71 9.72
CA PRO A 8 11.27 1.42 8.58
C PRO A 8 10.27 0.54 7.84
N PRO A 9 8.98 0.89 7.87
CA PRO A 9 7.92 0.10 7.24
C PRO A 9 8.10 0.00 5.73
N VAL A 10 8.27 -1.21 5.23
CA VAL A 10 8.36 -1.45 3.81
C VAL A 10 6.97 -1.70 3.24
N VAL A 11 6.33 -0.61 2.84
CA VAL A 11 4.95 -0.68 2.36
C VAL A 11 4.93 -0.79 0.84
N THR A 12 4.97 -2.01 0.35
CA THR A 12 5.02 -2.26 -1.08
C THR A 12 3.67 -2.01 -1.73
N ILE A 13 3.61 -1.06 -2.67
CA ILE A 13 2.38 -0.79 -3.39
C ILE A 13 2.22 -1.75 -4.56
N MET A 14 1.10 -2.43 -4.58
CA MET A 14 0.75 -3.33 -5.64
C MET A 14 -0.64 -2.97 -6.14
N GLY A 15 -1.09 -3.60 -7.21
CA GLY A 15 -2.40 -3.31 -7.73
C GLY A 15 -2.44 -3.44 -9.22
N HIS A 16 -3.59 -3.18 -9.80
CA HIS A 16 -3.75 -3.29 -11.24
C HIS A 16 -3.31 -2.02 -11.96
N VAL A 17 -3.05 -2.18 -13.23
CA VAL A 17 -2.70 -1.07 -14.12
C VAL A 17 -3.95 -0.26 -14.43
N ASP A 18 -3.77 1.03 -14.71
CA ASP A 18 -4.88 1.95 -14.99
C ASP A 18 -5.61 2.30 -13.69
N HIS A 19 -5.45 1.45 -12.69
CA HIS A 19 -5.93 1.76 -11.36
C HIS A 19 -4.94 2.69 -10.70
N GLY A 20 -3.74 2.76 -11.27
CA GLY A 20 -2.76 3.70 -10.80
C GLY A 20 -1.50 3.05 -10.27
N LYS A 21 -0.80 2.31 -11.11
CA LYS A 21 0.48 1.76 -10.70
C LYS A 21 1.50 2.87 -10.42
N THR A 22 1.89 3.61 -11.45
CA THR A 22 2.86 4.67 -11.29
C THR A 22 2.20 5.98 -10.86
N THR A 23 0.98 6.19 -11.34
CA THR A 23 0.23 7.42 -11.06
C THR A 23 -0.03 7.63 -9.57
N LEU A 24 -0.05 6.55 -8.80
CA LEU A 24 -0.26 6.67 -7.35
C LEU A 24 0.96 7.25 -6.69
N LEU A 25 2.14 6.86 -7.14
CA LEU A 25 3.39 7.42 -6.62
C LEU A 25 3.54 8.86 -7.11
N ASP A 26 2.74 9.22 -8.11
CA ASP A 26 2.76 10.56 -8.67
C ASP A 26 1.77 11.41 -7.91
N ALA A 27 0.63 10.79 -7.65
CA ALA A 27 -0.44 11.43 -6.91
C ALA A 27 -0.03 11.63 -5.46
N ILE A 28 0.63 10.61 -4.92
CA ILE A 28 1.04 10.58 -3.54
C ILE A 28 2.11 11.64 -3.25
N ARG A 29 2.78 12.09 -4.32
CA ARG A 29 3.76 13.17 -4.21
C ARG A 29 3.11 14.41 -3.63
N HIS A 30 2.01 14.81 -4.25
CA HIS A 30 1.39 16.10 -3.96
C HIS A 30 0.16 15.93 -3.08
N SER A 31 0.16 14.86 -2.33
CA SER A 31 -0.89 14.61 -1.35
C SER A 31 -0.47 15.17 0.01
N LYS A 32 0.77 15.64 0.04
CA LYS A 32 1.38 16.22 1.22
C LYS A 32 2.76 16.72 0.82
N VAL A 33 3.54 17.19 1.77
CA VAL A 33 4.89 17.66 1.46
C VAL A 33 5.82 16.47 1.21
N THR A 34 6.83 16.67 0.40
CA THR A 34 7.90 15.69 0.28
C THR A 34 9.15 16.37 -0.25
N GLU A 35 10.18 15.57 -0.52
CA GLU A 35 11.44 16.08 -1.02
C GLU A 35 11.26 16.62 -2.43
N GLN A 36 12.06 17.59 -2.82
CA GLN A 36 11.94 18.24 -4.12
C GLN A 36 12.56 17.39 -5.24
N GLU A 37 12.70 16.10 -4.98
CA GLU A 37 13.22 15.18 -5.97
C GLU A 37 12.39 13.89 -5.95
N ALA A 38 11.79 13.58 -7.08
CA ALA A 38 10.98 12.37 -7.20
C ALA A 38 11.84 11.12 -7.13
N GLY A 39 11.33 10.10 -6.46
CA GLY A 39 12.04 8.85 -6.34
C GLY A 39 11.99 8.05 -7.63
N GLY A 40 13.05 8.14 -8.42
CA GLY A 40 13.09 7.45 -9.69
C GLY A 40 14.32 6.58 -9.87
N ILE A 41 14.14 5.27 -9.77
CA ILE A 41 15.22 4.34 -10.04
C ILE A 41 15.44 4.23 -11.54
N THR A 42 16.69 4.41 -11.95
CA THR A 42 17.06 4.43 -13.35
C THR A 42 16.45 5.62 -14.08
N GLN A 43 15.14 5.56 -14.33
CA GLN A 43 14.44 6.64 -15.01
C GLN A 43 12.92 6.46 -14.91
N HIS A 44 12.46 5.21 -14.92
CA HIS A 44 11.02 4.94 -14.94
C HIS A 44 10.43 4.91 -13.55
N ILE A 45 10.88 5.84 -12.70
CA ILE A 45 10.43 5.92 -11.31
C ILE A 45 10.87 4.69 -10.51
N GLY A 46 10.94 4.85 -9.21
CA GLY A 46 11.37 3.76 -8.36
C GLY A 46 10.90 3.92 -6.93
N ALA A 47 9.80 4.66 -6.75
CA ALA A 47 9.20 4.87 -5.45
C ALA A 47 10.13 5.66 -4.52
N TYR A 48 9.75 5.79 -3.25
CA TYR A 48 10.50 6.63 -2.32
C TYR A 48 9.85 6.61 -0.93
N GLN A 49 10.60 7.09 0.05
CA GLN A 49 10.07 7.27 1.39
C GLN A 49 9.27 8.57 1.41
N VAL A 50 7.98 8.47 1.65
CA VAL A 50 7.13 9.64 1.60
C VAL A 50 7.29 10.51 2.84
N THR A 51 7.31 11.81 2.64
CA THR A 51 7.43 12.73 3.75
C THR A 51 6.08 12.93 4.42
N VAL A 52 5.72 12.00 5.29
CA VAL A 52 4.52 12.13 6.09
C VAL A 52 4.85 12.98 7.30
N ASN A 53 6.12 12.90 7.67
CA ASN A 53 6.68 13.60 8.77
C ASN A 53 8.10 14.01 8.42
N ASP A 54 8.87 13.04 7.96
CA ASP A 54 10.18 13.28 7.38
C ASP A 54 10.76 11.98 6.81
N LYS A 55 10.39 11.67 5.56
CA LYS A 55 10.96 10.54 4.82
C LYS A 55 10.77 9.21 5.55
N LYS A 56 9.57 8.66 5.46
CA LYS A 56 9.29 7.37 6.04
C LYS A 56 8.21 6.68 5.22
N ILE A 57 7.99 5.39 5.47
CA ILE A 57 7.01 4.62 4.71
C ILE A 57 7.48 4.50 3.26
N THR A 58 8.46 3.65 3.06
CA THR A 58 9.00 3.42 1.74
C THR A 58 8.06 2.55 0.93
N PHE A 59 7.25 3.16 0.10
CA PHE A 59 6.37 2.42 -0.78
C PHE A 59 7.17 1.72 -1.86
N LEU A 60 6.80 0.48 -2.18
CA LEU A 60 7.35 -0.26 -3.32
C LEU A 60 8.88 -0.25 -3.34
N ASP A 61 9.49 -1.15 -2.59
CA ASP A 61 10.94 -1.23 -2.53
C ASP A 61 11.54 -1.69 -3.86
N THR A 62 10.96 -2.72 -4.44
CA THR A 62 11.48 -3.28 -5.68
C THR A 62 10.53 -3.02 -6.86
N PRO A 63 10.85 -2.02 -7.69
CA PRO A 63 10.08 -1.72 -8.90
C PRO A 63 10.45 -2.64 -10.05
N GLY A 64 9.66 -3.70 -10.24
CA GLY A 64 9.91 -4.63 -11.33
C GLY A 64 8.78 -5.61 -11.50
N HIS A 65 9.10 -6.87 -11.73
CA HIS A 65 8.09 -7.92 -11.91
C HIS A 65 7.61 -8.38 -10.54
N GLU A 66 8.55 -8.58 -9.64
CA GLU A 66 8.23 -8.89 -8.26
C GLU A 66 8.37 -7.64 -7.42
N ALA A 67 7.25 -7.04 -7.09
CA ALA A 67 7.24 -5.84 -6.27
C ALA A 67 7.77 -6.15 -4.87
N PHE A 68 7.49 -7.34 -4.40
CA PHE A 68 8.05 -7.83 -3.16
C PHE A 68 9.56 -8.02 -3.30
N THR A 69 10.31 -7.39 -2.43
CA THR A 69 11.75 -7.51 -2.44
C THR A 69 12.16 -8.97 -2.31
N THR A 70 12.95 -9.44 -3.26
CA THR A 70 13.52 -10.77 -3.17
C THR A 70 14.44 -10.84 -1.96
N MET A 71 14.17 -11.80 -1.07
CA MET A 71 14.88 -11.89 0.19
C MET A 71 16.35 -12.19 -0.04
N ARG A 72 17.15 -11.15 0.07
CA ARG A 72 18.58 -11.26 -0.20
C ARG A 72 19.35 -11.45 1.10
N ALA A 73 18.87 -10.82 2.17
CA ALA A 73 19.56 -10.88 3.44
C ALA A 73 18.58 -11.16 4.59
N ARG A 74 17.36 -11.57 4.25
CA ARG A 74 16.36 -11.84 5.28
C ARG A 74 15.75 -13.23 5.08
N GLY A 75 15.54 -13.92 6.18
CA GLY A 75 14.86 -15.19 6.15
C GLY A 75 13.55 -15.12 6.91
N ALA A 76 13.54 -14.33 7.97
CA ALA A 76 12.35 -14.11 8.77
C ALA A 76 11.58 -12.90 8.24
N GLN A 77 10.26 -12.99 8.25
CA GLN A 77 9.43 -11.90 7.79
C GLN A 77 9.21 -10.89 8.92
N VAL A 78 9.46 -9.62 8.63
CA VAL A 78 9.28 -8.56 9.61
C VAL A 78 7.95 -7.84 9.32
N THR A 79 7.90 -6.54 9.55
CA THR A 79 6.70 -5.78 9.27
C THR A 79 6.69 -5.32 7.81
N ASP A 80 6.65 -6.30 6.92
CA ASP A 80 6.47 -6.02 5.51
C ASP A 80 4.98 -5.88 5.24
N ILE A 81 4.61 -4.81 4.53
CA ILE A 81 3.21 -4.52 4.29
C ILE A 81 2.96 -4.36 2.79
N VAL A 82 1.82 -4.83 2.30
CA VAL A 82 1.51 -4.67 0.89
C VAL A 82 0.23 -3.90 0.68
N ILE A 83 0.36 -2.80 -0.04
CA ILE A 83 -0.78 -2.05 -0.50
C ILE A 83 -1.30 -2.69 -1.76
N LEU A 84 -2.61 -2.78 -1.86
CA LEU A 84 -3.20 -3.33 -3.05
C LEU A 84 -4.18 -2.29 -3.60
N VAL A 85 -3.79 -1.64 -4.68
CA VAL A 85 -4.59 -0.60 -5.29
C VAL A 85 -5.56 -1.20 -6.31
N VAL A 86 -6.84 -1.17 -5.97
CA VAL A 86 -7.88 -1.58 -6.88
C VAL A 86 -8.85 -0.44 -7.14
N ALA A 87 -8.97 -0.06 -8.39
CA ALA A 87 -9.95 0.94 -8.78
C ALA A 87 -11.34 0.34 -8.64
N ALA A 88 -12.22 1.02 -7.93
CA ALA A 88 -13.52 0.46 -7.57
C ALA A 88 -14.41 0.34 -8.78
N ASP A 89 -14.01 0.96 -9.86
CA ASP A 89 -14.82 0.92 -11.08
C ASP A 89 -14.35 -0.21 -12.01
N ASP A 90 -13.34 -0.97 -11.55
CA ASP A 90 -12.79 -2.06 -12.35
C ASP A 90 -12.62 -3.33 -11.51
N GLY A 91 -11.94 -3.18 -10.38
CA GLY A 91 -11.83 -4.28 -9.43
C GLY A 91 -10.54 -5.06 -9.56
N VAL A 92 -10.54 -6.30 -9.08
CA VAL A 92 -9.34 -7.14 -9.16
C VAL A 92 -9.22 -7.71 -10.56
N MET A 93 -8.00 -7.69 -11.06
CA MET A 93 -7.70 -8.05 -12.44
C MET A 93 -6.45 -8.93 -12.48
N PRO A 94 -6.02 -9.40 -13.67
CA PRO A 94 -4.84 -10.29 -13.79
C PRO A 94 -3.65 -9.91 -12.91
N GLN A 95 -3.04 -8.75 -13.15
CA GLN A 95 -1.83 -8.38 -12.43
C GLN A 95 -2.15 -7.97 -11.00
N THR A 96 -3.42 -7.68 -10.75
CA THR A 96 -3.88 -7.33 -9.42
C THR A 96 -3.83 -8.57 -8.54
N VAL A 97 -4.28 -9.69 -9.09
CA VAL A 97 -4.25 -10.93 -8.38
C VAL A 97 -2.83 -11.41 -8.17
N GLU A 98 -1.99 -11.23 -9.18
CA GLU A 98 -0.59 -11.64 -9.09
C GLU A 98 0.07 -11.00 -7.86
N ALA A 99 -0.43 -9.84 -7.48
CA ALA A 99 0.02 -9.16 -6.28
C ALA A 99 -0.47 -9.87 -5.02
N ILE A 100 -1.74 -10.28 -5.04
CA ILE A 100 -2.33 -10.95 -3.90
C ILE A 100 -1.75 -12.35 -3.75
N ASN A 101 -1.61 -12.99 -4.89
CA ASN A 101 -1.08 -14.33 -4.97
C ASN A 101 0.37 -14.36 -4.51
N HIS A 102 1.06 -13.24 -4.68
CA HIS A 102 2.41 -13.11 -4.17
C HIS A 102 2.38 -12.76 -2.68
N ALA A 103 1.36 -12.01 -2.29
CA ALA A 103 1.21 -11.60 -0.90
C ALA A 103 0.90 -12.80 -0.01
N LYS A 104 -0.03 -13.66 -0.44
CA LYS A 104 -0.36 -14.86 0.32
C LYS A 104 0.77 -15.84 0.26
N ALA A 105 1.44 -15.83 -0.87
CA ALA A 105 2.65 -16.63 -1.07
C ALA A 105 3.69 -16.34 0.02
N ALA A 106 3.67 -15.12 0.56
CA ALA A 106 4.58 -14.75 1.63
C ALA A 106 3.88 -14.79 2.99
N ASN A 107 2.62 -14.36 3.01
CA ASN A 107 1.74 -14.35 4.20
C ASN A 107 1.94 -13.05 4.94
N VAL A 108 1.36 -12.00 4.38
CA VAL A 108 1.54 -10.66 4.86
C VAL A 108 0.20 -9.93 4.93
N PRO A 109 0.00 -9.10 5.96
CA PRO A 109 -1.19 -8.24 6.05
C PRO A 109 -1.22 -7.20 4.94
N ILE A 110 -2.41 -6.92 4.43
CA ILE A 110 -2.54 -6.08 3.26
C ILE A 110 -3.11 -4.71 3.63
N ILE A 111 -2.81 -3.74 2.79
CA ILE A 111 -3.37 -2.41 2.85
C ILE A 111 -4.02 -2.13 1.53
N VAL A 112 -5.24 -2.58 1.37
CA VAL A 112 -5.93 -2.36 0.14
C VAL A 112 -6.35 -0.91 0.07
N ALA A 113 -6.30 -0.42 -1.11
CA ALA A 113 -6.63 0.96 -1.36
C ALA A 113 -7.39 1.08 -2.65
N ILE A 114 -8.68 1.22 -2.48
CA ILE A 114 -9.57 1.41 -3.58
C ILE A 114 -9.32 2.77 -4.19
N ASN A 115 -9.32 2.84 -5.50
CA ASN A 115 -9.08 4.09 -6.20
C ASN A 115 -10.28 4.34 -7.05
N LYS A 116 -10.36 5.54 -7.56
CA LYS A 116 -11.43 5.91 -8.43
C LYS A 116 -12.75 6.03 -7.69
N MET A 117 -12.66 6.46 -6.43
CA MET A 117 -13.83 6.91 -5.68
C MET A 117 -14.27 8.28 -6.17
N ASP A 118 -13.39 8.88 -6.97
CA ASP A 118 -13.72 10.13 -7.65
C ASP A 118 -14.73 9.83 -8.74
N LYS A 119 -14.80 8.57 -9.11
CA LYS A 119 -15.72 8.13 -10.12
C LYS A 119 -17.00 7.60 -9.49
N PRO A 120 -18.15 8.03 -9.99
CA PRO A 120 -19.46 7.57 -9.53
C PRO A 120 -19.66 6.08 -9.80
N GLU A 121 -18.80 5.54 -10.67
CA GLU A 121 -18.83 4.13 -11.01
C GLU A 121 -18.08 3.31 -9.97
N ALA A 122 -17.69 3.98 -8.90
CA ALA A 122 -17.07 3.34 -7.74
C ALA A 122 -17.97 2.24 -7.20
N ASN A 123 -17.48 1.01 -7.27
CA ASN A 123 -18.17 -0.12 -6.66
C ASN A 123 -17.23 -0.73 -5.67
N PRO A 124 -17.09 -0.06 -4.53
CA PRO A 124 -16.06 -0.37 -3.55
C PRO A 124 -16.18 -1.74 -2.98
N ASP A 125 -17.27 -1.99 -2.29
CA ASP A 125 -17.50 -3.25 -1.62
C ASP A 125 -17.61 -4.38 -2.64
N ARG A 126 -17.78 -4.03 -3.91
CA ARG A 126 -17.83 -5.03 -4.96
C ARG A 126 -16.42 -5.53 -5.19
N VAL A 127 -15.53 -4.60 -5.49
CA VAL A 127 -14.13 -4.91 -5.76
C VAL A 127 -13.42 -5.35 -4.49
N MET A 128 -13.96 -4.89 -3.38
CA MET A 128 -13.52 -5.25 -2.04
C MET A 128 -13.80 -6.73 -1.77
N GLN A 129 -14.97 -7.18 -2.18
CA GLN A 129 -15.37 -8.59 -2.01
C GLN A 129 -14.62 -9.50 -2.96
N GLU A 130 -14.14 -8.98 -4.09
CA GLU A 130 -13.33 -9.78 -5.00
C GLU A 130 -12.03 -10.14 -4.32
N LEU A 131 -11.56 -9.23 -3.49
CA LEU A 131 -10.38 -9.47 -2.71
C LEU A 131 -10.63 -10.58 -1.71
N MET A 132 -11.84 -10.61 -1.14
CA MET A 132 -12.16 -11.65 -0.17
C MET A 132 -12.39 -12.98 -0.87
N GLU A 133 -12.52 -12.96 -2.20
CA GLU A 133 -12.54 -14.17 -2.99
C GLU A 133 -11.17 -14.80 -2.94
N TYR A 134 -10.17 -13.93 -2.91
CA TYR A 134 -8.81 -14.33 -2.70
C TYR A 134 -8.48 -14.31 -1.21
N ASN A 135 -9.55 -14.41 -0.42
CA ASN A 135 -9.49 -14.46 1.05
C ASN A 135 -8.73 -13.28 1.63
N LEU A 136 -9.11 -12.09 1.19
CA LEU A 136 -8.63 -10.86 1.78
C LEU A 136 -9.76 -10.19 2.52
N VAL A 137 -9.67 -10.17 3.82
CA VAL A 137 -10.77 -9.69 4.63
C VAL A 137 -10.45 -8.36 5.28
N PRO A 138 -11.19 -7.34 4.85
CA PRO A 138 -11.17 -6.00 5.40
C PRO A 138 -11.15 -5.97 6.91
N GLU A 139 -10.60 -4.91 7.41
CA GLU A 139 -10.53 -4.68 8.84
C GLU A 139 -11.89 -4.24 9.35
N GLU A 140 -12.71 -3.75 8.44
CA GLU A 140 -14.11 -3.44 8.73
C GLU A 140 -14.91 -4.72 8.90
N TRP A 141 -14.42 -5.82 8.32
CA TRP A 141 -15.14 -7.08 8.38
C TRP A 141 -14.51 -8.01 9.42
N GLY A 142 -13.32 -7.64 9.89
CA GLY A 142 -12.72 -8.34 10.99
C GLY A 142 -11.60 -9.28 10.59
N GLY A 143 -11.00 -9.06 9.43
CA GLY A 143 -9.85 -9.86 9.06
C GLY A 143 -8.55 -9.16 9.41
N ASP A 144 -7.71 -8.96 8.40
CA ASP A 144 -6.45 -8.25 8.59
C ASP A 144 -5.94 -7.68 7.28
N THR A 145 -6.72 -6.77 6.77
CA THR A 145 -6.36 -6.00 5.63
C THR A 145 -7.00 -4.64 5.75
N ILE A 146 -6.17 -3.62 5.92
CA ILE A 146 -6.67 -2.28 6.05
C ILE A 146 -7.12 -1.79 4.69
N PHE A 147 -8.42 -1.90 4.48
CA PHE A 147 -9.03 -1.43 3.26
C PHE A 147 -9.29 0.06 3.33
N CYS A 148 -8.69 0.80 2.41
CA CYS A 148 -8.98 2.20 2.27
C CYS A 148 -9.66 2.46 0.92
N LYS A 149 -10.92 2.84 0.96
CA LYS A 149 -11.69 3.12 -0.25
C LYS A 149 -11.53 4.59 -0.64
N LEU A 150 -10.53 4.86 -1.47
CA LEU A 150 -10.11 6.21 -1.76
C LEU A 150 -10.19 6.54 -3.25
N SER A 151 -9.62 7.68 -3.55
CA SER A 151 -9.42 8.14 -4.91
C SER A 151 -8.25 9.09 -4.88
N ALA A 152 -7.23 8.79 -5.65
CA ALA A 152 -6.11 9.69 -5.76
C ALA A 152 -6.46 10.83 -6.71
N LYS A 153 -7.60 10.70 -7.36
CA LYS A 153 -8.09 11.74 -8.24
C LYS A 153 -8.83 12.83 -7.46
N THR A 154 -9.71 12.43 -6.54
CA THR A 154 -10.37 13.41 -5.69
C THR A 154 -9.52 13.72 -4.46
N LYS A 155 -8.44 12.96 -4.30
CA LYS A 155 -7.44 13.21 -3.25
C LYS A 155 -8.04 13.07 -1.88
N GLU A 156 -8.85 12.04 -1.70
CA GLU A 156 -9.59 11.90 -0.45
C GLU A 156 -8.93 10.85 0.43
N GLY A 157 -9.09 9.61 0.00
CA GLY A 157 -8.61 8.50 0.75
C GLY A 157 -7.10 8.46 0.86
N LEU A 158 -6.40 9.30 0.08
CA LEU A 158 -4.95 9.37 0.15
C LEU A 158 -4.53 9.96 1.47
N ASP A 159 -5.28 10.96 1.91
CA ASP A 159 -5.05 11.56 3.21
C ASP A 159 -5.30 10.51 4.28
N HIS A 160 -6.42 9.79 4.13
CA HIS A 160 -6.78 8.75 5.07
C HIS A 160 -5.78 7.59 5.02
N LEU A 161 -5.17 7.39 3.86
CA LEU A 161 -4.23 6.29 3.66
C LEU A 161 -3.01 6.46 4.53
N LEU A 162 -2.36 7.60 4.38
CA LEU A 162 -1.17 7.93 5.16
C LEU A 162 -1.48 7.87 6.64
N GLU A 163 -2.62 8.44 7.01
CA GLU A 163 -3.06 8.45 8.39
C GLU A 163 -3.24 7.03 8.93
N MET A 164 -3.86 6.16 8.14
CA MET A 164 -4.13 4.80 8.58
C MET A 164 -2.83 3.98 8.58
N ILE A 165 -2.01 4.20 7.56
CA ILE A 165 -0.72 3.54 7.47
C ILE A 165 0.18 3.95 8.62
N LEU A 166 0.20 5.24 8.92
CA LEU A 166 1.00 5.77 10.02
C LEU A 166 0.51 5.23 11.35
N LEU A 167 -0.80 5.08 11.48
CA LEU A 167 -1.37 4.41 12.65
C LEU A 167 -0.70 3.07 12.84
N VAL A 168 -0.62 2.31 11.76
CA VAL A 168 0.04 1.01 11.76
C VAL A 168 1.55 1.18 12.00
N SER A 169 2.15 2.21 11.42
CA SER A 169 3.56 2.49 11.62
C SER A 169 3.85 2.83 13.09
N GLU A 170 2.86 3.39 13.78
CA GLU A 170 3.02 3.79 15.17
C GLU A 170 2.83 2.59 16.09
N MET A 171 1.78 1.80 15.83
CA MET A 171 1.45 0.65 16.67
C MET A 171 2.51 -0.45 16.58
N GLU A 172 3.42 -0.32 15.63
CA GLU A 172 4.52 -1.27 15.44
C GLU A 172 5.40 -1.38 16.71
N GLU A 173 5.41 -0.33 17.51
CA GLU A 173 6.26 -0.33 18.70
C GLU A 173 5.57 -1.06 19.87
N LEU A 174 4.35 -1.53 19.66
CA LEU A 174 3.61 -2.23 20.70
C LEU A 174 2.99 -3.53 20.18
N LYS A 175 1.95 -3.40 19.35
CA LYS A 175 1.32 -4.55 18.68
C LYS A 175 0.72 -5.55 19.67
N ALA A 176 -0.53 -5.33 20.05
CA ALA A 176 -1.26 -6.27 20.88
C ALA A 176 -2.72 -6.28 20.45
N ASN A 177 -2.93 -5.92 19.20
CA ASN A 177 -4.26 -5.73 18.64
C ASN A 177 -4.19 -5.77 17.12
N PRO A 178 -5.28 -6.19 16.45
CA PRO A 178 -5.38 -6.18 15.02
C PRO A 178 -6.01 -4.89 14.50
PB GDP B . 0.09 2.56 -14.93
O1B GDP B . 0.62 1.68 -16.01
O2B GDP B . 1.18 3.10 -14.01
O3B GDP B . -1.15 2.04 -14.20
O3A GDP B . -0.45 3.92 -15.75
PA GDP B . -0.46 5.42 -15.34
O1A GDP B . -0.24 6.32 -16.50
O2A GDP B . 0.38 5.69 -14.11
O5' GDP B . -1.98 5.61 -14.85
C5' GDP B . -3.04 4.96 -15.55
C4' GDP B . -4.22 5.90 -15.72
O4' GDP B . -5.17 5.68 -14.64
C3' GDP B . -3.92 7.39 -15.63
O3' GDP B . -3.44 7.89 -16.87
C2' GDP B . -5.28 7.98 -15.26
O2' GDP B . -6.09 8.17 -16.41
C1' GDP B . -5.89 6.87 -14.39
N9 GDP B . -5.84 7.16 -12.96
C8 GDP B . -4.72 7.16 -12.17
N7 GDP B . -4.98 7.46 -10.93
C5 GDP B . -6.35 7.65 -10.90
C6 GDP B . -7.20 7.99 -9.81
O6 GDP B . -6.89 8.23 -8.64
N1 GDP B . -8.53 8.08 -10.20
C2 GDP B . -8.98 7.89 -11.49
N2 GDP B . -10.28 8.06 -11.70
N3 GDP B . -8.20 7.57 -12.52
C4 GDP B . -6.90 7.47 -12.15
H5' GDP B . -3.37 4.09 -14.99
H5'' GDP B . -2.70 4.66 -16.54
H4' GDP B . -4.64 5.72 -16.70
H3' GDP B . -3.16 7.61 -14.89
HO3' GDP B . -4.17 7.83 -17.50
H2' GDP B . -5.16 8.90 -14.70
HO2' GDP B . -6.24 9.10 -16.51
H1' GDP B . -6.93 6.67 -14.66
H8 GDP B . -3.74 6.95 -12.54
HN1 GDP B . -9.23 8.26 -9.48
HN21 GDP B . -10.67 7.96 -12.63
HN22 GDP B . -10.90 8.32 -10.93
N GLY A 1 19.62 13.56 7.38
CA GLY A 1 19.15 12.80 8.54
C GLY A 1 19.88 11.49 8.69
N SER A 2 20.80 11.42 9.65
CA SER A 2 21.57 10.21 9.88
C SER A 2 20.99 9.40 11.05
N HIS A 3 19.89 9.89 11.60
CA HIS A 3 19.26 9.21 12.74
C HIS A 3 18.29 8.15 12.23
N MET A 4 18.79 6.94 12.08
CA MET A 4 17.96 5.83 11.63
C MET A 4 17.55 4.97 12.83
N VAL A 5 16.99 5.63 13.84
CA VAL A 5 16.53 4.93 15.03
C VAL A 5 15.13 4.37 14.78
N GLU A 6 14.27 5.19 14.19
CA GLU A 6 12.93 4.76 13.86
C GLU A 6 12.94 3.99 12.54
N ARG A 7 12.03 3.06 12.40
CA ARG A 7 11.97 2.23 11.19
C ARG A 7 10.96 2.76 10.20
N PRO A 8 11.41 3.13 8.99
CA PRO A 8 10.54 3.54 7.90
C PRO A 8 10.00 2.33 7.12
N PRO A 9 8.73 1.97 7.35
CA PRO A 9 8.11 0.78 6.74
C PRO A 9 8.19 0.79 5.21
N VAL A 10 8.59 -0.35 4.66
CA VAL A 10 8.70 -0.51 3.22
C VAL A 10 7.33 -0.85 2.64
N VAL A 11 6.51 0.17 2.47
CA VAL A 11 5.17 -0.03 1.93
C VAL A 11 5.23 -0.24 0.42
N THR A 12 5.04 -1.48 0.01
CA THR A 12 5.09 -1.85 -1.39
C THR A 12 3.78 -1.46 -2.08
N ILE A 13 3.88 -0.76 -3.20
CA ILE A 13 2.70 -0.37 -3.97
C ILE A 13 2.42 -1.40 -5.06
N MET A 14 1.24 -2.00 -4.99
CA MET A 14 0.85 -2.99 -5.96
C MET A 14 -0.61 -2.78 -6.32
N GLY A 15 -1.11 -3.58 -7.25
CA GLY A 15 -2.48 -3.46 -7.67
C GLY A 15 -2.61 -3.64 -9.14
N HIS A 16 -3.73 -3.23 -9.70
CA HIS A 16 -3.91 -3.35 -11.14
C HIS A 16 -3.54 -2.06 -11.85
N VAL A 17 -3.23 -2.21 -13.12
CA VAL A 17 -2.88 -1.10 -14.00
C VAL A 17 -4.13 -0.32 -14.37
N ASP A 18 -3.95 0.97 -14.61
CA ASP A 18 -5.07 1.89 -14.92
C ASP A 18 -5.89 2.17 -13.66
N HIS A 19 -5.77 1.27 -12.68
CA HIS A 19 -6.28 1.52 -11.35
C HIS A 19 -5.35 2.51 -10.67
N GLY A 20 -4.14 2.60 -11.19
CA GLY A 20 -3.21 3.61 -10.73
C GLY A 20 -2.05 3.07 -9.94
N LYS A 21 -1.22 2.26 -10.56
CA LYS A 21 -0.04 1.76 -9.87
C LYS A 21 1.00 2.87 -9.66
N THR A 22 1.45 3.49 -10.75
CA THR A 22 2.51 4.48 -10.67
C THR A 22 1.97 5.89 -10.36
N THR A 23 0.75 6.16 -10.77
CA THR A 23 0.16 7.48 -10.62
C THR A 23 0.10 7.93 -9.17
N LEU A 24 -0.02 7.00 -8.25
CA LEU A 24 -0.01 7.33 -6.82
C LEU A 24 1.37 7.80 -6.39
N LEU A 25 2.40 7.16 -6.90
CA LEU A 25 3.75 7.56 -6.55
C LEU A 25 4.07 8.92 -7.18
N ASP A 26 3.19 9.34 -8.09
CA ASP A 26 3.31 10.62 -8.76
C ASP A 26 2.47 11.64 -8.03
N ALA A 27 1.28 11.21 -7.68
CA ALA A 27 0.28 12.05 -7.05
C ALA A 27 0.63 12.30 -5.59
N ILE A 28 0.89 11.22 -4.87
CA ILE A 28 1.10 11.26 -3.43
C ILE A 28 2.33 12.11 -3.06
N ARG A 29 3.33 12.13 -3.94
CA ARG A 29 4.52 12.95 -3.71
C ARG A 29 4.12 14.40 -3.48
N HIS A 30 3.35 14.95 -4.40
CA HIS A 30 2.95 16.35 -4.35
C HIS A 30 1.73 16.55 -3.46
N SER A 31 1.50 15.59 -2.60
CA SER A 31 0.39 15.63 -1.67
C SER A 31 0.89 15.88 -0.24
N LYS A 32 2.16 16.26 -0.10
CA LYS A 32 2.71 16.66 1.18
C LYS A 32 3.96 17.51 0.99
N VAL A 33 4.64 17.83 2.09
CA VAL A 33 5.82 18.69 2.06
C VAL A 33 6.87 18.18 1.09
N THR A 34 7.35 16.97 1.35
CA THR A 34 8.29 16.32 0.46
C THR A 34 7.60 15.96 -0.85
N GLU A 35 8.11 16.48 -1.95
CA GLU A 35 7.47 16.28 -3.24
C GLU A 35 8.50 16.10 -4.34
N GLN A 36 9.54 16.92 -4.31
CA GLN A 36 10.55 16.91 -5.34
C GLN A 36 11.65 15.91 -5.02
N GLU A 37 11.99 15.81 -3.74
CA GLU A 37 13.04 14.91 -3.30
C GLU A 37 12.53 13.48 -3.28
N ALA A 38 13.40 12.54 -3.68
CA ALA A 38 13.06 11.12 -3.78
C ALA A 38 12.05 10.88 -4.89
N GLY A 39 11.74 9.62 -5.15
CA GLY A 39 10.87 9.29 -6.27
C GLY A 39 11.62 9.35 -7.59
N GLY A 40 12.92 9.15 -7.52
CA GLY A 40 13.75 9.23 -8.70
C GLY A 40 14.95 10.12 -8.47
N ILE A 41 15.99 9.55 -7.89
CA ILE A 41 17.19 10.32 -7.54
C ILE A 41 18.30 10.05 -8.53
N THR A 42 18.81 11.13 -9.12
CA THR A 42 19.90 11.06 -10.08
C THR A 42 19.46 10.31 -11.35
N GLN A 43 19.54 8.99 -11.30
CA GLN A 43 19.15 8.14 -12.43
C GLN A 43 18.50 6.86 -11.91
N HIS A 44 18.10 6.88 -10.64
CA HIS A 44 17.54 5.69 -10.01
C HIS A 44 16.13 5.95 -9.51
N ILE A 45 15.16 5.25 -10.07
CA ILE A 45 13.81 5.25 -9.54
C ILE A 45 13.67 4.09 -8.58
N GLY A 46 12.71 4.19 -7.68
CA GLY A 46 12.56 3.18 -6.66
C GLY A 46 11.47 3.51 -5.66
N ALA A 47 11.63 4.60 -4.93
CA ALA A 47 10.66 4.97 -3.90
C ALA A 47 10.85 6.39 -3.41
N TYR A 48 10.01 6.77 -2.46
CA TYR A 48 10.04 8.08 -1.86
C TYR A 48 9.39 8.00 -0.48
N GLN A 49 9.70 8.96 0.38
CA GLN A 49 9.15 8.95 1.73
C GLN A 49 8.05 9.99 1.87
N VAL A 50 7.02 9.64 2.61
CA VAL A 50 5.96 10.60 2.94
C VAL A 50 6.31 11.34 4.23
N THR A 51 5.97 12.62 4.24
CA THR A 51 6.37 13.53 5.31
C THR A 51 5.47 14.76 5.28
N VAL A 52 4.34 14.66 5.97
CA VAL A 52 3.47 15.80 6.15
C VAL A 52 3.99 16.67 7.28
N ASN A 53 4.28 16.01 8.39
CA ASN A 53 4.87 16.61 9.54
C ASN A 53 6.30 16.14 9.66
N ASP A 54 6.44 14.84 9.89
CA ASP A 54 7.74 14.16 9.88
C ASP A 54 7.53 12.66 10.06
N LYS A 55 6.82 12.08 9.12
CA LYS A 55 6.59 10.65 9.12
C LYS A 55 7.61 9.99 8.20
N LYS A 56 7.74 8.67 8.29
CA LYS A 56 8.69 7.97 7.45
C LYS A 56 8.02 6.76 6.80
N ILE A 57 7.29 7.03 5.74
CA ILE A 57 6.61 5.98 4.99
C ILE A 57 7.15 5.94 3.58
N THR A 58 7.85 4.86 3.26
CA THR A 58 8.50 4.75 1.97
C THR A 58 7.68 3.92 1.00
N PHE A 59 6.90 4.60 0.17
CA PHE A 59 6.13 3.96 -0.89
C PHE A 59 7.05 3.46 -2.00
N LEU A 60 7.04 2.16 -2.27
CA LEU A 60 7.91 1.55 -3.27
C LEU A 60 7.25 1.44 -4.64
N ASP A 61 8.05 1.66 -5.68
CA ASP A 61 7.58 1.58 -7.07
C ASP A 61 7.06 0.20 -7.40
N THR A 62 7.94 -0.79 -7.34
CA THR A 62 7.58 -2.18 -7.60
C THR A 62 7.13 -2.39 -9.04
N PRO A 63 8.08 -2.61 -9.96
CA PRO A 63 7.78 -2.87 -11.36
C PRO A 63 7.45 -4.34 -11.62
N GLY A 64 7.76 -5.19 -10.64
CA GLY A 64 7.54 -6.61 -10.79
C GLY A 64 8.83 -7.36 -11.03
N HIS A 65 8.94 -8.56 -10.45
CA HIS A 65 10.12 -9.40 -10.63
C HIS A 65 9.81 -10.82 -10.21
N GLU A 66 9.53 -11.02 -8.93
CA GLU A 66 9.19 -12.34 -8.42
C GLU A 66 8.00 -12.29 -7.46
N ALA A 67 8.14 -11.53 -6.38
CA ALA A 67 7.10 -11.42 -5.38
C ALA A 67 6.96 -10.00 -4.87
N PHE A 68 7.91 -9.55 -4.07
CA PHE A 68 7.88 -8.19 -3.54
C PHE A 68 8.75 -7.26 -4.38
N THR A 69 9.68 -7.86 -5.13
CA THR A 69 10.60 -7.12 -6.00
C THR A 69 11.70 -6.40 -5.22
N THR A 70 11.32 -5.62 -4.22
CA THR A 70 12.27 -4.81 -3.47
C THR A 70 12.83 -5.57 -2.26
N MET A 71 12.57 -6.87 -2.20
CA MET A 71 13.06 -7.69 -1.10
C MET A 71 14.53 -8.04 -1.31
N ARG A 72 15.40 -7.08 -1.09
CA ARG A 72 16.84 -7.31 -1.22
C ARG A 72 17.41 -7.75 0.13
N ALA A 73 17.70 -6.79 0.98
CA ALA A 73 18.12 -7.07 2.34
C ALA A 73 17.03 -6.65 3.30
N ARG A 74 16.39 -5.53 2.97
CA ARG A 74 15.26 -5.03 3.73
C ARG A 74 13.99 -5.80 3.36
N GLY A 75 14.06 -7.11 3.56
CA GLY A 75 12.93 -7.96 3.27
C GLY A 75 12.94 -9.22 4.12
N ALA A 76 13.81 -9.23 5.13
CA ALA A 76 13.90 -10.34 6.05
C ALA A 76 12.79 -10.27 7.08
N GLN A 77 12.40 -9.04 7.40
CA GLN A 77 11.31 -8.81 8.33
C GLN A 77 9.97 -8.81 7.58
N VAL A 78 8.97 -9.42 8.18
CA VAL A 78 7.65 -9.46 7.57
C VAL A 78 6.70 -8.51 8.28
N THR A 79 7.25 -7.39 8.72
CA THR A 79 6.48 -6.38 9.42
C THR A 79 6.10 -5.26 8.47
N ASP A 80 6.70 -5.27 7.28
CA ASP A 80 6.40 -4.29 6.25
C ASP A 80 5.09 -4.63 5.57
N ILE A 81 4.51 -3.65 4.90
CA ILE A 81 3.16 -3.79 4.39
C ILE A 81 3.13 -3.64 2.87
N VAL A 82 2.12 -4.20 2.24
CA VAL A 82 1.92 -3.97 0.81
C VAL A 82 0.54 -3.40 0.57
N ILE A 83 0.51 -2.37 -0.25
CA ILE A 83 -0.72 -1.76 -0.66
C ILE A 83 -1.21 -2.42 -1.92
N LEU A 84 -2.48 -2.71 -1.95
CA LEU A 84 -3.07 -3.31 -3.09
C LEU A 84 -4.12 -2.34 -3.65
N VAL A 85 -3.77 -1.69 -4.74
CA VAL A 85 -4.61 -0.68 -5.36
C VAL A 85 -5.62 -1.32 -6.31
N VAL A 86 -6.89 -1.26 -5.93
CA VAL A 86 -7.97 -1.73 -6.77
C VAL A 86 -8.97 -0.62 -7.03
N ALA A 87 -9.12 -0.26 -8.28
CA ALA A 87 -10.13 0.71 -8.66
C ALA A 87 -11.51 0.10 -8.50
N ALA A 88 -12.40 0.81 -7.83
CA ALA A 88 -13.69 0.25 -7.45
C ALA A 88 -14.61 0.12 -8.63
N ASP A 89 -14.18 0.65 -9.75
CA ASP A 89 -14.97 0.57 -10.97
C ASP A 89 -14.62 -0.70 -11.76
N ASP A 90 -13.55 -1.37 -11.36
CA ASP A 90 -13.04 -2.52 -12.10
C ASP A 90 -12.85 -3.74 -11.19
N GLY A 91 -12.12 -3.55 -10.08
CA GLY A 91 -11.97 -4.63 -9.11
C GLY A 91 -10.64 -5.36 -9.21
N VAL A 92 -10.71 -6.68 -9.18
CA VAL A 92 -9.53 -7.55 -9.21
C VAL A 92 -9.28 -8.05 -10.62
N MET A 93 -8.04 -7.97 -11.02
CA MET A 93 -7.63 -8.25 -12.39
C MET A 93 -6.31 -9.05 -12.36
N PRO A 94 -5.73 -9.41 -13.54
CA PRO A 94 -4.51 -10.22 -13.62
C PRO A 94 -3.38 -9.79 -12.68
N GLN A 95 -2.78 -8.63 -12.92
CA GLN A 95 -1.64 -8.20 -12.12
C GLN A 95 -2.06 -7.83 -10.71
N THR A 96 -3.35 -7.62 -10.54
CA THR A 96 -3.93 -7.32 -9.25
C THR A 96 -3.80 -8.53 -8.33
N VAL A 97 -4.19 -9.68 -8.85
CA VAL A 97 -4.11 -10.90 -8.08
C VAL A 97 -2.68 -11.45 -8.02
N GLU A 98 -1.84 -11.12 -9.00
CA GLU A 98 -0.42 -11.49 -8.90
C GLU A 98 0.19 -10.83 -7.67
N ALA A 99 -0.26 -9.62 -7.37
CA ALA A 99 0.15 -8.93 -6.16
C ALA A 99 -0.48 -9.57 -4.93
N ILE A 100 -1.62 -10.24 -5.11
CA ILE A 100 -2.24 -10.99 -4.04
C ILE A 100 -1.46 -12.27 -3.81
N ASN A 101 -1.14 -12.94 -4.92
CA ASN A 101 -0.34 -14.15 -4.92
C ASN A 101 0.94 -13.94 -4.14
N HIS A 102 1.62 -12.86 -4.45
CA HIS A 102 2.76 -12.38 -3.70
C HIS A 102 2.48 -12.42 -2.19
N ALA A 103 1.42 -11.74 -1.83
CA ALA A 103 1.11 -11.49 -0.43
C ALA A 103 0.69 -12.75 0.32
N LYS A 104 -0.22 -13.53 -0.26
CA LYS A 104 -0.79 -14.67 0.45
C LYS A 104 0.23 -15.78 0.58
N ALA A 105 1.05 -15.93 -0.45
CA ALA A 105 2.12 -16.91 -0.45
C ALA A 105 3.09 -16.65 0.71
N ALA A 106 3.32 -15.37 1.01
CA ALA A 106 4.22 -15.00 2.09
C ALA A 106 3.50 -14.83 3.43
N ASN A 107 2.20 -14.52 3.35
CA ASN A 107 1.33 -14.36 4.53
C ASN A 107 1.54 -12.98 5.13
N VAL A 108 1.62 -12.01 4.25
CA VAL A 108 1.88 -10.63 4.60
C VAL A 108 0.59 -9.82 4.70
N PRO A 109 0.52 -8.91 5.69
CA PRO A 109 -0.61 -7.99 5.85
C PRO A 109 -0.74 -7.00 4.70
N ILE A 110 -1.98 -6.71 4.32
CA ILE A 110 -2.22 -5.87 3.17
C ILE A 110 -2.76 -4.50 3.60
N ILE A 111 -2.60 -3.55 2.71
CA ILE A 111 -3.27 -2.27 2.77
C ILE A 111 -3.98 -2.07 1.44
N VAL A 112 -5.17 -2.61 1.35
CA VAL A 112 -5.93 -2.46 0.14
C VAL A 112 -6.39 -1.04 0.02
N ALA A 113 -6.40 -0.58 -1.18
CA ALA A 113 -6.77 0.77 -1.44
C ALA A 113 -7.58 0.86 -2.70
N ILE A 114 -8.87 1.03 -2.47
CA ILE A 114 -9.80 1.23 -3.54
C ILE A 114 -9.57 2.60 -4.13
N ASN A 115 -9.52 2.68 -5.43
CA ASN A 115 -9.29 3.93 -6.13
C ASN A 115 -10.45 4.17 -7.02
N LYS A 116 -10.51 5.36 -7.57
CA LYS A 116 -11.56 5.70 -8.47
C LYS A 116 -12.87 5.87 -7.73
N MET A 117 -12.77 6.38 -6.50
CA MET A 117 -13.95 6.84 -5.75
C MET A 117 -14.39 8.18 -6.33
N ASP A 118 -13.54 8.72 -7.19
CA ASP A 118 -13.88 9.91 -7.95
C ASP A 118 -14.89 9.57 -9.04
N LYS A 119 -14.94 8.31 -9.38
CA LYS A 119 -15.87 7.81 -10.38
C LYS A 119 -17.16 7.36 -9.70
N PRO A 120 -18.32 7.75 -10.28
CA PRO A 120 -19.63 7.27 -9.82
C PRO A 120 -19.78 5.78 -10.04
N GLU A 121 -18.90 5.25 -10.87
CA GLU A 121 -18.83 3.83 -11.17
C GLU A 121 -18.16 3.06 -10.03
N ALA A 122 -17.79 3.81 -8.99
CA ALA A 122 -17.21 3.25 -7.78
C ALA A 122 -18.15 2.21 -7.18
N ASN A 123 -17.75 0.95 -7.27
CA ASN A 123 -18.47 -0.12 -6.58
C ASN A 123 -17.50 -0.72 -5.58
N PRO A 124 -17.31 0.00 -4.48
CA PRO A 124 -16.22 -0.29 -3.54
C PRO A 124 -16.36 -1.62 -2.87
N ASP A 125 -17.39 -1.75 -2.07
CA ASP A 125 -17.63 -2.97 -1.32
C ASP A 125 -17.91 -4.13 -2.26
N ARG A 126 -18.10 -3.85 -3.55
CA ARG A 126 -18.26 -4.93 -4.51
C ARG A 126 -16.91 -5.47 -4.89
N VAL A 127 -16.03 -4.58 -5.33
CA VAL A 127 -14.68 -4.96 -5.73
C VAL A 127 -13.88 -5.39 -4.52
N MET A 128 -14.29 -4.87 -3.37
CA MET A 128 -13.77 -5.21 -2.07
C MET A 128 -14.20 -6.63 -1.66
N GLN A 129 -15.39 -7.01 -2.11
CA GLN A 129 -15.87 -8.38 -1.95
C GLN A 129 -15.13 -9.35 -2.86
N GLU A 130 -14.81 -8.91 -4.08
CA GLU A 130 -14.01 -9.71 -5.00
C GLU A 130 -12.66 -9.99 -4.38
N LEU A 131 -12.24 -9.04 -3.58
CA LEU A 131 -11.01 -9.13 -2.85
C LEU A 131 -11.08 -10.28 -1.86
N MET A 132 -12.21 -10.40 -1.16
CA MET A 132 -12.35 -11.48 -0.19
C MET A 132 -12.58 -12.82 -0.88
N GLU A 133 -12.92 -12.78 -2.16
CA GLU A 133 -13.05 -13.99 -2.94
C GLU A 133 -11.67 -14.56 -3.19
N TYR A 134 -10.69 -13.66 -3.19
CA TYR A 134 -9.29 -14.03 -3.29
C TYR A 134 -8.69 -14.01 -1.88
N ASN A 135 -9.59 -14.14 -0.90
CA ASN A 135 -9.28 -14.16 0.52
C ASN A 135 -8.49 -12.93 0.95
N LEU A 136 -9.08 -11.78 0.69
CA LEU A 136 -8.61 -10.53 1.25
C LEU A 136 -9.71 -9.93 2.10
N VAL A 137 -9.50 -9.88 3.39
CA VAL A 137 -10.57 -9.50 4.29
C VAL A 137 -10.22 -8.25 5.07
N PRO A 138 -11.02 -7.20 4.84
CA PRO A 138 -10.88 -5.92 5.50
C PRO A 138 -10.90 -5.99 7.01
N GLU A 139 -10.67 -4.85 7.58
CA GLU A 139 -10.67 -4.69 9.02
C GLU A 139 -12.10 -4.63 9.53
N GLU A 140 -12.97 -4.07 8.70
CA GLU A 140 -14.41 -4.06 8.98
C GLU A 140 -14.92 -5.48 9.14
N TRP A 141 -14.32 -6.37 8.37
CA TRP A 141 -14.85 -7.70 8.17
C TRP A 141 -14.16 -8.70 9.09
N GLY A 142 -13.12 -8.24 9.78
CA GLY A 142 -12.43 -9.08 10.73
C GLY A 142 -11.32 -9.92 10.11
N GLY A 143 -10.66 -9.38 9.09
CA GLY A 143 -9.56 -10.09 8.48
C GLY A 143 -8.23 -9.53 8.91
N ASP A 144 -7.42 -9.15 7.93
CA ASP A 144 -6.10 -8.59 8.22
C ASP A 144 -5.60 -7.73 7.06
N THR A 145 -6.35 -6.69 6.79
CA THR A 145 -5.98 -5.72 5.79
C THR A 145 -6.74 -4.43 6.01
N ILE A 146 -6.02 -3.32 6.05
CA ILE A 146 -6.64 -2.03 6.10
C ILE A 146 -7.14 -1.68 4.71
N PHE A 147 -8.45 -1.76 4.54
CA PHE A 147 -9.07 -1.45 3.26
C PHE A 147 -9.45 0.02 3.17
N CYS A 148 -8.74 0.75 2.34
CA CYS A 148 -9.00 2.16 2.16
C CYS A 148 -9.71 2.43 0.83
N LYS A 149 -10.96 2.84 0.92
CA LYS A 149 -11.75 3.18 -0.27
C LYS A 149 -11.53 4.64 -0.62
N LEU A 150 -10.55 4.89 -1.48
CA LEU A 150 -10.07 6.22 -1.76
C LEU A 150 -10.23 6.58 -3.23
N SER A 151 -9.68 7.72 -3.55
CA SER A 151 -9.74 8.31 -4.86
C SER A 151 -8.51 9.18 -5.01
N ALA A 152 -7.50 8.70 -5.70
CA ALA A 152 -6.30 9.50 -5.87
C ALA A 152 -6.60 10.65 -6.82
N LYS A 153 -7.68 10.48 -7.57
CA LYS A 153 -8.13 11.55 -8.46
C LYS A 153 -8.82 12.67 -7.69
N THR A 154 -9.70 12.35 -6.73
CA THR A 154 -10.31 13.39 -5.92
C THR A 154 -9.36 13.87 -4.82
N LYS A 155 -8.34 13.07 -4.56
CA LYS A 155 -7.32 13.39 -3.55
C LYS A 155 -7.90 13.33 -2.16
N GLU A 156 -8.64 12.29 -1.88
CA GLU A 156 -9.29 12.15 -0.57
C GLU A 156 -8.61 11.06 0.24
N GLY A 157 -8.82 9.84 -0.23
CA GLY A 157 -8.37 8.69 0.48
C GLY A 157 -6.86 8.58 0.58
N LEU A 158 -6.14 9.42 -0.16
CA LEU A 158 -4.69 9.39 -0.13
C LEU A 158 -4.21 9.90 1.22
N ASP A 159 -4.82 10.97 1.70
CA ASP A 159 -4.51 11.48 3.01
C ASP A 159 -4.91 10.46 4.07
N HIS A 160 -6.08 9.87 3.89
CA HIS A 160 -6.58 8.86 4.82
C HIS A 160 -5.73 7.59 4.77
N LEU A 161 -5.03 7.39 3.66
CA LEU A 161 -4.25 6.18 3.45
C LEU A 161 -3.02 6.20 4.35
N LEU A 162 -2.26 7.28 4.28
CA LEU A 162 -1.03 7.41 5.02
C LEU A 162 -1.31 7.47 6.53
N GLU A 163 -2.51 7.90 6.89
CA GLU A 163 -2.91 7.90 8.29
C GLU A 163 -3.17 6.47 8.77
N MET A 164 -3.79 5.67 7.91
CA MET A 164 -4.02 4.26 8.23
C MET A 164 -2.69 3.52 8.30
N ILE A 165 -1.80 3.83 7.37
CA ILE A 165 -0.45 3.27 7.38
C ILE A 165 0.28 3.68 8.65
N LEU A 166 0.17 4.95 9.01
CA LEU A 166 0.81 5.46 10.21
C LEU A 166 0.27 4.75 11.44
N LEU A 167 -1.04 4.53 11.46
CA LEU A 167 -1.68 3.78 12.55
C LEU A 167 -0.95 2.47 12.75
N VAL A 168 -0.54 1.88 11.64
CA VAL A 168 0.21 0.64 11.67
C VAL A 168 1.66 0.90 12.10
N SER A 169 2.25 2.00 11.63
CA SER A 169 3.59 2.39 12.06
C SER A 169 3.62 2.67 13.56
N GLU A 170 2.53 3.20 14.10
CA GLU A 170 2.43 3.42 15.54
C GLU A 170 2.17 2.09 16.24
N MET A 171 1.59 1.16 15.49
CA MET A 171 1.28 -0.17 15.99
C MET A 171 2.55 -1.02 16.10
N GLU A 172 3.66 -0.51 15.56
CA GLU A 172 4.95 -1.20 15.65
C GLU A 172 5.34 -1.48 17.11
N GLU A 173 4.80 -0.69 18.03
CA GLU A 173 5.06 -0.88 19.45
C GLU A 173 3.86 -1.58 20.11
N LEU A 174 2.82 -1.80 19.33
CA LEU A 174 1.56 -2.33 19.87
C LEU A 174 1.27 -3.71 19.30
N LYS A 175 2.18 -4.21 18.47
CA LYS A 175 2.01 -5.53 17.86
C LYS A 175 2.02 -6.63 18.92
N ALA A 176 1.04 -7.50 18.86
CA ALA A 176 0.93 -8.60 19.82
C ALA A 176 1.41 -9.90 19.20
N ASN A 177 2.14 -9.81 18.10
CA ASN A 177 2.65 -10.99 17.41
C ASN A 177 3.94 -11.48 18.07
N PRO A 178 4.05 -12.81 18.27
CA PRO A 178 5.25 -13.41 18.85
C PRO A 178 6.43 -13.38 17.90
PB GDP B . -0.05 1.98 -14.24
O1B GDP B . 0.52 1.07 -15.27
O2B GDP B . 0.97 2.52 -13.24
O3B GDP B . -1.35 1.46 -13.57
O3A GDP B . -0.54 3.33 -15.09
PA GDP B . -0.62 4.83 -14.64
O1A GDP B . 0.02 5.73 -15.63
O2A GDP B . -0.23 5.02 -13.19
O5' GDP B . -2.20 5.08 -14.68
C5' GDP B . -2.94 4.79 -15.87
C4' GDP B . -4.36 5.33 -15.76
O4' GDP B . -4.74 5.38 -14.37
C3' GDP B . -4.57 6.74 -16.29
O3' GDP B . -5.37 6.72 -17.48
C2' GDP B . -5.26 7.52 -15.17
O2' GDP B . -6.41 8.20 -15.63
C1' GDP B . -5.71 6.40 -14.22
N9 GDP B . -5.76 6.80 -12.82
C8 GDP B . -4.69 6.92 -11.97
N7 GDP B . -5.04 7.27 -10.76
C5 GDP B . -6.41 7.38 -10.82
C6 GDP B . -7.35 7.73 -9.81
O6 GDP B . -7.12 8.03 -8.64
N1 GDP B . -8.65 7.72 -10.28
C2 GDP B . -9.01 7.43 -11.57
N2 GDP B . -10.31 7.53 -11.87
N3 GDP B . -8.14 7.11 -12.53
C4 GDP B . -6.87 7.10 -12.09
H5' GDP B . -2.98 3.72 -16.03
H5'' GDP B . -2.46 5.26 -16.72
H4' GDP B . -4.99 4.68 -16.35
H3' GDP B . -3.63 7.21 -16.60
HO3' GDP B . -5.91 5.92 -17.44
H2' GDP B . -4.55 8.19 -14.68
HO2' GDP B . -6.50 8.01 -16.57
H1' GDP B . -6.67 5.97 -14.51
H8 GDP B . -3.67 6.75 -12.28
HN1 GDP B . -9.39 7.90 -9.61
HN21 GDP B . -10.63 7.36 -12.81
HN22 GDP B . -10.98 7.79 -11.16
N GLY A 1 7.22 1.36 23.76
CA GLY A 1 8.10 0.73 24.76
C GLY A 1 9.38 1.50 24.98
N SER A 2 10.15 1.12 26.00
CA SER A 2 11.35 1.86 26.39
C SER A 2 12.55 1.49 25.53
N HIS A 3 12.33 0.61 24.56
CA HIS A 3 13.39 0.22 23.64
C HIS A 3 13.51 1.24 22.52
N MET A 4 14.60 1.99 22.52
CA MET A 4 14.84 2.98 21.48
C MET A 4 15.30 2.28 20.22
N VAL A 5 14.42 2.21 19.22
CA VAL A 5 14.71 1.48 18.00
C VAL A 5 14.45 2.34 16.77
N GLU A 6 15.26 2.13 15.73
CA GLU A 6 15.00 2.75 14.44
C GLU A 6 14.22 1.76 13.59
N ARG A 7 12.90 1.91 13.61
CA ARG A 7 12.02 1.00 12.89
C ARG A 7 11.47 1.69 11.66
N PRO A 8 11.99 1.35 10.48
CA PRO A 8 11.55 1.90 9.22
C PRO A 8 10.52 1.01 8.53
N PRO A 9 9.23 1.37 8.60
CA PRO A 9 8.18 0.64 7.89
C PRO A 9 8.34 0.79 6.39
N VAL A 10 8.67 -0.30 5.73
CA VAL A 10 8.87 -0.29 4.29
C VAL A 10 7.55 -0.17 3.56
N VAL A 11 6.75 -1.25 3.59
CA VAL A 11 5.45 -1.28 2.92
C VAL A 11 5.62 -1.29 1.39
N THR A 12 5.12 -2.34 0.77
CA THR A 12 5.22 -2.46 -0.68
C THR A 12 3.88 -2.16 -1.32
N ILE A 13 3.89 -1.39 -2.41
CA ILE A 13 2.66 -1.05 -3.09
C ILE A 13 2.44 -1.96 -4.29
N MET A 14 1.20 -2.40 -4.46
CA MET A 14 0.83 -3.32 -5.50
C MET A 14 -0.58 -3.01 -6.00
N GLY A 15 -1.01 -3.68 -7.05
CA GLY A 15 -2.35 -3.49 -7.56
C GLY A 15 -2.41 -3.53 -9.07
N HIS A 16 -3.56 -3.26 -9.61
CA HIS A 16 -3.76 -3.31 -11.06
C HIS A 16 -3.40 -1.99 -11.73
N VAL A 17 -3.18 -2.07 -13.03
CA VAL A 17 -2.95 -0.89 -13.86
C VAL A 17 -4.25 -0.14 -14.05
N ASP A 18 -4.18 1.18 -14.19
CA ASP A 18 -5.37 2.03 -14.31
C ASP A 18 -6.06 2.15 -12.95
N HIS A 19 -5.84 1.15 -12.11
CA HIS A 19 -6.32 1.17 -10.74
C HIS A 19 -5.29 1.86 -9.86
N GLY A 20 -4.16 2.20 -10.46
CA GLY A 20 -3.11 2.86 -9.73
C GLY A 20 -2.39 3.89 -10.52
N LYS A 21 -1.89 3.51 -11.71
CA LYS A 21 -1.09 4.38 -12.54
C LYS A 21 0.20 4.81 -11.83
N THR A 22 1.30 4.82 -12.58
CA THR A 22 2.55 5.35 -12.09
C THR A 22 2.37 6.83 -11.78
N THR A 23 1.28 7.37 -12.32
CA THR A 23 0.88 8.72 -11.98
C THR A 23 0.44 8.84 -10.51
N LEU A 24 0.05 7.72 -9.85
CA LEU A 24 -0.25 7.81 -8.42
C LEU A 24 1.03 8.06 -7.67
N LEU A 25 2.11 7.53 -8.20
CA LEU A 25 3.43 7.74 -7.64
C LEU A 25 3.83 9.19 -7.80
N ASP A 26 3.34 9.83 -8.85
CA ASP A 26 3.64 11.22 -9.12
C ASP A 26 2.76 12.08 -8.26
N ALA A 27 1.53 11.62 -8.14
CA ALA A 27 0.53 12.28 -7.33
C ALA A 27 0.90 12.18 -5.86
N ILE A 28 1.52 11.05 -5.52
CA ILE A 28 1.91 10.77 -4.16
C ILE A 28 3.19 11.53 -3.79
N ARG A 29 3.93 11.99 -4.81
CA ARG A 29 5.10 12.82 -4.58
C ARG A 29 4.69 14.20 -4.12
N HIS A 30 3.98 14.91 -5.00
CA HIS A 30 3.68 16.32 -4.79
C HIS A 30 2.50 16.51 -3.85
N SER A 31 2.19 15.47 -3.14
CA SER A 31 1.13 15.48 -2.16
C SER A 31 1.68 16.03 -0.83
N LYS A 32 3.00 16.04 -0.73
CA LYS A 32 3.69 16.60 0.44
C LYS A 32 5.18 16.68 0.15
N VAL A 33 5.93 17.26 1.07
CA VAL A 33 7.37 17.47 0.88
C VAL A 33 8.11 16.17 0.56
N THR A 34 8.92 16.21 -0.49
CA THR A 34 9.86 15.15 -0.80
C THR A 34 11.00 15.75 -1.62
N GLU A 35 11.94 14.92 -2.04
CA GLU A 35 13.12 15.40 -2.73
C GLU A 35 13.24 14.79 -4.11
N GLN A 36 13.72 15.59 -5.06
CA GLN A 36 14.08 15.09 -6.37
C GLN A 36 15.55 14.71 -6.36
N GLU A 37 16.14 14.79 -5.17
CA GLU A 37 17.53 14.42 -4.95
C GLU A 37 17.64 12.92 -4.71
N ALA A 38 18.86 12.44 -4.49
CA ALA A 38 19.09 11.04 -4.20
C ALA A 38 18.52 10.66 -2.84
N GLY A 39 18.25 11.67 -2.01
CA GLY A 39 17.62 11.43 -0.73
C GLY A 39 16.16 11.06 -0.89
N GLY A 40 15.61 11.31 -2.07
CA GLY A 40 14.23 10.95 -2.35
C GLY A 40 14.15 9.86 -3.39
N ILE A 41 14.83 10.09 -4.51
CA ILE A 41 14.89 9.10 -5.58
C ILE A 41 15.77 7.94 -5.16
N THR A 42 15.21 6.75 -5.15
CA THR A 42 15.94 5.55 -4.80
C THR A 42 16.33 4.82 -6.08
N GLN A 43 17.39 4.02 -6.03
CA GLN A 43 17.91 3.34 -7.20
C GLN A 43 17.02 2.17 -7.64
N HIS A 44 15.75 2.48 -7.87
CA HIS A 44 14.79 1.56 -8.46
C HIS A 44 13.51 2.33 -8.75
N ILE A 45 13.01 2.22 -9.97
CA ILE A 45 11.83 2.96 -10.35
C ILE A 45 10.58 2.14 -10.03
N GLY A 46 9.48 2.83 -9.85
CA GLY A 46 8.24 2.17 -9.47
C GLY A 46 7.76 2.63 -8.11
N ALA A 47 8.67 3.19 -7.32
CA ALA A 47 8.36 3.70 -5.98
C ALA A 47 9.58 4.38 -5.39
N TYR A 48 9.49 4.77 -4.11
CA TYR A 48 10.52 5.60 -3.49
C TYR A 48 10.21 5.79 -2.01
N GLN A 49 11.06 6.55 -1.33
CA GLN A 49 10.89 6.84 0.09
C GLN A 49 10.08 8.12 0.26
N VAL A 50 8.88 8.00 0.80
CA VAL A 50 8.02 9.15 0.97
C VAL A 50 8.29 9.85 2.31
N THR A 51 8.29 11.16 2.30
CA THR A 51 8.38 11.93 3.53
C THR A 51 6.99 12.08 4.14
N VAL A 52 6.56 11.05 4.85
CA VAL A 52 5.30 11.08 5.57
C VAL A 52 5.50 11.81 6.88
N ASN A 53 6.77 11.86 7.25
CA ASN A 53 7.22 12.50 8.46
C ASN A 53 8.69 12.80 8.30
N ASP A 54 9.44 11.75 7.93
CA ASP A 54 10.85 11.87 7.62
C ASP A 54 11.35 10.61 6.93
N LYS A 55 11.10 10.51 5.63
CA LYS A 55 11.65 9.44 4.79
C LYS A 55 11.26 8.04 5.25
N LYS A 56 10.14 7.94 5.95
CA LYS A 56 9.64 6.64 6.38
C LYS A 56 8.51 6.19 5.48
N ILE A 57 8.30 4.89 5.38
CA ILE A 57 7.40 4.27 4.42
C ILE A 57 8.02 4.33 3.02
N THR A 58 8.89 3.38 2.73
CA THR A 58 9.48 3.28 1.41
C THR A 58 8.74 2.24 0.60
N PHE A 59 7.83 2.70 -0.23
CA PHE A 59 7.04 1.80 -1.04
C PHE A 59 7.96 1.03 -1.99
N LEU A 60 7.74 -0.28 -2.07
CA LEU A 60 8.53 -1.17 -2.91
C LEU A 60 9.98 -1.23 -2.43
N ASP A 61 10.32 -2.30 -1.72
CA ASP A 61 11.64 -2.45 -1.14
C ASP A 61 12.68 -2.81 -2.19
N THR A 62 12.78 -4.10 -2.51
CA THR A 62 13.76 -4.57 -3.47
C THR A 62 13.15 -5.59 -4.43
N PRO A 63 13.10 -5.28 -5.73
CA PRO A 63 12.57 -6.19 -6.74
C PRO A 63 13.54 -7.32 -7.08
N GLY A 64 13.00 -8.47 -7.47
CA GLY A 64 13.84 -9.61 -7.80
C GLY A 64 13.49 -10.83 -6.98
N HIS A 65 14.33 -11.11 -5.98
CA HIS A 65 14.16 -12.28 -5.13
C HIS A 65 12.83 -12.25 -4.41
N GLU A 66 12.63 -11.21 -3.62
CA GLU A 66 11.38 -11.02 -2.89
C GLU A 66 10.84 -9.64 -3.18
N ALA A 67 9.90 -9.55 -4.11
CA ALA A 67 9.36 -8.27 -4.56
C ALA A 67 8.40 -7.67 -3.54
N PHE A 68 8.88 -7.51 -2.34
CA PHE A 68 8.17 -6.82 -1.28
C PHE A 68 9.15 -6.41 -0.18
N THR A 69 8.65 -6.05 0.99
CA THR A 69 9.48 -5.56 2.08
C THR A 69 10.52 -6.62 2.51
N THR A 70 11.76 -6.19 2.65
CA THR A 70 12.82 -7.09 3.08
C THR A 70 12.83 -7.23 4.59
N MET A 71 11.96 -8.10 5.09
CA MET A 71 11.80 -8.35 6.53
C MET A 71 13.13 -8.76 7.17
N ARG A 72 13.98 -9.40 6.37
CA ARG A 72 15.26 -9.93 6.83
C ARG A 72 16.11 -8.85 7.50
N ALA A 73 16.50 -7.85 6.71
CA ALA A 73 17.44 -6.82 7.17
C ALA A 73 16.72 -5.70 7.90
N ARG A 74 15.42 -5.84 8.09
CA ARG A 74 14.62 -4.81 8.75
C ARG A 74 14.18 -5.29 10.13
N GLY A 75 14.70 -6.45 10.54
CA GLY A 75 14.31 -7.03 11.80
C GLY A 75 13.67 -8.39 11.60
N ALA A 76 12.38 -8.49 11.83
CA ALA A 76 11.64 -9.71 11.57
C ALA A 76 10.24 -9.38 11.06
N GLN A 77 9.28 -9.32 11.97
CA GLN A 77 7.91 -8.97 11.61
C GLN A 77 7.56 -7.61 12.18
N VAL A 78 8.19 -6.58 11.65
CA VAL A 78 7.97 -5.21 12.09
C VAL A 78 7.80 -4.27 10.89
N THR A 79 7.56 -4.86 9.72
CA THR A 79 7.47 -4.08 8.49
C THR A 79 6.77 -4.86 7.38
N ASP A 80 6.18 -5.98 7.75
CA ASP A 80 5.53 -6.85 6.77
C ASP A 80 4.14 -6.32 6.42
N ILE A 81 4.10 -5.44 5.42
CA ILE A 81 2.85 -4.85 4.96
C ILE A 81 2.88 -4.64 3.45
N VAL A 82 1.82 -5.05 2.76
CA VAL A 82 1.68 -4.76 1.35
C VAL A 82 0.40 -4.01 1.07
N ILE A 83 0.53 -2.91 0.38
CA ILE A 83 -0.61 -2.14 -0.06
C ILE A 83 -1.09 -2.66 -1.40
N LEU A 84 -2.37 -2.87 -1.48
CA LEU A 84 -2.97 -3.37 -2.69
C LEU A 84 -4.01 -2.36 -3.16
N VAL A 85 -3.72 -1.70 -4.27
CA VAL A 85 -4.58 -0.66 -4.79
C VAL A 85 -5.49 -1.23 -5.88
N VAL A 86 -6.79 -1.23 -5.59
CA VAL A 86 -7.79 -1.68 -6.54
C VAL A 86 -8.77 -0.57 -6.87
N ALA A 87 -9.17 -0.51 -8.12
CA ALA A 87 -10.16 0.45 -8.54
C ALA A 87 -11.55 -0.05 -8.19
N ALA A 88 -12.36 0.79 -7.56
CA ALA A 88 -13.70 0.36 -7.18
C ALA A 88 -14.59 0.32 -8.40
N ASP A 89 -14.10 0.91 -9.46
CA ASP A 89 -14.87 0.99 -10.70
C ASP A 89 -14.58 -0.21 -11.62
N ASP A 90 -13.56 -1.00 -11.27
CA ASP A 90 -13.11 -2.08 -12.14
C ASP A 90 -12.86 -3.37 -11.35
N GLY A 91 -12.32 -3.23 -10.14
CA GLY A 91 -12.22 -4.35 -9.21
C GLY A 91 -10.92 -5.14 -9.33
N VAL A 92 -11.04 -6.45 -9.38
CA VAL A 92 -9.87 -7.33 -9.46
C VAL A 92 -9.64 -7.80 -10.87
N MET A 93 -8.41 -7.67 -11.28
CA MET A 93 -8.00 -7.99 -12.63
C MET A 93 -6.76 -8.87 -12.54
N PRO A 94 -6.26 -9.40 -13.67
CA PRO A 94 -5.09 -10.29 -13.66
C PRO A 94 -3.90 -9.73 -12.88
N GLN A 95 -3.43 -8.54 -13.24
CA GLN A 95 -2.25 -7.98 -12.60
C GLN A 95 -2.56 -7.53 -11.18
N THR A 96 -3.83 -7.43 -10.84
CA THR A 96 -4.24 -7.06 -9.50
C THR A 96 -3.91 -8.19 -8.54
N VAL A 97 -4.38 -9.37 -8.89
CA VAL A 97 -4.27 -10.50 -8.01
C VAL A 97 -2.91 -11.20 -8.08
N GLU A 98 -2.17 -11.09 -9.17
CA GLU A 98 -0.84 -11.69 -9.20
C GLU A 98 0.05 -11.00 -8.17
N ALA A 99 -0.30 -9.77 -7.85
CA ALA A 99 0.32 -9.03 -6.76
C ALA A 99 -0.18 -9.57 -5.42
N ILE A 100 -1.47 -9.87 -5.35
CA ILE A 100 -2.09 -10.43 -4.16
C ILE A 100 -1.47 -11.80 -3.88
N ASN A 101 -1.42 -12.60 -4.92
CA ASN A 101 -0.85 -13.94 -4.88
C ASN A 101 0.59 -13.89 -4.38
N HIS A 102 1.27 -12.81 -4.71
CA HIS A 102 2.63 -12.59 -4.26
C HIS A 102 2.65 -12.35 -2.74
N ALA A 103 1.72 -11.55 -2.27
CA ALA A 103 1.67 -11.21 -0.87
C ALA A 103 1.16 -12.37 -0.01
N LYS A 104 0.10 -13.05 -0.46
CA LYS A 104 -0.46 -14.17 0.29
C LYS A 104 0.53 -15.31 0.32
N ALA A 105 1.29 -15.42 -0.75
CA ALA A 105 2.40 -16.38 -0.81
C ALA A 105 3.36 -16.17 0.36
N ALA A 106 3.64 -14.91 0.68
CA ALA A 106 4.51 -14.56 1.79
C ALA A 106 3.78 -14.66 3.12
N ASN A 107 2.47 -14.36 3.08
CA ASN A 107 1.57 -14.47 4.23
C ASN A 107 1.67 -13.21 5.05
N VAL A 108 1.62 -12.10 4.35
CA VAL A 108 1.73 -10.78 4.94
C VAL A 108 0.36 -10.10 4.96
N PRO A 109 0.04 -9.37 6.04
CA PRO A 109 -1.17 -8.57 6.13
C PRO A 109 -1.20 -7.47 5.08
N ILE A 110 -2.38 -7.21 4.54
CA ILE A 110 -2.48 -6.29 3.43
C ILE A 110 -3.07 -4.95 3.89
N ILE A 111 -2.77 -3.94 3.10
CA ILE A 111 -3.36 -2.61 3.26
C ILE A 111 -3.97 -2.25 1.92
N VAL A 112 -5.19 -2.67 1.71
CA VAL A 112 -5.86 -2.38 0.49
C VAL A 112 -6.29 -0.94 0.47
N ALA A 113 -6.25 -0.40 -0.70
CA ALA A 113 -6.64 0.96 -0.90
C ALA A 113 -7.33 1.10 -2.25
N ILE A 114 -8.64 1.18 -2.17
CA ILE A 114 -9.47 1.31 -3.33
C ILE A 114 -9.33 2.71 -3.91
N ASN A 115 -9.32 2.81 -5.22
CA ASN A 115 -9.22 4.11 -5.87
C ASN A 115 -10.47 4.30 -6.68
N LYS A 116 -10.60 5.47 -7.29
CA LYS A 116 -11.73 5.75 -8.11
C LYS A 116 -13.00 5.90 -7.28
N MET A 117 -12.84 6.44 -6.07
CA MET A 117 -13.98 6.85 -5.26
C MET A 117 -14.51 8.17 -5.79
N ASP A 118 -13.69 8.77 -6.64
CA ASP A 118 -14.07 9.97 -7.37
C ASP A 118 -15.11 9.61 -8.43
N LYS A 119 -15.07 8.36 -8.86
CA LYS A 119 -15.99 7.88 -9.87
C LYS A 119 -17.25 7.35 -9.22
N PRO A 120 -18.42 7.67 -9.82
CA PRO A 120 -19.72 7.15 -9.36
C PRO A 120 -19.81 5.64 -9.53
N GLU A 121 -18.90 5.10 -10.30
CA GLU A 121 -18.81 3.66 -10.53
C GLU A 121 -18.07 2.98 -9.38
N ALA A 122 -17.78 3.75 -8.36
CA ALA A 122 -17.17 3.24 -7.13
C ALA A 122 -18.01 2.14 -6.51
N ASN A 123 -17.54 0.92 -6.62
CA ASN A 123 -18.19 -0.22 -5.97
C ASN A 123 -17.21 -0.86 -5.02
N PRO A 124 -17.00 -0.23 -3.87
CA PRO A 124 -15.97 -0.64 -2.92
C PRO A 124 -16.24 -1.99 -2.31
N ASP A 125 -17.41 -2.12 -1.72
CA ASP A 125 -17.84 -3.39 -1.13
C ASP A 125 -17.71 -4.52 -2.13
N ARG A 126 -17.77 -4.20 -3.41
CA ARG A 126 -17.66 -5.22 -4.43
C ARG A 126 -16.20 -5.58 -4.63
N VAL A 127 -15.42 -4.57 -4.95
CA VAL A 127 -14.01 -4.76 -5.25
C VAL A 127 -13.22 -5.27 -4.04
N MET A 128 -13.73 -5.01 -2.84
CA MET A 128 -13.13 -5.55 -1.62
C MET A 128 -13.66 -6.96 -1.35
N GLN A 129 -14.77 -7.29 -1.99
CA GLN A 129 -15.29 -8.66 -1.98
C GLN A 129 -14.47 -9.54 -2.92
N GLU A 130 -14.13 -8.99 -4.09
CA GLU A 130 -13.29 -9.70 -5.05
C GLU A 130 -11.96 -10.05 -4.39
N LEU A 131 -11.52 -9.14 -3.54
CA LEU A 131 -10.31 -9.34 -2.77
C LEU A 131 -10.48 -10.50 -1.82
N MET A 132 -11.63 -10.57 -1.16
CA MET A 132 -11.86 -11.62 -0.20
C MET A 132 -12.13 -12.95 -0.89
N GLU A 133 -12.29 -12.91 -2.21
CA GLU A 133 -12.39 -14.11 -3.02
C GLU A 133 -11.00 -14.75 -3.07
N TYR A 134 -10.00 -13.88 -3.13
CA TYR A 134 -8.62 -14.29 -3.01
C TYR A 134 -8.18 -14.24 -1.54
N ASN A 135 -9.17 -14.42 -0.67
CA ASN A 135 -9.03 -14.43 0.77
C ASN A 135 -8.28 -13.20 1.29
N LEU A 136 -8.75 -12.05 0.89
CA LEU A 136 -8.34 -10.79 1.48
C LEU A 136 -9.49 -10.18 2.21
N VAL A 137 -9.53 -10.36 3.50
CA VAL A 137 -10.72 -10.02 4.26
C VAL A 137 -10.59 -8.68 4.95
N PRO A 138 -11.42 -7.74 4.53
CA PRO A 138 -11.60 -6.46 5.17
C PRO A 138 -11.68 -6.58 6.67
N GLU A 139 -11.03 -5.67 7.34
CA GLU A 139 -11.05 -5.66 8.79
C GLU A 139 -12.40 -5.18 9.29
N GLU A 140 -13.17 -4.58 8.38
CA GLU A 140 -14.57 -4.30 8.64
C GLU A 140 -15.37 -5.60 8.76
N TRP A 141 -14.86 -6.66 8.13
CA TRP A 141 -15.53 -7.95 8.18
C TRP A 141 -14.84 -8.88 9.17
N GLY A 142 -13.64 -8.49 9.56
CA GLY A 142 -12.92 -9.22 10.59
C GLY A 142 -11.82 -10.10 10.05
N GLY A 143 -11.26 -9.77 8.88
CA GLY A 143 -10.15 -10.52 8.37
C GLY A 143 -8.82 -9.97 8.82
N ASP A 144 -8.00 -9.58 7.86
CA ASP A 144 -6.69 -9.03 8.18
C ASP A 144 -6.15 -8.16 7.06
N THR A 145 -6.86 -7.09 6.80
CA THR A 145 -6.43 -6.08 5.87
C THR A 145 -7.16 -4.77 6.14
N ILE A 146 -6.40 -3.70 6.31
CA ILE A 146 -7.00 -2.39 6.40
C ILE A 146 -7.43 -1.96 5.01
N PHE A 147 -8.73 -2.01 4.79
CA PHE A 147 -9.30 -1.68 3.50
C PHE A 147 -9.67 -0.20 3.43
N CYS A 148 -8.86 0.54 2.71
CA CYS A 148 -9.07 1.96 2.51
C CYS A 148 -9.83 2.20 1.22
N LYS A 149 -10.77 3.14 1.23
CA LYS A 149 -11.49 3.50 0.02
C LYS A 149 -11.16 4.94 -0.34
N LEU A 150 -10.31 5.11 -1.34
CA LEU A 150 -9.79 6.41 -1.69
C LEU A 150 -10.01 6.73 -3.15
N SER A 151 -9.46 7.85 -3.55
CA SER A 151 -9.56 8.37 -4.88
C SER A 151 -8.33 9.20 -5.16
N ALA A 152 -7.32 8.59 -5.73
CA ALA A 152 -6.10 9.31 -6.05
C ALA A 152 -6.36 10.30 -7.16
N LYS A 153 -7.49 10.11 -7.84
CA LYS A 153 -7.96 11.08 -8.80
C LYS A 153 -8.34 12.39 -8.13
N THR A 154 -9.25 12.34 -7.14
CA THR A 154 -9.68 13.57 -6.50
C THR A 154 -8.75 14.00 -5.37
N LYS A 155 -7.81 13.12 -5.03
CA LYS A 155 -6.78 13.41 -4.02
C LYS A 155 -7.37 13.46 -2.63
N GLU A 156 -8.24 12.51 -2.34
CA GLU A 156 -8.90 12.48 -1.04
C GLU A 156 -8.29 11.40 -0.16
N GLY A 157 -8.58 10.17 -0.54
CA GLY A 157 -8.18 9.04 0.25
C GLY A 157 -6.69 8.80 0.27
N LEU A 158 -5.93 9.56 -0.50
CA LEU A 158 -4.48 9.45 -0.46
C LEU A 158 -3.97 9.99 0.86
N ASP A 159 -4.63 11.04 1.32
CA ASP A 159 -4.34 11.58 2.64
C ASP A 159 -4.82 10.60 3.70
N HIS A 160 -5.97 9.97 3.43
CA HIS A 160 -6.51 8.96 4.33
C HIS A 160 -5.70 7.67 4.27
N LEU A 161 -4.85 7.52 3.27
CA LEU A 161 -4.06 6.31 3.11
C LEU A 161 -2.91 6.32 4.10
N LEU A 162 -2.12 7.39 4.04
CA LEU A 162 -0.95 7.52 4.89
C LEU A 162 -1.35 7.61 6.36
N GLU A 163 -2.57 8.10 6.64
CA GLU A 163 -3.02 8.17 8.02
C GLU A 163 -3.44 6.79 8.54
N MET A 164 -3.93 5.94 7.64
CA MET A 164 -4.25 4.56 8.00
C MET A 164 -2.97 3.78 8.19
N ILE A 165 -2.00 4.05 7.32
CA ILE A 165 -0.67 3.49 7.45
C ILE A 165 -0.04 3.97 8.77
N LEU A 166 -0.24 5.25 9.05
CA LEU A 166 0.24 5.84 10.29
C LEU A 166 -0.47 5.27 11.50
N LEU A 167 -1.76 4.99 11.36
CA LEU A 167 -2.52 4.30 12.39
C LEU A 167 -1.81 3.01 12.77
N VAL A 168 -1.39 2.29 11.73
CA VAL A 168 -0.62 1.09 11.90
C VAL A 168 0.75 1.40 12.49
N SER A 169 1.43 2.42 11.95
CA SER A 169 2.73 2.83 12.47
C SER A 169 2.63 3.23 13.96
N GLU A 170 1.53 3.86 14.32
CA GLU A 170 1.29 4.30 15.70
C GLU A 170 1.00 3.08 16.59
N MET A 171 0.18 2.17 16.07
CA MET A 171 -0.22 1.00 16.82
C MET A 171 0.91 -0.01 16.92
N GLU A 172 1.97 0.20 16.15
CA GLU A 172 3.13 -0.69 16.18
C GLU A 172 3.72 -0.78 17.58
N GLU A 173 3.57 0.29 18.36
CA GLU A 173 4.01 0.29 19.74
C GLU A 173 2.82 0.26 20.71
N LEU A 174 1.62 0.35 20.16
CA LEU A 174 0.40 0.43 20.97
C LEU A 174 -0.62 -0.61 20.53
N LYS A 175 -0.15 -1.81 20.24
CA LYS A 175 -1.02 -2.89 19.79
C LYS A 175 -1.42 -3.78 20.97
N ALA A 176 -2.69 -4.12 21.03
CA ALA A 176 -3.20 -4.98 22.08
C ALA A 176 -3.62 -6.33 21.51
N ASN A 177 -3.31 -7.39 22.26
CA ASN A 177 -3.65 -8.76 21.84
C ASN A 177 -2.99 -9.10 20.51
N PRO A 178 -1.69 -9.41 20.53
CA PRO A 178 -0.95 -9.77 19.33
C PRO A 178 -0.97 -11.28 19.10
PB GDP B . -0.15 2.59 -15.17
O1B GDP B . -1.29 2.29 -14.22
O2B GDP B . 0.16 1.45 -16.13
O3B GDP B . 1.10 3.19 -14.50
O3A GDP B . -0.74 3.79 -16.16
PA GDP B . -0.63 5.37 -16.08
O1A GDP B . -0.26 5.95 -17.40
O2A GDP B . 0.16 5.85 -14.87
O5' GDP B . -2.16 5.74 -15.78
C5' GDP B . -3.20 4.75 -15.90
C4' GDP B . -4.56 5.35 -15.60
O4' GDP B . -4.94 5.07 -14.24
C3' GDP B . -4.70 6.86 -15.68
O3' GDP B . -4.93 7.28 -17.02
C2' GDP B . -5.88 7.17 -14.78
O2' GDP B . -7.06 7.40 -15.53
C1' GDP B . -6.06 5.89 -13.96
N9 GDP B . -6.16 6.10 -12.52
C8 GDP B . -5.19 5.87 -11.58
N7 GDP B . -5.56 6.14 -10.36
C5 GDP B . -6.87 6.58 -10.50
C6 GDP B . -7.80 7.03 -9.51
O6 GDP B . -7.63 7.12 -8.29
N1 GDP B . -9.01 7.40 -10.07
C2 GDP B . -9.30 7.34 -11.42
N2 GDP B . -10.52 7.76 -11.78
N3 GDP B . -8.44 6.93 -12.34
C4 GDP B . -7.26 6.57 -11.83
H5' GDP B . -3.00 3.95 -15.19
H5'' GDP B . -3.20 4.34 -16.90
H4' GDP B . -5.25 4.93 -16.34
H3' GDP B . -3.78 7.36 -15.37
HO3' GDP B . -5.82 7.66 -17.04
H2' GDP B . -5.65 8.02 -14.14
HO2' GDP B . -7.33 6.54 -15.89
H1' GDP B . -6.95 5.33 -14.28
H8 GDP B . -4.21 5.50 -11.83
HN1 GDP B . -9.74 7.69 -9.44
HN21 GDP B . -10.79 7.75 -12.75
HN22 GDP B . -11.17 8.08 -11.07
#